data_7USA
#
_entry.id   7USA
#
_cell.length_a   1.00
_cell.length_b   1.00
_cell.length_c   1.00
_cell.angle_alpha   90.00
_cell.angle_beta   90.00
_cell.angle_gamma   90.00
#
_symmetry.space_group_name_H-M   'P 1'
#
loop_
_entity.id
_entity.type
_entity.pdbx_description
1 polymer 'Spike glycoprotein'
2 branched 2-acetamido-2-deoxy-beta-D-glucopyranose-(1-4)-2-acetamido-2-deoxy-beta-D-glucopyranose
3 branched beta-D-mannopyranose-(1-4)-2-acetamido-2-deoxy-beta-D-glucopyranose-(1-4)-2-acetamido-2-deoxy-beta-D-glucopyranose
4 non-polymer 2-acetamido-2-deoxy-beta-D-glucopyranose
#
_entity_poly.entity_id   1
_entity_poly.type   'polypeptide(L)'
_entity_poly.pdbx_seq_one_letter_code
;MGILPSPGMPALLSLVSLLSVLLMGCVAETGTDNFPCSKFLNRTIGNHWNLIENFLLNYSIRLPPNSDVVLGDYFPTVQP
WFNCIRNNNNSLYVTMENLKALYWDYATENITSDHRQRLHVVVKGKPYSITVTTTRNFDAAEGAIICICKGSPPTTTTGN
LDCNWGSDCRLNHKFPICPSNSQANCGNMLYGLQWFTDEVVAYLHGAIYRISFENKWFGTVTLGDMRATTLQTAGALVDL
WWFNPVYDVTYYRVNNKNGTTIVSNCTDQCASYVDNVFTTQPGGLIPSDFSFNNWFLLTNSSTVVSGKLVTRQPLVVNCL
WPVPSFKEAASTFCFEGAGFDQCNGAVLNNTVDVIRFNLNFTADVQSGMGATVFSLNTTGGVILEISCYNDIVSESSFYS
YGDIPFGITDGPRYCYVLYNGTTLKYLGTLPPSVKEIAISKWGHFYINGYNFFSTFPIDCISFNLTTGASGAFWTIAYTS
YTEALVQVENTAIKKVTYCNSHINNIKCSQLTANLQNGFYPVASSEVGLVNKSVVLLPSFFAHTTVNITIDLGMKRSGYG
QPIASPLSNITLPMQDNNTDVYCIRSNQFSIYVHSTCKSSLWDNVFNQDCTDVLEATAVIKTGTCPFSFDKLNNHLTFNK
FCLSLSPVGANCKFDVAARTRTNEQVVRSLYVIYEEGDNIVGVPSDNSGLHDLSVLHLDSCTDYNIYGRTGVGVIRQTNS
TLLSGLYYTSLSGDLLGFKNVSDGVIYSVTPCDVSAQAAVIDGAIVGAMTSINSELLGLTHWTTTPNFYYYSIYNYTNER
TRGTAIDSNDVDCEPIITYSNIGVCKNGALVFINVTHSDGDVQPISTGNVTIPTNFTISVQVEYIQVYTTPVSIDCARYV
CNGNPRCNKLLTQYVSACQTIEQALAMGARLENMEVDSMLFVSENALKLASVEAFNSTENLDPIYKEWPNIGGSWLGGLK
DILPSHNSKRKYRSAIEDLLFDKVVTSGLGTVDEDYKRCTGGYDIADLVCAQYYNGIMVLPGVANDDKMTMYTASLAGGI
TLGALGGGAVAIPFAVAVQARLNYVALQTDVLNKNQQILANAFNQAIGNITQAFGKVNDAIHQTSKGLATVAKVLAKVQD
VVNTQGQALSHLTVQLQNNFQAISSSISDIYNRLDPPSADAQVDRLITGRLTALNAFVSQTLTRQAEVRASRQLAKDKVN
ECVRSQSQRFGFCGNGTHLFSLANAAPNGMIFFHTVLLPTAYQTVTACSGICASDGDRTFGLVVKDVQLTLFRNLDDKFY
LTPRTMYQPRAATSSDFVQIEGCDVLFVNATEIDLPSIIPDYIDINQTVQDILENYRPNWTVPELTLDIFNATYLNLTGE
IDDLEFRSEKLHNTTVELAILIDNINNTLVNLEWLNRIETYVKSGGYIPEAPRDGQAYVRKDGEWVLLSTFLVPRGSGGS
GGSGLNDIFEAQKIEWHEGGSHHHHHHHH
;
_entity_poly.pdbx_strand_id   A,B,C
#
# COMPACT_ATOMS: atom_id res chain seq x y z
N ASN A 50 35.56 31.20 -59.32
CA ASN A 50 36.47 32.27 -58.91
C ASN A 50 35.75 33.62 -58.86
N LEU A 51 34.63 33.74 -59.57
CA LEU A 51 33.83 34.96 -59.56
C LEU A 51 33.22 35.17 -58.18
N ILE A 52 32.85 34.07 -57.54
CA ILE A 52 32.26 34.09 -56.21
C ILE A 52 33.35 34.38 -55.21
N GLU A 53 34.53 33.78 -55.43
CA GLU A 53 35.65 34.03 -54.55
C GLU A 53 36.00 35.51 -54.57
N ASN A 54 36.07 36.11 -55.77
CA ASN A 54 36.41 37.52 -55.86
C ASN A 54 35.37 38.38 -55.15
N PHE A 55 34.10 37.99 -55.24
CA PHE A 55 33.04 38.72 -54.56
C PHE A 55 33.34 38.76 -53.07
N LEU A 56 33.66 37.60 -52.50
CA LEU A 56 33.98 37.50 -51.07
C LEU A 56 35.23 38.28 -50.71
N LEU A 57 36.23 38.28 -51.59
CA LEU A 57 37.45 39.06 -51.36
C LEU A 57 37.17 40.55 -51.20
N ASN A 58 36.23 41.12 -51.99
CA ASN A 58 35.85 42.52 -51.90
C ASN A 58 34.95 42.77 -50.67
N TYR A 59 33.99 41.86 -50.42
CA TYR A 59 33.03 41.93 -49.32
C TYR A 59 33.73 41.99 -47.96
N SER A 60 34.76 41.16 -47.80
CA SER A 60 35.51 41.01 -46.56
C SER A 60 36.54 42.13 -46.29
N ILE A 61 36.67 43.11 -47.18
CA ILE A 61 37.67 44.17 -46.98
C ILE A 61 37.46 44.92 -45.66
N ARG A 62 36.20 45.04 -45.24
CA ARG A 62 35.83 45.76 -44.03
C ARG A 62 36.31 45.11 -42.72
N LEU A 63 36.76 43.86 -42.77
CA LEU A 63 37.15 43.15 -41.55
C LEU A 63 38.45 43.69 -40.93
N PRO A 64 38.65 43.52 -39.61
CA PRO A 64 39.86 43.81 -38.85
C PRO A 64 41.06 43.05 -39.41
N PRO A 65 42.28 43.56 -39.21
CA PRO A 65 43.56 43.02 -39.64
C PRO A 65 43.91 41.68 -39.01
N ASN A 66 43.29 41.37 -37.89
CA ASN A 66 43.58 40.12 -37.20
C ASN A 66 42.30 39.44 -36.77
N SER A 67 41.66 38.74 -37.71
CA SER A 67 40.40 38.09 -37.41
C SER A 67 40.16 36.84 -38.25
N ASP A 68 39.37 35.95 -37.68
CA ASP A 68 38.88 34.73 -38.32
C ASP A 68 37.39 34.67 -38.09
N VAL A 69 36.63 34.90 -39.15
CA VAL A 69 35.19 35.04 -39.00
C VAL A 69 34.41 34.17 -39.97
N VAL A 70 33.14 33.96 -39.67
CA VAL A 70 32.27 33.33 -40.64
C VAL A 70 31.22 34.33 -41.05
N LEU A 71 31.16 34.62 -42.34
CA LEU A 71 30.25 35.61 -42.85
C LEU A 71 29.02 34.95 -43.44
N GLY A 72 27.85 35.47 -43.10
CA GLY A 72 26.60 34.92 -43.61
C GLY A 72 25.76 36.02 -44.23
N ASP A 73 25.42 35.84 -45.49
CA ASP A 73 24.61 36.80 -46.25
C ASP A 73 23.96 36.11 -47.43
N TYR A 74 23.19 36.88 -48.19
CA TYR A 74 22.59 36.36 -49.42
C TYR A 74 23.60 36.46 -50.54
N PHE A 75 24.66 35.68 -50.40
CA PHE A 75 25.80 35.64 -51.30
C PHE A 75 25.41 34.91 -52.56
N PRO A 76 26.05 35.20 -53.70
CA PRO A 76 25.85 34.50 -54.93
C PRO A 76 26.20 33.06 -54.66
N THR A 77 25.44 32.15 -55.24
CA THR A 77 25.64 30.73 -54.97
C THR A 77 26.14 30.01 -56.20
N VAL A 78 26.24 28.69 -56.09
CA VAL A 78 26.86 27.91 -57.14
C VAL A 78 25.94 27.04 -57.98
N GLN A 79 24.73 26.74 -57.50
CA GLN A 79 23.88 25.85 -58.29
C GLN A 79 22.96 26.51 -59.35
N PRO A 80 22.00 27.38 -59.01
CA PRO A 80 20.95 27.89 -59.88
C PRO A 80 21.37 29.00 -60.84
N GLN A 194 21.13 43.53 -53.46
CA GLN A 194 20.48 42.95 -52.28
C GLN A 194 19.51 43.98 -51.74
N TRP A 195 18.23 43.63 -51.71
CA TRP A 195 17.21 44.58 -51.27
C TRP A 195 16.68 44.32 -49.88
N PHE A 196 17.05 45.18 -48.94
CA PHE A 196 16.62 45.05 -47.56
C PHE A 196 15.63 46.17 -47.27
N THR A 197 14.78 45.99 -46.26
CA THR A 197 13.80 47.02 -45.93
C THR A 197 14.45 48.36 -45.63
N ASP A 198 15.58 48.34 -44.91
CA ASP A 198 16.27 49.56 -44.52
C ASP A 198 17.10 50.19 -45.65
N GLU A 199 17.74 49.35 -46.46
CA GLU A 199 18.63 49.86 -47.52
C GLU A 199 18.81 48.90 -48.68
N VAL A 200 19.23 49.46 -49.81
CA VAL A 200 19.60 48.68 -50.99
C VAL A 200 21.10 48.77 -51.23
N VAL A 201 21.75 47.63 -51.39
CA VAL A 201 23.17 47.66 -51.70
C VAL A 201 23.42 47.10 -53.08
N ILE A 208 30.75 48.76 -53.51
CA ILE A 208 29.38 48.74 -53.02
C ILE A 208 28.79 50.13 -52.90
N TYR A 209 27.57 50.27 -53.38
CA TYR A 209 26.84 51.51 -53.26
C TYR A 209 25.66 51.26 -52.35
N ARG A 210 25.55 52.02 -51.26
CA ARG A 210 24.47 51.77 -50.33
C ARG A 210 23.49 52.94 -50.31
N ILE A 211 22.24 52.65 -50.65
CA ILE A 211 21.22 53.67 -50.75
C ILE A 211 20.14 53.42 -49.70
N SER A 212 20.08 54.27 -48.68
CA SER A 212 19.18 54.07 -47.55
C SER A 212 17.82 54.73 -47.72
N PHE A 213 16.77 53.97 -47.43
CA PHE A 213 15.38 54.43 -47.52
C PHE A 213 14.44 53.31 -47.10
N GLU A 214 13.38 53.64 -46.38
CA GLU A 214 12.39 52.66 -45.95
C GLU A 214 11.53 52.22 -47.12
N ASN A 215 11.44 50.91 -47.37
CA ASN A 215 10.64 50.40 -48.47
C ASN A 215 10.12 48.99 -48.21
N LYS A 216 8.91 48.70 -48.71
CA LYS A 216 8.42 47.34 -48.68
C LYS A 216 8.80 46.67 -49.98
N TRP A 217 9.63 45.64 -49.91
CA TRP A 217 10.08 44.99 -51.13
C TRP A 217 9.21 43.80 -51.45
N PHE A 218 9.03 43.55 -52.74
CA PHE A 218 8.32 42.38 -53.18
C PHE A 218 9.37 41.41 -53.68
N GLY A 219 9.08 40.13 -53.66
CA GLY A 219 10.06 39.15 -54.11
C GLY A 219 10.05 38.97 -55.62
N VAL A 246 18.92 34.47 -55.59
CA VAL A 246 19.33 34.06 -54.26
C VAL A 246 18.16 34.12 -53.28
N TYR A 247 17.91 33.00 -52.62
CA TYR A 247 16.77 32.86 -51.74
C TYR A 247 17.13 32.80 -50.25
N ASP A 248 18.36 32.40 -49.93
CA ASP A 248 18.74 32.17 -48.55
C ASP A 248 20.18 32.55 -48.23
N VAL A 249 20.58 32.29 -46.98
CA VAL A 249 21.89 32.67 -46.48
C VAL A 249 22.93 31.57 -46.60
N THR A 250 24.08 31.93 -47.16
CA THR A 250 25.21 31.02 -47.33
C THR A 250 26.37 31.49 -46.46
N TYR A 251 27.09 30.54 -45.87
CA TYR A 251 28.18 30.88 -44.98
C TYR A 251 29.56 30.57 -45.57
N TYR A 252 30.48 31.52 -45.38
CA TYR A 252 31.87 31.38 -45.80
C TYR A 252 32.82 31.75 -44.66
N ARG A 253 33.92 31.05 -44.55
CA ARG A 253 34.91 31.37 -43.53
C ARG A 253 36.04 32.20 -44.11
N VAL A 254 36.35 33.29 -43.44
CA VAL A 254 37.40 34.19 -43.90
C VAL A 254 38.53 34.33 -42.89
N ASN A 255 39.71 33.92 -43.31
CA ASN A 255 40.92 33.93 -42.49
C ASN A 255 41.86 35.05 -42.89
N ASN A 256 42.00 36.08 -42.07
CA ASN A 256 42.84 37.22 -42.44
C ASN A 256 44.18 37.25 -41.70
N LYS A 257 44.55 36.14 -41.05
CA LYS A 257 45.79 36.06 -40.27
C LYS A 257 47.07 36.00 -41.12
N ASN A 258 47.00 35.29 -42.27
CA ASN A 258 48.11 34.99 -43.18
C ASN A 258 48.77 36.26 -43.77
N THR A 261 43.89 37.45 -47.41
CA THR A 261 42.67 36.85 -46.91
C THR A 261 42.36 35.56 -47.66
N ILE A 262 42.04 34.52 -46.92
CA ILE A 262 41.68 33.23 -47.50
C ILE A 262 40.21 32.94 -47.29
N VAL A 263 39.50 32.69 -48.38
CA VAL A 263 38.07 32.41 -48.31
C VAL A 263 37.80 30.94 -48.56
N SER A 264 37.04 30.33 -47.67
CA SER A 264 36.71 28.91 -47.82
C SER A 264 35.25 28.63 -47.51
N ASN A 265 34.73 27.50 -48.01
CA ASN A 265 33.35 27.06 -47.80
C ASN A 265 33.15 26.56 -46.36
N CYS A 266 31.99 26.89 -45.75
CA CYS A 266 31.58 26.32 -44.47
C CYS A 266 30.27 25.57 -44.63
N THR A 267 30.35 24.25 -44.90
CA THR A 267 29.15 23.50 -45.28
C THR A 267 28.76 22.31 -44.39
N ASP A 268 29.65 21.79 -43.56
CA ASP A 268 29.28 20.61 -42.79
C ASP A 268 29.44 20.74 -41.27
N GLN A 269 30.59 20.34 -40.71
CA GLN A 269 30.72 20.35 -39.26
C GLN A 269 30.74 21.77 -38.67
N CYS A 270 31.40 22.72 -39.36
CA CYS A 270 31.44 24.12 -38.93
C CYS A 270 30.09 24.78 -39.19
N ALA A 271 29.39 24.32 -40.22
CA ALA A 271 28.03 24.88 -40.47
C ALA A 271 27.14 24.57 -39.26
N SER A 272 27.55 23.64 -38.39
CA SER A 272 26.69 23.24 -37.25
C SER A 272 27.04 24.04 -35.99
N TYR A 273 27.90 25.05 -36.11
CA TYR A 273 28.23 25.87 -34.98
C TYR A 273 27.75 27.31 -35.15
N VAL A 274 27.63 27.78 -36.41
CA VAL A 274 27.27 29.16 -36.65
C VAL A 274 25.93 29.32 -37.36
N ASP A 275 25.43 28.27 -38.00
CA ASP A 275 24.16 28.41 -38.67
C ASP A 275 23.03 28.42 -37.64
N ASN A 276 22.45 29.61 -37.48
CA ASN A 276 21.43 29.84 -36.49
C ASN A 276 20.16 30.40 -37.13
N VAL A 277 20.01 30.17 -38.44
CA VAL A 277 18.89 30.70 -39.20
C VAL A 277 18.13 29.58 -39.88
N PHE A 278 16.82 29.74 -39.98
CA PHE A 278 15.99 28.72 -40.58
C PHE A 278 14.79 29.27 -41.30
N THR A 279 14.21 28.45 -42.15
CA THR A 279 12.96 28.79 -42.80
C THR A 279 11.85 28.42 -41.84
N THR A 280 10.95 29.34 -41.59
CA THR A 280 9.84 29.08 -40.68
C THR A 280 8.78 28.27 -41.42
N GLN A 281 8.29 27.22 -40.78
CA GLN A 281 7.28 26.39 -41.41
C GLN A 281 5.89 26.97 -41.13
N PRO A 282 4.89 26.70 -41.97
CA PRO A 282 3.53 27.16 -41.79
C PRO A 282 3.08 26.79 -40.38
N GLY A 283 2.44 27.74 -39.71
CA GLY A 283 2.03 27.53 -38.33
C GLY A 283 3.04 28.15 -37.38
N GLY A 284 4.18 28.61 -37.92
CA GLY A 284 5.23 29.23 -37.12
C GLY A 284 6.08 28.19 -36.43
N LEU A 285 6.29 27.06 -37.08
CA LEU A 285 7.03 26.00 -36.42
C LEU A 285 8.50 25.98 -36.82
N ILE A 286 9.35 25.65 -35.86
CA ILE A 286 10.79 25.54 -36.09
C ILE A 286 11.09 24.14 -36.63
N PRO A 287 11.83 24.02 -37.75
CA PRO A 287 12.22 22.76 -38.36
C PRO A 287 12.90 21.84 -37.37
N SER A 288 12.67 20.55 -37.53
CA SER A 288 13.20 19.52 -36.64
C SER A 288 14.71 19.37 -36.68
N ASP A 289 15.35 19.93 -37.70
CA ASP A 289 16.79 19.85 -37.84
C ASP A 289 17.51 21.13 -37.39
N PHE A 290 16.79 22.03 -36.73
CA PHE A 290 17.38 23.26 -36.23
C PHE A 290 18.29 23.00 -35.03
N SER A 291 19.45 23.66 -35.02
CA SER A 291 20.45 23.48 -33.96
C SER A 291 20.16 24.18 -32.63
N PHE A 292 19.36 25.24 -32.62
CA PHE A 292 19.07 25.99 -31.40
C PHE A 292 20.32 26.49 -30.68
N ASN A 293 21.37 26.87 -31.43
CA ASN A 293 22.62 27.26 -30.78
C ASN A 293 22.52 28.42 -29.80
N ASN A 294 21.70 29.41 -30.12
CA ASN A 294 21.51 30.56 -29.24
C ASN A 294 20.09 30.60 -28.67
N TRP A 295 19.45 29.44 -28.59
CA TRP A 295 18.10 29.36 -28.03
C TRP A 295 18.11 28.63 -26.70
N PHE A 296 17.34 29.15 -25.75
CA PHE A 296 17.27 28.57 -24.43
C PHE A 296 15.84 28.48 -23.94
N LEU A 297 15.58 27.56 -23.01
CA LEU A 297 14.30 27.53 -22.33
C LEU A 297 14.24 28.67 -21.34
N LEU A 298 13.07 29.23 -21.14
CA LEU A 298 12.89 30.31 -20.20
C LEU A 298 12.38 29.80 -18.87
N THR A 299 13.04 30.22 -17.79
CA THR A 299 12.60 29.84 -16.48
C THR A 299 12.67 31.00 -15.50
N ASN A 300 11.81 30.92 -14.48
CA ASN A 300 11.77 31.84 -13.35
C ASN A 300 12.64 31.44 -12.19
N SER A 301 13.07 30.16 -12.11
CA SER A 301 13.87 29.65 -11.00
C SER A 301 15.02 28.76 -11.46
N SER A 302 14.98 27.49 -11.10
CA SER A 302 16.08 26.58 -11.40
C SER A 302 16.11 26.16 -12.86
N THR A 303 17.28 25.73 -13.31
CA THR A 303 17.46 25.31 -14.69
C THR A 303 17.65 23.80 -14.86
N VAL A 304 16.97 23.27 -15.87
CA VAL A 304 17.07 21.86 -16.20
C VAL A 304 18.36 21.58 -16.93
N VAL A 305 19.15 20.65 -16.42
CA VAL A 305 20.40 20.30 -17.07
C VAL A 305 20.15 19.28 -18.16
N SER A 306 19.32 18.28 -17.85
CA SER A 306 18.99 17.27 -18.84
C SER A 306 17.62 16.67 -18.56
N GLY A 307 17.01 16.11 -19.59
CA GLY A 307 15.74 15.41 -19.42
C GLY A 307 14.66 15.96 -20.34
N LYS A 308 13.51 15.28 -20.37
CA LYS A 308 12.38 15.69 -21.20
C LYS A 308 11.30 16.31 -20.36
N LEU A 309 10.78 17.45 -20.80
CA LEU A 309 9.72 18.11 -20.07
C LEU A 309 8.67 18.72 -21.00
N VAL A 310 7.42 18.70 -20.56
CA VAL A 310 6.37 19.38 -21.30
C VAL A 310 6.21 20.76 -20.68
N THR A 311 6.45 21.77 -21.48
CA THR A 311 6.49 23.13 -20.99
C THR A 311 5.90 24.14 -21.95
N ARG A 312 5.43 25.25 -21.40
CA ARG A 312 4.90 26.35 -22.20
C ARG A 312 6.01 27.35 -22.46
N GLN A 313 6.44 27.41 -23.71
CA GLN A 313 7.59 28.22 -24.11
C GLN A 313 7.28 29.00 -25.36
N PRO A 314 7.93 30.15 -25.59
CA PRO A 314 7.79 30.99 -26.76
C PRO A 314 8.54 30.40 -27.94
N LEU A 315 8.09 29.23 -28.38
CA LEU A 315 8.72 28.49 -29.46
C LEU A 315 7.96 28.57 -30.77
N VAL A 316 6.90 29.36 -30.82
CA VAL A 316 6.19 29.57 -32.09
C VAL A 316 6.77 30.81 -32.71
N VAL A 317 7.22 30.72 -33.93
CA VAL A 317 7.85 31.86 -34.56
C VAL A 317 6.90 32.56 -35.49
N ASN A 318 6.51 33.77 -35.15
CA ASN A 318 5.61 34.54 -36.00
C ASN A 318 6.39 35.11 -37.20
N CYS A 319 7.64 35.52 -36.95
CA CYS A 319 8.55 36.10 -37.91
C CYS A 319 9.99 35.91 -37.48
N LEU A 320 10.85 35.57 -38.42
CA LEU A 320 12.27 35.49 -38.16
C LEU A 320 13.01 36.52 -38.99
N TRP A 321 13.71 37.42 -38.33
CA TRP A 321 14.45 38.48 -38.99
C TRP A 321 15.96 38.27 -38.87
N PRO A 322 16.62 37.71 -39.89
CA PRO A 322 18.04 37.45 -39.89
C PRO A 322 18.77 38.76 -40.08
N VAL A 323 19.94 38.89 -39.48
CA VAL A 323 20.74 40.08 -39.61
C VAL A 323 22.09 39.72 -40.26
N PRO A 324 22.41 40.29 -41.43
CA PRO A 324 23.64 40.12 -42.20
C PRO A 324 24.85 40.56 -41.40
N SER A 325 26.02 40.12 -41.85
CA SER A 325 27.29 40.39 -41.18
C SER A 325 27.56 41.88 -40.97
N PHE A 326 27.13 42.72 -41.92
CA PHE A 326 27.37 44.14 -41.77
C PHE A 326 26.08 44.93 -41.96
N LYS A 327 25.16 44.80 -41.02
CA LYS A 327 23.90 45.51 -41.08
C LYS A 327 23.51 45.99 -39.69
N GLU A 328 22.80 47.11 -39.63
CA GLU A 328 22.31 47.65 -38.39
C GLU A 328 20.87 47.21 -38.15
N ALA A 329 20.66 46.48 -37.06
CA ALA A 329 19.31 46.01 -36.74
C ALA A 329 18.60 47.10 -35.96
N ALA A 330 18.24 48.14 -36.66
CA ALA A 330 17.60 49.28 -36.03
C ALA A 330 16.15 49.36 -36.43
N SER A 331 15.28 49.38 -35.44
CA SER A 331 13.86 49.43 -35.70
C SER A 331 13.06 49.77 -34.45
N THR A 332 11.76 49.85 -34.62
CA THR A 332 10.86 50.03 -33.50
C THR A 332 9.84 48.91 -33.53
N PHE A 333 9.75 48.18 -32.44
CA PHE A 333 8.85 47.05 -32.35
C PHE A 333 7.73 47.24 -31.35
N CYS A 334 6.49 46.87 -31.72
CA CYS A 334 5.35 46.88 -30.85
C CYS A 334 4.71 45.49 -30.80
N PHE A 335 4.33 45.07 -29.60
CA PHE A 335 3.79 43.72 -29.43
C PHE A 335 2.37 43.63 -29.98
N GLU A 336 1.56 44.65 -29.70
CA GLU A 336 0.16 44.67 -30.09
C GLU A 336 0.00 45.14 -31.53
N GLY A 337 0.49 44.33 -32.45
CA GLY A 337 0.47 44.63 -33.87
C GLY A 337 1.86 44.96 -34.38
N ALA A 338 2.65 43.93 -34.64
CA ALA A 338 4.00 44.09 -35.15
C ALA A 338 3.95 44.33 -36.66
N GLY A 339 4.97 45.02 -37.17
CA GLY A 339 5.07 45.27 -38.60
C GLY A 339 5.29 44.01 -39.44
N PHE A 340 6.23 43.18 -39.00
CA PHE A 340 6.63 41.96 -39.72
C PHE A 340 7.14 42.23 -41.13
N ASP A 341 7.88 43.32 -41.33
CA ASP A 341 8.40 43.59 -42.65
C ASP A 341 9.72 42.87 -42.96
N GLN A 342 10.48 42.49 -41.94
CA GLN A 342 11.75 41.81 -42.20
C GLN A 342 11.68 40.34 -41.83
N CYS A 343 11.07 39.50 -42.68
CA CYS A 343 10.85 38.08 -42.38
C CYS A 343 11.55 37.20 -43.39
N ASN A 344 12.25 36.20 -42.89
CA ASN A 344 12.96 35.24 -43.70
C ASN A 344 11.95 34.43 -44.53
N ALA A 346 7.36 32.05 -44.48
CA ALA A 346 6.17 31.92 -43.66
C ALA A 346 6.15 33.00 -42.57
N VAL A 347 5.03 33.78 -42.53
CA VAL A 347 4.77 34.79 -41.52
C VAL A 347 3.40 34.56 -40.93
N LEU A 348 3.34 34.46 -39.62
CA LEU A 348 2.08 34.25 -38.94
C LEU A 348 1.67 35.58 -38.32
N ASN A 349 0.60 36.15 -38.82
CA ASN A 349 0.22 37.48 -38.37
C ASN A 349 -0.60 37.39 -37.10
N ASN A 350 0.03 37.67 -35.96
CA ASN A 350 -0.64 37.56 -34.69
C ASN A 350 0.02 38.48 -33.67
N THR A 351 -0.49 38.48 -32.45
CA THR A 351 0.10 39.28 -31.39
C THR A 351 1.39 38.61 -30.96
N VAL A 352 2.45 39.39 -30.80
CA VAL A 352 3.74 38.84 -30.37
C VAL A 352 3.80 38.82 -28.85
N ASP A 353 4.26 37.71 -28.26
CA ASP A 353 4.37 37.65 -26.81
C ASP A 353 5.79 37.99 -26.34
N VAL A 354 6.78 37.51 -27.11
CA VAL A 354 8.19 37.69 -26.78
C VAL A 354 9.04 38.09 -27.98
N ILE A 355 9.95 39.03 -27.78
CA ILE A 355 10.95 39.33 -28.81
C ILE A 355 12.30 38.79 -28.37
N ARG A 356 12.91 37.97 -29.21
CA ARG A 356 14.17 37.32 -28.88
C ARG A 356 15.33 37.85 -29.70
N PHE A 357 16.38 38.28 -29.02
CA PHE A 357 17.59 38.75 -29.67
C PHE A 357 18.66 37.68 -29.53
N ASN A 358 18.89 36.95 -30.60
CA ASN A 358 19.79 35.81 -30.55
C ASN A 358 21.17 36.15 -31.10
N LEU A 359 21.99 36.79 -30.27
CA LEU A 359 23.31 37.23 -30.72
C LEU A 359 24.35 37.09 -29.61
N ASN A 360 25.63 36.92 -30.03
CA ASN A 360 26.72 36.88 -29.06
C ASN A 360 27.08 38.33 -28.66
N PHE A 361 26.47 38.74 -27.55
CA PHE A 361 26.69 40.11 -27.04
C PHE A 361 28.12 40.19 -26.53
N THR A 362 29.08 40.09 -27.45
CA THR A 362 30.51 40.19 -27.09
C THR A 362 30.87 41.68 -26.99
N ALA A 363 32.16 41.99 -26.86
CA ALA A 363 32.58 43.40 -26.69
C ALA A 363 32.48 44.13 -28.03
N ASP A 364 31.86 43.51 -29.02
CA ASP A 364 31.73 44.11 -30.37
C ASP A 364 30.33 44.70 -30.55
N VAL A 365 29.37 44.30 -29.72
CA VAL A 365 28.02 44.79 -29.96
C VAL A 365 27.85 46.18 -29.40
N GLN A 366 27.54 47.10 -30.28
CA GLN A 366 27.40 48.51 -29.97
C GLN A 366 26.01 48.99 -30.27
N SER A 367 25.62 50.09 -29.65
CA SER A 367 24.30 50.63 -29.90
C SER A 367 24.33 52.01 -30.53
N GLY A 368 23.38 52.27 -31.40
CA GLY A 368 23.26 53.56 -32.07
C GLY A 368 22.72 54.63 -31.11
N MET A 369 22.28 54.18 -29.95
CA MET A 369 21.75 55.06 -28.93
C MET A 369 22.79 55.27 -27.83
N GLY A 370 24.04 54.87 -28.11
CA GLY A 370 25.13 55.02 -27.17
C GLY A 370 24.96 54.14 -25.95
N ALA A 371 24.87 54.76 -24.77
CA ALA A 371 24.73 53.99 -23.54
C ALA A 371 23.48 53.15 -23.57
N THR A 372 22.41 53.65 -24.20
CA THR A 372 21.16 52.94 -24.17
C THR A 372 21.17 51.75 -25.11
N VAL A 373 20.80 50.58 -24.59
CA VAL A 373 20.72 49.38 -25.39
C VAL A 373 19.28 49.25 -25.87
N PHE A 374 18.35 49.41 -24.94
CA PHE A 374 16.92 49.34 -25.24
C PHE A 374 16.19 50.54 -24.67
N SER A 375 15.11 50.95 -25.34
CA SER A 375 14.23 51.99 -24.83
C SER A 375 12.81 51.47 -24.81
N LEU A 376 12.26 51.41 -23.62
CA LEU A 376 10.99 50.74 -23.36
C LEU A 376 9.83 51.69 -23.11
N ASN A 377 8.80 51.62 -23.96
CA ASN A 377 7.57 52.39 -23.82
C ASN A 377 6.51 51.54 -23.14
N THR A 378 6.18 51.88 -21.88
CA THR A 378 5.27 51.13 -21.01
C THR A 378 3.86 51.76 -20.99
N THR A 379 2.94 51.13 -20.28
CA THR A 379 1.51 51.46 -20.35
C THR A 379 1.08 52.81 -19.76
N GLY A 380 1.95 53.43 -18.99
CA GLY A 380 1.64 54.71 -18.40
C GLY A 380 2.12 55.86 -19.27
N GLY A 381 2.65 55.54 -20.46
CA GLY A 381 3.21 56.56 -21.34
C GLY A 381 4.66 56.83 -20.92
N VAL A 382 5.09 56.07 -19.94
CA VAL A 382 6.40 56.13 -19.34
C VAL A 382 7.48 55.48 -20.17
N ILE A 383 8.61 56.16 -20.30
CA ILE A 383 9.73 55.60 -21.02
C ILE A 383 10.84 55.21 -20.05
N LEU A 384 11.20 53.93 -20.06
CA LEU A 384 12.32 53.44 -19.27
C LEU A 384 13.47 53.10 -20.21
N GLU A 385 14.68 53.21 -19.72
CA GLU A 385 15.83 52.87 -20.54
C GLU A 385 16.75 51.86 -19.88
N ILE A 386 17.25 50.94 -20.68
CA ILE A 386 18.25 49.98 -20.21
C ILE A 386 19.58 50.40 -20.81
N SER A 387 20.53 50.81 -19.98
CA SER A 387 21.78 51.36 -20.50
C SER A 387 23.01 50.83 -19.78
N CYS A 388 24.13 50.61 -20.53
CA CYS A 388 25.43 50.21 -19.99
C CYS A 388 26.45 51.36 -20.07
N TYR A 389 27.22 51.47 -18.98
CA TYR A 389 28.27 52.46 -18.84
C TYR A 389 29.60 51.80 -18.53
N ASN A 390 30.69 52.50 -18.75
CA ASN A 390 32.01 51.96 -18.43
C ASN A 390 32.59 52.49 -17.09
N ASP A 391 31.70 52.68 -16.10
CA ASP A 391 32.02 53.16 -14.76
C ASP A 391 30.80 52.96 -13.84
N PRO A 412 34.54 46.37 -18.63
CA PRO A 412 33.26 46.07 -17.99
C PRO A 412 32.30 47.19 -18.44
N ARG A 413 31.05 46.78 -18.72
CA ARG A 413 29.93 47.67 -19.07
C ARG A 413 28.81 47.36 -18.08
N TYR A 414 28.49 48.33 -17.25
CA TYR A 414 27.59 48.15 -16.12
C TYR A 414 26.20 48.64 -16.52
N CYS A 415 25.19 47.73 -16.54
CA CYS A 415 23.82 48.10 -16.93
C CYS A 415 22.91 48.45 -15.76
N TYR A 416 22.15 49.51 -16.01
CA TYR A 416 21.19 50.11 -15.10
C TYR A 416 19.86 50.36 -15.78
N VAL A 417 18.80 50.43 -14.98
CA VAL A 417 17.50 50.85 -15.45
C VAL A 417 17.29 52.31 -15.07
N LEU A 418 17.00 53.14 -16.06
CA LEU A 418 16.86 54.57 -15.87
C LEU A 418 15.48 55.06 -16.26
N TYR A 419 15.07 56.21 -15.68
CA TYR A 419 13.75 56.77 -16.02
C TYR A 419 13.82 58.18 -16.65
N ASN A 420 14.06 59.23 -15.84
CA ASN A 420 14.17 60.61 -16.34
C ASN A 420 15.62 60.98 -16.66
N GLY A 421 16.60 60.26 -16.12
CA GLY A 421 18.02 60.51 -16.30
C GLY A 421 18.71 59.90 -15.09
N THR A 422 17.91 59.63 -14.07
CA THR A 422 18.45 59.00 -12.88
C THR A 422 18.28 57.50 -13.02
N THR A 423 19.04 56.76 -12.24
CA THR A 423 18.94 55.31 -12.24
C THR A 423 18.01 54.73 -11.20
N LEU A 424 17.05 53.95 -11.66
CA LEU A 424 16.17 53.21 -10.79
C LEU A 424 16.68 51.87 -10.09
N LYS A 425 17.33 51.07 -10.94
CA LYS A 425 18.02 49.87 -10.48
C LYS A 425 19.37 49.59 -11.12
N TYR A 426 20.20 48.87 -10.40
CA TYR A 426 21.47 48.39 -10.93
C TYR A 426 21.30 46.93 -11.24
N LEU A 427 21.54 46.55 -12.48
CA LEU A 427 21.28 45.19 -12.90
C LEU A 427 22.52 44.34 -12.76
N GLY A 428 23.67 44.96 -12.97
CA GLY A 428 24.93 44.25 -12.91
C GLY A 428 25.65 44.44 -14.22
N THR A 429 26.85 43.91 -14.31
CA THR A 429 27.58 44.04 -15.54
C THR A 429 27.12 42.98 -16.50
N LEU A 430 27.35 43.18 -17.78
CA LEU A 430 27.06 42.13 -18.73
C LEU A 430 28.15 41.08 -18.63
N PRO A 431 27.80 39.80 -18.51
CA PRO A 431 28.72 38.69 -18.56
C PRO A 431 29.39 38.73 -19.92
N PRO A 432 30.57 38.13 -20.07
CA PRO A 432 31.30 37.97 -21.30
C PRO A 432 30.72 36.81 -22.12
N SER A 433 29.65 36.22 -21.60
CA SER A 433 29.01 35.08 -22.22
C SER A 433 27.49 35.19 -22.28
N VAL A 434 27.02 36.16 -23.04
CA VAL A 434 25.58 36.37 -23.25
C VAL A 434 25.18 36.02 -24.65
N LYS A 435 24.34 34.99 -24.79
CA LYS A 435 23.96 34.53 -26.10
C LYS A 435 22.52 34.78 -26.47
N GLU A 436 21.71 35.18 -25.51
CA GLU A 436 20.29 35.37 -25.77
C GLU A 436 19.65 36.35 -24.81
N ILE A 437 18.90 37.30 -25.38
CA ILE A 437 18.09 38.22 -24.61
C ILE A 437 16.64 38.18 -25.07
N ALA A 438 15.72 37.89 -24.17
CA ALA A 438 14.31 37.85 -24.56
C ALA A 438 13.49 38.78 -23.71
N ILE A 439 12.69 39.62 -24.35
CA ILE A 439 11.87 40.56 -23.63
C ILE A 439 10.40 40.24 -23.85
N SER A 440 9.71 39.86 -22.80
CA SER A 440 8.30 39.56 -22.95
C SER A 440 7.50 40.86 -22.83
N LYS A 441 6.25 40.86 -23.27
CA LYS A 441 5.46 42.08 -23.20
C LYS A 441 5.01 42.41 -21.79
N TRP A 442 5.25 41.51 -20.85
CA TRP A 442 4.86 41.76 -19.49
C TRP A 442 6.02 42.32 -18.68
N GLY A 443 7.10 42.68 -19.37
CA GLY A 443 8.24 43.34 -18.74
C GLY A 443 9.33 42.42 -18.23
N HIS A 444 9.24 41.13 -18.52
CA HIS A 444 10.26 40.22 -18.01
C HIS A 444 11.43 40.07 -18.97
N PHE A 445 12.64 40.28 -18.45
CA PHE A 445 13.88 40.18 -19.22
C PHE A 445 14.64 38.91 -18.90
N TYR A 446 14.78 38.07 -19.91
CA TYR A 446 15.46 36.81 -19.78
C TYR A 446 16.82 36.85 -20.45
N ILE A 447 17.86 36.51 -19.70
CA ILE A 447 19.21 36.45 -20.26
C ILE A 447 19.73 35.04 -20.11
N ASN A 448 20.07 34.41 -21.23
CA ASN A 448 20.51 33.02 -21.23
C ASN A 448 19.49 32.13 -20.51
N GLY A 449 18.21 32.38 -20.78
CA GLY A 449 17.12 31.61 -20.20
C GLY A 449 16.64 32.02 -18.79
N TYR A 450 17.35 32.91 -18.10
CA TYR A 450 16.93 33.21 -16.74
C TYR A 450 16.32 34.60 -16.56
N ASN A 451 15.22 34.66 -15.83
CA ASN A 451 14.56 35.93 -15.58
C ASN A 451 15.30 36.76 -14.54
N PHE A 452 16.30 37.52 -14.99
CA PHE A 452 17.10 38.31 -14.08
C PHE A 452 16.41 39.54 -13.56
N PHE A 453 15.59 40.19 -14.39
CA PHE A 453 14.93 41.40 -13.91
C PHE A 453 13.64 41.69 -14.65
N SER A 454 12.84 42.60 -14.10
CA SER A 454 11.59 42.97 -14.75
C SER A 454 11.25 44.44 -14.60
N THR A 455 10.40 44.91 -15.52
CA THR A 455 9.88 46.26 -15.59
C THR A 455 8.37 46.25 -15.67
N PHE A 456 7.78 47.42 -15.83
CA PHE A 456 6.35 47.53 -16.04
C PHE A 456 6.06 46.91 -17.41
N PRO A 457 4.82 46.49 -17.70
CA PRO A 457 4.42 45.94 -18.98
C PRO A 457 4.85 46.86 -20.09
N ILE A 458 5.25 46.28 -21.21
CA ILE A 458 5.83 47.04 -22.30
C ILE A 458 4.95 47.00 -23.54
N ASP A 459 4.64 48.16 -24.07
CA ASP A 459 3.87 48.20 -25.31
C ASP A 459 4.77 48.17 -26.55
N CYS A 460 5.87 48.97 -26.53
CA CYS A 460 6.81 49.10 -27.65
C CYS A 460 8.28 49.16 -27.17
N ILE A 461 9.16 48.52 -27.92
CA ILE A 461 10.60 48.50 -27.65
C ILE A 461 11.37 49.08 -28.82
N SER A 462 12.17 50.11 -28.53
CA SER A 462 13.01 50.67 -29.57
C SER A 462 14.42 50.12 -29.42
N PHE A 463 15.07 49.80 -30.52
CA PHE A 463 16.43 49.32 -30.45
C PHE A 463 17.24 49.65 -31.71
N ASN A 464 18.57 49.69 -31.58
CA ASN A 464 19.52 49.96 -32.65
C ASN A 464 20.82 49.22 -32.35
N LEU A 465 20.89 47.93 -32.75
CA LEU A 465 22.01 47.05 -32.39
C LEU A 465 22.84 46.61 -33.58
N THR A 466 24.15 46.64 -33.42
CA THR A 466 25.03 46.15 -34.47
C THR A 466 26.31 45.53 -33.93
N THR A 467 26.85 44.59 -34.70
CA THR A 467 28.12 43.96 -34.39
C THR A 467 29.28 44.71 -35.05
N GLY A 468 28.92 45.63 -35.93
CA GLY A 468 29.87 46.44 -36.64
C GLY A 468 30.84 45.66 -37.51
N ALA A 469 32.12 46.01 -37.39
CA ALA A 469 33.20 45.45 -38.19
C ALA A 469 33.52 44.01 -37.89
N SER A 470 32.97 43.45 -36.82
CA SER A 470 33.31 42.09 -36.49
C SER A 470 32.87 41.12 -37.58
N GLY A 471 31.86 41.51 -38.36
CA GLY A 471 31.37 40.66 -39.44
C GLY A 471 30.57 39.45 -38.93
N ALA A 472 29.93 39.61 -37.77
CA ALA A 472 29.16 38.54 -37.17
C ALA A 472 27.70 38.66 -37.52
N PHE A 473 27.01 37.53 -37.62
CA PHE A 473 25.59 37.59 -37.91
C PHE A 473 24.77 37.04 -36.77
N TRP A 474 23.50 37.42 -36.75
CA TRP A 474 22.59 37.03 -35.69
C TRP A 474 21.14 37.16 -36.13
N THR A 475 20.20 36.77 -35.27
CA THR A 475 18.79 36.87 -35.67
C THR A 475 17.91 37.51 -34.60
N ILE A 476 16.79 38.07 -35.03
CA ILE A 476 15.74 38.53 -34.12
C ILE A 476 14.47 37.74 -34.39
N ALA A 477 13.93 37.11 -33.37
CA ALA A 477 12.73 36.32 -33.58
C ALA A 477 11.54 36.89 -32.83
N TYR A 478 10.40 36.90 -33.49
CA TYR A 478 9.17 37.34 -32.89
C TYR A 478 8.35 36.10 -32.62
N THR A 479 8.13 35.79 -31.35
CA THR A 479 7.54 34.52 -30.99
C THR A 479 6.29 34.60 -30.12
N SER A 480 5.58 33.48 -30.07
CA SER A 480 4.40 33.30 -29.23
C SER A 480 4.51 32.03 -28.40
N TYR A 481 3.80 32.00 -27.28
CA TYR A 481 3.82 30.83 -26.39
C TYR A 481 2.95 29.66 -26.86
N THR A 482 3.49 28.44 -26.69
CA THR A 482 2.76 27.22 -26.96
C THR A 482 3.27 26.07 -26.10
N GLU A 483 2.45 25.04 -25.94
CA GLU A 483 2.90 23.85 -25.24
C GLU A 483 3.73 22.96 -26.16
N ALA A 484 4.86 22.51 -25.66
CA ALA A 484 5.72 21.64 -26.42
C ALA A 484 6.50 20.68 -25.52
N LEU A 485 6.90 19.56 -26.09
CA LEU A 485 7.74 18.60 -25.41
C LEU A 485 9.18 18.87 -25.82
N VAL A 486 10.00 19.22 -24.85
CA VAL A 486 11.37 19.60 -25.18
C VAL A 486 12.40 18.70 -24.52
N GLN A 487 13.33 18.21 -25.33
CA GLN A 487 14.43 17.41 -24.86
C GLN A 487 15.64 18.31 -24.60
N VAL A 488 16.12 18.26 -23.37
CA VAL A 488 17.23 19.07 -22.90
C VAL A 488 18.46 18.23 -22.58
N GLU A 489 19.62 18.75 -22.95
CA GLU A 489 20.89 18.14 -22.58
C GLU A 489 21.95 19.19 -22.33
N ASN A 490 22.60 19.14 -21.16
CA ASN A 490 23.60 20.14 -20.79
C ASN A 490 23.06 21.56 -20.90
N THR A 491 21.87 21.77 -20.35
CA THR A 491 21.15 23.03 -20.35
C THR A 491 21.09 23.64 -21.74
N ALA A 492 20.63 22.84 -22.69
CA ALA A 492 20.50 23.26 -24.07
C ALA A 492 19.36 22.51 -24.74
N ILE A 493 18.70 23.14 -25.70
CA ILE A 493 17.62 22.48 -26.42
C ILE A 493 18.16 21.60 -27.52
N LYS A 494 17.76 20.33 -27.52
CA LYS A 494 18.18 19.43 -28.58
C LYS A 494 17.04 19.06 -29.50
N LYS A 495 15.82 18.96 -28.96
CA LYS A 495 14.69 18.57 -29.79
C LYS A 495 13.36 19.13 -29.31
N VAL A 496 12.60 19.72 -30.22
CA VAL A 496 11.29 20.25 -29.87
C VAL A 496 10.15 19.62 -30.66
N THR A 497 9.18 19.07 -29.94
CA THR A 497 7.96 18.53 -30.52
C THR A 497 6.77 19.36 -30.07
N TYR A 498 6.01 19.89 -31.01
CA TYR A 498 4.90 20.76 -30.66
C TYR A 498 3.64 19.94 -30.39
N CYS A 499 2.85 20.33 -29.36
CA CYS A 499 1.63 19.62 -29.01
C CYS A 499 0.45 20.14 -29.83
N ASN A 500 0.55 19.98 -31.15
CA ASN A 500 -0.36 20.61 -32.08
C ASN A 500 -1.09 19.67 -33.05
N SER A 501 -1.25 18.41 -32.69
CA SER A 501 -1.93 17.45 -33.55
C SER A 501 -2.39 16.26 -32.74
N HIS A 502 -3.18 15.39 -33.35
CA HIS A 502 -3.72 14.25 -32.61
C HIS A 502 -2.62 13.27 -32.20
N ILE A 503 -1.64 13.09 -33.06
CA ILE A 503 -0.53 12.20 -32.73
C ILE A 503 0.47 12.89 -31.80
N ASN A 504 0.68 14.19 -31.99
CA ASN A 504 1.64 14.91 -31.17
C ASN A 504 1.13 15.10 -29.75
N ASN A 505 -0.18 15.12 -29.58
CA ASN A 505 -0.75 15.22 -28.26
C ASN A 505 -0.47 13.95 -27.46
N ILE A 506 -0.37 12.81 -28.17
CA ILE A 506 -0.07 11.55 -27.50
C ILE A 506 1.40 11.60 -27.11
N LYS A 507 2.26 12.04 -28.03
CA LYS A 507 3.68 12.16 -27.74
C LYS A 507 3.96 13.01 -26.50
N CYS A 508 3.26 14.17 -26.37
CA CYS A 508 3.41 15.06 -25.23
C CYS A 508 2.93 14.39 -23.95
N SER A 509 1.80 13.70 -24.03
CA SER A 509 1.24 13.03 -22.86
C SER A 509 2.15 11.91 -22.36
N GLN A 510 2.80 11.23 -23.29
CA GLN A 510 3.67 10.11 -22.96
C GLN A 510 5.13 10.52 -22.76
N LEU A 511 5.43 11.81 -22.91
CA LEU A 511 6.80 12.30 -22.80
C LEU A 511 7.72 11.50 -23.72
N THR A 512 7.19 11.12 -24.89
CA THR A 512 7.92 10.29 -25.83
C THR A 512 7.85 10.85 -27.24
N ALA A 513 9.00 11.13 -27.84
CA ALA A 513 9.00 11.70 -29.19
C ALA A 513 8.87 10.61 -30.25
N ASN A 514 9.03 9.35 -29.83
CA ASN A 514 9.00 8.19 -30.69
C ASN A 514 8.16 7.09 -30.05
N LEU A 515 6.88 7.02 -30.40
CA LEU A 515 5.97 6.11 -29.74
C LEU A 515 6.16 4.67 -30.20
N GLN A 516 6.10 3.73 -29.25
CA GLN A 516 6.13 2.31 -29.58
C GLN A 516 4.75 1.91 -30.05
N ASN A 517 4.67 0.86 -30.85
CA ASN A 517 3.37 0.42 -31.32
C ASN A 517 2.50 -0.05 -30.16
N GLY A 518 1.23 0.37 -30.16
CA GLY A 518 0.33 -0.03 -29.10
C GLY A 518 -0.95 0.79 -29.06
N PHE A 519 -1.71 0.65 -27.98
CA PHE A 519 -2.96 1.38 -27.80
C PHE A 519 -2.79 2.44 -26.74
N TYR A 520 -3.34 3.63 -26.98
CA TYR A 520 -3.22 4.74 -26.04
C TYR A 520 -4.57 5.39 -25.73
N PRO A 521 -4.94 5.57 -24.46
CA PRO A 521 -6.13 6.29 -24.05
C PRO A 521 -6.07 7.74 -24.51
N VAL A 522 -7.13 8.19 -25.16
CA VAL A 522 -7.28 9.55 -25.60
C VAL A 522 -8.69 10.04 -25.29
N ALA A 523 -8.91 11.35 -25.37
CA ALA A 523 -10.29 11.82 -25.30
C ALA A 523 -10.88 11.70 -26.70
N SER A 524 -12.13 11.29 -26.79
CA SER A 524 -12.78 11.17 -28.09
C SER A 524 -13.05 12.53 -28.71
N SER A 525 -13.11 13.57 -27.87
CA SER A 525 -13.39 14.93 -28.33
C SER A 525 -13.06 15.96 -27.28
N GLU A 526 -13.08 17.23 -27.69
CA GLU A 526 -12.97 18.37 -26.80
C GLU A 526 -14.24 19.20 -26.89
N VAL A 527 -14.50 19.97 -25.83
CA VAL A 527 -15.68 20.84 -25.83
C VAL A 527 -15.27 22.27 -25.52
N GLY A 528 -16.17 23.20 -25.81
CA GLY A 528 -15.99 24.61 -25.48
C GLY A 528 -17.00 25.43 -26.27
N LEU A 529 -17.63 26.39 -25.60
CA LEU A 529 -18.67 27.26 -26.15
C LEU A 529 -19.96 26.44 -26.23
N VAL A 530 -20.75 26.53 -25.15
CA VAL A 530 -22.00 25.78 -25.04
C VAL A 530 -23.13 26.67 -24.52
N ASN A 531 -24.39 26.25 -24.72
CA ASN A 531 -25.57 26.85 -24.10
C ASN A 531 -25.57 26.49 -22.61
N LYS A 532 -26.13 27.34 -21.74
CA LYS A 532 -26.34 27.02 -20.33
C LYS A 532 -27.77 26.56 -20.05
N SER A 533 -27.89 25.50 -19.25
CA SER A 533 -29.20 24.95 -18.88
C SER A 533 -29.39 25.00 -17.38
N VAL A 534 -30.46 25.64 -16.95
CA VAL A 534 -30.72 25.77 -15.53
C VAL A 534 -32.09 25.23 -15.14
N VAL A 535 -32.09 24.31 -14.20
CA VAL A 535 -33.32 23.73 -13.71
C VAL A 535 -33.42 23.91 -12.19
N LEU A 536 -34.46 24.60 -11.77
CA LEU A 536 -34.70 24.87 -10.36
C LEU A 536 -36.14 24.60 -10.03
N LEU A 537 -36.41 24.24 -8.78
CA LEU A 537 -37.79 24.03 -8.37
C LEU A 537 -38.51 25.37 -8.43
N PRO A 538 -39.81 25.39 -8.75
CA PRO A 538 -40.64 26.58 -8.90
C PRO A 538 -40.82 27.34 -7.60
N SER A 539 -40.95 28.65 -7.73
CA SER A 539 -41.15 29.57 -6.62
C SER A 539 -41.76 30.86 -7.11
N PHE A 540 -42.05 31.77 -6.19
CA PHE A 540 -42.54 33.08 -6.57
C PHE A 540 -41.42 33.94 -7.11
N PHE A 541 -41.72 34.74 -8.11
CA PHE A 541 -40.73 35.71 -8.56
C PHE A 541 -40.74 36.90 -7.63
N ALA A 542 -39.59 37.17 -7.04
CA ALA A 542 -39.40 38.23 -6.09
C ALA A 542 -37.93 38.64 -6.12
N HIS A 543 -37.61 39.61 -6.97
CA HIS A 543 -36.22 39.95 -7.26
C HIS A 543 -35.73 41.28 -6.69
N THR A 544 -34.56 41.23 -6.04
CA THR A 544 -33.92 42.41 -5.46
C THR A 544 -32.57 42.75 -6.06
N THR A 545 -32.40 44.02 -6.38
CA THR A 545 -31.12 44.55 -6.83
C THR A 545 -30.38 45.13 -5.64
N VAL A 546 -29.14 44.69 -5.46
CA VAL A 546 -28.31 45.10 -4.34
C VAL A 546 -27.13 45.93 -4.86
N ASN A 547 -27.19 47.26 -4.69
CA ASN A 547 -26.18 48.21 -5.16
C ASN A 547 -25.21 48.62 -4.06
N ILE A 548 -24.00 48.07 -4.09
CA ILE A 548 -22.94 48.36 -3.12
C ILE A 548 -22.08 49.49 -3.66
N THR A 549 -21.98 50.57 -2.91
CA THR A 549 -21.19 51.70 -3.37
C THR A 549 -19.93 51.81 -2.55
N ILE A 550 -18.80 51.82 -3.24
CA ILE A 550 -17.52 51.92 -2.56
C ILE A 550 -16.81 53.20 -2.95
N ASP A 551 -16.52 54.01 -1.93
CA ASP A 551 -15.87 55.28 -2.11
C ASP A 551 -14.41 55.18 -1.73
N LEU A 552 -13.54 55.19 -2.73
CA LEU A 552 -12.11 55.00 -2.54
C LEU A 552 -11.39 56.31 -2.32
N GLY A 553 -10.54 56.35 -1.31
CA GLY A 553 -9.72 57.52 -1.05
C GLY A 553 -8.29 57.31 -1.54
N MET A 554 -7.87 58.11 -2.52
CA MET A 554 -6.53 57.92 -3.06
C MET A 554 -5.60 59.11 -2.81
N LYS A 555 -4.37 58.82 -2.43
CA LYS A 555 -3.34 59.81 -2.19
C LYS A 555 -2.03 59.30 -2.75
N ARG A 556 -1.10 60.21 -3.04
CA ARG A 556 0.24 59.79 -3.54
C ARG A 556 1.15 59.59 -2.32
N SER A 557 2.24 58.83 -2.48
CA SER A 557 3.20 58.67 -1.36
C SER A 557 4.40 59.45 -1.89
N GLY A 558 5.46 59.57 -1.09
CA GLY A 558 6.68 60.28 -1.50
C GLY A 558 7.36 59.85 -2.79
N TYR A 559 7.26 58.56 -3.15
CA TYR A 559 7.97 58.03 -4.34
C TYR A 559 7.03 58.42 -5.49
N GLY A 560 5.75 58.68 -5.18
CA GLY A 560 4.79 59.12 -6.22
C GLY A 560 3.79 58.03 -6.57
N GLN A 561 4.07 56.78 -6.17
CA GLN A 561 3.12 55.67 -6.42
C GLN A 561 1.83 55.93 -5.62
N PRO A 562 0.66 55.42 -6.05
CA PRO A 562 -0.56 55.64 -5.28
C PRO A 562 -0.61 54.80 -4.00
N ILE A 563 -1.29 55.35 -2.99
CA ILE A 563 -1.64 54.63 -1.76
C ILE A 563 -3.15 54.71 -1.56
N ALA A 564 -3.78 53.58 -1.29
CA ALA A 564 -5.20 53.58 -1.06
C ALA A 564 -5.49 53.72 0.43
N SER A 565 -6.35 54.67 0.77
CA SER A 565 -6.67 55.00 2.15
C SER A 565 -7.55 53.96 2.84
N PRO A 566 -7.28 53.65 4.13
CA PRO A 566 -8.06 52.79 5.00
C PRO A 566 -9.36 53.46 5.42
N LEU A 567 -9.51 54.73 5.01
CA LEU A 567 -10.69 55.52 5.34
C LEU A 567 -11.75 55.38 4.26
N SER A 568 -11.50 54.55 3.25
CA SER A 568 -12.47 54.37 2.19
C SER A 568 -13.75 53.82 2.83
N ASN A 569 -14.92 54.20 2.27
CA ASN A 569 -16.23 53.87 2.84
C ASN A 569 -16.99 52.85 1.97
N ILE A 570 -17.78 51.98 2.65
CA ILE A 570 -18.68 51.01 2.01
C ILE A 570 -20.11 51.34 2.40
N THR A 571 -20.95 51.56 1.41
CA THR A 571 -22.35 51.82 1.67
C THR A 571 -23.21 50.70 1.10
N LEU A 572 -24.01 50.08 1.95
CA LEU A 572 -24.86 48.99 1.54
C LEU A 572 -26.20 49.60 1.17
N PRO A 573 -27.09 48.90 0.43
CA PRO A 573 -28.43 49.42 0.21
C PRO A 573 -29.02 49.62 1.61
N MET A 574 -29.98 50.54 1.77
CA MET A 574 -30.55 50.83 3.11
C MET A 574 -31.59 49.78 3.49
N GLN A 575 -31.54 49.27 4.73
CA GLN A 575 -32.53 48.25 5.19
C GLN A 575 -32.87 48.46 6.66
N ASP A 576 -34.16 48.58 7.00
CA ASP A 576 -34.60 48.75 8.41
C ASP A 576 -33.96 49.99 9.02
N ASN A 577 -34.05 51.14 8.34
CA ASN A 577 -33.50 52.41 8.86
C ASN A 577 -31.97 52.36 8.87
N ASN A 578 -31.39 51.44 9.65
CA ASN A 578 -29.90 51.31 9.72
C ASN A 578 -29.38 50.85 8.35
N THR A 579 -28.07 51.00 8.13
CA THR A 579 -27.46 50.57 6.84
C THR A 579 -26.33 49.57 7.12
N ASP A 580 -25.56 49.81 8.19
CA ASP A 580 -24.44 48.92 8.58
C ASP A 580 -24.68 47.50 8.05
N VAL A 581 -25.88 46.95 8.28
CA VAL A 581 -26.21 45.59 7.85
C VAL A 581 -27.21 45.57 6.68
N TYR A 582 -27.06 44.61 5.76
CA TYR A 582 -28.03 44.38 4.67
C TYR A 582 -28.25 42.87 4.47
N CYS A 583 -29.51 42.45 4.27
CA CYS A 583 -29.84 41.01 4.07
C CYS A 583 -30.75 40.82 2.85
N ILE A 584 -30.60 39.63 2.24
CA ILE A 584 -31.50 39.29 1.16
C ILE A 584 -32.80 38.77 1.77
N ARG A 585 -33.92 39.42 1.44
CA ARG A 585 -35.22 39.05 1.96
C ARG A 585 -36.19 38.93 0.80
N SER A 586 -35.69 38.31 -0.23
CA SER A 586 -36.36 38.12 -1.49
C SER A 586 -36.04 36.70 -1.94
N ASN A 587 -36.58 36.27 -3.07
CA ASN A 587 -36.27 34.92 -3.50
C ASN A 587 -35.09 34.92 -4.44
N GLN A 588 -34.96 36.01 -5.19
CA GLN A 588 -33.91 36.14 -6.18
C GLN A 588 -33.18 37.45 -5.96
N PHE A 589 -31.91 37.49 -6.26
CA PHE A 589 -31.22 38.77 -6.16
C PHE A 589 -30.03 38.87 -7.09
N SER A 590 -29.58 40.10 -7.32
CA SER A 590 -28.36 40.38 -8.07
C SER A 590 -27.51 41.42 -7.36
N ILE A 591 -26.19 41.21 -7.30
CA ILE A 591 -25.35 42.17 -6.59
C ILE A 591 -24.35 42.84 -7.51
N TYR A 592 -24.28 44.16 -7.39
CA TYR A 592 -23.36 44.96 -8.20
C TYR A 592 -22.49 45.87 -7.37
N VAL A 593 -21.28 46.14 -7.85
CA VAL A 593 -20.39 47.07 -7.19
C VAL A 593 -20.17 48.30 -8.04
N HIS A 594 -20.48 49.44 -7.45
CA HIS A 594 -20.35 50.72 -8.11
C HIS A 594 -19.14 51.45 -7.54
N SER A 595 -18.16 51.67 -8.40
CA SER A 595 -16.89 52.23 -7.97
C SER A 595 -16.78 53.73 -8.10
N THR A 596 -16.55 54.41 -6.98
CA THR A 596 -16.36 55.85 -6.94
C THR A 596 -14.97 56.21 -6.38
N CYS A 597 -14.18 57.07 -7.07
CA CYS A 597 -12.87 57.47 -6.70
C CYS A 597 -12.76 58.93 -6.30
N LYS A 598 -12.20 59.28 -5.19
CA LYS A 598 -11.90 60.66 -4.85
C LYS A 598 -10.48 60.77 -4.28
N SER A 599 -9.76 61.86 -4.59
CA SER A 599 -8.40 62.03 -4.08
C SER A 599 -8.26 63.12 -3.03
N SER A 600 -7.14 63.09 -2.32
CA SER A 600 -6.86 64.11 -1.27
C SER A 600 -5.85 65.08 -0.65
N LEU A 601 -4.55 64.85 -0.87
CA LEU A 601 -3.52 65.80 -0.38
C LEU A 601 -2.97 64.82 0.65
N TRP A 602 -2.73 65.27 1.87
CA TRP A 602 -2.29 64.36 2.96
C TRP A 602 -3.06 64.71 4.23
N ASP A 603 -4.03 65.61 4.11
CA ASP A 603 -4.88 65.98 5.28
C ASP A 603 -6.15 65.13 5.25
N ASN A 604 -6.17 64.09 4.41
CA ASN A 604 -7.37 63.20 4.30
C ASN A 604 -8.58 64.04 3.90
N VAL A 605 -8.43 64.92 2.91
CA VAL A 605 -9.56 65.75 2.41
C VAL A 605 -9.99 65.21 1.05
N PHE A 606 -10.93 64.27 1.01
CA PHE A 606 -11.28 63.64 -0.25
C PHE A 606 -12.30 64.48 -1.01
N ASN A 607 -11.83 65.60 -1.53
CA ASN A 607 -12.63 66.55 -2.29
C ASN A 607 -12.05 66.85 -3.67
N GLN A 608 -11.11 66.02 -4.11
CA GLN A 608 -10.49 66.20 -5.43
C GLN A 608 -10.85 65.04 -6.34
N ASP A 609 -10.78 65.26 -7.65
CA ASP A 609 -10.99 64.16 -8.58
C ASP A 609 -9.73 63.31 -8.70
N CYS A 610 -9.89 62.03 -9.07
CA CYS A 610 -8.77 61.13 -9.35
C CYS A 610 -8.42 61.32 -10.82
N THR A 611 -7.12 61.29 -11.12
CA THR A 611 -6.62 61.42 -12.51
C THR A 611 -5.22 60.82 -12.55
N ASP A 612 -4.55 60.87 -13.70
CA ASP A 612 -3.14 60.39 -13.78
C ASP A 612 -3.03 58.97 -13.21
N VAL A 613 -2.54 58.84 -11.98
CA VAL A 613 -2.30 57.49 -11.40
C VAL A 613 -3.32 57.21 -10.30
N LEU A 614 -3.77 58.23 -9.57
CA LEU A 614 -4.68 57.99 -8.42
C LEU A 614 -6.04 57.47 -8.93
N GLU A 615 -6.09 56.98 -10.17
CA GLU A 615 -7.31 56.39 -10.71
C GLU A 615 -7.45 54.99 -10.14
N ALA A 616 -8.61 54.68 -9.57
CA ALA A 616 -8.78 53.36 -8.98
C ALA A 616 -10.19 52.83 -9.15
N THR A 617 -10.30 51.53 -9.32
CA THR A 617 -11.59 50.84 -9.43
C THR A 617 -11.82 49.96 -8.21
N ALA A 618 -12.98 50.11 -7.59
CA ALA A 618 -13.30 49.29 -6.44
C ALA A 618 -13.68 47.90 -6.89
N VAL A 619 -13.00 46.90 -6.36
CA VAL A 619 -13.29 45.52 -6.70
C VAL A 619 -13.40 44.69 -5.43
N ILE A 620 -14.17 43.60 -5.49
CA ILE A 620 -14.27 42.74 -4.34
C ILE A 620 -13.66 41.38 -4.64
N LYS A 621 -12.80 40.92 -3.72
CA LYS A 621 -12.10 39.62 -3.88
C LYS A 621 -12.75 38.56 -2.98
N THR A 622 -12.25 37.32 -3.01
CA THR A 622 -12.87 36.21 -2.23
C THR A 622 -12.52 36.30 -0.74
N GLY A 623 -11.26 36.56 -0.40
CA GLY A 623 -10.86 36.53 1.01
C GLY A 623 -10.99 35.15 1.62
N THR A 624 -11.87 34.97 2.60
CA THR A 624 -12.01 33.71 3.31
C THR A 624 -13.33 32.94 3.00
N CYS A 625 -14.14 33.43 2.05
CA CYS A 625 -15.43 32.84 1.68
C CYS A 625 -15.23 31.69 0.69
N PRO A 626 -16.07 30.64 0.75
CA PRO A 626 -16.12 29.52 -0.17
C PRO A 626 -16.92 29.85 -1.43
N PHE A 627 -16.87 31.11 -1.82
CA PHE A 627 -17.48 31.65 -3.01
C PHE A 627 -16.87 32.99 -3.33
N SER A 628 -16.88 33.34 -4.59
CA SER A 628 -16.41 34.62 -5.04
C SER A 628 -17.54 35.58 -5.20
N PHE A 629 -17.27 36.83 -4.91
CA PHE A 629 -18.26 37.86 -5.00
C PHE A 629 -18.91 37.92 -6.38
N ASP A 630 -18.08 37.87 -7.41
CA ASP A 630 -18.57 37.99 -8.78
C ASP A 630 -19.39 36.78 -9.24
N LYS A 631 -19.31 35.66 -8.53
CA LYS A 631 -20.02 34.44 -8.90
C LYS A 631 -21.37 34.37 -8.22
N LEU A 632 -21.70 35.36 -7.39
CA LEU A 632 -22.97 35.36 -6.68
C LEU A 632 -24.11 35.66 -7.62
N ASN A 633 -23.77 36.06 -8.85
CA ASN A 633 -24.74 36.38 -9.88
C ASN A 633 -24.93 35.19 -10.83
N ASN A 634 -24.48 34.03 -10.41
CA ASN A 634 -24.73 32.79 -11.13
C ASN A 634 -25.99 32.24 -10.52
N HIS A 635 -25.99 30.98 -10.10
CA HIS A 635 -27.17 30.41 -9.49
C HIS A 635 -26.82 29.75 -8.18
N LEU A 636 -26.03 30.45 -7.38
CA LEU A 636 -25.66 29.99 -6.06
C LEU A 636 -26.87 30.15 -5.18
N THR A 637 -27.11 29.19 -4.31
CA THR A 637 -28.25 29.32 -3.45
C THR A 637 -27.89 29.29 -1.98
N PHE A 638 -28.72 29.94 -1.19
CA PHE A 638 -28.59 30.10 0.24
C PHE A 638 -29.94 30.01 0.95
N ASN A 639 -29.93 29.69 2.24
CA ASN A 639 -31.14 29.91 3.02
C ASN A 639 -31.08 31.31 3.60
N LYS A 640 -29.86 31.76 3.88
CA LYS A 640 -29.59 33.09 4.41
C LYS A 640 -28.36 33.68 3.75
N PHE A 641 -28.39 34.99 3.51
CA PHE A 641 -27.22 35.71 3.02
C PHE A 641 -27.32 37.19 3.39
N CYS A 642 -26.38 37.67 4.23
CA CYS A 642 -26.30 39.05 4.72
C CYS A 642 -24.90 39.61 4.59
N LEU A 643 -24.82 40.89 4.29
CA LEU A 643 -23.56 41.62 4.27
C LEU A 643 -23.50 42.53 5.49
N SER A 644 -22.31 42.70 6.04
CA SER A 644 -22.17 43.53 7.22
C SER A 644 -20.85 44.29 7.28
N LEU A 645 -20.87 45.42 7.94
CA LEU A 645 -19.67 46.20 8.13
C LEU A 645 -19.07 45.98 9.52
N SER A 646 -19.58 44.98 10.25
CA SER A 646 -19.13 44.66 11.61
C SER A 646 -19.06 43.14 11.84
N PRO A 647 -17.85 42.60 12.15
CA PRO A 647 -17.66 41.15 12.28
C PRO A 647 -18.30 40.51 13.52
N VAL A 648 -19.63 40.52 13.58
CA VAL A 648 -20.34 39.85 14.71
C VAL A 648 -21.27 38.82 14.10
N GLY A 649 -20.91 37.54 14.19
CA GLY A 649 -21.72 36.49 13.56
C GLY A 649 -21.19 36.16 12.17
N ALA A 650 -20.37 37.04 11.61
CA ALA A 650 -19.76 36.73 10.32
C ALA A 650 -19.28 35.30 10.22
N ASN A 651 -19.50 34.70 9.05
CA ASN A 651 -19.01 33.37 8.74
C ASN A 651 -17.71 33.42 7.93
N CYS A 652 -17.59 34.44 7.07
CA CYS A 652 -16.43 34.69 6.22
C CYS A 652 -16.39 36.16 5.87
N LYS A 653 -15.30 36.60 5.26
CA LYS A 653 -15.21 37.99 4.80
C LYS A 653 -14.63 38.10 3.38
N PHE A 654 -15.06 39.13 2.68
CA PHE A 654 -14.53 39.51 1.37
C PHE A 654 -13.50 40.64 1.53
N ASP A 655 -12.52 40.67 0.64
CA ASP A 655 -11.51 41.72 0.67
C ASP A 655 -11.81 42.81 -0.36
N VAL A 656 -12.02 44.03 0.11
CA VAL A 656 -12.35 45.15 -0.77
C VAL A 656 -11.08 45.90 -1.10
N ALA A 657 -10.77 46.02 -2.39
CA ALA A 657 -9.51 46.62 -2.80
C ALA A 657 -9.66 47.68 -3.88
N ALA A 658 -8.66 48.56 -3.91
CA ALA A 658 -8.52 49.59 -4.91
C ALA A 658 -7.59 49.12 -6.01
N ARG A 659 -8.14 48.81 -7.17
CA ARG A 659 -7.36 48.30 -8.28
C ARG A 659 -6.92 49.44 -9.18
N THR A 660 -5.62 49.62 -9.35
CA THR A 660 -5.08 50.70 -10.14
C THR A 660 -4.43 50.12 -11.40
N ARG A 661 -3.73 50.96 -12.15
CA ARG A 661 -3.11 50.51 -13.41
C ARG A 661 -2.23 49.28 -13.22
N THR A 662 -1.57 49.17 -12.07
CA THR A 662 -0.66 48.07 -11.77
C THR A 662 -1.09 47.33 -10.51
N ASN A 663 -0.73 47.90 -9.36
CA ASN A 663 -0.96 47.34 -8.04
C ASN A 663 -2.42 47.35 -7.59
N GLU A 664 -2.83 46.29 -6.90
CA GLU A 664 -4.17 46.20 -6.30
C GLU A 664 -4.02 46.08 -4.79
N GLN A 665 -4.60 47.02 -4.05
CA GLN A 665 -4.41 47.04 -2.58
C GLN A 665 -5.71 47.12 -1.78
N VAL A 666 -5.76 46.38 -0.67
CA VAL A 666 -6.95 46.29 0.17
C VAL A 666 -7.17 47.50 1.05
N VAL A 667 -8.40 48.00 1.04
CA VAL A 667 -8.77 49.16 1.84
C VAL A 667 -9.74 48.81 2.97
N ARG A 668 -10.63 47.86 2.71
CA ARG A 668 -11.68 47.51 3.67
C ARG A 668 -12.05 46.04 3.59
N SER A 669 -12.68 45.53 4.64
CA SER A 669 -13.23 44.18 4.60
C SER A 669 -14.73 44.23 4.72
N LEU A 670 -15.40 43.36 3.97
CA LEU A 670 -16.85 43.24 3.98
C LEU A 670 -17.25 41.89 4.55
N TYR A 671 -18.05 41.88 5.60
CA TYR A 671 -18.35 40.64 6.29
C TYR A 671 -19.57 39.95 5.75
N VAL A 672 -19.50 38.63 5.66
CA VAL A 672 -20.60 37.86 5.10
C VAL A 672 -21.13 36.84 6.10
N ILE A 673 -22.43 36.86 6.27
CA ILE A 673 -23.16 35.92 7.12
C ILE A 673 -24.04 35.08 6.22
N TYR A 674 -23.91 33.76 6.28
CA TYR A 674 -24.71 32.96 5.38
C TYR A 674 -24.98 31.58 5.92
N GLU A 675 -26.01 30.96 5.36
CA GLU A 675 -26.33 29.58 5.66
C GLU A 675 -26.62 28.88 4.34
N GLU A 676 -25.90 27.79 4.07
CA GLU A 676 -26.08 27.07 2.81
C GLU A 676 -27.48 26.49 2.76
N GLY A 677 -28.09 26.51 1.58
CA GLY A 677 -29.46 26.05 1.43
C GLY A 677 -30.01 26.37 0.06
N ASP A 678 -31.34 26.50 -0.06
CA ASP A 678 -31.94 26.71 -1.37
C ASP A 678 -33.10 27.71 -1.45
N ASN A 679 -33.40 28.45 -0.38
CA ASN A 679 -34.53 29.37 -0.43
C ASN A 679 -34.28 30.59 -1.34
N ILE A 680 -33.03 31.03 -1.37
CA ILE A 680 -32.60 32.22 -2.09
C ILE A 680 -31.65 31.87 -3.22
N VAL A 681 -31.91 32.38 -4.41
CA VAL A 681 -31.00 32.11 -5.53
C VAL A 681 -30.49 33.40 -6.17
N GLY A 682 -29.19 33.48 -6.40
CA GLY A 682 -28.66 34.64 -7.11
C GLY A 682 -29.02 34.46 -8.57
N VAL A 683 -29.20 35.55 -9.29
CA VAL A 683 -29.46 35.44 -10.72
C VAL A 683 -28.62 36.46 -11.48
N PRO A 684 -28.27 36.19 -12.74
CA PRO A 684 -27.57 37.11 -13.63
C PRO A 684 -28.35 38.39 -14.00
N SER A 685 -29.70 38.33 -13.95
CA SER A 685 -30.58 39.45 -14.23
C SER A 685 -31.62 39.61 -13.12
N LEU A 693 -35.18 30.50 -12.85
CA LEU A 693 -35.47 30.19 -14.28
C LEU A 693 -35.29 28.68 -14.51
N SER A 694 -35.87 28.16 -15.59
CA SER A 694 -35.70 26.73 -15.93
C SER A 694 -35.56 26.58 -17.46
N VAL A 695 -34.42 26.98 -18.00
CA VAL A 695 -34.15 26.81 -19.45
C VAL A 695 -33.36 25.50 -19.63
N LEU A 696 -33.96 24.52 -20.31
CA LEU A 696 -33.26 23.25 -20.55
C LEU A 696 -33.03 22.98 -22.02
N HIS A 697 -31.76 22.77 -22.39
CA HIS A 697 -31.39 22.51 -23.78
C HIS A 697 -31.11 21.02 -24.01
N LEU A 698 -31.96 20.37 -24.80
CA LEU A 698 -31.87 18.93 -25.00
C LEU A 698 -31.15 18.53 -26.28
N ASP A 699 -30.63 17.30 -26.26
CA ASP A 699 -29.96 16.66 -27.39
C ASP A 699 -28.79 17.46 -27.95
N SER A 700 -28.06 18.10 -27.05
CA SER A 700 -26.89 18.87 -27.37
C SER A 700 -26.02 18.95 -26.12
N CYS A 701 -24.73 19.34 -26.29
CA CYS A 701 -23.82 19.48 -25.16
C CYS A 701 -24.05 20.83 -24.48
N THR A 702 -24.29 20.76 -23.16
CA THR A 702 -24.64 21.94 -22.39
C THR A 702 -23.94 22.01 -21.03
N ASP A 703 -23.78 23.24 -20.54
CA ASP A 703 -23.27 23.52 -19.21
C ASP A 703 -24.46 23.66 -18.29
N TYR A 704 -24.72 22.65 -17.47
CA TYR A 704 -25.95 22.64 -16.70
C TYR A 704 -25.78 22.91 -15.21
N ASN A 705 -26.86 23.38 -14.61
CA ASN A 705 -27.04 23.52 -13.18
C ASN A 705 -28.42 23.02 -12.83
N ILE A 706 -28.49 21.77 -12.37
CA ILE A 706 -29.76 21.11 -12.12
C ILE A 706 -29.95 20.81 -10.65
N TYR A 707 -30.86 21.52 -10.04
CA TYR A 707 -31.14 21.40 -8.61
C TYR A 707 -29.86 21.49 -7.79
N GLY A 708 -28.96 22.39 -8.18
CA GLY A 708 -27.72 22.61 -7.45
C GLY A 708 -26.51 21.80 -7.96
N ARG A 709 -26.74 20.84 -8.85
CA ARG A 709 -25.67 20.00 -9.37
C ARG A 709 -25.14 20.55 -10.68
N THR A 710 -23.85 20.89 -10.78
CA THR A 710 -23.41 21.44 -12.04
C THR A 710 -22.44 20.52 -12.78
N GLY A 711 -22.30 20.75 -14.08
CA GLY A 711 -21.37 19.99 -14.91
C GLY A 711 -21.69 20.14 -16.40
N VAL A 712 -20.98 19.40 -17.24
CA VAL A 712 -21.18 19.46 -18.69
C VAL A 712 -21.58 18.11 -19.24
N GLY A 713 -22.63 18.10 -20.05
CA GLY A 713 -23.10 16.84 -20.60
C GLY A 713 -24.26 17.03 -21.55
N VAL A 714 -24.79 15.92 -22.01
CA VAL A 714 -25.90 15.92 -22.95
C VAL A 714 -27.12 15.41 -22.22
N ILE A 715 -28.19 16.18 -22.26
CA ILE A 715 -29.39 15.81 -21.53
C ILE A 715 -30.46 15.37 -22.51
N ARG A 716 -31.01 14.19 -22.29
CA ARG A 716 -32.01 13.65 -23.19
C ARG A 716 -33.24 13.17 -22.44
N GLN A 717 -34.38 13.25 -23.10
CA GLN A 717 -35.60 12.73 -22.50
C GLN A 717 -35.63 11.23 -22.63
N THR A 718 -35.99 10.54 -21.55
CA THR A 718 -36.10 9.08 -21.61
C THR A 718 -37.57 8.69 -21.52
N ASN A 719 -37.87 7.42 -21.80
CA ASN A 719 -39.22 6.84 -21.66
C ASN A 719 -39.32 5.95 -20.40
N SER A 720 -38.34 6.06 -19.48
CA SER A 720 -38.27 5.29 -18.23
C SER A 720 -39.21 5.86 -17.20
N THR A 721 -39.52 5.06 -16.18
CA THR A 721 -40.31 5.55 -15.06
C THR A 721 -39.67 5.23 -13.73
N LEU A 722 -39.52 6.25 -12.90
CA LEU A 722 -39.07 6.08 -11.53
C LEU A 722 -40.00 6.89 -10.66
N LEU A 723 -40.69 6.22 -9.75
CA LEU A 723 -41.73 6.88 -8.98
C LEU A 723 -41.18 7.81 -7.92
N SER A 724 -40.11 7.40 -7.28
CA SER A 724 -39.55 8.16 -6.18
C SER A 724 -38.39 9.05 -6.58
N GLY A 725 -38.23 10.14 -5.83
CA GLY A 725 -37.07 10.98 -5.96
C GLY A 725 -37.21 12.14 -6.92
N LEU A 726 -36.24 13.05 -6.86
CA LEU A 726 -36.18 14.19 -7.74
C LEU A 726 -35.01 14.06 -8.71
N TYR A 727 -33.90 13.52 -8.23
CA TYR A 727 -32.74 13.32 -9.09
C TYR A 727 -31.94 12.11 -8.66
N TYR A 728 -31.14 11.59 -9.58
CA TYR A 728 -30.40 10.36 -9.36
C TYR A 728 -28.93 10.56 -9.70
N THR A 729 -28.06 10.04 -8.84
CA THR A 729 -26.62 10.18 -9.01
C THR A 729 -25.90 8.84 -8.97
N SER A 730 -24.65 8.88 -9.40
CA SER A 730 -23.73 7.75 -9.39
C SER A 730 -22.92 7.63 -8.11
N LEU A 731 -22.20 6.53 -8.00
CA LEU A 731 -21.27 6.25 -6.91
C LEU A 731 -20.16 7.30 -6.80
N SER A 732 -19.79 7.92 -7.92
CA SER A 732 -18.78 8.97 -7.91
C SER A 732 -19.35 10.34 -7.54
N GLY A 733 -20.68 10.43 -7.40
CA GLY A 733 -21.35 11.68 -7.06
C GLY A 733 -21.89 12.46 -8.27
N ASP A 734 -21.63 11.96 -9.47
CA ASP A 734 -22.06 12.60 -10.70
C ASP A 734 -23.55 12.43 -10.95
N LEU A 735 -24.14 13.41 -11.65
CA LEU A 735 -25.56 13.36 -11.97
C LEU A 735 -25.83 12.41 -13.14
N LEU A 736 -26.74 11.46 -12.95
CA LEU A 736 -27.07 10.52 -14.01
C LEU A 736 -28.43 10.79 -14.64
N GLY A 737 -29.30 11.46 -13.91
CA GLY A 737 -30.63 11.77 -14.43
C GLY A 737 -31.45 12.57 -13.45
N PHE A 738 -32.57 13.10 -13.91
CA PHE A 738 -33.44 13.88 -13.04
C PHE A 738 -34.88 13.85 -13.49
N LYS A 739 -35.78 14.21 -12.59
CA LYS A 739 -37.20 14.26 -12.90
C LYS A 739 -37.69 15.70 -13.10
N ASN A 740 -38.60 15.91 -14.08
CA ASN A 740 -39.33 17.14 -14.26
C ASN A 740 -40.59 17.10 -13.39
N VAL A 741 -40.62 17.86 -12.29
CA VAL A 741 -41.68 17.83 -11.28
C VAL A 741 -43.06 18.22 -11.81
N SER A 742 -43.12 18.79 -13.00
CA SER A 742 -44.39 19.19 -13.56
C SER A 742 -45.14 18.06 -14.25
N ASP A 743 -44.44 17.00 -14.67
CA ASP A 743 -45.14 15.92 -15.38
C ASP A 743 -44.57 14.51 -15.17
N GLY A 744 -43.50 14.37 -14.41
CA GLY A 744 -42.95 13.06 -14.08
C GLY A 744 -41.94 12.54 -15.12
N VAL A 745 -41.59 13.35 -16.11
CA VAL A 745 -40.64 12.91 -17.12
C VAL A 745 -39.23 12.79 -16.59
N ILE A 746 -38.58 11.68 -16.91
CA ILE A 746 -37.21 11.41 -16.51
C ILE A 746 -36.25 11.78 -17.61
N TYR A 747 -35.22 12.52 -17.27
CA TYR A 747 -34.16 12.91 -18.19
C TYR A 747 -32.88 12.20 -17.82
N SER A 748 -32.09 11.82 -18.81
CA SER A 748 -30.80 11.22 -18.53
C SER A 748 -29.70 12.21 -18.86
N VAL A 749 -28.58 12.11 -18.14
CA VAL A 749 -27.47 13.00 -18.40
C VAL A 749 -26.22 12.18 -18.67
N THR A 750 -25.56 12.40 -19.81
CA THR A 750 -24.35 11.67 -20.14
C THR A 750 -23.23 12.66 -20.47
N PRO A 751 -21.95 12.27 -20.38
CA PRO A 751 -20.81 13.06 -20.80
C PRO A 751 -20.87 13.40 -22.28
N CYS A 752 -20.33 14.57 -22.67
CA CYS A 752 -20.25 15.03 -24.06
C CYS A 752 -19.10 14.32 -24.77
N ASP A 753 -18.17 13.83 -23.97
CA ASP A 753 -16.94 13.21 -24.42
C ASP A 753 -16.63 11.98 -23.58
N VAL A 754 -16.07 10.97 -24.23
CA VAL A 754 -15.73 9.74 -23.55
C VAL A 754 -14.29 9.34 -23.82
N SER A 755 -13.79 8.39 -23.05
CA SER A 755 -12.47 7.84 -23.29
C SER A 755 -12.46 7.01 -24.57
N ALA A 756 -11.33 6.94 -25.23
CA ALA A 756 -11.20 6.11 -26.42
C ALA A 756 -9.80 5.53 -26.51
N GLN A 757 -9.65 4.41 -27.21
CA GLN A 757 -8.33 3.80 -27.36
C GLN A 757 -7.78 4.03 -28.75
N ALA A 758 -6.73 4.82 -28.86
CA ALA A 758 -6.14 5.10 -30.15
C ALA A 758 -5.18 3.99 -30.52
N ALA A 759 -5.30 3.47 -31.74
CA ALA A 759 -4.41 2.43 -32.24
C ALA A 759 -3.27 3.10 -32.98
N VAL A 760 -2.07 3.01 -32.42
CA VAL A 760 -0.93 3.69 -33.02
C VAL A 760 0.11 2.70 -33.55
N ILE A 761 0.36 2.79 -34.85
CA ILE A 761 1.32 1.93 -35.52
C ILE A 761 2.33 2.75 -36.30
N ASP A 762 3.60 2.56 -35.99
CA ASP A 762 4.71 3.24 -36.64
C ASP A 762 4.59 4.75 -36.62
N GLY A 763 4.16 5.29 -35.49
CA GLY A 763 4.08 6.73 -35.28
C GLY A 763 2.84 7.40 -35.86
N ALA A 764 1.76 6.67 -36.08
CA ALA A 764 0.56 7.27 -36.64
C ALA A 764 -0.69 6.62 -36.09
N ILE A 765 -1.78 7.37 -36.05
CA ILE A 765 -3.05 6.81 -35.62
C ILE A 765 -3.70 6.17 -36.82
N VAL A 766 -4.02 4.90 -36.72
CA VAL A 766 -4.61 4.17 -37.83
C VAL A 766 -6.05 3.79 -37.55
N GLY A 767 -6.49 4.09 -36.34
CA GLY A 767 -7.85 3.80 -35.93
C GLY A 767 -8.04 4.01 -34.44
N ALA A 768 -9.29 3.91 -33.99
CA ALA A 768 -9.59 4.07 -32.58
C ALA A 768 -10.86 3.34 -32.17
N MET A 769 -10.89 2.94 -30.90
CA MET A 769 -12.03 2.24 -30.31
C MET A 769 -12.85 3.25 -29.52
N THR A 770 -14.13 3.42 -29.87
CA THR A 770 -14.96 4.40 -29.18
C THR A 770 -16.39 3.92 -28.93
N SER A 771 -17.05 4.52 -27.95
CA SER A 771 -18.44 4.20 -27.69
C SER A 771 -19.40 5.13 -28.43
N ILE A 772 -18.90 6.26 -28.91
CA ILE A 772 -19.76 7.22 -29.60
C ILE A 772 -19.57 7.09 -31.09
N ASN A 773 -20.67 7.01 -31.82
CA ASN A 773 -20.58 6.90 -33.26
C ASN A 773 -20.34 8.27 -33.89
N SER A 774 -19.15 8.80 -33.68
CA SER A 774 -18.76 10.13 -34.16
C SER A 774 -17.28 10.17 -34.54
N GLU A 775 -16.97 10.94 -35.56
CA GLU A 775 -15.59 11.05 -36.03
C GLU A 775 -14.68 11.59 -34.94
N LEU A 776 -13.52 10.95 -34.78
CA LEU A 776 -12.53 11.35 -33.79
C LEU A 776 -11.13 11.19 -34.34
N LEU A 777 -10.21 12.05 -33.91
CA LEU A 777 -8.78 11.93 -34.24
C LEU A 777 -8.48 12.02 -35.74
N GLY A 778 -9.40 12.58 -36.51
CA GLY A 778 -9.19 12.75 -37.95
C GLY A 778 -9.58 11.50 -38.74
N LEU A 779 -10.13 10.51 -38.03
CA LEU A 779 -10.55 9.26 -38.64
C LEU A 779 -11.98 9.41 -39.13
N THR A 780 -12.21 9.10 -40.40
CA THR A 780 -13.53 9.28 -40.98
C THR A 780 -14.25 7.98 -41.36
N HIS A 781 -13.53 6.87 -41.46
CA HIS A 781 -14.16 5.64 -41.91
C HIS A 781 -14.48 4.82 -40.69
N TRP A 782 -15.52 4.01 -40.75
CA TRP A 782 -15.81 3.19 -39.58
C TRP A 782 -16.64 1.96 -39.85
N THR A 783 -16.57 1.05 -38.89
CA THR A 783 -17.36 -0.16 -38.86
C THR A 783 -17.86 -0.39 -37.46
N THR A 784 -18.91 -1.18 -37.34
CA THR A 784 -19.45 -1.48 -36.02
C THR A 784 -19.18 -2.92 -35.68
N THR A 785 -18.60 -3.09 -34.48
CA THR A 785 -18.31 -4.43 -33.93
C THR A 785 -19.26 -4.63 -32.75
N PRO A 786 -19.23 -5.79 -32.04
CA PRO A 786 -20.19 -6.07 -30.95
C PRO A 786 -20.14 -5.22 -29.67
N ASN A 787 -18.98 -4.69 -29.28
CA ASN A 787 -18.86 -3.98 -27.98
C ASN A 787 -18.36 -2.55 -28.17
N PHE A 788 -18.18 -2.11 -29.41
CA PHE A 788 -17.61 -0.78 -29.69
C PHE A 788 -17.72 -0.37 -31.17
N TYR A 789 -17.52 0.92 -31.42
CA TYR A 789 -17.40 1.40 -32.79
C TYR A 789 -15.93 1.51 -33.12
N TYR A 790 -15.56 1.17 -34.34
CA TYR A 790 -14.17 1.30 -34.71
C TYR A 790 -13.98 2.26 -35.85
N TYR A 791 -13.20 3.30 -35.59
CA TYR A 791 -12.88 4.31 -36.58
C TYR A 791 -11.52 4.04 -37.16
N SER A 792 -11.35 4.35 -38.44
CA SER A 792 -10.09 4.03 -39.09
C SER A 792 -9.73 4.87 -40.29
N ILE A 793 -8.55 4.55 -40.82
CA ILE A 793 -8.02 5.11 -42.04
C ILE A 793 -8.32 4.15 -43.19
N TYR A 794 -8.71 2.93 -42.82
CA TYR A 794 -9.05 1.87 -43.76
C TYR A 794 -10.41 2.24 -44.39
N ASN A 795 -10.55 1.94 -45.71
CA ASN A 795 -11.78 2.34 -46.42
C ASN A 795 -12.95 1.37 -46.12
N TYR A 796 -13.67 1.71 -45.03
CA TYR A 796 -14.89 1.02 -44.59
C TYR A 796 -16.12 1.69 -45.22
N THR A 797 -17.15 0.89 -45.50
CA THR A 797 -18.41 1.34 -46.11
C THR A 797 -19.47 1.57 -45.02
N VAL A 811 -10.90 -9.10 -43.97
CA VAL A 811 -9.83 -8.36 -44.66
C VAL A 811 -8.64 -9.29 -44.98
N ASP A 812 -8.37 -10.28 -44.10
CA ASP A 812 -7.25 -11.24 -44.19
C ASP A 812 -5.85 -10.60 -44.24
N CYS A 813 -5.61 -9.67 -43.30
CA CYS A 813 -4.33 -8.97 -43.11
C CYS A 813 -3.69 -9.38 -41.79
N GLU A 814 -2.38 -9.21 -41.69
CA GLU A 814 -1.67 -9.52 -40.46
C GLU A 814 -1.70 -8.35 -39.47
N PRO A 815 -2.11 -8.58 -38.22
CA PRO A 815 -2.18 -7.59 -37.17
C PRO A 815 -0.78 -7.22 -36.72
N ILE A 816 -0.60 -5.98 -36.31
CA ILE A 816 0.65 -5.53 -35.76
C ILE A 816 0.55 -5.49 -34.25
N ILE A 817 -0.56 -4.93 -33.76
CA ILE A 817 -0.80 -4.83 -32.33
C ILE A 817 -2.08 -5.58 -32.01
N THR A 818 -2.09 -6.28 -30.88
CA THR A 818 -3.24 -7.10 -30.49
C THR A 818 -3.49 -7.12 -28.98
N TYR A 819 -4.76 -7.22 -28.62
CA TYR A 819 -5.17 -7.50 -27.25
C TYR A 819 -6.37 -8.44 -27.32
N SER A 820 -6.39 -9.48 -26.51
CA SER A 820 -7.49 -10.43 -26.56
C SER A 820 -7.61 -10.97 -27.97
N ASN A 821 -8.83 -10.96 -28.51
CA ASN A 821 -9.03 -11.45 -29.86
C ASN A 821 -9.19 -10.32 -30.86
N ILE A 822 -8.75 -9.12 -30.49
CA ILE A 822 -8.85 -7.95 -31.35
C ILE A 822 -7.48 -7.49 -31.85
N GLY A 823 -7.28 -7.51 -33.16
CA GLY A 823 -6.00 -7.09 -33.71
C GLY A 823 -6.15 -5.96 -34.71
N VAL A 824 -5.13 -5.11 -34.79
CA VAL A 824 -5.13 -4.01 -35.74
C VAL A 824 -3.95 -4.13 -36.70
N CYS A 825 -4.25 -4.13 -38.01
CA CYS A 825 -3.30 -4.26 -39.12
C CYS A 825 -2.62 -2.95 -39.45
N LYS A 826 -1.54 -3.02 -40.21
CA LYS A 826 -0.78 -1.85 -40.60
C LYS A 826 -1.62 -0.82 -41.35
N ASN A 827 -2.58 -1.29 -42.14
CA ASN A 827 -3.43 -0.41 -42.93
C ASN A 827 -4.67 0.06 -42.18
N GLY A 828 -4.73 -0.23 -40.88
CA GLY A 828 -5.82 0.23 -40.03
C GLY A 828 -6.98 -0.74 -39.94
N ALA A 829 -6.96 -1.78 -40.76
CA ALA A 829 -8.03 -2.74 -40.75
C ALA A 829 -8.11 -3.45 -39.42
N LEU A 830 -9.32 -3.74 -38.99
CA LEU A 830 -9.52 -4.48 -37.77
C LEU A 830 -9.77 -5.94 -38.12
N VAL A 831 -9.12 -6.83 -37.39
CA VAL A 831 -9.34 -8.25 -37.59
C VAL A 831 -9.59 -8.96 -36.27
N PHE A 832 -10.27 -10.09 -36.34
CA PHE A 832 -10.46 -10.88 -35.14
C PHE A 832 -9.59 -12.12 -35.17
N ILE A 833 -9.03 -12.43 -34.01
CA ILE A 833 -8.03 -13.47 -33.85
C ILE A 833 -8.56 -14.74 -33.19
N ASN A 834 -8.30 -15.90 -33.82
CA ASN A 834 -8.68 -17.22 -33.37
C ASN A 834 -7.63 -17.63 -32.30
N VAL A 835 -7.70 -18.91 -31.89
CA VAL A 835 -6.80 -19.53 -30.90
C VAL A 835 -5.95 -20.51 -31.63
N THR A 836 -4.70 -20.63 -31.22
CA THR A 836 -3.80 -21.52 -31.93
C THR A 836 -4.26 -22.94 -32.13
N HIS A 837 -4.11 -23.44 -33.35
CA HIS A 837 -4.46 -24.81 -33.66
C HIS A 837 -3.22 -25.67 -33.71
N SER A 838 -3.37 -26.93 -33.37
CA SER A 838 -2.28 -27.90 -33.48
C SER A 838 -2.83 -29.24 -33.92
N ASP A 839 -1.95 -30.18 -34.23
CA ASP A 839 -2.44 -31.48 -34.68
C ASP A 839 -3.06 -32.23 -33.51
N GLY A 840 -2.47 -32.09 -32.33
CA GLY A 840 -2.93 -32.77 -31.14
C GLY A 840 -1.82 -33.59 -30.54
N ASP A 841 -2.03 -34.07 -29.31
CA ASP A 841 -1.04 -34.87 -28.62
C ASP A 841 -1.09 -36.31 -29.07
N VAL A 842 0.06 -36.97 -29.04
CA VAL A 842 0.14 -38.40 -29.34
C VAL A 842 -0.34 -39.18 -28.12
N GLN A 843 -1.31 -40.07 -28.32
CA GLN A 843 -1.87 -40.82 -27.21
C GLN A 843 -1.25 -42.21 -27.13
N PRO A 844 -1.23 -42.84 -25.93
CA PRO A 844 -0.72 -44.17 -25.68
C PRO A 844 -1.66 -45.26 -26.15
N ILE A 845 -1.88 -45.28 -27.45
CA ILE A 845 -2.75 -46.22 -28.11
C ILE A 845 -1.94 -47.26 -28.87
N SER A 846 -2.24 -48.53 -28.65
CA SER A 846 -1.57 -49.62 -29.33
C SER A 846 -2.59 -50.62 -29.82
N THR A 847 -3.71 -50.14 -30.31
CA THR A 847 -4.82 -51.02 -30.64
C THR A 847 -5.26 -51.09 -32.11
N GLY A 848 -4.80 -50.19 -32.96
CA GLY A 848 -5.24 -50.17 -34.36
C GLY A 848 -4.22 -49.35 -35.14
N ASN A 849 -4.68 -48.63 -36.21
CA ASN A 849 -3.72 -47.73 -36.91
C ASN A 849 -3.45 -46.53 -35.96
N VAL A 850 -2.12 -46.22 -35.89
CA VAL A 850 -1.62 -45.14 -35.03
C VAL A 850 -0.53 -44.35 -35.73
N THR A 851 -0.36 -43.10 -35.32
CA THR A 851 0.68 -42.26 -35.90
C THR A 851 1.81 -41.95 -34.93
N ILE A 852 3.03 -42.16 -35.39
CA ILE A 852 4.23 -41.92 -34.61
C ILE A 852 5.04 -40.80 -35.28
N PRO A 853 5.40 -39.73 -34.59
CA PRO A 853 6.18 -38.62 -35.12
C PRO A 853 7.44 -39.19 -35.77
N THR A 854 7.75 -38.79 -37.00
CA THR A 854 8.88 -39.40 -37.71
C THR A 854 9.96 -38.45 -38.23
N ASN A 855 9.57 -37.47 -39.04
CA ASN A 855 10.47 -36.52 -39.68
C ASN A 855 10.60 -35.27 -38.80
N PHE A 856 11.79 -35.04 -38.21
CA PHE A 856 12.01 -33.95 -37.23
C PHE A 856 12.94 -32.84 -37.67
N THR A 857 12.66 -31.63 -37.17
CA THR A 857 13.52 -30.48 -37.30
C THR A 857 13.70 -29.81 -35.94
N ILE A 858 14.39 -28.67 -35.91
CA ILE A 858 14.66 -27.96 -34.66
C ILE A 858 13.94 -26.63 -34.53
N SER A 859 13.37 -26.43 -33.36
CA SER A 859 12.74 -25.18 -32.97
C SER A 859 13.39 -24.67 -31.69
N VAL A 860 13.71 -23.38 -31.65
CA VAL A 860 14.32 -22.83 -30.44
C VAL A 860 13.42 -21.78 -29.80
N GLN A 861 13.06 -22.03 -28.56
CA GLN A 861 12.18 -21.15 -27.81
C GLN A 861 12.96 -20.41 -26.74
N VAL A 862 12.65 -19.15 -26.54
CA VAL A 862 13.43 -18.35 -25.60
C VAL A 862 12.58 -17.75 -24.50
N GLU A 863 13.03 -17.89 -23.26
CA GLU A 863 12.30 -17.27 -22.15
C GLU A 863 13.20 -16.62 -21.12
N TYR A 864 12.66 -15.61 -20.45
CA TYR A 864 13.36 -14.88 -19.40
C TYR A 864 12.75 -15.10 -18.03
N ILE A 865 13.60 -15.41 -17.07
CA ILE A 865 13.17 -15.56 -15.69
C ILE A 865 13.99 -14.66 -14.80
N GLN A 866 13.33 -13.87 -13.95
CA GLN A 866 14.03 -12.99 -13.03
C GLN A 866 14.56 -13.77 -11.84
N VAL A 867 15.82 -13.54 -11.50
CA VAL A 867 16.48 -14.24 -10.41
C VAL A 867 16.67 -13.36 -9.20
N TYR A 868 17.01 -12.10 -9.42
CA TYR A 868 17.30 -11.20 -8.32
C TYR A 868 16.85 -9.78 -8.58
N THR A 869 16.64 -9.03 -7.50
CA THR A 869 16.30 -7.62 -7.56
C THR A 869 17.55 -6.81 -7.31
N THR A 870 17.48 -5.50 -7.46
CA THR A 870 18.60 -4.61 -7.14
C THR A 870 18.34 -3.94 -5.79
N PRO A 871 18.93 -4.42 -4.67
CA PRO A 871 18.69 -3.97 -3.32
C PRO A 871 19.11 -2.53 -3.08
N VAL A 872 18.36 -1.86 -2.23
CA VAL A 872 18.65 -0.49 -1.85
C VAL A 872 18.76 -0.37 -0.34
N SER A 873 19.82 0.25 0.11
CA SER A 873 20.05 0.52 1.52
C SER A 873 19.71 1.97 1.80
N ILE A 874 18.82 2.21 2.72
CA ILE A 874 18.44 3.59 2.99
C ILE A 874 18.82 4.04 4.38
N ASP A 875 19.46 5.19 4.44
CA ASP A 875 19.82 5.86 5.67
C ASP A 875 18.61 6.68 6.11
N CYS A 876 17.83 6.16 7.08
CA CYS A 876 16.55 6.76 7.48
C CYS A 876 16.76 8.16 7.99
N ALA A 877 17.74 8.37 8.86
CA ALA A 877 17.92 9.66 9.43
C ALA A 877 18.24 10.69 8.36
N ARG A 878 19.09 10.33 7.40
CA ARG A 878 19.47 11.27 6.35
C ARG A 878 18.35 11.56 5.37
N TYR A 879 17.55 10.55 5.03
CA TYR A 879 16.44 10.75 4.14
C TYR A 879 15.43 11.73 4.73
N VAL A 880 15.06 11.50 5.98
CA VAL A 880 14.06 12.34 6.63
C VAL A 880 14.60 13.71 7.03
N CYS A 881 15.73 13.78 7.70
CA CYS A 881 16.49 14.89 8.22
C CYS A 881 17.69 15.16 7.43
N ASN A 882 17.80 16.02 6.50
CA ASN A 882 18.92 16.10 5.58
C ASN A 882 20.19 16.71 6.18
N GLY A 883 20.79 15.99 7.12
CA GLY A 883 22.02 16.40 7.77
C GLY A 883 21.82 17.57 8.73
N ASN A 884 20.63 17.67 9.32
CA ASN A 884 20.34 18.79 10.21
C ASN A 884 20.28 18.34 11.67
N PRO A 885 21.26 18.69 12.51
CA PRO A 885 21.40 18.30 13.90
C PRO A 885 20.17 18.60 14.74
N ARG A 886 19.37 19.57 14.34
CA ARG A 886 18.19 19.93 15.14
C ARG A 886 16.99 19.01 14.83
N CYS A 887 16.84 18.62 13.55
CA CYS A 887 15.82 17.70 13.06
C CYS A 887 16.15 16.31 13.60
N ASN A 888 17.44 16.00 13.65
CA ASN A 888 17.89 14.70 14.11
C ASN A 888 17.50 14.47 15.57
N LYS A 889 17.42 15.55 16.36
CA LYS A 889 17.00 15.41 17.75
C LYS A 889 15.52 15.15 17.82
N LEU A 890 14.73 15.84 17.00
CA LEU A 890 13.28 15.62 17.01
C LEU A 890 12.99 14.18 16.60
N LEU A 891 13.77 13.67 15.68
CA LEU A 891 13.59 12.36 15.11
C LEU A 891 13.86 11.23 16.09
N THR A 892 14.46 11.50 17.25
CA THR A 892 14.73 10.40 18.19
C THR A 892 13.43 9.92 18.81
N GLN A 893 12.37 10.71 18.65
CA GLN A 893 11.07 10.32 19.18
C GLN A 893 10.48 9.25 18.29
N TYR A 894 11.08 9.08 17.12
CA TYR A 894 10.70 8.13 16.12
C TYR A 894 11.84 7.13 15.92
N VAL A 895 12.70 6.97 16.93
CA VAL A 895 13.83 6.06 16.81
C VAL A 895 13.40 4.64 16.46
N SER A 896 12.25 4.22 16.96
CA SER A 896 11.73 2.90 16.64
C SER A 896 11.23 2.82 15.20
N ALA A 897 10.84 3.96 14.61
CA ALA A 897 10.36 3.96 13.24
C ALA A 897 11.51 3.70 12.27
N CYS A 898 12.66 4.37 12.50
CA CYS A 898 13.85 4.18 11.68
C CYS A 898 14.45 2.80 11.90
N GLN A 899 14.39 2.31 13.13
CA GLN A 899 14.89 0.97 13.41
C GLN A 899 14.14 -0.06 12.58
N THR A 900 12.82 0.05 12.52
CA THR A 900 12.01 -0.89 11.75
C THR A 900 12.28 -0.80 10.25
N ILE A 901 12.38 0.41 9.73
CA ILE A 901 12.61 0.60 8.31
C ILE A 901 13.94 0.04 7.86
N GLU A 902 15.00 0.36 8.59
CA GLU A 902 16.32 -0.09 8.25
C GLU A 902 16.48 -1.59 8.43
N GLN A 903 15.89 -2.14 9.50
CA GLN A 903 15.99 -3.55 9.75
C GLN A 903 15.29 -4.36 8.67
N ALA A 904 14.12 -3.90 8.25
CA ALA A 904 13.35 -4.61 7.24
C ALA A 904 14.09 -4.68 5.92
N LEU A 905 14.72 -3.58 5.50
CA LEU A 905 15.45 -3.59 4.24
C LEU A 905 16.74 -4.39 4.34
N ALA A 906 17.44 -4.27 5.46
CA ALA A 906 18.67 -4.99 5.65
C ALA A 906 18.46 -6.49 5.67
N MET A 907 17.36 -6.93 6.28
CA MET A 907 17.07 -8.35 6.36
C MET A 907 16.65 -8.90 5.03
N GLY A 908 15.89 -8.13 4.27
CA GLY A 908 15.47 -8.56 2.95
C GLY A 908 16.69 -8.80 2.07
N ALA A 909 17.61 -7.82 2.05
CA ALA A 909 18.82 -7.93 1.24
C ALA A 909 19.69 -9.10 1.69
N ARG A 910 19.77 -9.33 2.99
CA ARG A 910 20.58 -10.44 3.49
C ARG A 910 20.04 -11.79 3.05
N LEU A 911 18.73 -11.98 3.15
CA LEU A 911 18.16 -13.25 2.77
C LEU A 911 18.30 -13.51 1.28
N GLU A 912 18.10 -12.46 0.47
CA GLU A 912 18.25 -12.63 -0.97
C GLU A 912 19.68 -12.98 -1.34
N ASN A 913 20.63 -12.34 -0.68
CA ASN A 913 22.04 -12.57 -0.94
C ASN A 913 22.37 -14.04 -0.71
N MET A 914 21.93 -14.59 0.42
CA MET A 914 22.21 -15.99 0.72
C MET A 914 21.59 -16.94 -0.29
N GLU A 915 20.37 -16.65 -0.72
CA GLU A 915 19.67 -17.49 -1.67
C GLU A 915 20.38 -17.55 -3.02
N VAL A 916 20.92 -16.43 -3.47
CA VAL A 916 21.64 -16.40 -4.74
C VAL A 916 23.00 -17.09 -4.61
N ASP A 917 23.74 -16.83 -3.52
CA ASP A 917 25.04 -17.46 -3.35
C ASP A 917 24.97 -18.98 -3.34
N SER A 918 23.87 -19.54 -2.84
CA SER A 918 23.70 -20.98 -2.79
C SER A 918 23.27 -21.58 -4.12
N MET A 919 22.93 -20.72 -5.09
CA MET A 919 22.46 -21.16 -6.39
C MET A 919 23.57 -21.20 -7.43
N LEU A 920 24.38 -20.15 -7.45
CA LEU A 920 25.37 -20.02 -8.51
C LEU A 920 26.68 -20.70 -8.16
N PHE A 921 27.21 -21.48 -9.09
CA PHE A 921 28.49 -22.18 -8.94
C PHE A 921 29.10 -22.42 -10.31
N VAL A 922 30.39 -22.70 -10.37
CA VAL A 922 31.02 -23.04 -11.63
C VAL A 922 31.87 -24.29 -11.51
N SER A 923 32.18 -24.88 -12.65
CA SER A 923 33.15 -25.97 -12.73
C SER A 923 34.36 -25.46 -13.49
N GLU A 924 35.54 -25.58 -12.90
CA GLU A 924 36.74 -25.02 -13.51
C GLU A 924 37.01 -25.56 -14.91
N ASN A 925 36.80 -26.86 -15.13
CA ASN A 925 37.11 -27.43 -16.44
C ASN A 925 36.07 -27.04 -17.46
N ALA A 926 34.81 -26.97 -17.03
CA ALA A 926 33.75 -26.59 -17.93
C ALA A 926 33.94 -25.16 -18.38
N LEU A 927 34.38 -24.32 -17.46
CA LEU A 927 34.56 -22.91 -17.72
C LEU A 927 35.69 -22.69 -18.73
N LYS A 928 36.71 -23.56 -18.71
CA LYS A 928 37.79 -23.50 -19.69
C LYS A 928 37.30 -23.78 -21.10
N LEU A 929 36.37 -24.73 -21.22
CA LEU A 929 35.82 -25.12 -22.52
C LEU A 929 34.74 -24.17 -23.00
N ALA A 930 34.09 -23.46 -22.07
CA ALA A 930 32.94 -22.64 -22.39
C ALA A 930 33.27 -21.31 -23.02
N SER A 931 33.77 -21.36 -24.25
CA SER A 931 34.06 -20.16 -25.03
C SER A 931 34.00 -20.49 -26.50
N VAL A 932 33.76 -19.46 -27.32
CA VAL A 932 33.72 -19.68 -28.75
C VAL A 932 35.06 -20.14 -29.27
N GLU A 933 36.14 -19.52 -28.79
CA GLU A 933 37.47 -19.87 -29.24
C GLU A 933 37.82 -21.30 -28.86
N ALA A 934 37.39 -21.75 -27.69
CA ALA A 934 37.66 -23.13 -27.30
C ALA A 934 36.93 -24.10 -28.20
N PHE A 935 35.66 -23.80 -28.49
CA PHE A 935 34.86 -24.67 -29.35
C PHE A 935 35.39 -24.77 -30.79
N ASN A 936 35.88 -23.64 -31.33
CA ASN A 936 36.40 -23.57 -32.69
C ASN A 936 37.81 -24.20 -32.84
N SER A 937 38.47 -24.62 -31.73
CA SER A 937 39.81 -25.21 -31.75
C SER A 937 39.76 -26.73 -31.72
N THR A 938 40.89 -27.36 -32.01
CA THR A 938 41.00 -28.81 -31.95
C THR A 938 41.79 -29.29 -30.74
N GLU A 939 42.56 -28.40 -30.14
CA GLU A 939 43.50 -28.77 -29.09
C GLU A 939 42.87 -29.35 -27.83
N ASN A 940 41.60 -29.05 -27.58
CA ASN A 940 40.98 -29.52 -26.31
C ASN A 940 40.20 -30.81 -26.57
N LEU A 941 40.24 -31.31 -27.81
CA LEU A 941 39.45 -32.48 -28.15
C LEU A 941 40.17 -33.79 -27.84
N ASP A 942 39.43 -34.75 -27.27
CA ASP A 942 39.94 -36.09 -27.02
C ASP A 942 40.33 -36.78 -28.35
N PRO A 943 41.52 -37.39 -28.46
CA PRO A 943 42.07 -38.07 -29.64
C PRO A 943 41.15 -39.08 -30.35
N ILE A 944 40.19 -39.70 -29.64
CA ILE A 944 39.36 -40.68 -30.34
C ILE A 944 38.40 -40.00 -31.30
N TYR A 945 38.32 -38.67 -31.22
CA TYR A 945 37.47 -37.88 -32.08
C TYR A 945 38.30 -37.15 -33.11
N LYS A 946 39.47 -37.70 -33.46
CA LYS A 946 40.34 -37.09 -34.45
C LYS A 946 39.68 -36.88 -35.82
N GLU A 947 38.56 -37.57 -36.04
CA GLU A 947 37.80 -37.46 -37.29
C GLU A 947 36.85 -36.25 -37.30
N TRP A 948 36.78 -35.53 -36.18
CA TRP A 948 35.98 -34.33 -36.03
C TRP A 948 36.93 -33.13 -35.95
N PRO A 949 36.74 -32.08 -36.77
CA PRO A 949 37.63 -30.94 -36.87
C PRO A 949 37.70 -30.06 -35.61
N ASN A 950 36.64 -30.05 -34.82
CA ASN A 950 36.57 -29.22 -33.63
C ASN A 950 35.38 -29.64 -32.79
N ILE A 951 35.03 -28.84 -31.77
CA ILE A 951 33.92 -29.20 -30.94
C ILE A 951 32.64 -28.54 -31.45
N GLY A 952 31.75 -29.32 -32.03
CA GLY A 952 30.50 -28.77 -32.52
C GLY A 952 30.63 -27.99 -33.80
N GLY A 953 31.56 -28.36 -34.68
CA GLY A 953 31.72 -27.63 -35.93
C GLY A 953 30.38 -27.36 -36.59
N SER A 954 29.59 -28.41 -36.78
CA SER A 954 28.28 -28.30 -37.42
C SER A 954 27.34 -27.36 -36.66
N TRP A 955 27.42 -27.39 -35.34
CA TRP A 955 26.53 -26.63 -34.46
C TRP A 955 27.09 -25.24 -34.12
N LEU A 956 28.33 -24.96 -34.50
CA LEU A 956 29.00 -23.72 -34.14
C LEU A 956 28.31 -22.49 -34.72
N GLY A 957 27.66 -22.64 -35.86
CA GLY A 957 26.98 -21.52 -36.48
C GLY A 957 25.89 -20.93 -35.58
N GLY A 958 25.44 -21.71 -34.60
CA GLY A 958 24.44 -21.25 -33.65
C GLY A 958 25.09 -20.95 -32.31
N LEU A 959 25.97 -21.84 -31.89
CA LEU A 959 26.62 -21.72 -30.59
C LEU A 959 27.46 -20.46 -30.48
N LYS A 960 28.03 -20.00 -31.59
CA LYS A 960 28.87 -18.82 -31.56
C LYS A 960 28.17 -17.58 -30.96
N ASP A 961 26.83 -17.53 -31.01
CA ASP A 961 26.10 -16.38 -30.50
C ASP A 961 25.57 -16.60 -29.08
N ILE A 962 25.80 -17.78 -28.54
CA ILE A 962 25.39 -18.17 -27.20
C ILE A 962 26.58 -18.25 -26.27
N LEU A 963 27.68 -18.81 -26.76
CA LEU A 963 28.90 -18.95 -25.97
C LEU A 963 29.59 -17.59 -25.79
N PRO A 964 30.30 -17.38 -24.68
CA PRO A 964 31.16 -16.24 -24.42
C PRO A 964 32.26 -16.10 -25.43
N SER A 965 32.64 -14.86 -25.73
CA SER A 965 33.75 -14.61 -26.64
C SER A 965 34.69 -13.57 -26.09
N HIS A 966 35.97 -13.68 -26.39
CA HIS A 966 36.93 -12.70 -25.90
C HIS A 966 36.92 -11.46 -26.76
N ASN A 967 36.57 -11.61 -28.04
CA ASN A 967 36.48 -10.48 -28.94
C ASN A 967 35.08 -9.87 -28.86
N SER A 968 34.79 -9.27 -27.72
CA SER A 968 33.46 -8.76 -27.41
C SER A 968 33.53 -7.53 -26.52
N LYS A 969 32.36 -6.96 -26.21
CA LYS A 969 32.28 -5.79 -25.35
C LYS A 969 32.44 -6.22 -23.90
N ARG A 970 32.84 -5.28 -23.04
CA ARG A 970 33.02 -5.60 -21.63
C ARG A 970 33.95 -6.82 -21.58
N LYS A 971 33.54 -7.90 -20.90
CA LYS A 971 34.39 -9.06 -20.81
C LYS A 971 33.61 -10.37 -20.80
N TYR A 972 34.07 -11.31 -21.60
CA TYR A 972 33.57 -12.68 -21.55
C TYR A 972 32.04 -12.81 -21.65
N ARG A 973 31.43 -12.16 -22.63
CA ARG A 973 29.99 -12.30 -22.83
C ARG A 973 29.68 -12.77 -24.24
N SER A 974 28.50 -13.33 -24.42
CA SER A 974 28.03 -13.80 -25.72
C SER A 974 27.42 -12.67 -26.52
N ALA A 975 27.20 -12.90 -27.82
CA ALA A 975 26.58 -11.87 -28.65
C ALA A 975 25.19 -11.51 -28.17
N ILE A 976 24.39 -12.51 -27.81
CA ILE A 976 23.04 -12.22 -27.34
C ILE A 976 23.05 -11.44 -26.04
N GLU A 977 23.94 -11.78 -25.11
CA GLU A 977 24.01 -11.04 -23.87
C GLU A 977 24.33 -9.58 -24.12
N ASP A 978 25.29 -9.32 -25.02
CA ASP A 978 25.60 -7.92 -25.31
C ASP A 978 24.39 -7.17 -25.84
N LEU A 979 23.58 -7.83 -26.67
CA LEU A 979 22.41 -7.15 -27.22
C LEU A 979 21.39 -6.82 -26.13
N LEU A 980 21.16 -7.74 -25.20
CA LEU A 980 20.18 -7.49 -24.14
C LEU A 980 20.62 -6.39 -23.18
N PHE A 981 21.91 -6.40 -22.85
CA PHE A 981 22.42 -5.42 -21.92
C PHE A 981 22.54 -4.04 -22.57
N ASP A 982 22.83 -3.99 -23.87
CA ASP A 982 22.91 -2.72 -24.56
C ASP A 982 21.54 -2.07 -24.67
N LYS A 983 20.51 -2.87 -24.92
CA LYS A 983 19.16 -2.32 -25.00
C LYS A 983 18.68 -1.73 -23.66
N VAL A 984 19.03 -2.39 -22.53
CA VAL A 984 18.74 -1.94 -21.19
C VAL A 984 19.89 -1.05 -20.71
N GLU A 994 27.81 0.38 -8.80
CA GLU A 994 28.22 1.68 -9.31
C GLU A 994 29.04 2.43 -8.26
N ASP A 995 30.02 3.23 -8.73
CA ASP A 995 30.97 3.98 -7.90
C ASP A 995 30.40 5.18 -7.14
N TYR A 996 30.70 5.26 -5.83
CA TYR A 996 30.31 6.40 -5.04
C TYR A 996 31.46 7.34 -4.69
N LYS A 997 32.70 6.97 -5.03
CA LYS A 997 33.85 7.79 -4.69
C LYS A 997 33.75 9.15 -5.38
N ARG A 998 33.29 9.10 -6.62
CA ARG A 998 33.16 10.30 -7.44
C ARG A 998 32.15 11.34 -6.91
N CYS A 999 31.20 10.94 -6.08
CA CYS A 999 30.09 11.76 -5.58
C CYS A 999 30.56 12.80 -4.61
N THR A 1000 31.77 12.70 -4.11
CA THR A 1000 32.28 13.67 -3.17
C THR A 1000 33.49 14.40 -3.75
N GLY A 1001 33.68 14.25 -5.06
CA GLY A 1001 34.76 14.89 -5.78
C GLY A 1001 34.56 16.39 -5.92
N GLY A 1002 33.36 16.81 -6.31
CA GLY A 1002 33.08 18.22 -6.54
C GLY A 1002 33.74 18.75 -7.80
N TYR A 1003 33.81 17.90 -8.82
CA TYR A 1003 34.44 18.29 -10.09
C TYR A 1003 33.42 18.82 -11.09
N ASP A 1004 32.15 18.45 -10.90
CA ASP A 1004 31.07 18.84 -11.77
C ASP A 1004 29.77 18.77 -10.99
N ILE A 1005 28.66 19.11 -11.63
CA ILE A 1005 27.35 19.00 -11.00
C ILE A 1005 26.87 17.56 -11.02
N ALA A 1006 26.44 17.09 -9.85
CA ALA A 1006 26.01 15.71 -9.65
C ALA A 1006 24.87 15.28 -10.55
N ASP A 1007 24.90 14.02 -10.96
CA ASP A 1007 23.85 13.42 -11.77
C ASP A 1007 22.81 12.81 -10.84
N LEU A 1008 21.88 12.04 -11.43
CA LEU A 1008 20.79 11.44 -10.70
C LEU A 1008 21.30 10.52 -9.57
N VAL A 1009 22.31 9.69 -9.87
CA VAL A 1009 22.72 8.71 -8.87
C VAL A 1009 23.35 9.33 -7.63
N CYS A 1010 24.27 10.30 -7.79
CA CYS A 1010 24.89 10.99 -6.67
C CYS A 1010 23.85 11.84 -5.94
N ALA A 1011 22.92 12.42 -6.69
CA ALA A 1011 21.88 13.21 -6.06
C ALA A 1011 21.03 12.34 -5.13
N GLN A 1012 20.77 11.07 -5.52
CA GLN A 1012 20.05 10.16 -4.64
C GLN A 1012 20.90 9.76 -3.43
N TYR A 1013 22.19 9.57 -3.66
CA TYR A 1013 23.14 9.25 -2.61
C TYR A 1013 23.12 10.30 -1.50
N TYR A 1014 23.04 11.56 -1.90
CA TYR A 1014 23.04 12.69 -0.98
C TYR A 1014 21.80 12.68 -0.09
N ASN A 1015 20.76 11.94 -0.50
CA ASN A 1015 19.51 11.87 0.23
C ASN A 1015 19.41 10.58 1.02
N GLY A 1016 20.52 9.87 1.18
CA GLY A 1016 20.55 8.67 1.98
C GLY A 1016 20.17 7.41 1.22
N ILE A 1017 20.12 7.48 -0.11
CA ILE A 1017 19.75 6.32 -0.89
C ILE A 1017 20.95 5.67 -1.56
N MET A 1018 21.29 4.48 -1.12
CA MET A 1018 22.44 3.77 -1.65
C MET A 1018 22.00 2.52 -2.39
N VAL A 1019 22.50 2.34 -3.59
CA VAL A 1019 22.17 1.15 -4.35
C VAL A 1019 23.32 0.19 -4.19
N LEU A 1020 23.04 -1.00 -3.68
CA LEU A 1020 24.11 -1.91 -3.35
C LEU A 1020 24.64 -2.55 -4.62
N PRO A 1021 25.92 -2.92 -4.69
CA PRO A 1021 26.56 -3.50 -5.85
C PRO A 1021 25.80 -4.70 -6.38
N GLY A 1022 25.52 -4.67 -7.68
CA GLY A 1022 24.85 -5.77 -8.36
C GLY A 1022 25.70 -6.27 -9.52
N VAL A 1023 26.88 -5.66 -9.70
CA VAL A 1023 27.73 -6.04 -10.81
C VAL A 1023 28.21 -7.45 -10.60
N ALA A 1024 28.59 -7.77 -9.37
CA ALA A 1024 29.08 -9.10 -9.08
C ALA A 1024 28.05 -10.15 -9.45
N ASN A 1025 26.77 -9.87 -9.24
CA ASN A 1025 25.75 -10.87 -9.56
C ASN A 1025 25.65 -11.05 -11.05
N ASP A 1026 25.92 -9.99 -11.81
CA ASP A 1026 25.92 -10.06 -13.25
C ASP A 1026 27.11 -10.89 -13.75
N ASP A 1027 28.27 -10.67 -13.14
CA ASP A 1027 29.46 -11.41 -13.51
C ASP A 1027 29.35 -12.88 -13.12
N LYS A 1028 28.75 -13.14 -11.96
CA LYS A 1028 28.60 -14.50 -11.50
C LYS A 1028 27.65 -15.24 -12.42
N MET A 1029 26.57 -14.58 -12.84
CA MET A 1029 25.59 -15.19 -13.71
C MET A 1029 26.20 -15.54 -15.06
N THR A 1030 27.07 -14.69 -15.56
CA THR A 1030 27.72 -14.95 -16.83
C THR A 1030 28.60 -16.20 -16.74
N MET A 1031 29.39 -16.31 -15.67
CA MET A 1031 30.24 -17.49 -15.49
C MET A 1031 29.43 -18.74 -15.22
N TYR A 1032 28.32 -18.59 -14.51
CA TYR A 1032 27.44 -19.68 -14.17
C TYR A 1032 26.86 -20.31 -15.41
N THR A 1033 26.27 -19.49 -16.27
CA THR A 1033 25.66 -20.03 -17.47
C THR A 1033 26.71 -20.56 -18.44
N ALA A 1034 27.89 -19.92 -18.50
CA ALA A 1034 28.94 -20.39 -19.37
C ALA A 1034 29.43 -21.76 -18.96
N SER A 1035 29.61 -21.96 -17.65
CA SER A 1035 30.07 -23.25 -17.13
C SER A 1035 29.06 -24.34 -17.45
N LEU A 1036 27.77 -24.03 -17.31
CA LEU A 1036 26.76 -25.04 -17.57
C LEU A 1036 26.81 -25.49 -19.03
N ALA A 1037 27.01 -24.55 -19.96
CA ALA A 1037 27.10 -24.89 -21.36
C ALA A 1037 28.38 -25.65 -21.69
N GLY A 1038 29.50 -25.25 -21.09
CA GLY A 1038 30.78 -25.89 -21.37
C GLY A 1038 30.80 -27.34 -20.93
N GLY A 1039 30.12 -27.63 -19.82
CA GLY A 1039 30.07 -28.97 -19.26
C GLY A 1039 29.40 -29.99 -20.16
N ILE A 1040 28.61 -29.54 -21.14
CA ILE A 1040 27.93 -30.46 -22.04
C ILE A 1040 28.94 -31.31 -22.79
N THR A 1041 30.07 -30.71 -23.15
CA THR A 1041 31.08 -31.35 -23.94
C THR A 1041 32.29 -31.78 -23.13
N LEU A 1042 32.17 -31.81 -21.81
CA LEU A 1042 33.31 -32.21 -20.99
C LEU A 1042 33.28 -33.71 -20.74
N GLY A 1043 34.32 -34.38 -21.22
CA GLY A 1043 34.42 -35.83 -21.21
C GLY A 1043 34.50 -36.50 -19.83
N ALA A 1044 35.16 -35.87 -18.86
CA ALA A 1044 35.37 -36.54 -17.59
C ALA A 1044 35.58 -35.54 -16.45
N LEU A 1045 35.31 -35.98 -15.22
CA LEU A 1045 35.39 -35.05 -14.06
C LEU A 1045 36.69 -35.28 -13.29
N GLY A 1046 37.61 -36.06 -13.84
CA GLY A 1046 38.84 -36.39 -13.10
C GLY A 1046 39.82 -35.23 -13.01
N GLY A 1047 39.98 -34.48 -14.11
CA GLY A 1047 40.98 -33.39 -14.16
C GLY A 1047 41.52 -33.30 -15.57
N GLY A 1048 41.39 -32.14 -16.19
CA GLY A 1048 41.78 -32.01 -17.61
C GLY A 1048 40.57 -31.61 -18.43
N ALA A 1049 40.60 -30.42 -19.03
CA ALA A 1049 39.49 -29.95 -19.83
C ALA A 1049 39.47 -30.72 -21.13
N VAL A 1050 39.12 -31.99 -21.06
CA VAL A 1050 39.11 -32.86 -22.22
C VAL A 1050 37.72 -32.90 -22.80
N ALA A 1051 37.59 -32.51 -24.05
CA ALA A 1051 36.29 -32.36 -24.66
C ALA A 1051 35.90 -33.50 -25.59
N ILE A 1052 34.59 -33.61 -25.78
CA ILE A 1052 33.98 -34.47 -26.79
C ILE A 1052 33.28 -33.50 -27.74
N PRO A 1053 32.94 -33.89 -28.97
CA PRO A 1053 32.17 -33.09 -29.92
C PRO A 1053 30.79 -32.75 -29.41
N PHE A 1054 30.23 -31.61 -29.83
CA PHE A 1054 28.88 -31.23 -29.43
C PHE A 1054 27.89 -32.21 -30.05
N ALA A 1055 28.12 -32.59 -31.30
CA ALA A 1055 27.22 -33.51 -31.97
C ALA A 1055 27.13 -34.84 -31.23
N VAL A 1056 28.23 -35.27 -30.61
CA VAL A 1056 28.24 -36.50 -29.83
C VAL A 1056 27.39 -36.33 -28.59
N ALA A 1057 27.52 -35.18 -27.94
CA ALA A 1057 26.70 -34.87 -26.78
C ALA A 1057 25.21 -34.83 -27.16
N VAL A 1058 24.91 -34.29 -28.33
CA VAL A 1058 23.53 -34.22 -28.80
C VAL A 1058 22.98 -35.61 -29.07
N GLN A 1059 23.77 -36.48 -29.67
CA GLN A 1059 23.32 -37.83 -29.94
C GLN A 1059 22.94 -38.53 -28.64
N ALA A 1060 23.69 -38.29 -27.58
CA ALA A 1060 23.37 -38.88 -26.30
C ALA A 1060 21.99 -38.43 -25.83
N ARG A 1061 21.66 -37.17 -26.08
CA ARG A 1061 20.35 -36.65 -25.69
C ARG A 1061 19.25 -37.25 -26.53
N LEU A 1062 19.53 -37.52 -27.81
CA LEU A 1062 18.54 -38.15 -28.66
C LEU A 1062 18.20 -39.55 -28.18
N ASN A 1063 19.19 -40.27 -27.65
CA ASN A 1063 18.94 -41.61 -27.14
C ASN A 1063 18.07 -41.61 -25.90
N TYR A 1064 18.11 -40.53 -25.13
CA TYR A 1064 17.20 -40.40 -23.99
C TYR A 1064 15.77 -40.16 -24.44
N VAL A 1065 15.60 -39.48 -25.57
CA VAL A 1065 14.26 -39.26 -26.11
C VAL A 1065 13.70 -40.57 -26.64
N ALA A 1066 14.51 -41.26 -27.44
CA ALA A 1066 14.16 -42.57 -27.98
C ALA A 1066 15.44 -43.29 -28.37
N LEU A 1067 15.53 -44.59 -28.14
CA LEU A 1067 16.74 -45.28 -28.55
C LEU A 1067 16.86 -45.16 -30.05
N GLN A 1068 18.01 -44.69 -30.52
CA GLN A 1068 18.19 -44.48 -31.95
C GLN A 1068 18.70 -45.75 -32.61
N THR A 1069 18.03 -46.17 -33.68
CA THR A 1069 18.41 -47.39 -34.36
C THR A 1069 19.00 -47.13 -35.75
N ASP A 1070 18.69 -45.98 -36.32
CA ASP A 1070 19.18 -45.66 -37.65
C ASP A 1070 20.55 -45.05 -37.59
N VAL A 1071 21.51 -45.84 -37.16
CA VAL A 1071 22.88 -45.40 -36.96
C VAL A 1071 23.56 -45.06 -38.27
N LEU A 1072 23.02 -45.58 -39.37
CA LEU A 1072 23.55 -45.33 -40.69
C LEU A 1072 22.85 -44.13 -41.37
N ASN A 1073 21.91 -43.52 -40.67
CA ASN A 1073 21.17 -42.38 -41.19
C ASN A 1073 21.69 -41.10 -40.58
N LYS A 1074 22.52 -40.38 -41.32
CA LYS A 1074 23.15 -39.19 -40.77
C LYS A 1074 22.22 -37.98 -40.83
N ASN A 1075 21.24 -37.99 -39.94
CA ASN A 1075 20.18 -36.98 -39.86
C ASN A 1075 20.60 -35.77 -39.02
N GLN A 1076 21.81 -35.85 -38.48
CA GLN A 1076 22.34 -34.84 -37.58
C GLN A 1076 22.59 -33.50 -38.27
N GLN A 1077 22.98 -33.52 -39.54
CA GLN A 1077 23.28 -32.27 -40.23
C GLN A 1077 22.02 -31.44 -40.36
N ILE A 1078 20.90 -32.10 -40.53
CA ILE A 1078 19.64 -31.40 -40.68
C ILE A 1078 19.27 -30.71 -39.40
N LEU A 1079 19.42 -31.41 -38.27
CA LEU A 1079 19.08 -30.79 -37.01
C LEU A 1079 20.00 -29.62 -36.72
N ALA A 1080 21.29 -29.78 -37.03
CA ALA A 1080 22.25 -28.72 -36.79
C ALA A 1080 21.94 -27.49 -37.63
N ASN A 1081 21.52 -27.69 -38.87
CA ASN A 1081 21.23 -26.56 -39.73
C ASN A 1081 20.02 -25.80 -39.24
N ALA A 1082 18.98 -26.52 -38.81
CA ALA A 1082 17.78 -25.89 -38.31
C ALA A 1082 18.08 -25.09 -37.06
N PHE A 1083 18.98 -25.60 -36.22
CA PHE A 1083 19.39 -24.91 -35.01
C PHE A 1083 20.09 -23.62 -35.34
N ASN A 1084 21.05 -23.69 -36.26
CA ASN A 1084 21.85 -22.52 -36.61
C ASN A 1084 20.97 -21.42 -37.17
N GLN A 1085 19.97 -21.80 -37.97
CA GLN A 1085 19.07 -20.82 -38.54
C GLN A 1085 18.20 -20.20 -37.46
N ALA A 1086 17.71 -21.01 -36.52
CA ALA A 1086 16.87 -20.51 -35.46
C ALA A 1086 17.60 -19.50 -34.60
N ILE A 1087 18.86 -19.78 -34.28
CA ILE A 1087 19.62 -18.84 -33.48
C ILE A 1087 19.87 -17.58 -34.28
N GLY A 1088 20.16 -17.73 -35.56
CA GLY A 1088 20.36 -16.58 -36.42
C GLY A 1088 19.19 -15.59 -36.33
N ASN A 1089 17.94 -16.10 -36.46
CA ASN A 1089 16.72 -15.29 -36.40
C ASN A 1089 16.49 -14.66 -35.02
N ILE A 1090 16.87 -15.36 -33.94
CA ILE A 1090 16.77 -14.88 -32.56
C ILE A 1090 17.76 -13.76 -32.30
N THR A 1091 18.99 -13.94 -32.75
CA THR A 1091 20.02 -12.93 -32.55
C THR A 1091 19.61 -11.65 -33.31
N GLN A 1092 19.13 -11.82 -34.53
CA GLN A 1092 18.67 -10.71 -35.33
C GLN A 1092 17.49 -10.00 -34.68
N ALA A 1093 16.55 -10.78 -34.14
CA ALA A 1093 15.36 -10.24 -33.49
C ALA A 1093 15.73 -9.40 -32.26
N PHE A 1094 16.71 -9.86 -31.48
CA PHE A 1094 17.15 -9.09 -30.33
C PHE A 1094 17.85 -7.79 -30.75
N GLY A 1095 18.70 -7.86 -31.80
CA GLY A 1095 19.41 -6.71 -32.33
C GLY A 1095 18.55 -5.95 -33.32
N LEU A 1108 9.15 -16.02 -33.60
CA LEU A 1108 9.89 -15.03 -32.82
C LEU A 1108 9.03 -14.28 -31.79
N ALA A 1109 7.81 -14.80 -31.51
CA ALA A 1109 6.89 -14.28 -30.49
C ALA A 1109 7.54 -14.33 -29.11
N THR A 1110 8.41 -15.32 -28.94
CA THR A 1110 9.13 -15.53 -27.71
C THR A 1110 10.16 -14.42 -27.48
N VAL A 1111 10.67 -13.82 -28.56
CA VAL A 1111 11.64 -12.76 -28.38
C VAL A 1111 10.93 -11.51 -27.94
N ALA A 1112 9.77 -11.26 -28.56
CA ALA A 1112 8.97 -10.10 -28.19
C ALA A 1112 8.57 -10.16 -26.72
N LYS A 1113 8.23 -11.35 -26.25
CA LYS A 1113 7.85 -11.54 -24.86
C LYS A 1113 9.04 -11.28 -23.94
N VAL A 1114 10.22 -11.79 -24.30
CA VAL A 1114 11.40 -11.54 -23.49
C VAL A 1114 11.73 -10.07 -23.40
N LEU A 1115 11.70 -9.37 -24.52
CA LEU A 1115 12.05 -7.98 -24.47
C LEU A 1115 11.07 -7.17 -23.64
N ALA A 1116 9.78 -7.50 -23.74
CA ALA A 1116 8.79 -6.81 -22.95
C ALA A 1116 8.99 -7.06 -21.45
N LYS A 1117 9.28 -8.28 -21.06
CA LYS A 1117 9.43 -8.59 -19.66
C LYS A 1117 10.70 -7.96 -19.09
N VAL A 1118 11.78 -8.01 -19.85
CA VAL A 1118 13.04 -7.49 -19.36
C VAL A 1118 12.96 -5.97 -19.14
N GLN A 1119 12.35 -5.24 -20.07
CA GLN A 1119 12.26 -3.81 -19.87
C GLN A 1119 11.27 -3.44 -18.77
N ASP A 1120 10.27 -4.29 -18.52
CA ASP A 1120 9.32 -4.01 -17.46
C ASP A 1120 10.02 -4.12 -16.11
N VAL A 1121 10.95 -5.07 -15.98
CA VAL A 1121 11.68 -5.25 -14.73
C VAL A 1121 12.53 -4.03 -14.41
N VAL A 1122 13.23 -3.51 -15.42
CA VAL A 1122 14.14 -2.36 -15.21
C VAL A 1122 13.31 -1.07 -15.01
N ASN A 1123 12.18 -0.95 -15.69
CA ASN A 1123 11.34 0.24 -15.54
C ASN A 1123 10.72 0.29 -14.16
N THR A 1124 10.25 -0.85 -13.67
CA THR A 1124 9.62 -0.92 -12.35
C THR A 1124 10.57 -0.51 -11.25
N GLN A 1125 11.81 -1.02 -11.29
CA GLN A 1125 12.78 -0.69 -10.26
C GLN A 1125 13.17 0.79 -10.31
N GLY A 1126 13.30 1.31 -11.52
CA GLY A 1126 13.66 2.70 -11.71
C GLY A 1126 12.61 3.63 -11.13
N GLN A 1127 11.35 3.40 -11.52
CA GLN A 1127 10.24 4.23 -11.09
C GLN A 1127 9.98 4.14 -9.60
N ALA A 1128 10.15 2.94 -9.05
CA ALA A 1128 9.91 2.76 -7.63
C ALA A 1128 10.84 3.62 -6.80
N LEU A 1129 12.06 3.78 -7.22
CA LEU A 1129 13.01 4.53 -6.44
C LEU A 1129 12.99 6.01 -6.78
N SER A 1130 12.67 6.39 -8.02
CA SER A 1130 12.59 7.79 -8.35
C SER A 1130 11.39 8.43 -7.65
N HIS A 1131 10.34 7.62 -7.43
CA HIS A 1131 9.15 8.02 -6.72
C HIS A 1131 9.43 8.42 -5.27
N LEU A 1132 10.45 7.77 -4.71
CA LEU A 1132 10.86 8.04 -3.34
C LEU A 1132 11.48 9.41 -3.22
N THR A 1133 12.24 9.81 -4.24
CA THR A 1133 12.99 11.06 -4.24
C THR A 1133 12.03 12.23 -4.45
N VAL A 1134 11.02 12.07 -5.33
CA VAL A 1134 10.12 13.20 -5.61
C VAL A 1134 9.39 13.60 -4.33
N GLN A 1135 9.11 12.64 -3.43
CA GLN A 1135 8.43 12.94 -2.19
C GLN A 1135 9.19 13.90 -1.25
N LEU A 1136 10.46 14.12 -1.49
CA LEU A 1136 11.21 15.05 -0.67
C LEU A 1136 10.93 16.51 -1.02
N GLN A 1137 10.17 16.73 -2.11
CA GLN A 1137 9.71 18.06 -2.48
C GLN A 1137 8.38 18.38 -1.84
N ASN A 1138 7.84 17.43 -1.11
CA ASN A 1138 6.53 17.54 -0.53
C ASN A 1138 6.55 18.29 0.79
N ASN A 1139 5.87 19.43 0.82
CA ASN A 1139 5.74 20.20 2.04
C ASN A 1139 4.44 19.80 2.65
N PHE A 1140 4.50 18.92 3.64
CA PHE A 1140 3.29 18.32 4.17
C PHE A 1140 2.51 19.32 5.01
N GLN A 1141 1.86 20.25 4.30
CA GLN A 1141 1.14 21.37 4.88
C GLN A 1141 2.07 22.17 5.78
N ALA A 1142 3.29 22.35 5.29
CA ALA A 1142 4.35 23.08 5.97
C ALA A 1142 4.71 24.30 5.14
N ILE A 1143 5.37 25.26 5.75
CA ILE A 1143 5.77 26.46 5.02
C ILE A 1143 6.82 26.15 3.94
N SER A 1144 7.54 25.06 4.12
CA SER A 1144 8.56 24.65 3.17
C SER A 1144 8.88 23.17 3.24
N SER A 1145 9.38 22.64 2.14
CA SER A 1145 9.87 21.26 2.08
C SER A 1145 11.31 21.17 2.56
N SER A 1146 11.94 22.32 2.76
CA SER A 1146 13.33 22.37 3.19
C SER A 1146 13.48 22.71 4.65
N ILE A 1147 14.08 21.79 5.37
CA ILE A 1147 14.29 21.93 6.79
C ILE A 1147 15.22 23.10 7.08
N SER A 1148 16.25 23.27 6.26
CA SER A 1148 17.19 24.36 6.45
C SER A 1148 16.50 25.70 6.25
N ASP A 1149 15.59 25.78 5.28
CA ASP A 1149 14.90 27.03 5.04
C ASP A 1149 13.96 27.34 6.20
N ILE A 1150 13.36 26.32 6.80
CA ILE A 1150 12.48 26.53 7.95
C ILE A 1150 13.25 27.09 9.14
N TYR A 1151 14.41 26.51 9.44
CA TYR A 1151 15.20 26.96 10.58
C TYR A 1151 15.82 28.34 10.37
N ASN A 1152 15.99 28.77 9.14
CA ASN A 1152 16.50 30.11 8.89
C ASN A 1152 15.39 31.17 8.86
N ARG A 1153 14.14 30.73 9.02
CA ARG A 1153 13.01 31.65 8.99
C ARG A 1153 12.31 31.75 10.33
N LEU A 1154 12.20 30.63 11.05
CA LEU A 1154 11.49 30.59 12.32
C LEU A 1154 12.38 30.26 13.51
N ASP A 1155 12.04 30.81 14.67
CA ASP A 1155 12.68 30.43 15.92
C ASP A 1155 12.25 29.02 16.28
N PRO A 1156 13.06 28.22 16.99
CA PRO A 1156 12.81 26.84 17.36
C PRO A 1156 11.40 26.48 17.88
N PRO A 1157 10.73 27.25 18.75
CA PRO A 1157 9.38 26.97 19.20
C PRO A 1157 8.40 26.77 18.04
N SER A 1158 8.61 27.44 16.92
CA SER A 1158 7.72 27.31 15.79
C SER A 1158 8.35 26.46 14.69
N ALA A 1159 9.66 26.54 14.57
CA ALA A 1159 10.38 25.83 13.53
C ALA A 1159 10.24 24.34 13.71
N ASP A 1160 10.26 23.90 14.96
CA ASP A 1160 10.16 22.48 15.26
C ASP A 1160 8.79 21.94 14.92
N ALA A 1161 7.77 22.78 15.07
CA ALA A 1161 6.41 22.37 14.74
C ALA A 1161 6.28 22.12 13.25
N GLN A 1162 6.99 22.90 12.44
CA GLN A 1162 6.96 22.74 10.99
C GLN A 1162 7.76 21.53 10.54
N VAL A 1163 8.90 21.32 11.16
CA VAL A 1163 9.77 20.21 10.84
C VAL A 1163 9.08 18.91 11.21
N ASP A 1164 8.37 18.91 12.32
CA ASP A 1164 7.64 17.73 12.76
C ASP A 1164 6.66 17.25 11.70
N ARG A 1165 6.05 18.18 10.95
CA ARG A 1165 5.11 17.79 9.92
C ARG A 1165 5.86 17.05 8.82
N LEU A 1166 7.05 17.55 8.48
CA LEU A 1166 7.88 16.92 7.46
C LEU A 1166 8.37 15.55 7.92
N ILE A 1167 8.70 15.43 9.20
CA ILE A 1167 9.18 14.15 9.70
C ILE A 1167 8.15 13.06 9.60
N THR A 1168 6.92 13.34 10.00
CA THR A 1168 5.91 12.28 9.93
C THR A 1168 5.52 11.98 8.49
N GLY A 1169 5.51 12.99 7.64
CA GLY A 1169 5.18 12.78 6.24
C GLY A 1169 6.21 11.92 5.54
N ARG A 1170 7.49 12.19 5.81
CA ARG A 1170 8.57 11.45 5.19
C ARG A 1170 8.69 10.04 5.72
N LEU A 1171 8.45 9.83 7.01
CA LEU A 1171 8.48 8.47 7.54
C LEU A 1171 7.38 7.65 6.91
N THR A 1172 6.22 8.25 6.69
CA THR A 1172 5.11 7.54 6.05
C THR A 1172 5.47 7.12 4.63
N ALA A 1173 6.06 8.05 3.86
CA ALA A 1173 6.46 7.74 2.49
C ALA A 1173 7.52 6.64 2.46
N LEU A 1174 8.41 6.68 3.44
CA LEU A 1174 9.49 5.73 3.52
C LEU A 1174 8.95 4.34 3.88
N ASN A 1175 7.94 4.28 4.75
CA ASN A 1175 7.32 3.00 5.08
C ASN A 1175 6.61 2.39 3.87
N ALA A 1176 6.01 3.23 3.04
CA ALA A 1176 5.35 2.74 1.84
C ALA A 1176 6.35 2.10 0.89
N PHE A 1177 7.52 2.72 0.77
CA PHE A 1177 8.59 2.20 -0.07
C PHE A 1177 9.02 0.82 0.40
N VAL A 1178 9.23 0.68 1.70
CA VAL A 1178 9.70 -0.60 2.24
C VAL A 1178 8.70 -1.71 1.97
N SER A 1179 7.41 -1.42 2.15
CA SER A 1179 6.40 -2.44 1.93
C SER A 1179 6.40 -2.93 0.49
N GLN A 1180 6.55 -2.01 -0.47
CA GLN A 1180 6.57 -2.36 -1.87
C GLN A 1180 7.82 -3.16 -2.23
N THR A 1181 8.93 -2.81 -1.61
CA THR A 1181 10.19 -3.50 -1.83
C THR A 1181 10.12 -4.93 -1.34
N LEU A 1182 9.58 -5.14 -0.15
CA LEU A 1182 9.47 -6.48 0.41
C LEU A 1182 8.52 -7.35 -0.41
N THR A 1183 7.45 -6.76 -0.92
CA THR A 1183 6.50 -7.50 -1.75
C THR A 1183 7.17 -8.00 -3.01
N ARG A 1184 7.95 -7.14 -3.67
CA ARG A 1184 8.68 -7.56 -4.87
C ARG A 1184 9.73 -8.62 -4.59
N GLN A 1185 10.39 -8.55 -3.45
CA GLN A 1185 11.38 -9.57 -3.14
C GLN A 1185 10.73 -10.94 -3.00
N ALA A 1186 9.52 -11.00 -2.42
CA ALA A 1186 8.80 -12.26 -2.32
C ALA A 1186 8.44 -12.80 -3.70
N GLU A 1187 8.03 -11.91 -4.59
CA GLU A 1187 7.69 -12.25 -5.96
C GLU A 1187 8.87 -12.89 -6.67
N VAL A 1188 10.02 -12.26 -6.54
CA VAL A 1188 11.22 -12.73 -7.19
C VAL A 1188 11.71 -14.02 -6.56
N ARG A 1189 11.59 -14.17 -5.25
CA ARG A 1189 11.98 -15.44 -4.66
C ARG A 1189 11.26 -16.59 -5.34
N ALA A 1190 9.96 -16.43 -5.60
CA ALA A 1190 9.20 -17.48 -6.29
C ALA A 1190 9.72 -17.72 -7.70
N SER A 1191 10.06 -16.65 -8.44
CA SER A 1191 10.59 -16.82 -9.78
C SER A 1191 12.01 -17.37 -9.78
N ARG A 1192 12.74 -17.16 -8.69
CA ARG A 1192 14.07 -17.73 -8.55
C ARG A 1192 13.97 -19.23 -8.44
N GLN A 1193 12.99 -19.72 -7.70
CA GLN A 1193 12.83 -21.16 -7.56
C GLN A 1193 12.54 -21.77 -8.92
N LEU A 1194 11.77 -21.06 -9.74
CA LEU A 1194 11.48 -21.54 -11.08
C LEU A 1194 12.74 -21.56 -11.95
N ALA A 1195 13.55 -20.50 -11.87
CA ALA A 1195 14.79 -20.45 -12.62
C ALA A 1195 15.72 -21.58 -12.22
N LYS A 1196 15.76 -21.87 -10.93
CA LYS A 1196 16.60 -22.92 -10.40
C LYS A 1196 16.13 -24.29 -10.86
N ASP A 1197 14.81 -24.50 -10.87
CA ASP A 1197 14.26 -25.76 -11.33
C ASP A 1197 14.51 -25.93 -12.82
N LYS A 1198 14.44 -24.85 -13.58
CA LYS A 1198 14.70 -24.92 -15.02
C LYS A 1198 16.15 -25.27 -15.30
N VAL A 1199 17.08 -24.72 -14.53
CA VAL A 1199 18.46 -25.10 -14.76
C VAL A 1199 18.68 -26.55 -14.40
N ASN A 1200 18.21 -26.96 -13.25
CA ASN A 1200 18.46 -28.31 -12.79
C ASN A 1200 17.77 -29.37 -13.63
N GLU A 1201 16.60 -29.08 -14.15
CA GLU A 1201 15.86 -30.08 -14.92
C GLU A 1201 15.96 -29.98 -16.45
N CYS A 1202 16.26 -28.81 -17.03
CA CYS A 1202 16.34 -28.59 -18.46
C CYS A 1202 17.80 -28.53 -18.97
N VAL A 1203 18.69 -28.00 -18.10
CA VAL A 1203 20.07 -27.77 -18.54
C VAL A 1203 21.01 -28.84 -18.01
N ARG A 1204 20.91 -29.16 -16.73
CA ARG A 1204 21.83 -30.10 -16.08
C ARG A 1204 21.37 -31.57 -16.14
N SER A 1205 20.18 -31.80 -16.68
CA SER A 1205 19.63 -33.15 -16.75
C SER A 1205 18.57 -33.26 -17.82
N GLN A 1206 18.10 -34.48 -18.05
CA GLN A 1206 17.04 -34.74 -19.01
C GLN A 1206 15.73 -35.01 -18.28
N SER A 1207 14.85 -34.01 -18.28
CA SER A 1207 13.59 -34.05 -17.54
C SER A 1207 12.59 -35.00 -18.16
N GLN A 1208 11.79 -35.62 -17.30
CA GLN A 1208 10.68 -36.49 -17.73
C GLN A 1208 9.35 -35.78 -17.55
N ARG A 1209 9.38 -34.48 -17.30
CA ARG A 1209 8.17 -33.70 -17.10
C ARG A 1209 7.68 -33.11 -18.41
N PHE A 1210 6.58 -33.65 -18.89
CA PHE A 1210 6.06 -33.25 -20.18
C PHE A 1210 5.70 -31.78 -20.20
N GLY A 1211 6.17 -31.08 -21.23
CA GLY A 1211 5.82 -29.69 -21.44
C GLY A 1211 6.57 -28.70 -20.56
N PHE A 1212 7.46 -29.18 -19.69
CA PHE A 1212 8.14 -28.28 -18.79
C PHE A 1212 9.19 -27.41 -19.47
N CYS A 1213 10.10 -28.03 -20.25
CA CYS A 1213 11.22 -27.35 -20.89
C CYS A 1213 10.84 -26.89 -22.31
N GLY A 1214 9.80 -26.08 -22.38
CA GLY A 1214 9.33 -25.55 -23.66
C GLY A 1214 8.27 -26.44 -24.28
N ASN A 1215 7.70 -25.99 -25.39
CA ASN A 1215 6.62 -26.64 -26.14
C ASN A 1215 7.20 -27.50 -27.28
N GLY A 1216 7.16 -28.82 -27.14
CA GLY A 1216 7.72 -29.77 -28.09
C GLY A 1216 8.45 -30.85 -27.34
N THR A 1217 9.24 -31.64 -28.04
CA THR A 1217 9.98 -32.69 -27.36
C THR A 1217 11.37 -32.16 -27.05
N HIS A 1218 11.67 -32.03 -25.78
CA HIS A 1218 12.92 -31.40 -25.38
C HIS A 1218 14.15 -32.19 -25.76
N LEU A 1219 15.17 -31.49 -26.26
CA LEU A 1219 16.42 -32.13 -26.59
C LEU A 1219 17.52 -31.62 -25.66
N PHE A 1220 17.73 -30.30 -25.64
CA PHE A 1220 18.71 -29.71 -24.73
C PHE A 1220 18.40 -28.25 -24.45
N SER A 1221 19.01 -27.69 -23.41
CA SER A 1221 18.88 -26.28 -23.12
C SER A 1221 20.21 -25.62 -22.81
N LEU A 1222 20.34 -24.39 -23.29
CA LEU A 1222 21.47 -23.53 -23.04
C LEU A 1222 20.98 -22.30 -22.30
N ALA A 1223 21.86 -21.53 -21.69
CA ALA A 1223 21.41 -20.34 -21.01
C ALA A 1223 22.39 -19.18 -21.13
N ASN A 1224 21.87 -17.97 -21.02
CA ASN A 1224 22.62 -16.72 -21.02
C ASN A 1224 22.20 -15.82 -19.88
N ALA A 1225 23.03 -14.86 -19.54
CA ALA A 1225 22.69 -13.87 -18.53
C ALA A 1225 21.77 -12.80 -19.12
N ALA A 1226 20.98 -12.16 -18.27
CA ALA A 1226 20.13 -11.05 -18.66
C ALA A 1226 20.03 -10.10 -17.48
N PRO A 1227 19.64 -8.84 -17.68
CA PRO A 1227 19.45 -7.92 -16.60
C PRO A 1227 18.53 -8.54 -15.57
N ASN A 1228 18.99 -8.60 -14.32
CA ASN A 1228 18.24 -9.15 -13.18
C ASN A 1228 17.84 -10.63 -13.30
N GLY A 1229 18.40 -11.37 -14.24
CA GLY A 1229 18.02 -12.77 -14.37
C GLY A 1229 18.77 -13.49 -15.48
N MET A 1230 18.09 -14.43 -16.12
CA MET A 1230 18.71 -15.23 -17.17
C MET A 1230 17.75 -15.60 -18.29
N ILE A 1231 18.32 -15.94 -19.43
CA ILE A 1231 17.61 -16.39 -20.63
C ILE A 1231 17.84 -17.85 -20.89
N PHE A 1232 16.77 -18.57 -21.10
CA PHE A 1232 16.89 -19.98 -21.46
C PHE A 1232 16.59 -20.20 -22.91
N PHE A 1233 17.43 -20.99 -23.57
CA PHE A 1233 17.23 -21.35 -24.96
C PHE A 1233 16.83 -22.80 -25.03
N HIS A 1234 15.56 -23.07 -25.25
CA HIS A 1234 15.09 -24.43 -25.22
C HIS A 1234 15.07 -24.98 -26.62
N THR A 1235 15.88 -25.98 -26.85
CA THR A 1235 15.95 -26.57 -28.17
C THR A 1235 15.09 -27.81 -28.15
N VAL A 1236 14.06 -27.82 -28.99
CA VAL A 1236 13.12 -28.92 -29.00
C VAL A 1236 13.02 -29.52 -30.40
N LEU A 1237 12.56 -30.75 -30.45
CA LEU A 1237 12.30 -31.44 -31.70
C LEU A 1237 10.88 -31.16 -32.14
N LEU A 1238 10.76 -30.79 -33.40
CA LEU A 1238 9.47 -30.47 -33.99
C LEU A 1238 9.19 -31.41 -35.16
N PRO A 1239 8.19 -32.28 -35.09
CA PRO A 1239 7.82 -33.21 -36.12
C PRO A 1239 7.17 -32.46 -37.27
N THR A 1240 7.43 -32.90 -38.49
CA THR A 1240 6.81 -32.30 -39.65
C THR A 1240 5.84 -33.27 -40.32
N ALA A 1241 6.02 -34.56 -40.03
CA ALA A 1241 5.18 -35.60 -40.59
C ALA A 1241 5.17 -36.82 -39.69
N TYR A 1242 4.09 -37.60 -39.78
CA TYR A 1242 3.91 -38.80 -38.97
C TYR A 1242 3.91 -40.08 -39.78
N GLN A 1243 4.38 -41.15 -39.18
CA GLN A 1243 4.38 -42.49 -39.77
C GLN A 1243 3.23 -43.30 -39.23
N THR A 1244 2.44 -43.90 -40.12
CA THR A 1244 1.35 -44.75 -39.65
C THR A 1244 1.79 -46.21 -39.59
N VAL A 1245 1.47 -46.86 -38.48
CA VAL A 1245 1.73 -48.28 -38.31
C VAL A 1245 0.44 -48.96 -37.86
N THR A 1246 0.37 -50.28 -37.99
CA THR A 1246 -0.79 -51.02 -37.48
C THR A 1246 -0.39 -51.74 -36.21
N ALA A 1247 -0.89 -51.23 -35.10
CA ALA A 1247 -0.52 -51.68 -33.78
C ALA A 1247 -1.33 -52.88 -33.31
N CYS A 1248 -0.74 -53.62 -32.40
CA CYS A 1248 -1.36 -54.75 -31.75
C CYS A 1248 -1.38 -54.53 -30.24
N SER A 1249 -2.52 -54.82 -29.60
CA SER A 1249 -2.63 -54.64 -28.16
C SER A 1249 -1.91 -55.74 -27.41
N GLY A 1250 -1.62 -56.81 -28.11
CA GLY A 1250 -0.96 -57.97 -27.53
C GLY A 1250 -0.99 -59.13 -28.51
N ILE A 1251 -0.30 -60.20 -28.16
CA ILE A 1251 -0.21 -61.40 -28.96
C ILE A 1251 -0.84 -62.59 -28.26
N CYS A 1252 -1.71 -63.35 -28.93
CA CYS A 1252 -2.32 -64.55 -28.42
C CYS A 1252 -1.57 -65.78 -28.93
N ALA A 1253 -0.98 -66.56 -28.08
CA ALA A 1253 -0.13 -67.68 -28.47
C ALA A 1253 -0.64 -69.00 -27.88
N SER A 1254 -0.22 -70.11 -28.48
CA SER A 1254 -0.63 -71.41 -27.98
C SER A 1254 0.45 -72.46 -28.16
N ASP A 1255 0.51 -73.37 -27.19
CA ASP A 1255 1.47 -74.51 -27.23
C ASP A 1255 0.66 -75.74 -26.81
N GLY A 1256 0.37 -76.64 -27.75
CA GLY A 1256 -0.50 -77.77 -27.46
C GLY A 1256 -1.89 -77.25 -27.13
N ASP A 1257 -2.40 -77.67 -25.97
CA ASP A 1257 -3.74 -77.28 -25.56
C ASP A 1257 -3.74 -76.06 -24.62
N ARG A 1258 -2.56 -75.49 -24.39
CA ARG A 1258 -2.42 -74.34 -23.52
C ARG A 1258 -2.41 -73.01 -24.27
N THR A 1259 -3.38 -72.16 -23.98
CA THR A 1259 -3.45 -70.86 -24.63
C THR A 1259 -3.10 -69.78 -23.60
N PHE A 1260 -2.34 -68.78 -24.04
CA PHE A 1260 -1.92 -67.69 -23.18
C PHE A 1260 -1.63 -66.43 -23.97
N GLY A 1261 -1.51 -65.31 -23.29
CA GLY A 1261 -1.23 -64.06 -23.97
C GLY A 1261 0.16 -63.52 -23.68
N LEU A 1262 0.69 -62.74 -24.60
CA LEU A 1262 1.95 -62.03 -24.44
C LEU A 1262 1.71 -60.54 -24.60
N VAL A 1263 2.15 -59.76 -23.62
CA VAL A 1263 1.96 -58.32 -23.72
C VAL A 1263 3.32 -57.65 -23.61
N VAL A 1264 3.42 -56.42 -24.07
CA VAL A 1264 4.71 -55.75 -24.02
C VAL A 1264 5.03 -55.30 -22.60
N LYS A 1265 6.22 -55.69 -22.13
CA LYS A 1265 6.67 -55.38 -20.78
C LYS A 1265 6.83 -53.88 -20.54
N ASP A 1266 7.31 -53.17 -21.55
CA ASP A 1266 7.53 -51.74 -21.48
C ASP A 1266 6.34 -50.99 -22.05
N VAL A 1267 5.56 -50.40 -21.17
CA VAL A 1267 4.30 -49.74 -21.52
C VAL A 1267 4.47 -48.55 -22.45
N GLN A 1268 5.70 -48.05 -22.59
CA GLN A 1268 5.95 -46.90 -23.43
C GLN A 1268 6.19 -47.26 -24.89
N LEU A 1269 6.19 -48.55 -25.21
CA LEU A 1269 6.42 -48.97 -26.59
C LEU A 1269 5.15 -49.45 -27.26
N THR A 1270 5.06 -49.15 -28.55
CA THR A 1270 4.01 -49.65 -29.40
C THR A 1270 4.47 -50.89 -30.14
N LEU A 1271 3.65 -51.93 -30.07
CA LEU A 1271 3.90 -53.16 -30.79
C LEU A 1271 3.18 -53.09 -32.11
N PHE A 1272 3.86 -53.38 -33.19
CA PHE A 1272 3.22 -53.33 -34.49
C PHE A 1272 3.82 -54.41 -35.38
N ARG A 1273 3.11 -54.74 -36.44
CA ARG A 1273 3.60 -55.79 -37.31
C ARG A 1273 4.05 -55.21 -38.65
N ASN A 1274 5.24 -55.62 -39.08
CA ASN A 1274 5.85 -55.09 -40.29
C ASN A 1274 5.35 -55.79 -41.55
N LEU A 1275 5.85 -55.36 -42.70
CA LEU A 1275 5.48 -55.91 -43.98
C LEU A 1275 6.02 -57.33 -44.16
N ASP A 1276 7.00 -57.69 -43.35
CA ASP A 1276 7.60 -59.01 -43.38
C ASP A 1276 6.85 -59.93 -42.42
N ASP A 1277 5.77 -59.41 -41.83
CA ASP A 1277 4.94 -60.10 -40.86
C ASP A 1277 5.67 -60.30 -39.53
N LYS A 1278 6.80 -59.64 -39.37
CA LYS A 1278 7.57 -59.70 -38.14
C LYS A 1278 7.11 -58.66 -37.14
N PHE A 1279 7.32 -58.95 -35.85
CA PHE A 1279 6.96 -58.00 -34.81
C PHE A 1279 8.07 -57.03 -34.46
N TYR A 1280 7.69 -55.76 -34.39
CA TYR A 1280 8.56 -54.64 -34.05
C TYR A 1280 8.01 -53.81 -32.91
N LEU A 1281 8.91 -53.18 -32.19
CA LEU A 1281 8.54 -52.26 -31.12
C LEU A 1281 9.05 -50.88 -31.45
N THR A 1282 8.25 -49.86 -31.19
CA THR A 1282 8.74 -48.50 -31.39
C THR A 1282 8.25 -47.59 -30.27
N PRO A 1283 9.07 -46.66 -29.79
CA PRO A 1283 8.69 -45.67 -28.81
C PRO A 1283 7.73 -44.71 -29.48
N ARG A 1284 6.87 -44.08 -28.70
CA ARG A 1284 5.85 -43.23 -29.29
C ARG A 1284 6.31 -41.81 -29.58
N THR A 1285 7.49 -41.45 -29.11
CA THR A 1285 7.97 -40.08 -29.29
C THR A 1285 8.67 -39.90 -30.64
N MET A 1286 9.25 -40.96 -31.16
CA MET A 1286 9.96 -40.91 -32.43
C MET A 1286 9.81 -42.25 -33.13
N TYR A 1287 9.67 -42.26 -34.43
CA TYR A 1287 9.61 -43.55 -35.11
C TYR A 1287 10.98 -44.18 -35.26
N GLN A 1288 11.35 -44.93 -34.24
CA GLN A 1288 12.63 -45.61 -34.11
C GLN A 1288 12.46 -47.09 -33.77
N PRO A 1289 11.95 -47.91 -34.71
CA PRO A 1289 11.58 -49.29 -34.50
C PRO A 1289 12.76 -50.23 -34.37
N ARG A 1290 12.57 -51.27 -33.58
CA ARG A 1290 13.50 -52.35 -33.44
C ARG A 1290 12.75 -53.67 -33.43
N ALA A 1291 13.38 -54.74 -33.87
CA ALA A 1291 12.70 -56.02 -33.84
C ALA A 1291 12.42 -56.42 -32.41
N ALA A 1292 11.23 -56.97 -32.18
CA ALA A 1292 10.84 -57.45 -30.86
C ALA A 1292 11.54 -58.75 -30.54
N THR A 1293 11.87 -58.97 -29.28
CA THR A 1293 12.39 -60.26 -28.90
C THR A 1293 11.68 -60.81 -27.67
N SER A 1294 12.05 -62.01 -27.26
CA SER A 1294 11.35 -62.69 -26.18
C SER A 1294 11.42 -61.99 -24.83
N SER A 1295 12.48 -61.25 -24.58
CA SER A 1295 12.67 -60.59 -23.30
C SER A 1295 11.84 -59.32 -23.19
N ASP A 1296 11.16 -58.96 -24.27
CA ASP A 1296 10.33 -57.77 -24.27
C ASP A 1296 8.89 -58.07 -23.94
N PHE A 1297 8.58 -59.35 -23.73
CA PHE A 1297 7.19 -59.72 -23.49
C PHE A 1297 6.94 -60.34 -22.13
N VAL A 1298 5.73 -60.15 -21.66
CA VAL A 1298 5.22 -60.73 -20.44
C VAL A 1298 4.12 -61.72 -20.73
N GLN A 1299 4.25 -62.92 -20.19
CA GLN A 1299 3.25 -63.94 -20.40
C GLN A 1299 2.18 -63.89 -19.33
N ILE A 1300 0.92 -63.80 -19.78
CA ILE A 1300 -0.23 -63.70 -18.89
C ILE A 1300 -1.22 -64.83 -19.20
N GLU A 1301 -2.15 -65.07 -18.29
CA GLU A 1301 -3.06 -66.22 -18.41
C GLU A 1301 -4.01 -66.22 -19.61
N GLY A 1302 -4.51 -65.06 -20.02
CA GLY A 1302 -5.50 -65.07 -21.09
C GLY A 1302 -5.16 -64.13 -22.25
N CYS A 1303 -6.10 -64.04 -23.22
CA CYS A 1303 -6.00 -63.22 -24.42
C CYS A 1303 -7.22 -62.29 -24.50
N ASP A 1304 -7.02 -61.05 -24.94
CA ASP A 1304 -8.15 -60.15 -25.15
C ASP A 1304 -8.67 -60.28 -26.57
N VAL A 1305 -9.72 -59.54 -26.90
CA VAL A 1305 -10.34 -59.60 -28.21
C VAL A 1305 -9.56 -58.83 -29.27
N LEU A 1306 -8.63 -58.00 -28.80
CA LEU A 1306 -7.83 -57.17 -29.69
C LEU A 1306 -6.44 -57.76 -29.92
N PHE A 1307 -6.21 -58.98 -29.42
CA PHE A 1307 -4.92 -59.62 -29.59
C PHE A 1307 -4.80 -60.25 -30.97
N VAL A 1308 -3.58 -60.31 -31.47
CA VAL A 1308 -3.33 -60.95 -32.75
C VAL A 1308 -2.84 -62.38 -32.52
N ASN A 1309 -3.36 -63.35 -33.26
CA ASN A 1309 -2.98 -64.75 -33.19
C ASN A 1309 -1.59 -65.00 -33.75
N ALA A 1310 -0.67 -65.55 -32.99
CA ALA A 1310 0.69 -65.90 -33.40
C ALA A 1310 0.69 -67.21 -34.16
N THR A 1311 1.68 -67.36 -35.03
CA THR A 1311 1.88 -68.60 -35.77
C THR A 1311 3.24 -69.18 -35.46
N GLU A 1312 3.46 -70.42 -35.88
CA GLU A 1312 4.71 -71.12 -35.61
C GLU A 1312 5.93 -70.34 -36.10
N ILE A 1313 5.77 -69.58 -37.17
CA ILE A 1313 6.84 -68.75 -37.72
C ILE A 1313 7.30 -67.67 -36.75
N ASP A 1314 6.38 -67.08 -35.96
CA ASP A 1314 6.75 -65.99 -35.07
C ASP A 1314 7.25 -66.51 -33.74
N LEU A 1315 6.68 -67.61 -33.28
CA LEU A 1315 6.87 -68.04 -31.92
C LEU A 1315 8.34 -68.07 -31.43
N PRO A 1316 9.32 -68.62 -32.18
CA PRO A 1316 10.70 -68.73 -31.73
C PRO A 1316 11.35 -67.37 -31.43
N SER A 1317 10.79 -66.29 -31.98
CA SER A 1317 11.36 -64.97 -31.80
C SER A 1317 10.68 -64.15 -30.70
N ILE A 1318 9.54 -64.63 -30.21
CA ILE A 1318 8.79 -63.90 -29.20
C ILE A 1318 8.63 -64.66 -27.86
N ILE A 1319 8.94 -65.98 -27.85
CA ILE A 1319 8.96 -66.82 -26.64
C ILE A 1319 10.41 -67.32 -26.49
N ASN B 50 37.77 -11.92 64.81
CA ASN B 50 36.99 -11.55 65.98
C ASN B 50 37.18 -10.09 66.35
N LEU B 51 38.29 -9.48 65.91
CA LEU B 51 38.55 -8.07 66.15
C LEU B 51 37.54 -7.22 65.40
N ILE B 52 37.17 -7.68 64.21
CA ILE B 52 36.21 -6.99 63.37
C ILE B 52 34.83 -7.19 63.95
N GLU B 53 34.57 -8.40 64.43
CA GLU B 53 33.29 -8.68 65.07
C GLU B 53 33.09 -7.77 66.27
N ASN B 54 34.13 -7.64 67.11
CA ASN B 54 34.01 -6.79 68.29
C ASN B 54 33.76 -5.34 67.89
N PHE B 55 34.39 -4.90 66.80
CA PHE B 55 34.19 -3.54 66.33
C PHE B 55 32.70 -3.33 66.04
N LEU B 56 32.09 -4.27 65.32
CA LEU B 56 30.67 -4.19 64.97
C LEU B 56 29.79 -4.27 66.21
N LEU B 57 30.17 -5.08 67.19
CA LEU B 57 29.43 -5.17 68.44
C LEU B 57 29.32 -3.82 69.16
N ASN B 58 30.41 -3.02 69.16
CA ASN B 58 30.41 -1.70 69.78
C ASN B 58 29.68 -0.67 68.91
N TYR B 59 29.89 -0.72 67.59
CA TYR B 59 29.28 0.17 66.60
C TYR B 59 27.75 0.12 66.64
N SER B 60 27.21 -1.09 66.75
CA SER B 60 25.78 -1.36 66.75
C SER B 60 25.06 -1.07 68.07
N ILE B 61 25.77 -0.62 69.10
CA ILE B 61 25.13 -0.36 70.40
C ILE B 61 23.99 0.65 70.28
N ARG B 62 24.12 1.60 69.37
CA ARG B 62 23.15 2.67 69.16
C ARG B 62 21.79 2.19 68.61
N LEU B 63 21.70 0.95 68.13
CA LEU B 63 20.46 0.47 67.53
C LEU B 63 19.33 0.25 68.55
N PRO B 64 18.06 0.32 68.11
CA PRO B 64 16.86 -0.01 68.85
C PRO B 64 16.89 -1.45 69.38
N PRO B 65 16.17 -1.75 70.47
CA PRO B 65 16.07 -3.03 71.14
C PRO B 65 15.40 -4.11 70.29
N ASN B 66 14.65 -3.70 69.28
CA ASN B 66 13.96 -4.66 68.43
C ASN B 66 14.14 -4.31 66.98
N SER B 67 15.29 -4.68 66.42
CA SER B 67 15.57 -4.34 65.03
C SER B 67 16.48 -5.35 64.35
N ASP B 68 16.34 -5.41 63.03
CA ASP B 68 17.18 -6.20 62.13
C ASP B 68 17.60 -5.29 61.00
N VAL B 69 18.86 -4.91 61.00
CA VAL B 69 19.31 -3.90 60.05
C VAL B 69 20.57 -4.32 59.30
N VAL B 70 20.83 -3.65 58.20
CA VAL B 70 22.11 -3.84 57.54
C VAL B 70 22.87 -2.53 57.61
N LEU B 71 24.05 -2.59 58.18
CA LEU B 71 24.85 -1.41 58.39
C LEU B 71 25.92 -1.32 57.33
N GLY B 72 26.08 -0.13 56.75
CA GLY B 72 27.09 0.08 55.73
C GLY B 72 27.96 1.27 56.07
N ASP B 73 29.25 1.04 56.16
CA ASP B 73 30.22 2.08 56.50
C ASP B 73 31.61 1.66 56.02
N TYR B 74 32.58 2.53 56.25
CA TYR B 74 33.97 2.21 55.92
C TYR B 74 34.56 1.40 57.06
N PHE B 75 34.02 0.20 57.23
CA PHE B 75 34.37 -0.73 58.29
C PHE B 75 35.72 -1.36 57.99
N PRO B 76 36.47 -1.79 59.00
CA PRO B 76 37.70 -2.50 58.84
C PRO B 76 37.37 -3.75 58.05
N THR B 77 38.26 -4.11 57.14
CA THR B 77 37.98 -5.25 56.27
C THR B 77 38.92 -6.40 56.55
N VAL B 78 38.84 -7.44 55.74
CA VAL B 78 39.57 -8.66 56.01
C VAL B 78 40.76 -8.96 55.11
N GLN B 79 40.84 -8.34 53.93
CA GLN B 79 41.95 -8.69 53.04
C GLN B 79 43.27 -7.91 53.22
N PRO B 80 43.32 -6.58 53.01
CA PRO B 80 44.52 -5.76 52.91
C PRO B 80 45.17 -5.40 54.25
N GLN B 194 37.93 7.57 60.96
CA GLN B 194 37.16 7.80 59.73
C GLN B 194 37.03 9.30 59.56
N TRP B 195 37.54 9.81 58.45
CA TRP B 195 37.54 11.25 58.23
C TRP B 195 36.50 11.71 57.22
N PHE B 196 35.46 12.37 57.70
CA PHE B 196 34.39 12.86 56.85
C PHE B 196 34.49 14.38 56.80
N THR B 197 33.94 14.99 55.77
CA THR B 197 34.00 16.44 55.65
C THR B 197 33.39 17.15 56.86
N ASP B 198 32.29 16.62 57.36
CA ASP B 198 31.58 17.23 58.49
C ASP B 198 32.24 16.94 59.84
N GLU B 199 32.74 15.72 60.03
CA GLU B 199 33.30 15.32 61.31
C GLU B 199 34.33 14.20 61.22
N VAL B 200 35.15 14.10 62.25
CA VAL B 200 36.10 13.00 62.42
C VAL B 200 35.69 12.11 63.57
N VAL B 201 35.63 10.81 63.33
CA VAL B 201 35.30 9.91 64.42
C VAL B 201 36.48 9.00 64.71
N TYR B 209 34.88 8.83 69.69
CA TYR B 209 35.03 10.25 69.95
C TYR B 209 34.71 10.99 68.67
N ARG B 210 33.73 11.89 68.71
CA ARG B 210 33.33 12.58 67.49
C ARG B 210 33.67 14.06 67.58
N ILE B 211 34.52 14.52 66.66
CA ILE B 211 34.99 15.88 66.66
C ILE B 211 34.49 16.59 65.40
N SER B 212 33.55 17.52 65.57
CA SER B 212 32.91 18.18 64.43
C SER B 212 33.61 19.46 63.99
N PHE B 213 33.83 19.59 62.69
CA PHE B 213 34.45 20.75 62.07
C PHE B 213 34.52 20.57 60.56
N GLU B 214 34.29 21.63 59.80
CA GLU B 214 34.36 21.59 58.36
C GLU B 214 35.80 21.49 57.88
N ASN B 215 36.12 20.49 57.06
CA ASN B 215 37.48 20.32 56.56
C ASN B 215 37.53 19.62 55.21
N LYS B 216 38.49 20.01 54.37
CA LYS B 216 38.73 19.27 53.14
C LYS B 216 39.78 18.22 53.42
N TRP B 217 39.41 16.96 53.29
CA TRP B 217 40.36 15.90 53.59
C TRP B 217 41.07 15.44 52.35
N PHE B 218 42.32 15.05 52.51
CA PHE B 218 43.08 14.48 51.41
C PHE B 218 43.13 12.99 51.67
N GLY B 219 43.29 12.20 50.63
CA GLY B 219 43.32 10.75 50.82
C GLY B 219 44.71 10.26 51.23
N ASP B 248 36.38 1.62 50.67
CA ASP B 248 34.98 1.54 50.29
C ASP B 248 34.06 1.05 51.40
N VAL B 249 32.78 0.91 51.08
CA VAL B 249 31.77 0.53 52.05
C VAL B 249 31.48 -0.98 52.09
N THR B 250 31.50 -1.53 53.29
CA THR B 250 31.23 -2.94 53.54
C THR B 250 29.94 -3.07 54.33
N TYR B 251 29.14 -4.08 54.00
CA TYR B 251 27.86 -4.27 54.65
C TYR B 251 27.83 -5.48 55.59
N TYR B 252 27.24 -5.27 56.78
CA TYR B 252 27.04 -6.31 57.77
C TYR B 252 25.60 -6.33 58.26
N ARG B 253 25.07 -7.51 58.52
CA ARG B 253 23.71 -7.61 59.05
C ARG B 253 23.73 -7.80 60.55
N VAL B 254 22.94 -6.99 61.24
CA VAL B 254 22.89 -7.05 62.69
C VAL B 254 21.49 -7.39 63.20
N ASN B 255 21.39 -8.52 63.89
CA ASN B 255 20.14 -9.04 64.43
C ASN B 255 20.07 -8.85 65.94
N ASN B 256 19.22 -7.95 66.41
CA ASN B 256 19.15 -7.68 67.85
C ASN B 256 17.92 -8.29 68.53
N LYS B 257 17.23 -9.20 67.84
CA LYS B 257 16.01 -9.83 68.37
C LYS B 257 16.25 -10.85 69.49
N ASN B 258 17.35 -11.61 69.37
CA ASN B 258 17.72 -12.74 70.26
C ASN B 258 17.94 -12.30 71.72
N THR B 261 23.22 -9.33 70.42
CA THR B 261 23.31 -8.93 69.04
C THR B 261 24.18 -9.90 68.25
N ILE B 262 23.68 -10.32 67.10
CA ILE B 262 24.41 -11.22 66.22
C ILE B 262 24.84 -10.51 64.95
N VAL B 263 26.14 -10.53 64.68
CA VAL B 263 26.69 -9.87 63.51
C VAL B 263 27.09 -10.88 62.47
N SER B 264 26.63 -10.68 61.24
CA SER B 264 26.96 -11.60 60.16
C SER B 264 27.31 -10.85 58.87
N ASN B 265 28.03 -11.52 57.96
CA ASN B 265 28.42 -10.98 56.67
C ASN B 265 27.23 -10.88 55.71
N CYS B 266 27.14 -9.79 54.92
CA CYS B 266 26.17 -9.68 53.84
C CYS B 266 26.91 -9.49 52.52
N THR B 267 27.17 -10.60 51.81
CA THR B 267 28.04 -10.54 50.64
C THR B 267 27.46 -10.99 49.29
N ASP B 268 26.35 -11.73 49.27
CA ASP B 268 25.85 -12.23 47.99
C ASP B 268 24.40 -11.85 47.66
N GLN B 269 23.44 -12.71 48.00
CA GLN B 269 22.06 -12.43 47.59
C GLN B 269 21.46 -11.23 48.33
N CYS B 270 21.77 -11.07 49.62
CA CYS B 270 21.30 -9.93 50.41
C CYS B 270 22.07 -8.67 50.01
N ALA B 271 23.33 -8.85 49.59
CA ALA B 271 24.09 -7.66 49.11
C ALA B 271 23.38 -7.07 47.89
N SER B 272 22.46 -7.82 47.28
CA SER B 272 21.79 -7.33 46.04
C SER B 272 20.47 -6.63 46.36
N TYR B 273 20.17 -6.42 47.64
CA TYR B 273 18.97 -5.72 48.00
C TYR B 273 19.27 -4.37 48.68
N VAL B 274 20.44 -4.25 49.32
CA VAL B 274 20.74 -3.03 50.05
C VAL B 274 21.94 -2.27 49.49
N ASP B 275 22.77 -2.92 48.70
CA ASP B 275 23.90 -2.21 48.15
C ASP B 275 23.44 -1.27 47.04
N ASN B 276 23.48 0.01 47.35
CA ASN B 276 23.01 1.05 46.46
C ASN B 276 24.10 2.08 46.20
N VAL B 277 25.35 1.68 46.38
CA VAL B 277 26.48 2.59 46.22
C VAL B 277 27.48 2.02 45.23
N PHE B 278 28.10 2.91 44.47
CA PHE B 278 29.03 2.49 43.45
C PHE B 278 30.17 3.46 43.23
N THR B 279 31.22 2.98 42.60
CA THR B 279 32.31 3.84 42.20
C THR B 279 31.92 4.46 40.87
N THR B 280 32.03 5.77 40.77
CA THR B 280 31.67 6.45 39.53
C THR B 280 32.83 6.29 38.55
N GLN B 281 32.50 5.95 37.31
CA GLN B 281 33.53 5.77 36.30
C GLN B 281 33.82 7.11 35.64
N PRO B 282 35.01 7.32 35.07
CA PRO B 282 35.39 8.53 34.37
C PRO B 282 34.33 8.85 33.36
N GLY B 283 33.94 10.12 33.31
CA GLY B 283 32.86 10.54 32.42
C GLY B 283 31.55 10.64 33.18
N GLY B 284 31.56 10.17 34.43
CA GLY B 284 30.36 10.20 35.27
C GLY B 284 29.43 9.06 34.94
N LEU B 285 29.98 7.92 34.58
CA LEU B 285 29.11 6.82 34.17
C LEU B 285 28.88 5.83 35.29
N ILE B 286 27.66 5.29 35.33
CA ILE B 286 27.26 4.29 36.31
C ILE B 286 27.70 2.91 35.80
N PRO B 287 28.41 2.10 36.60
CA PRO B 287 28.86 0.77 36.26
C PRO B 287 27.71 -0.11 35.80
N SER B 288 28.01 -0.99 34.85
CA SER B 288 27.03 -1.88 34.24
C SER B 288 26.44 -2.91 35.19
N ASP B 289 27.09 -3.11 36.33
CA ASP B 289 26.61 -4.08 37.31
C ASP B 289 25.84 -3.43 38.46
N PHE B 290 25.51 -2.15 38.34
CA PHE B 290 24.75 -1.45 39.36
C PHE B 290 23.29 -1.91 39.40
N SER B 291 22.77 -2.11 40.62
CA SER B 291 21.41 -2.60 40.82
C SER B 291 20.28 -1.57 40.61
N PHE B 292 20.57 -0.28 40.75
CA PHE B 292 19.54 0.76 40.61
C PHE B 292 18.34 0.56 41.56
N ASN B 293 18.57 0.04 42.76
CA ASN B 293 17.45 -0.27 43.65
C ASN B 293 16.54 0.91 43.99
N ASN B 294 17.13 2.08 44.19
CA ASN B 294 16.36 3.29 44.50
C ASN B 294 16.42 4.31 43.36
N TRP B 295 16.68 3.83 42.14
CA TRP B 295 16.74 4.72 40.99
C TRP B 295 15.56 4.48 40.06
N PHE B 296 15.00 5.57 39.55
CA PHE B 296 13.85 5.48 38.66
C PHE B 296 14.01 6.39 37.46
N LEU B 297 13.30 6.07 36.38
CA LEU B 297 13.22 6.98 35.25
C LEU B 297 12.29 8.12 35.61
N LEU B 298 12.59 9.31 35.11
CA LEU B 298 11.75 10.46 35.37
C LEU B 298 10.79 10.70 34.23
N THR B 299 9.52 10.88 34.58
CA THR B 299 8.52 11.17 33.58
C THR B 299 7.56 12.25 34.05
N ASN B 300 6.98 12.95 33.05
CA ASN B 300 5.94 13.95 33.23
C ASN B 300 4.54 13.39 33.18
N SER B 301 4.34 12.18 32.61
CA SER B 301 3.02 11.57 32.43
C SER B 301 3.01 10.10 32.81
N SER B 302 2.74 9.24 31.83
CA SER B 302 2.60 7.81 32.09
C SER B 302 3.93 7.13 32.34
N THR B 303 3.88 5.98 33.01
CA THR B 303 5.07 5.22 33.34
C THR B 303 5.22 3.92 32.55
N VAL B 304 6.43 3.68 32.09
CA VAL B 304 6.76 2.47 31.36
C VAL B 304 6.89 1.31 32.31
N VAL B 305 6.15 0.25 32.06
CA VAL B 305 6.24 -0.93 32.91
C VAL B 305 7.37 -1.81 32.45
N SER B 306 7.48 -2.00 31.15
CA SER B 306 8.56 -2.81 30.60
C SER B 306 8.89 -2.38 29.19
N GLY B 307 10.12 -2.68 28.76
CA GLY B 307 10.53 -2.40 27.38
C GLY B 307 11.78 -1.56 27.32
N LYS B 308 12.31 -1.39 26.11
CA LYS B 308 13.52 -0.59 25.90
C LYS B 308 13.18 0.73 25.27
N LEU B 309 13.75 1.80 25.81
CA LEU B 309 13.51 3.12 25.26
C LEU B 309 14.75 4.00 25.26
N VAL B 310 14.89 4.84 24.25
CA VAL B 310 15.96 5.81 24.23
C VAL B 310 15.40 7.11 24.80
N THR B 311 15.98 7.54 25.89
CA THR B 311 15.46 8.67 26.64
C THR B 311 16.54 9.56 27.21
N ARG B 312 16.18 10.82 27.43
CA ARG B 312 17.08 11.79 28.06
C ARG B 312 16.82 11.82 29.55
N GLN B 313 17.76 11.31 30.31
CA GLN B 313 17.61 11.13 31.74
C GLN B 313 18.85 11.62 32.48
N PRO B 314 18.73 12.03 33.74
CA PRO B 314 19.81 12.48 34.59
C PRO B 314 20.60 11.30 35.13
N LEU B 315 21.23 10.57 34.21
CA LEU B 315 21.98 9.37 34.54
C LEU B 315 23.49 9.57 34.52
N VAL B 316 23.94 10.80 34.32
CA VAL B 316 25.37 11.08 34.41
C VAL B 316 25.63 11.53 35.82
N VAL B 317 26.57 10.90 36.50
CA VAL B 317 26.82 11.24 37.87
C VAL B 317 28.05 12.12 38.01
N ASN B 318 27.84 13.36 38.40
CA ASN B 318 28.95 14.27 38.59
C ASN B 318 29.69 13.96 39.90
N CYS B 319 28.92 13.58 40.92
CA CYS B 319 29.40 13.24 42.25
C CYS B 319 28.41 12.32 42.96
N LEU B 320 28.92 11.32 43.64
CA LEU B 320 28.09 10.47 44.47
C LEU B 320 28.49 10.60 45.92
N TRP B 321 27.56 11.03 46.76
CA TRP B 321 27.80 11.22 48.18
C TRP B 321 27.08 10.18 49.03
N PRO B 322 27.75 9.11 49.45
CA PRO B 322 27.18 8.06 50.25
C PRO B 322 26.99 8.57 51.67
N VAL B 323 25.94 8.11 52.34
CA VAL B 323 25.67 8.50 53.71
C VAL B 323 25.72 7.26 54.61
N PRO B 324 26.63 7.22 55.60
CA PRO B 324 26.82 6.17 56.59
C PRO B 324 25.57 5.96 57.43
N SER B 325 25.51 4.81 58.10
CA SER B 325 24.36 4.42 58.90
C SER B 325 23.99 5.43 59.98
N PHE B 326 24.99 6.10 60.55
CA PHE B 326 24.70 7.07 61.58
C PHE B 326 25.37 8.41 61.28
N LYS B 327 24.90 9.09 60.25
CA LYS B 327 25.45 10.38 59.87
C LYS B 327 24.33 11.31 59.44
N GLU B 328 24.53 12.60 59.67
CA GLU B 328 23.57 13.60 59.25
C GLU B 328 23.97 14.20 57.91
N ALA B 329 23.12 14.04 56.91
CA ALA B 329 23.40 14.56 55.60
C ALA B 329 22.94 16.00 55.54
N ALA B 330 23.69 16.85 56.21
CA ALA B 330 23.33 18.26 56.30
C ALA B 330 24.29 19.09 55.50
N SER B 331 23.76 19.88 54.58
CA SER B 331 24.58 20.71 53.72
C SER B 331 23.76 21.74 52.98
N THR B 332 24.46 22.55 52.21
CA THR B 332 23.81 23.50 51.32
C THR B 332 24.31 23.25 49.92
N PHE B 333 23.39 23.01 49.02
CA PHE B 333 23.74 22.72 47.64
C PHE B 333 23.29 23.78 46.65
N CYS B 334 24.16 24.15 45.70
CA CYS B 334 23.85 25.06 44.62
C CYS B 334 24.12 24.40 43.27
N PHE B 335 23.22 24.60 42.33
CA PHE B 335 23.34 23.94 41.03
C PHE B 335 24.44 24.59 40.20
N GLU B 336 24.47 25.92 40.21
CA GLU B 336 25.41 26.69 39.40
C GLU B 336 26.76 26.80 40.10
N GLY B 337 27.42 25.66 40.23
CA GLY B 337 28.71 25.56 40.89
C GLY B 337 28.58 24.85 42.23
N ALA B 338 28.54 23.54 42.19
CA ALA B 338 28.44 22.72 43.38
C ALA B 338 29.81 22.57 44.02
N GLY B 339 29.82 22.35 45.34
CA GLY B 339 31.07 22.14 46.06
C GLY B 339 31.79 20.85 45.69
N PHE B 340 31.03 19.76 45.63
CA PHE B 340 31.57 18.42 45.37
C PHE B 340 32.63 17.97 46.37
N ASP B 341 32.46 18.31 47.64
CA ASP B 341 33.42 17.88 48.63
C ASP B 341 33.19 16.47 49.16
N GLN B 342 31.97 15.97 49.08
CA GLN B 342 31.70 14.62 49.60
C GLN B 342 31.46 13.63 48.46
N CYS B 343 32.52 13.15 47.81
CA CYS B 343 32.40 12.28 46.64
C CYS B 343 33.08 10.94 46.90
N ASN B 344 32.37 9.89 46.53
CA ASN B 344 32.85 8.53 46.68
C ASN B 344 34.05 8.32 45.75
N ALA B 346 36.02 9.29 41.08
CA ALA B 346 35.79 10.11 39.91
C ALA B 346 34.77 11.21 40.22
N VAL B 347 35.16 12.48 39.95
CA VAL B 347 34.30 13.65 40.07
C VAL B 347 34.35 14.44 38.79
N LEU B 348 33.19 14.71 38.23
CA LEU B 348 33.11 15.48 37.01
C LEU B 348 32.66 16.88 37.38
N ASN B 349 33.54 17.85 37.19
CA ASN B 349 33.22 19.19 37.63
C ASN B 349 32.42 19.94 36.58
N ASN B 350 31.11 20.03 36.81
CA ASN B 350 30.23 20.66 35.84
C ASN B 350 28.99 21.20 36.54
N THR B 351 28.11 21.81 35.77
CA THR B 351 26.85 22.31 36.32
C THR B 351 25.96 21.12 36.62
N VAL B 352 25.33 21.12 37.80
CA VAL B 352 24.44 20.03 38.16
C VAL B 352 23.03 20.34 37.67
N ASP B 353 22.35 19.37 37.06
CA ASP B 353 20.99 19.59 36.60
C ASP B 353 19.97 19.11 37.62
N VAL B 354 20.26 17.97 38.25
CA VAL B 354 19.37 17.33 39.21
C VAL B 354 20.09 16.83 40.47
N ILE B 355 19.48 17.05 41.62
CA ILE B 355 20.00 16.43 42.84
C ILE B 355 19.04 15.31 43.26
N ARG B 356 19.59 14.11 43.43
CA ARG B 356 18.79 12.94 43.76
C ARG B 356 19.04 12.44 45.17
N PHE B 357 17.96 12.30 45.93
CA PHE B 357 18.02 11.78 47.28
C PHE B 357 17.50 10.35 47.26
N ASN B 358 18.40 9.39 47.33
CA ASN B 358 18.04 8.00 47.18
C ASN B 358 17.94 7.29 48.52
N LEU B 359 16.83 7.49 49.21
CA LEU B 359 16.65 6.92 50.54
C LEU B 359 15.23 6.45 50.78
N ASN B 360 15.08 5.44 51.70
CA ASN B 360 13.74 4.99 52.06
C ASN B 360 13.17 5.97 53.12
N PHE B 361 12.40 6.92 52.58
CA PHE B 361 11.78 7.95 53.45
C PHE B 361 10.71 7.27 54.30
N THR B 362 11.16 6.40 55.21
CA THR B 362 10.23 5.70 56.11
C THR B 362 9.93 6.64 57.29
N ALA B 363 9.25 6.13 58.33
CA ALA B 363 8.86 6.99 59.47
C ALA B 363 10.09 7.29 60.33
N ASP B 364 11.27 6.94 59.84
CA ASP B 364 12.53 7.16 60.62
C ASP B 364 13.25 8.41 60.10
N VAL B 365 12.91 8.89 58.90
CA VAL B 365 13.66 10.01 58.39
C VAL B 365 13.17 11.30 58.98
N GLN B 366 14.06 11.98 59.67
CA GLN B 366 13.76 13.21 60.37
C GLN B 366 14.61 14.35 59.84
N SER B 367 14.16 15.57 60.07
CA SER B 367 14.92 16.72 59.62
C SER B 367 15.40 17.59 60.76
N GLY B 368 16.59 18.16 60.56
CA GLY B 368 17.18 19.05 61.56
C GLY B 368 16.50 20.41 61.55
N MET B 369 15.64 20.62 60.56
CA MET B 369 14.90 21.85 60.41
C MET B 369 13.45 21.65 60.87
N GLY B 370 13.20 20.52 61.56
CA GLY B 370 11.89 20.21 62.08
C GLY B 370 10.89 19.93 60.97
N ALA B 371 9.84 20.73 60.92
CA ALA B 371 8.81 20.54 59.90
C ALA B 371 9.40 20.64 58.50
N THR B 372 10.38 21.52 58.33
CA THR B 372 10.92 21.74 56.99
C THR B 372 11.82 20.59 56.57
N VAL B 373 11.57 20.07 55.37
CA VAL B 373 12.37 19.01 54.82
C VAL B 373 13.41 19.66 53.92
N PHE B 374 12.94 20.56 53.08
CA PHE B 374 13.81 21.30 52.15
C PHE B 374 13.56 22.79 52.24
N SER B 375 14.59 23.59 52.00
CA SER B 375 14.44 25.04 51.90
C SER B 375 15.05 25.50 50.60
N LEU B 376 14.19 26.08 49.77
CA LEU B 376 14.53 26.39 48.39
C LEU B 376 14.74 27.87 48.13
N ASN B 377 15.93 28.24 47.67
CA ASN B 377 16.29 29.60 47.29
C ASN B 377 16.15 29.76 45.78
N THR B 378 15.12 30.51 45.34
CA THR B 378 14.75 30.70 43.94
C THR B 378 15.29 32.04 43.39
N THR B 379 15.07 32.28 42.10
CA THR B 379 15.71 33.38 41.38
C THR B 379 15.29 34.81 41.75
N GLY B 380 14.20 34.94 42.48
CA GLY B 380 13.73 36.24 42.89
C GLY B 380 14.28 36.62 44.27
N GLY B 381 15.16 35.77 44.83
CA GLY B 381 15.67 36.00 46.17
C GLY B 381 14.69 35.43 47.19
N VAL B 382 13.64 34.83 46.66
CA VAL B 382 12.54 34.23 47.37
C VAL B 382 12.88 32.88 47.98
N ILE B 383 12.50 32.69 49.23
CA ILE B 383 12.70 31.41 49.88
C ILE B 383 11.38 30.68 50.05
N LEU B 384 11.30 29.49 49.46
CA LEU B 384 10.14 28.63 49.64
C LEU B 384 10.53 27.45 50.52
N GLU B 385 9.56 26.92 51.24
CA GLU B 385 9.85 25.77 52.09
C GLU B 385 8.91 24.61 51.83
N ILE B 386 9.46 23.40 51.86
CA ILE B 386 8.66 22.19 51.74
C ILE B 386 8.63 21.57 53.13
N SER B 387 7.46 21.51 53.75
CA SER B 387 7.39 21.04 55.14
C SER B 387 6.25 20.07 55.40
N CYS B 388 6.47 19.05 56.27
CA CYS B 388 5.47 18.09 56.71
C CYS B 388 5.06 18.33 58.18
N TYR B 389 3.75 18.21 58.39
CA TYR B 389 3.14 18.37 59.70
C TYR B 389 2.32 17.14 60.06
N ASN B 390 2.04 16.96 61.35
CA ASN B 390 1.21 15.82 61.78
C ASN B 390 -0.25 16.20 62.05
N ASP B 391 -0.80 17.12 61.24
CA ASP B 391 -2.16 17.62 61.30
C ASP B 391 -2.48 18.42 60.03
N PRO B 412 0.59 10.00 59.95
CA PRO B 412 0.57 10.70 58.67
C PRO B 412 1.32 12.02 58.88
N ARG B 413 2.12 12.40 57.87
CA ARG B 413 2.86 13.66 57.81
C ARG B 413 2.44 14.34 56.50
N TYR B 414 1.78 15.48 56.62
CA TYR B 414 1.13 16.16 55.50
C TYR B 414 2.05 17.26 55.01
N CYS B 415 2.54 17.18 53.75
CA CYS B 415 3.45 18.19 53.19
C CYS B 415 2.75 19.29 52.41
N TYR B 416 3.24 20.49 52.66
CA TYR B 416 2.80 21.75 52.08
C TYR B 416 3.97 22.58 51.56
N VAL B 417 3.66 23.45 50.62
CA VAL B 417 4.62 24.45 50.16
C VAL B 417 4.29 25.77 50.84
N LEU B 418 5.28 26.35 51.51
CA LEU B 418 5.10 27.57 52.29
C LEU B 418 6.01 28.68 51.80
N TYR B 419 5.61 29.94 52.06
CA TYR B 419 6.43 31.08 51.65
C TYR B 419 6.91 31.96 52.82
N ASN B 420 6.04 32.81 53.39
CA ASN B 420 6.38 33.67 54.53
C ASN B 420 6.06 33.00 55.87
N GLY B 421 5.19 31.99 55.87
CA GLY B 421 4.75 31.28 57.07
C GLY B 421 3.40 30.69 56.73
N THR B 422 2.80 31.21 55.65
CA THR B 422 1.53 30.70 55.20
C THR B 422 1.81 29.62 54.17
N THR B 423 0.81 28.79 53.93
CA THR B 423 0.91 27.75 52.93
C THR B 423 0.38 28.11 51.57
N LEU B 424 1.24 27.99 50.57
CA LEU B 424 0.84 28.16 49.18
C LEU B 424 0.06 27.01 48.43
N LYS B 425 0.59 25.80 48.64
CA LYS B 425 -0.07 24.58 48.17
C LYS B 425 -0.03 23.40 49.13
N TYR B 426 -1.00 22.53 48.99
CA TYR B 426 -1.04 21.27 49.72
C TYR B 426 -0.61 20.19 48.75
N LEU B 427 0.42 19.45 49.12
CA LEU B 427 0.97 18.47 48.21
C LEU B 427 0.37 17.11 48.45
N GLY B 428 0.05 16.84 49.69
CA GLY B 428 -0.49 15.56 50.08
C GLY B 428 0.38 14.95 51.14
N THR B 429 -0.01 13.81 51.64
CA THR B 429 0.80 13.17 52.64
C THR B 429 1.91 12.41 51.96
N LEU B 430 2.96 12.12 52.70
CA LEU B 430 3.99 11.26 52.16
C LEU B 430 3.50 9.83 52.18
N PRO B 431 3.59 9.10 51.07
CA PRO B 431 3.30 7.69 51.00
C PRO B 431 4.26 6.99 51.94
N PRO B 432 3.93 5.78 52.40
CA PRO B 432 4.75 4.93 53.22
C PRO B 432 5.77 4.20 52.36
N SER B 433 5.78 4.52 51.06
CA SER B 433 6.66 3.89 50.11
C SER B 433 7.35 4.87 49.17
N VAL B 434 8.20 5.71 49.73
CA VAL B 434 8.96 6.69 48.97
C VAL B 434 10.43 6.33 48.95
N LYS B 435 10.95 6.02 47.77
CA LYS B 435 12.32 5.58 47.66
C LYS B 435 13.24 6.55 46.96
N GLU B 436 12.69 7.58 46.34
CA GLU B 436 13.50 8.51 45.59
C GLU B 436 12.87 9.88 45.46
N ILE B 437 13.65 10.91 45.76
CA ILE B 437 13.24 12.29 45.54
C ILE B 437 14.27 13.01 44.69
N ALA B 438 13.85 13.56 43.57
CA ALA B 438 14.79 14.29 42.71
C ALA B 438 14.32 15.70 42.46
N ILE B 439 15.20 16.66 42.69
CA ILE B 439 14.85 18.05 42.48
C ILE B 439 15.67 18.64 41.35
N SER B 440 15.03 19.03 40.27
CA SER B 440 15.76 19.62 39.17
C SER B 440 15.92 21.10 39.44
N LYS B 441 16.85 21.75 38.73
CA LYS B 441 17.06 23.17 38.96
C LYS B 441 15.95 24.04 38.39
N TRP B 442 15.04 23.44 37.65
CA TRP B 442 13.95 24.19 37.08
C TRP B 442 12.72 24.11 37.95
N GLY B 443 12.87 23.56 39.16
CA GLY B 443 11.80 23.53 40.13
C GLY B 443 10.92 22.30 40.11
N HIS B 444 11.27 21.29 39.32
CA HIS B 444 10.43 20.11 39.23
C HIS B 444 10.82 19.06 40.27
N PHE B 445 9.83 18.61 41.05
CA PHE B 445 10.03 17.61 42.09
C PHE B 445 9.47 16.27 41.68
N TYR B 446 10.37 15.30 41.58
CA TYR B 446 10.02 13.96 41.17
C TYR B 446 10.06 13.00 42.36
N ILE B 447 8.96 12.30 42.59
CA ILE B 447 8.92 11.32 43.66
C ILE B 447 8.62 9.96 43.05
N ASN B 448 9.52 9.01 43.26
CA ASN B 448 9.40 7.68 42.65
C ASN B 448 9.21 7.79 41.14
N GLY B 449 9.97 8.69 40.52
CA GLY B 449 9.94 8.90 39.08
C GLY B 449 8.84 9.84 38.54
N TYR B 450 7.88 10.25 39.36
CA TYR B 450 6.80 11.07 38.80
C TYR B 450 6.83 12.53 39.23
N ASN B 451 6.62 13.41 38.26
CA ASN B 451 6.62 14.84 38.55
C ASN B 451 5.33 15.27 39.23
N PHE B 452 5.29 15.15 40.55
CA PHE B 452 4.09 15.48 41.31
C PHE B 452 3.87 16.96 41.46
N PHE B 453 4.92 17.75 41.59
CA PHE B 453 4.70 19.18 41.77
C PHE B 453 5.91 20.00 41.34
N SER B 454 5.70 21.31 41.19
CA SER B 454 6.79 22.18 40.81
C SER B 454 6.75 23.55 41.48
N THR B 455 7.91 24.19 41.52
CA THR B 455 8.12 25.51 42.07
C THR B 455 8.82 26.40 41.05
N PHE B 456 9.17 27.61 41.46
CA PHE B 456 9.95 28.50 40.64
C PHE B 456 11.34 27.88 40.50
N PRO B 457 12.14 28.24 39.49
CA PRO B 457 13.49 27.76 39.30
C PRO B 457 14.28 27.93 40.57
N ILE B 458 15.15 26.97 40.85
CA ILE B 458 15.87 26.94 42.11
C ILE B 458 17.35 27.14 41.92
N ASP B 459 17.93 28.09 42.65
CA ASP B 459 19.37 28.29 42.57
C ASP B 459 20.11 27.42 43.60
N CYS B 460 19.61 27.37 44.85
CA CYS B 460 20.23 26.63 45.96
C CYS B 460 19.18 25.92 46.82
N ILE B 461 19.52 24.71 47.27
CA ILE B 461 18.68 23.89 48.14
C ILE B 461 19.39 23.59 49.45
N SER B 462 18.75 23.96 50.55
CA SER B 462 19.31 23.63 51.86
C SER B 462 18.61 22.40 52.40
N PHE B 463 19.37 21.50 53.02
CA PHE B 463 18.75 20.33 53.60
C PHE B 463 19.55 19.80 54.80
N ASN B 464 18.86 19.05 55.68
CA ASN B 464 19.43 18.42 56.88
C ASN B 464 18.65 17.15 57.18
N LEU B 465 19.04 16.02 56.54
CA LEU B 465 18.28 14.77 56.60
C LEU B 465 19.04 13.66 57.29
N THR B 466 18.33 12.92 58.15
CA THR B 466 18.95 11.77 58.78
C THR B 466 17.96 10.66 59.07
N THR B 467 18.47 9.43 59.09
CA THR B 467 17.69 8.25 59.44
C THR B 467 17.77 7.96 60.94
N GLY B 468 18.68 8.68 61.59
CA GLY B 468 18.89 8.55 63.02
C GLY B 468 19.31 7.15 63.47
N ALA B 469 18.66 6.68 64.51
CA ALA B 469 18.96 5.42 65.18
C ALA B 469 18.62 4.20 64.35
N SER B 470 17.90 4.36 63.24
CA SER B 470 17.51 3.20 62.47
C SER B 470 18.73 2.46 61.93
N GLY B 471 19.84 3.19 61.77
CA GLY B 471 21.07 2.57 61.25
C GLY B 471 20.99 2.26 59.75
N ALA B 472 20.20 3.05 59.02
CA ALA B 472 20.01 2.84 57.59
C ALA B 472 20.94 3.72 56.80
N PHE B 473 21.37 3.26 55.63
CA PHE B 473 22.23 4.09 54.80
C PHE B 473 21.54 4.44 53.49
N TRP B 474 22.05 5.50 52.88
CA TRP B 474 21.49 6.01 51.64
C TRP B 474 22.48 6.87 50.89
N THR B 475 22.12 7.35 49.70
CA THR B 475 23.05 8.18 48.95
C THR B 475 22.42 9.45 48.38
N ILE B 476 23.25 10.45 48.13
CA ILE B 476 22.85 11.65 47.41
C ILE B 476 23.65 11.75 46.13
N ALA B 477 22.98 11.85 45.01
CA ALA B 477 23.71 11.92 43.75
C ALA B 477 23.50 13.25 43.05
N TYR B 478 24.57 13.79 42.50
CA TYR B 478 24.53 15.01 41.75
C TYR B 478 24.67 14.62 40.31
N THR B 479 23.62 14.82 39.51
CA THR B 479 23.60 14.30 38.16
C THR B 479 23.33 15.33 37.07
N SER B 480 23.63 14.91 35.84
CA SER B 480 23.36 15.69 34.64
C SER B 480 22.62 14.85 33.60
N TYR B 481 21.90 15.52 32.71
CA TYR B 481 21.15 14.84 31.66
C TYR B 481 21.98 14.36 30.47
N THR B 482 21.65 13.16 29.99
CA THR B 482 22.26 12.60 28.79
C THR B 482 21.31 11.63 28.11
N GLU B 483 21.56 11.37 26.83
CA GLU B 483 20.79 10.36 26.11
C GLU B 483 21.32 8.97 26.42
N ALA B 484 20.40 8.06 26.72
CA ALA B 484 20.78 6.69 27.02
C ALA B 484 19.69 5.72 26.61
N LEU B 485 20.08 4.48 26.36
CA LEU B 485 19.16 3.41 26.08
C LEU B 485 18.91 2.65 27.36
N VAL B 486 17.68 2.65 27.82
CA VAL B 486 17.39 2.04 29.10
C VAL B 486 16.40 0.89 29.00
N GLN B 487 16.78 -0.24 29.59
CA GLN B 487 15.91 -1.40 29.67
C GLN B 487 15.14 -1.38 30.97
N VAL B 488 13.83 -1.41 30.85
CA VAL B 488 12.90 -1.36 31.97
C VAL B 488 12.13 -2.66 32.16
N GLU B 489 11.95 -3.06 33.41
CA GLU B 489 11.12 -4.20 33.74
C GLU B 489 10.40 -3.97 35.06
N ASN B 490 9.08 -4.12 35.07
CA ASN B 490 8.28 -3.87 36.26
C ASN B 490 8.54 -2.49 36.85
N THR B 491 8.53 -1.48 35.99
CA THR B 491 8.77 -0.09 36.32
C THR B 491 10.03 0.07 37.15
N ALA B 492 11.12 -0.49 36.65
CA ALA B 492 12.41 -0.42 37.30
C ALA B 492 13.52 -0.47 36.27
N ILE B 493 14.64 0.18 36.56
CA ILE B 493 15.78 0.16 35.64
C ILE B 493 16.60 -1.10 35.83
N LYS B 494 16.81 -1.83 34.73
CA LYS B 494 17.64 -3.01 34.80
C LYS B 494 18.97 -2.83 34.09
N LYS B 495 18.99 -2.05 33.03
CA LYS B 495 20.23 -1.86 32.29
C LYS B 495 20.32 -0.52 31.58
N VAL B 496 21.45 0.18 31.75
CA VAL B 496 21.64 1.46 31.09
C VAL B 496 22.87 1.47 30.17
N THR B 497 22.64 1.82 28.91
CA THR B 497 23.71 1.99 27.94
C THR B 497 23.75 3.45 27.51
N TYR B 498 24.90 4.09 27.66
CA TYR B 498 25.01 5.50 27.34
C TYR B 498 25.32 5.70 25.86
N CYS B 499 24.70 6.73 25.22
CA CYS B 499 24.92 7.01 23.82
C CYS B 499 26.13 7.92 23.63
N ASN B 500 27.30 7.42 24.05
CA ASN B 500 28.51 8.22 24.15
C ASN B 500 29.72 7.72 23.38
N SER B 501 29.51 6.94 22.34
CA SER B 501 30.63 6.41 21.56
C SER B 501 30.13 5.98 20.18
N HIS B 502 31.06 5.65 19.29
CA HIS B 502 30.66 5.28 17.94
C HIS B 502 29.88 3.98 17.91
N ILE B 503 30.25 3.03 18.76
CA ILE B 503 29.53 1.76 18.83
C ILE B 503 28.24 1.92 19.62
N ASN B 504 28.26 2.73 20.68
CA ASN B 504 27.09 2.90 21.52
C ASN B 504 26.01 3.69 20.80
N ASN B 505 26.39 4.53 19.87
CA ASN B 505 25.42 5.28 19.09
C ASN B 505 24.65 4.33 18.18
N ILE B 506 25.29 3.24 17.76
CA ILE B 506 24.61 2.25 16.92
C ILE B 506 23.65 1.50 17.81
N LYS B 507 24.11 1.10 19.00
CA LYS B 507 23.25 0.39 19.95
C LYS B 507 21.97 1.18 20.26
N CYS B 508 22.09 2.51 20.48
CA CYS B 508 20.95 3.37 20.79
C CYS B 508 20.02 3.46 19.57
N SER B 509 20.59 3.60 18.38
CA SER B 509 19.79 3.70 17.17
C SER B 509 19.01 2.42 16.88
N GLN B 510 19.60 1.29 17.22
CA GLN B 510 19.00 -0.01 16.97
C GLN B 510 18.19 -0.53 18.15
N LEU B 511 18.14 0.23 19.24
CA LEU B 511 17.44 -0.20 20.45
C LEU B 511 17.95 -1.57 20.88
N THR B 512 19.23 -1.82 20.67
CA THR B 512 19.82 -3.12 20.95
C THR B 512 21.11 -3.00 21.76
N ALA B 513 21.16 -3.61 22.92
CA ALA B 513 22.36 -3.51 23.75
C ALA B 513 23.43 -4.51 23.32
N ASN B 514 23.03 -5.47 22.49
CA ASN B 514 23.89 -6.54 22.00
C ASN B 514 23.70 -6.71 20.50
N LEU B 515 24.55 -6.09 19.71
CA LEU B 515 24.38 -6.07 18.27
C LEU B 515 24.77 -7.39 17.61
N GLN B 516 23.97 -7.84 16.65
CA GLN B 516 24.32 -9.01 15.87
C GLN B 516 25.34 -8.60 14.83
N ASN B 517 26.16 -9.54 14.38
CA ASN B 517 27.15 -9.21 13.36
C ASN B 517 26.48 -8.76 12.07
N GLY B 518 26.98 -7.68 11.48
CA GLY B 518 26.42 -7.18 10.23
C GLY B 518 26.88 -5.77 9.89
N PHE B 519 26.21 -5.17 8.90
CA PHE B 519 26.55 -3.82 8.46
C PHE B 519 25.45 -2.86 8.90
N TYR B 520 25.86 -1.68 9.39
CA TYR B 520 24.91 -0.68 9.86
C TYR B 520 25.16 0.70 9.26
N PRO B 521 24.15 1.37 8.68
CA PRO B 521 24.25 2.73 8.20
C PRO B 521 24.57 3.69 9.34
N VAL B 522 25.58 4.51 9.13
CA VAL B 522 26.00 5.54 10.06
C VAL B 522 26.28 6.83 9.31
N ALA B 523 26.38 7.95 10.03
CA ALA B 523 26.87 9.15 9.39
C ALA B 523 28.39 9.08 9.38
N SER B 524 29.02 9.50 8.29
CA SER B 524 30.47 9.49 8.23
C SER B 524 31.09 10.54 9.14
N SER B 525 30.31 11.57 9.48
CA SER B 525 30.77 12.66 10.33
C SER B 525 29.64 13.50 10.86
N GLU B 526 29.97 14.37 11.81
CA GLU B 526 29.06 15.39 12.31
C GLU B 526 29.63 16.76 12.01
N VAL B 527 28.75 17.76 11.97
CA VAL B 527 29.20 19.13 11.75
C VAL B 527 28.68 20.05 12.83
N GLY B 528 29.28 21.23 12.92
CA GLY B 528 28.85 22.28 13.85
C GLY B 528 29.95 23.32 13.96
N LEU B 529 29.56 24.59 13.94
CA LEU B 529 30.46 25.74 13.98
C LEU B 529 31.09 25.88 12.59
N VAL B 530 30.44 26.68 11.74
CA VAL B 530 30.89 26.90 10.37
C VAL B 530 30.86 28.38 10.00
N ASN B 531 31.58 28.77 8.94
CA ASN B 531 31.49 30.09 8.31
C ASN B 531 30.15 30.17 7.57
N LYS B 532 29.56 31.36 7.44
CA LYS B 532 28.37 31.58 6.60
C LYS B 532 28.74 32.16 5.24
N SER B 533 28.12 31.62 4.19
CA SER B 533 28.34 32.08 2.83
C SER B 533 27.07 32.60 2.20
N VAL B 534 27.09 33.83 1.75
CA VAL B 534 25.91 34.43 1.16
C VAL B 534 26.15 34.93 -0.25
N VAL B 535 25.33 34.46 -1.18
CA VAL B 535 25.42 34.89 -2.57
C VAL B 535 24.08 35.44 -3.03
N LEU B 536 24.09 36.69 -3.43
CA LEU B 536 22.91 37.38 -3.90
C LEU B 536 23.22 38.12 -5.19
N LEU B 537 22.21 38.31 -6.02
CA LEU B 537 22.42 39.09 -7.24
C LEU B 537 22.72 40.53 -6.84
N PRO B 538 23.55 41.25 -7.60
CA PRO B 538 23.99 42.61 -7.35
C PRO B 538 22.85 43.61 -7.42
N SER B 539 22.96 44.66 -6.61
CA SER B 539 21.99 45.74 -6.53
C SER B 539 22.63 46.98 -5.95
N PHE B 540 21.88 48.06 -5.86
CA PHE B 540 22.38 49.27 -5.23
C PHE B 540 22.37 49.12 -3.72
N PHE B 541 23.36 49.66 -3.06
CA PHE B 541 23.31 49.70 -1.61
C PHE B 541 22.42 50.83 -1.15
N ALA B 542 21.39 50.48 -0.41
CA ALA B 542 20.39 51.40 0.09
C ALA B 542 19.80 50.83 1.35
N HIS B 543 20.40 51.17 2.50
CA HIS B 543 20.06 50.51 3.76
C HIS B 543 19.29 51.37 4.76
N THR B 544 18.22 50.79 5.30
CA THR B 544 17.37 51.43 6.30
C THR B 544 17.32 50.73 7.64
N THR B 545 17.49 51.52 8.69
CA THR B 545 17.35 51.04 10.06
C THR B 545 15.93 51.32 10.54
N VAL B 546 15.27 50.28 11.02
CA VAL B 546 13.88 50.36 11.47
C VAL B 546 13.82 50.16 13.00
N ASN B 547 13.63 51.25 13.75
CA ASN B 547 13.61 51.25 15.21
C ASN B 547 12.19 51.24 15.76
N ILE B 548 11.73 50.08 16.25
CA ILE B 548 10.39 49.90 16.82
C ILE B 548 10.47 50.11 18.31
N THR B 549 9.71 51.05 18.82
CA THR B 549 9.75 51.33 20.24
C THR B 549 8.47 50.84 20.90
N ILE B 550 8.62 50.01 21.91
CA ILE B 550 7.47 49.47 22.62
C ILE B 550 7.47 49.92 24.06
N ASP B 551 6.40 50.60 24.44
CA ASP B 551 6.24 51.15 25.76
C ASP B 551 5.28 50.28 26.56
N LEU B 552 5.83 49.52 27.50
CA LEU B 552 5.06 48.56 28.28
C LEU B 552 4.50 49.17 29.54
N GLY B 553 3.23 48.93 29.80
CA GLY B 553 2.60 49.40 31.02
C GLY B 553 2.47 48.26 32.03
N MET B 554 3.14 48.37 33.17
CA MET B 554 3.08 47.28 34.15
C MET B 554 2.41 47.70 35.46
N LYS B 555 1.57 46.82 35.98
CA LYS B 555 0.87 47.01 37.24
C LYS B 555 0.85 45.70 37.99
N ARG B 556 0.69 45.76 39.31
CA ARG B 556 0.60 44.51 40.12
C ARG B 556 -0.88 44.11 40.20
N SER B 557 -1.15 42.84 40.49
CA SER B 557 -2.55 42.40 40.67
C SER B 557 -2.61 42.14 42.17
N GLY B 558 -3.79 41.79 42.68
CA GLY B 558 -3.96 41.49 44.12
C GLY B 558 -3.04 40.45 44.74
N TYR B 559 -2.62 39.44 43.96
CA TYR B 559 -1.81 38.33 44.51
C TYR B 559 -0.39 38.91 44.52
N GLY B 560 -0.14 39.96 43.71
CA GLY B 560 1.17 40.62 43.70
C GLY B 560 1.95 40.31 42.44
N GLN B 561 1.54 39.28 41.69
CA GLN B 561 2.21 38.96 40.40
C GLN B 561 2.00 40.12 39.43
N PRO B 562 2.90 40.34 38.45
CA PRO B 562 2.71 41.42 37.49
C PRO B 562 1.60 41.13 36.47
N ILE B 563 0.93 42.19 36.01
CA ILE B 563 0.01 42.16 34.89
C ILE B 563 0.46 43.17 33.85
N ALA B 564 0.52 42.75 32.60
CA ALA B 564 0.90 43.67 31.55
C ALA B 564 -0.34 44.31 30.93
N SER B 565 -0.33 45.63 30.86
CA SER B 565 -1.45 46.40 30.37
C SER B 565 -1.69 46.31 28.85
N PRO B 566 -2.95 46.22 28.40
CA PRO B 566 -3.37 46.24 27.01
C PRO B 566 -3.24 47.64 26.43
N LEU B 567 -2.87 48.59 27.27
CA LEU B 567 -2.70 49.99 26.88
C LEU B 567 -1.27 50.27 26.44
N SER B 568 -0.44 49.23 26.42
CA SER B 568 0.95 49.43 26.00
C SER B 568 0.92 49.94 24.56
N ASN B 569 1.90 50.80 24.20
CA ASN B 569 1.95 51.48 22.89
C ASN B 569 3.09 50.95 22.01
N ILE B 570 2.84 50.93 20.69
CA ILE B 570 3.84 50.58 19.66
C ILE B 570 4.07 51.78 18.77
N THR B 571 5.32 52.22 18.68
CA THR B 571 5.65 53.33 17.80
C THR B 571 6.58 52.85 16.69
N LEU B 572 6.16 53.07 15.46
CA LEU B 572 6.94 52.66 14.31
C LEU B 572 7.81 53.84 13.92
N PRO B 573 8.88 53.67 13.12
CA PRO B 573 9.62 54.82 12.62
C PRO B 573 8.58 55.66 11.86
N MET B 574 8.80 56.97 11.75
CA MET B 574 7.80 57.87 11.10
C MET B 574 7.95 57.79 9.57
N GLN B 575 6.83 57.66 8.85
CA GLN B 575 6.86 57.60 7.36
C GLN B 575 5.65 58.31 6.76
N ASP B 576 5.88 59.26 5.84
CA ASP B 576 4.78 60.00 5.16
C ASP B 576 3.90 60.70 6.20
N ASN B 577 4.51 61.46 7.12
CA ASN B 577 3.74 62.23 8.14
C ASN B 577 3.10 61.26 9.14
N ASN B 578 2.19 60.40 8.67
CA ASN B 578 1.51 59.43 9.57
C ASN B 578 2.55 58.43 10.10
N THR B 579 2.21 57.70 11.17
CA THR B 579 3.14 56.70 11.75
C THR B 579 2.45 55.33 11.77
N ASP B 580 1.16 55.30 12.08
CA ASP B 580 0.38 54.04 12.13
C ASP B 580 1.02 52.98 11.23
N VAL B 581 1.33 53.33 9.99
CA VAL B 581 1.92 52.39 9.03
C VAL B 581 3.40 52.70 8.73
N TYR B 582 4.22 51.66 8.53
CA TYR B 582 5.62 51.81 8.09
C TYR B 582 5.97 50.75 7.04
N CYS B 583 6.69 51.14 5.97
CA CYS B 583 7.07 50.20 4.89
C CYS B 583 8.57 50.30 4.56
N ILE B 584 9.11 49.16 4.12
CA ILE B 584 10.48 49.19 3.64
C ILE B 584 10.49 49.73 2.21
N ARG B 585 11.23 50.81 1.99
CA ARG B 585 11.31 51.45 0.68
C ARG B 585 12.77 51.65 0.35
N SER B 586 13.53 50.63 0.64
CA SER B 586 14.97 50.60 0.50
C SER B 586 15.30 49.21 -0.05
N ASN B 587 16.57 48.94 -0.31
CA ASN B 587 16.90 47.62 -0.82
C ASN B 587 17.26 46.68 0.30
N GLN B 588 17.84 47.26 1.35
CA GLN B 588 18.28 46.48 2.49
C GLN B 588 17.72 47.09 3.76
N PHE B 589 17.46 46.28 4.76
CA PHE B 589 17.03 46.87 6.01
C PHE B 589 17.37 46.00 7.21
N SER B 590 17.34 46.62 8.39
CA SER B 590 17.51 45.91 9.66
C SER B 590 16.46 46.35 10.67
N ILE B 591 15.87 45.42 11.40
CA ILE B 591 14.83 45.81 12.36
C ILE B 591 15.21 45.50 13.80
N TYR B 592 15.02 46.49 14.66
CA TYR B 592 15.33 46.34 16.07
C TYR B 592 14.16 46.71 16.97
N VAL B 593 14.09 46.08 18.13
CA VAL B 593 13.07 46.40 19.12
C VAL B 593 13.70 47.00 20.35
N HIS B 594 13.26 48.20 20.68
CA HIS B 594 13.74 48.94 21.82
C HIS B 594 12.69 48.90 22.91
N SER B 595 13.05 48.27 24.02
CA SER B 595 12.10 48.03 25.10
C SER B 595 12.11 49.07 26.20
N THR B 596 10.96 49.72 26.40
CA THR B 596 10.79 50.71 27.46
C THR B 596 9.70 50.28 28.44
N CYS B 597 9.94 50.29 29.77
CA CYS B 597 9.04 49.90 30.79
C CYS B 597 8.57 51.04 31.67
N LYS B 598 7.32 51.24 31.90
CA LYS B 598 6.82 52.18 32.87
C LYS B 598 5.71 51.55 33.72
N SER B 599 5.64 51.87 35.02
CA SER B 599 4.61 51.31 35.88
C SER B 599 3.54 52.30 36.33
N SER B 600 2.43 51.77 36.83
CA SER B 600 1.32 52.63 37.31
C SER B 600 0.29 52.91 38.41
N LEU B 601 -0.03 51.90 39.22
CA LEU B 601 -0.96 52.12 40.37
C LEU B 601 -2.07 51.28 39.76
N TRP B 602 -3.31 51.77 39.79
CA TRP B 602 -4.44 51.08 39.12
C TRP B 602 -5.29 52.11 38.39
N ASP B 603 -4.81 53.36 38.35
CA ASP B 603 -5.53 54.43 37.63
C ASP B 603 -4.95 54.54 36.21
N ASN B 604 -4.12 53.57 35.81
CA ASN B 604 -3.49 53.58 34.46
C ASN B 604 -2.66 54.86 34.32
N VAL B 605 -1.86 55.20 35.34
CA VAL B 605 -0.97 56.39 35.27
C VAL B 605 0.47 55.91 35.10
N PHE B 606 0.93 55.75 33.86
CA PHE B 606 2.26 55.18 33.65
C PHE B 606 3.34 56.25 33.77
N ASN B 607 3.55 56.70 35.00
CA ASN B 607 4.54 57.72 35.32
C ASN B 607 5.54 57.27 36.37
N GLN B 608 5.59 55.96 36.64
CA GLN B 608 6.51 55.41 37.62
C GLN B 608 7.54 54.53 36.94
N ASP B 609 8.70 54.34 37.58
CA ASP B 609 9.68 53.40 37.05
C ASP B 609 9.29 51.97 37.39
N CYS B 610 9.75 51.00 36.58
CA CYS B 610 9.58 49.57 36.86
C CYS B 610 10.77 49.15 37.73
N THR B 611 10.48 48.27 38.69
CA THR B 611 11.54 47.74 39.60
C THR B 611 11.01 46.43 40.17
N ASP B 612 11.78 45.79 41.06
CA ASP B 612 11.29 44.55 41.73
C ASP B 612 10.79 43.55 40.69
N VAL B 613 9.46 43.44 40.53
CA VAL B 613 8.90 42.41 39.61
C VAL B 613 8.34 43.08 38.35
N LEU B 614 7.83 44.30 38.46
CA LEU B 614 7.17 44.94 37.28
C LEU B 614 8.22 45.24 36.20
N GLU B 615 9.39 44.61 36.28
CA GLU B 615 10.41 44.76 35.25
C GLU B 615 10.03 43.92 34.05
N ALA B 616 10.00 44.51 32.87
CA ALA B 616 9.60 43.76 31.69
C ALA B 616 10.36 44.17 30.45
N THR B 617 10.61 43.20 29.59
CA THR B 617 11.28 43.42 28.32
C THR B 617 10.31 43.19 27.16
N ALA B 618 10.23 44.15 26.26
CA ALA B 618 9.35 44.00 25.11
C ALA B 618 9.98 43.06 24.11
N VAL B 619 9.25 42.02 23.74
CA VAL B 619 9.75 41.06 22.77
C VAL B 619 8.68 40.80 21.72
N ILE B 620 9.10 40.42 20.52
CA ILE B 620 8.14 40.10 19.49
C ILE B 620 8.22 38.63 19.12
N LYS B 621 7.04 37.98 19.10
CA LYS B 621 6.95 36.53 18.78
C LYS B 621 6.45 36.34 17.35
N THR B 622 6.33 35.08 16.90
CA THR B 622 5.92 34.80 15.49
C THR B 622 4.42 35.01 15.27
N GLY B 623 3.58 34.53 16.18
CA GLY B 623 2.13 34.61 15.95
C GLY B 623 1.69 33.78 14.76
N THR B 624 1.17 34.41 13.70
CA THR B 624 0.65 33.71 12.54
C THR B 624 1.51 33.84 11.26
N CYS B 625 2.69 34.47 11.36
CA CYS B 625 3.59 34.71 10.22
C CYS B 625 4.47 33.48 9.95
N PRO B 626 4.80 33.20 8.69
CA PRO B 626 5.71 32.16 8.24
C PRO B 626 7.17 32.59 8.34
N PHE B 627 7.44 33.43 9.33
CA PHE B 627 8.76 33.92 9.66
C PHE B 627 8.73 34.49 11.06
N SER B 628 9.87 34.47 11.71
CA SER B 628 10.02 35.05 13.02
C SER B 628 10.59 36.42 12.93
N PHE B 629 10.16 37.28 13.82
CA PHE B 629 10.61 38.64 13.83
C PHE B 629 12.13 38.74 13.92
N ASP B 630 12.74 37.97 14.80
CA ASP B 630 14.17 38.02 15.01
C ASP B 630 14.99 37.48 13.83
N LYS B 631 14.35 36.75 12.92
CA LYS B 631 15.04 36.16 11.78
C LYS B 631 14.99 37.09 10.57
N LEU B 632 14.33 38.23 10.71
CA LEU B 632 14.21 39.17 9.60
C LEU B 632 15.53 39.86 9.35
N ASN B 633 16.49 39.67 10.25
CA ASN B 633 17.81 40.25 10.15
C ASN B 633 18.80 39.23 9.58
N ASN B 634 18.28 38.17 8.99
CA ASN B 634 19.10 37.21 8.27
C ASN B 634 19.09 37.70 6.84
N HIS B 635 18.77 36.84 5.88
CA HIS B 635 18.73 37.27 4.50
C HIS B 635 17.42 36.86 3.87
N LEU B 636 16.34 37.12 4.58
CA LEU B 636 15.02 36.86 4.07
C LEU B 636 14.70 37.92 3.06
N THR B 637 14.06 37.54 1.98
CA THR B 637 13.74 38.54 0.98
C THR B 637 12.26 38.65 0.70
N PHE B 638 11.87 39.84 0.29
CA PHE B 638 10.50 40.22 -0.02
C PHE B 638 10.42 41.13 -1.22
N ASN B 639 9.26 41.20 -1.87
CA ASN B 639 9.06 42.29 -2.82
C ASN B 639 8.44 43.45 -2.07
N LYS B 640 7.66 43.13 -1.06
CA LYS B 640 7.01 44.11 -0.19
C LYS B 640 7.06 43.65 1.26
N PHE B 641 7.24 44.61 2.17
CA PHE B 641 7.16 44.33 3.60
C PHE B 641 6.80 45.60 4.36
N CYS B 642 5.63 45.60 5.03
CA CYS B 642 5.09 46.73 5.80
C CYS B 642 4.60 46.28 7.17
N LEU B 643 4.79 47.13 8.15
CA LEU B 643 4.25 46.92 9.49
C LEU B 643 3.07 47.87 9.71
N SER B 644 2.06 47.41 10.43
CA SER B 644 0.90 48.24 10.65
C SER B 644 0.27 48.04 12.02
N LEU B 645 -0.38 49.07 12.52
CA LEU B 645 -1.09 48.98 13.77
C LEU B 645 -2.59 48.79 13.57
N SER B 646 -2.99 48.51 12.31
CA SER B 646 -4.39 48.33 11.95
C SER B 646 -4.58 47.18 10.93
N PRO B 647 -5.33 46.11 11.29
CA PRO B 647 -5.47 44.93 10.44
C PRO B 647 -6.29 45.12 9.16
N VAL B 648 -5.81 45.95 8.24
CA VAL B 648 -6.50 46.13 6.94
C VAL B 648 -5.51 45.77 5.85
N GLY B 649 -5.69 44.60 5.23
CA GLY B 649 -4.73 44.13 4.22
C GLY B 649 -3.68 43.23 4.84
N ALA B 650 -3.55 43.27 6.18
CA ALA B 650 -2.61 42.36 6.82
C ALA B 650 -2.66 40.96 6.24
N ASN B 651 -1.49 40.36 6.12
CA ASN B 651 -1.35 38.97 5.69
C ASN B 651 -1.16 38.03 6.89
N CYS B 652 -0.47 38.53 7.94
CA CYS B 652 -0.20 37.81 9.18
C CYS B 652 0.04 38.83 10.28
N LYS B 653 0.13 38.36 11.52
CA LYS B 653 0.45 39.25 12.63
C LYS B 653 1.48 38.65 13.58
N PHE B 654 2.26 39.52 14.20
CA PHE B 654 3.19 39.17 15.26
C PHE B 654 2.58 39.45 16.63
N ASP B 655 2.98 38.67 17.62
CA ASP B 655 2.48 38.87 18.99
C ASP B 655 3.49 39.63 19.84
N VAL B 656 3.10 40.80 20.32
CA VAL B 656 3.99 41.63 21.13
C VAL B 656 3.73 41.36 22.60
N ALA B 657 4.76 40.96 23.32
CA ALA B 657 4.59 40.56 24.70
C ALA B 657 5.57 41.19 25.66
N ALA B 658 5.16 41.25 26.93
CA ALA B 658 5.96 41.71 28.04
C ALA B 658 6.59 40.52 28.74
N ARG B 659 7.89 40.34 28.56
CA ARG B 659 8.58 39.22 29.14
C ARG B 659 9.18 39.61 30.50
N THR B 660 8.77 38.91 31.55
CA THR B 660 9.23 39.23 32.89
C THR B 660 10.10 38.09 33.39
N ARG B 661 10.46 38.12 34.67
CA ARG B 661 11.37 37.11 35.22
C ARG B 661 10.90 35.68 34.97
N THR B 662 9.57 35.48 34.96
CA THR B 662 8.98 34.17 34.75
C THR B 662 8.04 34.16 33.54
N ASN B 663 6.82 34.66 33.77
CA ASN B 663 5.74 34.69 32.79
C ASN B 663 5.95 35.69 31.65
N GLU B 664 5.53 35.29 30.44
CA GLU B 664 5.55 36.17 29.28
C GLU B 664 4.12 36.35 28.78
N GLN B 665 3.65 37.60 28.73
CA GLN B 665 2.25 37.86 28.38
C GLN B 665 2.05 38.88 27.27
N VAL B 666 1.10 38.62 26.38
CA VAL B 666 0.84 39.47 25.21
C VAL B 666 0.08 40.74 25.56
N VAL B 667 0.57 41.85 25.04
CA VAL B 667 -0.05 43.15 25.26
C VAL B 667 -0.66 43.74 23.99
N ARG B 668 -0.01 43.50 22.85
CA ARG B 668 -0.42 44.09 21.59
C ARG B 668 -0.14 43.18 20.42
N SER B 669 -0.80 43.43 19.29
CA SER B 669 -0.49 42.71 18.07
C SER B 669 0.04 43.69 17.02
N LEU B 670 1.03 43.25 16.26
CA LEU B 670 1.64 44.04 15.20
C LEU B 670 1.34 43.39 13.86
N TYR B 671 0.72 44.12 12.94
CA TYR B 671 0.28 43.52 11.70
C TYR B 671 1.32 43.60 10.61
N VAL B 672 1.42 42.53 9.84
CA VAL B 672 2.42 42.47 8.78
C VAL B 672 1.77 42.26 7.41
N ILE B 673 2.16 43.10 6.47
CA ILE B 673 1.74 43.02 5.09
C ILE B 673 2.96 42.70 4.25
N TYR B 674 2.91 41.63 3.47
CA TYR B 674 4.10 41.29 2.72
C TYR B 674 3.78 40.53 1.45
N GLU B 675 4.74 40.55 0.54
CA GLU B 675 4.67 39.76 -0.67
C GLU B 675 6.01 39.08 -0.87
N GLU B 676 6.00 37.76 -0.99
CA GLU B 676 7.25 37.02 -1.15
C GLU B 676 7.92 37.42 -2.46
N GLY B 677 9.24 37.51 -2.46
CA GLY B 677 9.96 37.95 -3.64
C GLY B 677 11.43 38.20 -3.33
N ASP B 678 12.09 39.06 -4.10
CA ASP B 678 13.51 39.28 -3.93
C ASP B 678 14.03 40.72 -4.04
N ASN B 679 13.15 41.72 -4.14
CA ASN B 679 13.63 43.09 -4.28
C ASN B 679 14.29 43.64 -3.02
N ILE B 680 13.77 43.22 -1.87
CA ILE B 680 14.19 43.69 -0.57
C ILE B 680 14.84 42.58 0.25
N VAL B 681 16.02 42.84 0.81
CA VAL B 681 16.67 41.82 1.64
C VAL B 681 16.97 42.34 3.04
N GLY B 682 16.64 41.56 4.06
CA GLY B 682 17.01 41.95 5.40
C GLY B 682 18.49 41.68 5.55
N VAL B 683 19.17 42.45 6.38
CA VAL B 683 20.59 42.18 6.63
C VAL B 683 20.88 42.27 8.12
N PRO B 684 21.90 41.54 8.61
CA PRO B 684 22.37 41.61 10.00
C PRO B 684 22.97 42.96 10.42
N SER B 685 23.48 43.74 9.44
CA SER B 685 24.06 45.07 9.66
C SER B 685 23.49 46.08 8.68
N LEU B 693 25.11 41.36 0.27
CA LEU B 693 26.55 40.95 0.37
C LEU B 693 26.76 39.64 -0.40
N SER B 694 28.00 39.33 -0.76
CA SER B 694 28.32 38.07 -1.46
C SER B 694 29.63 37.50 -0.95
N VAL B 695 29.63 36.98 0.28
CA VAL B 695 30.85 36.34 0.85
C VAL B 695 30.74 34.83 0.60
N LEU B 696 31.64 34.28 -0.21
CA LEU B 696 31.62 32.84 -0.47
C LEU B 696 32.88 32.14 0.02
N HIS B 697 32.70 31.13 0.88
CA HIS B 697 33.82 30.37 1.42
C HIS B 697 33.97 29.02 0.72
N LEU B 698 35.07 28.84 0.01
CA LEU B 698 35.29 27.64 -0.79
C LEU B 698 36.16 26.60 -0.13
N ASP B 699 35.98 25.35 -0.57
CA ASP B 699 36.76 24.19 -0.14
C ASP B 699 36.74 23.97 1.36
N SER B 700 35.58 24.22 1.96
CA SER B 700 35.36 24.02 3.38
C SER B 700 33.86 23.86 3.59
N CYS B 701 33.46 23.34 4.76
CA CYS B 701 32.05 23.17 5.10
C CYS B 701 31.46 24.50 5.57
N THR B 702 30.37 24.91 4.90
CA THR B 702 29.76 26.20 5.17
C THR B 702 28.24 26.16 5.23
N ASP B 703 27.67 27.12 5.96
CA ASP B 703 26.24 27.33 6.04
C ASP B 703 25.90 28.39 4.99
N TYR B 704 25.30 27.97 3.89
CA TYR B 704 25.11 28.89 2.78
C TYR B 704 23.68 29.34 2.57
N ASN B 705 23.57 30.50 1.92
CA ASN B 705 22.33 31.06 1.40
C ASN B 705 22.62 31.60 0.02
N ILE B 706 22.28 30.80 -1.00
CA ILE B 706 22.62 31.12 -2.37
C ILE B 706 21.38 31.36 -3.20
N TYR B 707 21.17 32.60 -3.58
CA TYR B 707 19.99 33.01 -4.33
C TYR B 707 18.71 32.51 -3.69
N GLY B 708 18.65 32.55 -2.36
CA GLY B 708 17.46 32.15 -1.62
C GLY B 708 17.45 30.69 -1.16
N ARG B 709 18.40 29.88 -1.62
CA ARG B 709 18.45 28.47 -1.26
C ARG B 709 19.41 28.25 -0.09
N THR B 710 18.93 27.71 1.04
CA THR B 710 19.88 27.56 2.13
C THR B 710 20.19 26.09 2.46
N GLY B 711 21.30 25.88 3.14
CA GLY B 711 21.70 24.54 3.57
C GLY B 711 23.18 24.49 3.96
N VAL B 712 23.68 23.30 4.24
CA VAL B 712 25.07 23.11 4.65
C VAL B 712 25.80 22.20 3.69
N GLY B 713 26.96 22.63 3.24
CA GLY B 713 27.73 21.82 2.31
C GLY B 713 29.06 22.44 1.96
N VAL B 714 29.76 21.80 1.04
CA VAL B 714 31.06 22.25 0.61
C VAL B 714 30.94 22.77 -0.80
N ILE B 715 31.38 23.99 -1.02
CA ILE B 715 31.24 24.61 -2.31
C ILE B 715 32.60 24.68 -2.99
N ARG B 716 32.67 24.17 -4.21
CA ARG B 716 33.93 24.15 -4.94
C ARG B 716 33.79 24.71 -6.34
N GLN B 717 34.86 25.30 -6.83
CA GLN B 717 34.84 25.77 -8.20
C GLN B 717 35.04 24.62 -9.16
N THR B 718 34.24 24.57 -10.21
CA THR B 718 34.41 23.51 -11.21
C THR B 718 34.95 24.13 -12.49
N ASN B 719 35.39 23.27 -13.43
CA ASN B 719 35.84 23.68 -14.77
C ASN B 719 34.78 23.36 -15.84
N SER B 720 33.53 23.08 -15.44
CA SER B 720 32.40 22.75 -16.31
C SER B 720 31.83 24.00 -16.93
N THR B 721 31.08 23.82 -18.01
CA THR B 721 30.37 24.95 -18.62
C THR B 721 28.91 24.63 -18.85
N LEU B 722 28.05 25.52 -18.37
CA LEU B 722 26.62 25.44 -18.64
C LEU B 722 26.19 26.83 -19.05
N LEU B 723 25.68 26.95 -20.26
CA LEU B 723 25.38 28.26 -20.81
C LEU B 723 24.15 28.90 -20.20
N SER B 724 23.14 28.09 -19.95
CA SER B 724 21.87 28.60 -19.46
C SER B 724 21.71 28.48 -17.96
N GLY B 725 20.93 29.39 -17.41
CA GLY B 725 20.52 29.30 -16.02
C GLY B 725 21.40 30.04 -15.04
N LEU B 726 20.89 30.16 -13.81
CA LEU B 726 21.61 30.78 -12.73
C LEU B 726 22.02 29.74 -11.69
N TYR B 727 21.14 28.77 -11.44
CA TYR B 727 21.44 27.72 -10.48
C TYR B 727 20.77 26.42 -10.87
N TYR B 728 21.31 25.32 -10.35
CA TYR B 728 20.86 23.99 -10.72
C TYR B 728 20.54 23.17 -9.48
N THR B 729 19.41 22.46 -9.52
CA THR B 729 18.97 21.66 -8.39
C THR B 729 18.69 20.22 -8.77
N SER B 730 18.55 19.39 -7.76
CA SER B 730 18.20 17.97 -7.87
C SER B 730 16.71 17.71 -7.83
N LEU B 731 16.36 16.46 -8.09
CA LEU B 731 15.00 15.95 -8.01
C LEU B 731 14.39 16.11 -6.62
N SER B 732 15.21 16.09 -5.58
CA SER B 732 14.75 16.27 -4.21
C SER B 732 14.60 17.75 -3.85
N GLY B 733 15.01 18.65 -4.74
CA GLY B 733 14.93 20.09 -4.50
C GLY B 733 16.22 20.72 -3.94
N ASP B 734 17.22 19.89 -3.69
CA ASP B 734 18.49 20.34 -3.14
C ASP B 734 19.35 21.05 -4.16
N LEU B 735 20.18 21.99 -3.69
CA LEU B 735 21.08 22.73 -4.59
C LEU B 735 22.28 21.89 -4.98
N LEU B 736 22.54 21.77 -6.28
CA LEU B 736 23.67 20.99 -6.75
C LEU B 736 24.80 21.86 -7.30
N GLY B 737 24.47 23.08 -7.70
CA GLY B 737 25.49 23.98 -8.22
C GLY B 737 24.89 25.32 -8.60
N PHE B 738 25.75 26.29 -8.86
CA PHE B 738 25.31 27.62 -9.25
C PHE B 738 26.31 28.36 -10.09
N LYS B 739 25.85 29.39 -10.77
CA LYS B 739 26.72 30.21 -11.60
C LYS B 739 27.05 31.55 -10.93
N ASN B 740 28.31 32.02 -11.08
CA ASN B 740 28.72 33.36 -10.72
C ASN B 740 28.45 34.29 -11.90
N VAL B 741 27.44 35.16 -11.81
CA VAL B 741 26.96 36.02 -12.89
C VAL B 741 28.00 37.02 -13.40
N SER B 742 29.09 37.20 -12.66
CA SER B 742 30.10 38.14 -13.08
C SER B 742 31.10 37.56 -14.07
N ASP B 743 31.23 36.23 -14.15
CA ASP B 743 32.21 35.67 -15.08
C ASP B 743 31.85 34.30 -15.67
N GLY B 744 30.71 33.74 -15.30
CA GLY B 744 30.25 32.48 -15.88
C GLY B 744 30.79 31.23 -15.18
N VAL B 745 31.50 31.39 -14.07
CA VAL B 745 32.05 30.24 -13.36
C VAL B 745 30.98 29.43 -12.67
N ILE B 746 31.05 28.11 -12.84
CA ILE B 746 30.13 27.18 -12.22
C ILE B 746 30.72 26.62 -10.94
N TYR B 747 29.94 26.64 -9.87
CA TYR B 747 30.31 26.08 -8.59
C TYR B 747 29.48 24.86 -8.30
N SER B 748 30.07 23.85 -7.67
CA SER B 748 29.29 22.68 -7.27
C SER B 748 29.09 22.69 -5.78
N VAL B 749 27.99 22.12 -5.33
CA VAL B 749 27.72 22.06 -3.91
C VAL B 749 27.47 20.61 -3.50
N THR B 750 28.22 20.12 -2.51
CA THR B 750 28.06 18.75 -2.06
C THR B 750 27.84 18.75 -0.54
N PRO B 751 27.24 17.70 0.04
CA PRO B 751 27.11 17.51 1.48
C PRO B 751 28.47 17.46 2.17
N CYS B 752 28.54 17.92 3.43
CA CYS B 752 29.76 17.89 4.25
C CYS B 752 29.95 16.49 4.82
N ASP B 753 28.87 15.74 4.87
CA ASP B 753 28.79 14.43 5.45
C ASP B 753 27.95 13.51 4.58
N VAL B 754 28.35 12.24 4.54
CA VAL B 754 27.63 11.27 3.73
C VAL B 754 27.30 10.02 4.55
N SER B 755 26.44 9.19 4.01
CA SER B 755 26.13 7.91 4.64
C SER B 755 27.32 6.98 4.53
N ALA B 756 27.45 6.08 5.49
CA ALA B 756 28.52 5.09 5.45
C ALA B 756 28.05 3.78 6.07
N GLN B 757 28.66 2.67 5.67
CA GLN B 757 28.28 1.37 6.23
C GLN B 757 29.30 0.88 7.23
N ALA B 758 28.93 0.82 8.50
CA ALA B 758 29.85 0.37 9.52
C ALA B 758 29.83 -1.14 9.58
N ALA B 759 30.99 -1.76 9.58
CA ALA B 759 31.13 -3.20 9.68
C ALA B 759 31.30 -3.56 11.14
N VAL B 760 30.30 -4.22 11.71
CA VAL B 760 30.33 -4.53 13.13
C VAL B 760 30.43 -6.03 13.38
N ILE B 761 31.51 -6.43 14.06
CA ILE B 761 31.74 -7.83 14.39
C ILE B 761 32.01 -8.00 15.87
N ASP B 762 31.20 -8.84 16.51
CA ASP B 762 31.29 -9.15 17.93
C ASP B 762 31.26 -7.92 18.81
N GLY B 763 30.37 -6.98 18.48
CA GLY B 763 30.16 -5.78 19.28
C GLY B 763 31.18 -4.66 19.08
N ALA B 764 31.86 -4.62 17.94
CA ALA B 764 32.84 -3.58 17.72
C ALA B 764 32.89 -3.19 16.25
N ILE B 765 33.27 -1.95 15.98
CA ILE B 765 33.44 -1.51 14.62
C ILE B 765 34.84 -1.89 14.17
N VAL B 766 34.93 -2.64 13.09
CA VAL B 766 36.21 -3.11 12.60
C VAL B 766 36.58 -2.46 11.27
N GLY B 767 35.65 -1.67 10.75
CA GLY B 767 35.85 -0.98 9.50
C GLY B 767 34.59 -0.34 9.00
N ALA B 768 34.69 0.43 7.93
CA ALA B 768 33.53 1.09 7.34
C ALA B 768 33.72 1.39 5.86
N MET B 769 32.60 1.41 5.14
CA MET B 769 32.57 1.71 3.71
C MET B 769 32.15 3.16 3.53
N THR B 770 32.99 3.97 2.90
CA THR B 770 32.66 5.39 2.73
C THR B 770 33.05 5.94 1.37
N SER B 771 32.42 7.03 0.97
CA SER B 771 32.77 7.70 -0.27
C SER B 771 33.81 8.81 -0.08
N ILE B 772 33.99 9.25 1.16
CA ILE B 772 34.93 10.33 1.44
C ILE B 772 36.20 9.76 2.00
N ASN B 773 37.33 10.19 1.45
CA ASN B 773 38.61 9.70 1.93
C ASN B 773 39.02 10.45 3.20
N SER B 774 38.31 10.18 4.29
CA SER B 774 38.52 10.84 5.58
C SER B 774 38.25 9.89 6.73
N GLU B 775 39.01 10.04 7.80
CA GLU B 775 38.86 9.19 8.97
C GLU B 775 37.46 9.31 9.56
N LEU B 776 36.86 8.16 9.88
CA LEU B 776 35.53 8.11 10.47
C LEU B 776 35.45 7.01 11.51
N LEU B 777 34.64 7.21 12.54
CA LEU B 777 34.36 6.18 13.54
C LEU B 777 35.58 5.71 14.33
N GLY B 778 36.65 6.50 14.34
CA GLY B 778 37.85 6.16 15.07
C GLY B 778 38.78 5.25 14.28
N LEU B 779 38.42 5.00 13.02
CA LEU B 779 39.20 4.16 12.13
C LEU B 779 40.24 5.01 11.43
N THR B 780 41.51 4.61 11.51
CA THR B 780 42.57 5.41 10.91
C THR B 780 43.27 4.77 9.72
N HIS B 781 43.11 3.46 9.53
CA HIS B 781 43.83 2.79 8.46
C HIS B 781 42.89 2.66 7.29
N TRP B 782 43.42 2.65 6.07
CA TRP B 782 42.52 2.49 4.95
C TRP B 782 43.16 1.99 3.69
N THR B 783 42.30 1.48 2.81
CA THR B 783 42.66 1.04 1.49
C THR B 783 41.61 1.51 0.51
N THR B 784 41.96 1.57 -0.77
CA THR B 784 41.01 1.98 -1.78
C THR B 784 40.64 0.81 -2.64
N THR B 785 39.33 0.61 -2.77
CA THR B 785 38.77 -0.45 -3.62
C THR B 785 38.09 0.25 -4.82
N PRO B 786 37.49 -0.48 -5.79
CA PRO B 786 36.92 0.15 -6.99
C PRO B 786 35.69 1.07 -6.85
N ASN B 787 34.84 0.87 -5.85
CA ASN B 787 33.57 1.65 -5.76
C ASN B 787 33.47 2.40 -4.43
N PHE B 788 34.50 2.32 -3.58
CA PHE B 788 34.47 2.92 -2.25
C PHE B 788 35.83 2.95 -1.55
N TYR B 789 35.92 3.75 -0.49
CA TYR B 789 37.08 3.71 0.37
C TYR B 789 36.77 2.83 1.55
N TYR B 790 37.74 2.06 2.00
CA TYR B 790 37.49 1.23 3.16
C TYR B 790 38.41 1.57 4.31
N TYR B 791 37.80 1.95 5.42
CA TYR B 791 38.52 2.29 6.63
C TYR B 791 38.49 1.13 7.58
N SER B 792 39.56 0.95 8.34
CA SER B 792 39.65 -0.20 9.20
C SER B 792 40.54 -0.07 10.42
N ILE B 793 40.55 -1.15 11.19
CA ILE B 793 41.43 -1.34 12.33
C ILE B 793 42.63 -2.17 11.91
N TYR B 794 42.51 -2.77 10.72
CA TYR B 794 43.56 -3.59 10.13
C TYR B 794 44.67 -2.65 9.67
N ASN B 795 45.94 -3.12 9.82
CA ASN B 795 47.08 -2.23 9.48
C ASN B 795 47.33 -2.19 7.96
N TYR B 796 46.64 -1.23 7.31
CA TYR B 796 46.78 -0.92 5.89
C TYR B 796 47.83 0.17 5.71
N THR B 797 48.56 0.12 4.57
CA THR B 797 49.61 1.08 4.23
C THR B 797 49.05 2.16 3.28
N VAL B 811 44.99 -10.88 1.85
CA VAL B 811 45.15 -11.13 3.28
C VAL B 811 44.97 -12.63 3.61
N ASP B 812 44.11 -13.33 2.84
CA ASP B 812 43.76 -14.76 3.01
C ASP B 812 43.20 -15.13 4.39
N CYS B 813 42.21 -14.34 4.84
CA CYS B 813 41.47 -14.54 6.10
C CYS B 813 40.02 -14.92 5.81
N GLU B 814 39.38 -15.55 6.78
CA GLU B 814 37.98 -15.93 6.64
C GLU B 814 37.05 -14.78 7.03
N PRO B 815 36.08 -14.41 6.17
CA PRO B 815 35.12 -13.35 6.41
C PRO B 815 34.11 -13.81 7.45
N ILE B 816 33.61 -12.87 8.23
CA ILE B 816 32.57 -13.16 9.19
C ILE B 816 31.23 -12.71 8.62
N ILE B 817 31.24 -11.49 8.06
CA ILE B 817 30.03 -10.93 7.47
C ILE B 817 30.30 -10.65 6.01
N THR B 818 29.31 -10.91 5.16
CA THR B 818 29.48 -10.74 3.71
C THR B 818 28.22 -10.24 3.02
N TYR B 819 28.41 -9.47 1.96
CA TYR B 819 27.36 -9.10 1.01
C TYR B 819 27.96 -9.11 -0.38
N SER B 820 27.28 -9.70 -1.35
CA SER B 820 27.83 -9.77 -2.69
C SER B 820 29.18 -10.44 -2.65
N ASN B 821 30.18 -9.84 -3.27
CA ASN B 821 31.51 -10.40 -3.26
C ASN B 821 32.44 -9.69 -2.29
N ILE B 822 31.86 -8.96 -1.35
CA ILE B 822 32.63 -8.21 -0.36
C ILE B 822 32.49 -8.81 1.04
N GLY B 823 33.60 -9.26 1.61
CA GLY B 823 33.55 -9.84 2.95
C GLY B 823 34.47 -9.13 3.92
N VAL B 824 34.09 -9.12 5.19
CA VAL B 824 34.90 -8.51 6.23
C VAL B 824 35.28 -9.54 7.29
N CYS B 825 36.59 -9.68 7.53
CA CYS B 825 37.21 -10.62 8.47
C CYS B 825 37.16 -10.11 9.91
N LYS B 826 37.41 -11.00 10.85
CA LYS B 826 37.40 -10.66 12.26
C LYS B 826 38.39 -9.54 12.61
N ASN B 827 39.52 -9.51 11.91
CA ASN B 827 40.55 -8.52 12.18
C ASN B 827 40.37 -7.23 11.39
N GLY B 828 39.22 -7.11 10.72
CA GLY B 828 38.89 -5.90 9.99
C GLY B 828 39.34 -5.92 8.53
N ALA B 829 40.11 -6.91 8.16
CA ALA B 829 40.60 -7.00 6.80
C ALA B 829 39.45 -7.17 5.83
N LEU B 830 39.59 -6.55 4.68
CA LEU B 830 38.59 -6.71 3.64
C LEU B 830 39.07 -7.75 2.64
N VAL B 831 38.18 -8.65 2.26
CA VAL B 831 38.51 -9.64 1.26
C VAL B 831 37.45 -9.72 0.17
N PHE B 832 37.85 -10.19 -1.00
CA PHE B 832 36.88 -10.38 -2.05
C PHE B 832 36.59 -11.86 -2.25
N ILE B 833 35.33 -12.15 -2.47
CA ILE B 833 34.81 -13.50 -2.52
C ILE B 833 34.47 -14.00 -3.93
N ASN B 834 35.00 -15.18 -4.28
CA ASN B 834 34.80 -15.85 -5.56
C ASN B 834 33.42 -16.54 -5.48
N VAL B 835 33.13 -17.37 -6.48
CA VAL B 835 31.89 -18.15 -6.62
C VAL B 835 32.23 -19.59 -6.42
N THR B 836 31.35 -20.33 -5.79
CA THR B 836 31.66 -21.72 -5.51
C THR B 836 32.09 -22.57 -6.68
N HIS B 837 33.16 -23.34 -6.47
CA HIS B 837 33.64 -24.24 -7.50
C HIS B 837 33.21 -25.65 -7.20
N SER B 838 33.02 -26.44 -8.23
CA SER B 838 32.71 -27.86 -8.07
C SER B 838 33.40 -28.65 -9.16
N ASP B 839 33.36 -29.97 -9.07
CA ASP B 839 34.02 -30.77 -10.09
C ASP B 839 33.26 -30.70 -11.40
N GLY B 840 31.94 -30.66 -11.31
CA GLY B 840 31.07 -30.61 -12.48
C GLY B 840 30.09 -31.77 -12.46
N ASP B 841 29.09 -31.71 -13.33
CA ASP B 841 28.08 -32.74 -13.42
C ASP B 841 28.58 -33.92 -14.24
N VAL B 842 28.10 -35.11 -13.89
CA VAL B 842 28.40 -36.31 -14.66
C VAL B 842 27.54 -36.33 -15.90
N GLN B 843 28.15 -36.47 -17.07
CA GLN B 843 27.41 -36.43 -18.32
C GLN B 843 27.14 -37.84 -18.83
N PRO B 844 26.08 -38.05 -19.64
CA PRO B 844 25.69 -39.31 -20.24
C PRO B 844 26.57 -39.69 -21.42
N ILE B 845 27.83 -39.88 -21.13
CA ILE B 845 28.84 -40.23 -22.10
C ILE B 845 29.24 -41.68 -21.97
N SER B 846 29.21 -42.42 -23.08
CA SER B 846 29.60 -43.82 -23.08
C SER B 846 30.52 -44.08 -24.26
N THR B 847 31.40 -43.16 -24.54
CA THR B 847 32.22 -43.23 -25.75
C THR B 847 33.73 -43.38 -25.59
N GLY B 848 34.27 -43.18 -24.41
CA GLY B 848 35.73 -43.23 -24.21
C GLY B 848 35.97 -43.41 -22.71
N ASN B 849 37.10 -42.84 -22.19
CA ASN B 849 37.29 -42.90 -20.72
C ASN B 849 36.27 -41.93 -20.09
N VAL B 850 35.64 -42.47 -19.00
CA VAL B 850 34.60 -41.75 -18.26
C VAL B 850 34.74 -41.97 -16.77
N THR B 851 34.24 -41.03 -15.98
CA THR B 851 34.30 -41.15 -14.53
C THR B 851 32.94 -41.36 -13.90
N ILE B 852 32.86 -42.37 -13.04
CA ILE B 852 31.64 -42.72 -12.34
C ILE B 852 31.86 -42.52 -10.84
N PRO B 853 31.03 -41.76 -10.12
CA PRO B 853 31.15 -41.52 -8.70
C PRO B 853 31.23 -42.87 -7.99
N THR B 854 32.21 -43.04 -7.10
CA THR B 854 32.39 -44.36 -6.49
C THR B 854 32.38 -44.41 -4.96
N ASN B 855 33.24 -43.63 -4.30
CA ASN B 855 33.40 -43.59 -2.85
C ASN B 855 32.49 -42.52 -2.26
N PHE B 856 31.45 -42.91 -1.51
CA PHE B 856 30.42 -41.98 -0.99
C PHE B 856 30.39 -41.80 0.52
N THR B 857 29.99 -40.60 0.93
CA THR B 857 29.70 -40.26 2.31
C THR B 857 28.36 -39.55 2.40
N ILE B 858 28.00 -39.09 3.59
CA ILE B 858 26.72 -38.40 3.82
C ILE B 858 26.84 -36.93 4.14
N SER B 859 26.00 -36.16 3.48
CA SER B 859 25.85 -34.73 3.71
C SER B 859 24.41 -34.42 4.05
N VAL B 860 24.17 -33.62 5.08
CA VAL B 860 22.80 -33.29 5.45
C VAL B 860 22.56 -31.79 5.30
N GLN B 861 21.58 -31.47 4.46
CA GLN B 861 21.23 -30.08 4.18
C GLN B 861 19.91 -29.74 4.82
N VAL B 862 19.79 -28.54 5.36
CA VAL B 862 18.58 -28.18 6.08
C VAL B 862 17.91 -26.94 5.52
N GLU B 863 16.59 -27.03 5.30
CA GLU B 863 15.87 -25.85 4.83
C GLU B 863 14.53 -25.65 5.51
N TYR B 864 14.12 -24.39 5.56
CA TYR B 864 12.83 -24.01 6.15
C TYR B 864 11.86 -23.48 5.12
N ILE B 865 10.63 -24.00 5.17
CA ILE B 865 9.57 -23.52 4.31
C ILE B 865 8.38 -23.12 5.14
N GLN B 866 7.85 -21.92 4.91
CA GLN B 866 6.68 -21.45 5.64
C GLN B 866 5.42 -22.08 5.08
N VAL B 867 4.57 -22.57 5.97
CA VAL B 867 3.34 -23.25 5.59
C VAL B 867 2.12 -22.40 5.88
N TYR B 868 2.13 -21.70 7.00
CA TYR B 868 0.97 -20.93 7.40
C TYR B 868 1.32 -19.63 8.10
N THR B 869 0.40 -18.68 8.06
CA THR B 869 0.53 -17.41 8.78
C THR B 869 -0.26 -17.50 10.07
N THR B 870 -0.13 -16.49 10.92
CA THR B 870 -0.94 -16.41 12.15
C THR B 870 -2.09 -15.42 11.93
N PRO B 871 -3.32 -15.88 11.65
CA PRO B 871 -4.47 -15.06 11.31
C PRO B 871 -4.94 -14.17 12.44
N VAL B 872 -5.41 -13.00 12.07
CA VAL B 872 -5.94 -12.04 13.03
C VAL B 872 -7.36 -11.65 12.66
N SER B 873 -8.24 -11.71 13.64
CA SER B 873 -9.63 -11.31 13.48
C SER B 873 -9.80 -9.93 14.09
N ILE B 874 -10.28 -8.99 13.32
CA ILE B 874 -10.44 -7.65 13.86
C ILE B 874 -11.87 -7.20 13.93
N ASP B 875 -12.24 -6.70 15.10
CA ASP B 875 -13.54 -6.11 15.35
C ASP B 875 -13.47 -4.65 14.91
N CYS B 876 -14.00 -4.35 13.71
CA CYS B 876 -13.86 -3.02 13.09
C CYS B 876 -14.48 -1.96 13.96
N ALA B 877 -15.67 -2.18 14.46
CA ALA B 877 -16.34 -1.17 15.23
C ALA B 877 -15.54 -0.84 16.48
N ARG B 878 -15.01 -1.85 17.15
CA ARG B 878 -14.25 -1.61 18.38
C ARG B 878 -12.91 -0.96 18.15
N TYR B 879 -12.23 -1.33 17.07
CA TYR B 879 -10.95 -0.72 16.75
C TYR B 879 -11.11 0.77 16.49
N VAL B 880 -12.08 1.13 15.67
CA VAL B 880 -12.29 2.53 15.30
C VAL B 880 -12.94 3.34 16.42
N CYS B 881 -14.02 2.87 17.00
CA CYS B 881 -14.87 3.38 18.05
C CYS B 881 -14.67 2.67 19.33
N ASN B 882 -13.90 3.03 20.28
CA ASN B 882 -13.53 2.20 21.40
C ASN B 882 -14.63 2.05 22.45
N GLY B 883 -15.71 1.36 22.07
CA GLY B 883 -16.83 1.09 22.95
C GLY B 883 -17.67 2.33 23.25
N ASN B 884 -17.72 3.26 22.30
CA ASN B 884 -18.45 4.50 22.52
C ASN B 884 -19.73 4.55 21.68
N PRO B 885 -20.92 4.42 22.29
CA PRO B 885 -22.22 4.37 21.65
C PRO B 885 -22.49 5.55 20.72
N ARG B 886 -21.83 6.68 20.94
CA ARG B 886 -22.08 7.85 20.09
C ARG B 886 -21.25 7.80 18.80
N CYS B 887 -20.02 7.29 18.89
CA CYS B 887 -19.10 7.08 17.76
C CYS B 887 -19.68 5.96 16.89
N ASN B 888 -20.23 4.95 17.56
CA ASN B 888 -20.79 3.81 16.86
C ASN B 888 -21.94 4.22 15.96
N LYS B 889 -22.67 5.27 16.32
CA LYS B 889 -23.75 5.75 15.47
C LYS B 889 -23.19 6.47 14.26
N LEU B 890 -22.15 7.27 14.46
CA LEU B 890 -21.54 7.98 13.32
C LEU B 890 -20.98 6.97 12.33
N LEU B 891 -20.44 5.89 12.86
CA LEU B 891 -19.80 4.87 12.07
C LEU B 891 -20.75 4.07 11.18
N THR B 892 -22.07 4.19 11.37
CA THR B 892 -22.98 3.42 10.53
C THR B 892 -22.98 3.99 9.12
N GLN B 893 -22.43 5.19 8.96
CA GLN B 893 -22.35 5.80 7.65
C GLN B 893 -21.25 5.13 6.85
N TYR B 894 -20.43 4.36 7.56
CA TYR B 894 -19.33 3.62 7.03
C TYR B 894 -19.57 2.13 7.22
N VAL B 895 -20.84 1.73 7.35
CA VAL B 895 -21.16 0.33 7.58
C VAL B 895 -20.60 -0.57 6.48
N SER B 896 -20.55 -0.07 5.26
CA SER B 896 -19.99 -0.85 4.17
C SER B 896 -18.47 -0.95 4.26
N ALA B 897 -17.83 0.01 4.93
CA ALA B 897 -16.38 -0.03 5.08
C ALA B 897 -15.98 -1.16 6.03
N CYS B 898 -16.69 -1.28 7.17
CA CYS B 898 -16.44 -2.34 8.14
C CYS B 898 -16.82 -3.70 7.58
N GLN B 899 -17.89 -3.75 6.80
CA GLN B 899 -18.30 -5.00 6.18
C GLN B 899 -17.18 -5.53 5.28
N THR B 900 -16.58 -4.67 4.47
CA THR B 900 -15.50 -5.07 3.58
C THR B 900 -14.27 -5.53 4.33
N ILE B 901 -13.88 -4.79 5.37
CA ILE B 901 -12.69 -5.13 6.14
C ILE B 901 -12.82 -6.47 6.84
N GLU B 902 -13.95 -6.68 7.50
CA GLU B 902 -14.15 -7.91 8.23
C GLU B 902 -14.33 -9.10 7.30
N GLN B 903 -15.02 -8.91 6.19
CA GLN B 903 -15.23 -9.98 5.25
C GLN B 903 -13.93 -10.43 4.62
N ALA B 904 -13.07 -9.48 4.28
CA ALA B 904 -11.81 -9.80 3.63
C ALA B 904 -10.91 -10.61 4.55
N LEU B 905 -10.84 -10.25 5.83
CA LEU B 905 -10.01 -11.00 6.75
C LEU B 905 -10.59 -12.37 7.07
N ALA B 906 -11.91 -12.42 7.23
CA ALA B 906 -12.57 -13.68 7.56
C ALA B 906 -12.43 -14.68 6.42
N MET B 907 -12.50 -14.21 5.18
CA MET B 907 -12.40 -15.09 4.05
C MET B 907 -10.98 -15.58 3.87
N GLY B 908 -10.01 -14.72 4.11
CA GLY B 908 -8.63 -15.11 4.00
C GLY B 908 -8.32 -16.24 4.97
N ALA B 909 -8.72 -16.05 6.23
CA ALA B 909 -8.49 -17.05 7.26
C ALA B 909 -9.21 -18.36 6.94
N ARG B 910 -10.42 -18.28 6.40
CA ARG B 910 -11.16 -19.49 6.07
C ARG B 910 -10.48 -20.29 4.98
N LEU B 911 -10.01 -19.63 3.93
CA LEU B 911 -9.36 -20.34 2.84
C LEU B 911 -8.06 -20.98 3.29
N GLU B 912 -7.29 -20.26 4.11
CA GLU B 912 -6.04 -20.82 4.60
C GLU B 912 -6.29 -22.04 5.46
N ASN B 913 -7.31 -21.96 6.30
CA ASN B 913 -7.66 -23.06 7.20
C ASN B 913 -7.93 -24.32 6.40
N MET B 914 -8.75 -24.20 5.35
CA MET B 914 -9.08 -25.36 4.53
C MET B 914 -7.86 -25.95 3.84
N GLU B 915 -6.98 -25.10 3.35
CA GLU B 915 -5.78 -25.55 2.65
C GLU B 915 -4.85 -26.35 3.56
N VAL B 916 -4.71 -25.92 4.81
CA VAL B 916 -3.88 -26.64 5.76
C VAL B 916 -4.53 -27.95 6.19
N ASP B 917 -5.83 -27.94 6.48
CA ASP B 917 -6.50 -29.17 6.90
C ASP B 917 -6.41 -30.27 5.87
N SER B 918 -6.38 -29.91 4.58
CA SER B 918 -6.30 -30.90 3.51
C SER B 918 -4.87 -31.42 3.30
N MET B 919 -3.90 -30.79 3.96
CA MET B 919 -2.50 -31.15 3.80
C MET B 919 -2.02 -32.10 4.89
N LEU B 920 -2.38 -31.80 6.12
CA LEU B 920 -1.84 -32.54 7.25
C LEU B 920 -2.68 -33.77 7.58
N PHE B 921 -2.01 -34.91 7.76
CA PHE B 921 -2.65 -36.18 8.11
C PHE B 921 -1.65 -37.05 8.85
N VAL B 922 -2.13 -38.06 9.56
CA VAL B 922 -1.23 -39.00 10.21
C VAL B 922 -1.63 -40.44 9.94
N SER B 923 -0.70 -41.35 10.15
CA SER B 923 -0.99 -42.78 10.14
C SER B 923 -0.82 -43.30 11.55
N GLU B 924 -1.85 -43.96 12.07
CA GLU B 924 -1.81 -44.41 13.45
C GLU B 924 -0.64 -45.32 13.77
N ASN B 925 -0.29 -46.23 12.87
CA ASN B 925 0.79 -47.17 13.16
C ASN B 925 2.14 -46.49 13.05
N ALA B 926 2.26 -45.58 12.10
CA ALA B 926 3.51 -44.86 11.93
C ALA B 926 3.78 -44.00 13.14
N LEU B 927 2.72 -43.41 13.67
CA LEU B 927 2.82 -42.50 14.79
C LEU B 927 3.25 -43.26 16.05
N LYS B 928 2.85 -44.53 16.17
CA LYS B 928 3.28 -45.36 17.28
C LYS B 928 4.78 -45.62 17.25
N LEU B 929 5.32 -45.81 16.04
CA LEU B 929 6.74 -46.09 15.87
C LEU B 929 7.59 -44.83 15.91
N ALA B 930 6.99 -43.68 15.60
CA ALA B 930 7.72 -42.44 15.47
C ALA B 930 8.10 -41.78 16.77
N SER B 931 9.00 -42.41 17.49
CA SER B 931 9.54 -41.86 18.73
C SER B 931 10.92 -42.42 18.99
N VAL B 932 11.71 -41.70 19.78
CA VAL B 932 13.04 -42.18 20.10
C VAL B 932 12.97 -43.46 20.90
N GLU B 933 12.06 -43.52 21.86
CA GLU B 933 11.93 -44.70 22.69
C GLU B 933 11.50 -45.91 21.89
N ALA B 934 10.63 -45.72 20.88
CA ALA B 934 10.23 -46.83 20.05
C ALA B 934 11.40 -47.34 19.22
N PHE B 935 12.17 -46.43 18.67
CA PHE B 935 13.32 -46.81 17.85
C PHE B 935 14.41 -47.54 18.64
N ASN B 936 14.66 -47.12 19.90
CA ASN B 936 15.67 -47.71 20.76
C ASN B 936 15.25 -49.06 21.37
N SER B 937 13.98 -49.52 21.15
CA SER B 937 13.47 -50.78 21.70
C SER B 937 13.53 -51.90 20.66
N THR B 938 13.35 -53.13 21.12
CA THR B 938 13.32 -54.29 20.24
C THR B 938 11.90 -54.84 20.05
N GLU B 939 11.00 -54.48 20.95
CA GLU B 939 9.66 -55.08 20.99
C GLU B 939 8.81 -54.84 19.75
N ASN B 940 9.11 -53.78 18.99
CA ASN B 940 8.23 -53.46 17.83
C ASN B 940 8.85 -54.03 16.55
N LEU B 941 9.97 -54.73 16.67
CA LEU B 941 10.67 -55.23 15.50
C LEU B 941 10.14 -56.59 15.04
N ASP B 942 9.98 -56.74 13.72
CA ASP B 942 9.60 -58.00 13.11
C ASP B 942 10.68 -59.08 13.39
N PRO B 943 10.31 -60.29 13.84
CA PRO B 943 11.18 -61.42 14.17
C PRO B 943 12.25 -61.81 13.14
N ILE B 944 12.03 -61.53 11.85
CA ILE B 944 13.06 -61.94 10.89
C ILE B 944 14.31 -61.07 11.00
N TYR B 945 14.20 -60.00 11.79
CA TYR B 945 15.30 -59.09 12.01
C TYR B 945 15.86 -59.28 13.41
N LYS B 946 15.71 -60.49 13.96
CA LYS B 946 16.22 -60.79 15.29
C LYS B 946 17.73 -60.55 15.44
N GLU B 947 18.43 -60.46 14.32
CA GLU B 947 19.87 -60.22 14.29
C GLU B 947 20.23 -58.73 14.44
N TRP B 948 19.21 -57.87 14.47
CA TRP B 948 19.35 -56.44 14.66
C TRP B 948 18.83 -56.08 16.05
N PRO B 949 19.61 -55.36 16.88
CA PRO B 949 19.28 -55.05 18.26
C PRO B 949 18.07 -54.13 18.44
N ASN B 950 17.79 -53.29 17.46
CA ASN B 950 16.70 -52.33 17.54
C ASN B 950 16.45 -51.73 16.17
N ILE B 951 15.64 -50.67 16.10
CA ILE B 951 15.37 -50.06 14.81
C ILE B 951 16.34 -48.92 14.57
N GLY B 952 17.26 -49.11 13.64
CA GLY B 952 18.21 -48.06 13.32
C GLY B 952 19.29 -47.85 14.36
N GLY B 953 19.71 -48.90 15.05
CA GLY B 953 20.73 -48.75 16.07
C GLY B 953 21.89 -47.89 15.55
N SER B 954 22.43 -48.26 14.40
CA SER B 954 23.56 -47.54 13.81
C SER B 954 23.22 -46.07 13.51
N TRP B 955 21.99 -45.83 13.09
CA TRP B 955 21.53 -44.50 12.68
C TRP B 955 20.92 -43.70 13.83
N LEU B 956 20.74 -44.33 15.00
CA LEU B 956 20.07 -43.70 16.13
C LEU B 956 20.83 -42.49 16.65
N GLY B 957 22.15 -42.49 16.51
CA GLY B 957 22.94 -41.37 16.99
C GLY B 957 22.56 -40.05 16.31
N GLY B 958 21.89 -40.14 15.17
CA GLY B 958 21.42 -38.96 14.45
C GLY B 958 19.93 -38.80 14.64
N LEU B 959 19.21 -39.91 14.51
CA LEU B 959 17.76 -39.89 14.58
C LEU B 959 17.26 -39.41 15.93
N LYS B 960 18.01 -39.67 17.00
CA LYS B 960 17.57 -39.27 18.32
C LYS B 960 17.28 -37.76 18.45
N ASP B 961 17.87 -36.94 17.58
CA ASP B 961 17.66 -35.49 17.66
C ASP B 961 16.60 -35.00 16.67
N ILE B 962 16.07 -35.92 15.88
CA ILE B 962 15.05 -35.64 14.87
C ILE B 962 13.70 -36.20 15.33
N LEU B 963 13.71 -37.41 15.88
CA LEU B 963 12.50 -38.05 16.34
C LEU B 963 11.99 -37.39 17.63
N PRO B 964 10.67 -37.39 17.87
CA PRO B 964 10.02 -36.98 19.09
C PRO B 964 10.48 -37.78 20.29
N SER B 965 10.53 -37.14 21.45
CA SER B 965 10.90 -37.84 22.68
C SER B 965 9.95 -37.47 23.80
N HIS B 966 9.69 -38.41 24.70
CA HIS B 966 8.81 -38.12 25.81
C HIS B 966 9.55 -37.38 26.92
N ASN B 967 10.84 -37.59 27.02
CA ASN B 967 11.65 -36.89 28.00
C ASN B 967 12.14 -35.57 27.42
N SER B 968 11.20 -34.65 27.22
CA SER B 968 11.45 -33.39 26.53
C SER B 968 10.56 -32.28 27.08
N LYS B 969 10.73 -31.08 26.54
CA LYS B 969 9.94 -29.93 26.94
C LYS B 969 8.57 -30.01 26.28
N ARG B 970 7.59 -29.33 26.87
CA ARG B 970 6.25 -29.34 26.30
C ARG B 970 5.86 -30.82 26.12
N LYS B 971 5.47 -31.22 24.91
CA LYS B 971 5.08 -32.60 24.70
C LYS B 971 5.46 -33.12 23.32
N TYR B 972 6.04 -34.31 23.30
CA TYR B 972 6.26 -35.04 22.06
C TYR B 972 6.99 -34.24 20.97
N ARG B 973 8.11 -33.61 21.30
CA ARG B 973 8.89 -32.90 20.31
C ARG B 973 10.33 -33.41 20.28
N SER B 974 11.01 -33.16 19.17
CA SER B 974 12.40 -33.55 18.99
C SER B 974 13.33 -32.52 19.60
N ALA B 975 14.61 -32.87 19.73
CA ALA B 975 15.58 -31.92 20.27
C ALA B 975 15.71 -30.69 19.39
N ILE B 976 15.76 -30.88 18.07
CA ILE B 976 15.88 -29.73 17.18
C ILE B 976 14.66 -28.83 17.25
N GLU B 977 13.46 -29.40 17.31
CA GLU B 977 12.27 -28.58 17.41
C GLU B 977 12.31 -27.73 18.67
N ASP B 978 12.71 -28.32 19.79
CA ASP B 978 12.78 -27.52 21.01
C ASP B 978 13.74 -26.34 20.86
N LEU B 979 14.85 -26.56 20.17
CA LEU B 979 15.81 -25.47 19.99
C LEU B 979 15.23 -24.33 19.15
N LEU B 980 14.53 -24.67 18.06
CA LEU B 980 13.96 -23.64 17.21
C LEU B 980 12.86 -22.84 17.89
N PHE B 981 12.02 -23.54 18.63
CA PHE B 981 10.93 -22.88 19.30
C PHE B 981 11.40 -22.06 20.49
N ASP B 982 12.46 -22.51 21.17
CA ASP B 982 12.99 -21.75 22.30
C ASP B 982 13.63 -20.46 21.82
N LYS B 983 14.33 -20.50 20.68
CA LYS B 983 14.94 -19.30 20.14
C LYS B 983 13.89 -18.24 19.75
N VAL B 984 12.76 -18.68 19.17
CA VAL B 984 11.63 -17.84 18.80
C VAL B 984 10.69 -17.74 19.99
N GLU B 994 -3.49 -18.57 22.22
CA GLU B 994 -3.25 -17.95 23.52
C GLU B 994 -4.60 -17.62 24.19
N ASP B 995 -4.60 -17.71 25.53
CA ASP B 995 -5.79 -17.52 26.39
C ASP B 995 -6.29 -16.08 26.50
N TYR B 996 -7.62 -15.89 26.32
CA TYR B 996 -8.22 -14.59 26.51
C TYR B 996 -9.05 -14.49 27.79
N LYS B 997 -9.25 -15.60 28.51
CA LYS B 997 -10.06 -15.59 29.71
C LYS B 997 -9.46 -14.67 30.76
N ARG B 998 -8.15 -14.72 30.84
CA ARG B 998 -7.40 -13.92 31.81
C ARG B 998 -7.51 -12.39 31.61
N CYS B 999 -7.85 -11.93 30.41
CA CYS B 999 -7.87 -10.51 30.02
C CYS B 999 -8.99 -9.78 30.69
N THR B 1000 -9.95 -10.46 31.28
CA THR B 1000 -11.05 -9.80 31.93
C THR B 1000 -11.07 -10.11 33.41
N GLY B 1001 -9.94 -10.66 33.89
CA GLY B 1001 -9.78 -11.00 35.30
C GLY B 1001 -9.64 -9.77 36.18
N GLY B 1002 -8.79 -8.82 35.77
CA GLY B 1002 -8.54 -7.63 36.57
C GLY B 1002 -7.68 -7.93 37.80
N TYR B 1003 -6.75 -8.87 37.64
CA TYR B 1003 -5.88 -9.24 38.76
C TYR B 1003 -4.57 -8.47 38.76
N ASP B 1004 -4.20 -7.94 37.59
CA ASP B 1004 -2.96 -7.20 37.41
C ASP B 1004 -3.13 -6.28 36.20
N ILE B 1005 -2.10 -5.51 35.89
CA ILE B 1005 -2.13 -4.65 34.71
C ILE B 1005 -1.85 -5.46 33.46
N ALA B 1006 -2.70 -5.28 32.45
CA ALA B 1006 -2.64 -6.03 31.20
C ALA B 1006 -1.33 -5.88 30.47
N ASP B 1007 -0.91 -6.96 29.81
CA ASP B 1007 0.28 -6.97 28.98
C ASP B 1007 -0.09 -6.59 27.56
N LEU B 1008 0.85 -6.75 26.63
CA LEU B 1008 0.66 -6.38 25.24
C LEU B 1008 -0.52 -7.11 24.62
N VAL B 1009 -0.64 -8.42 24.87
CA VAL B 1009 -1.67 -9.18 24.17
C VAL B 1009 -3.09 -8.79 24.57
N CYS B 1010 -3.36 -8.64 25.88
CA CYS B 1010 -4.68 -8.23 26.36
C CYS B 1010 -4.94 -6.78 25.95
N ALA B 1011 -3.90 -5.95 25.95
CA ALA B 1011 -4.07 -4.58 25.54
C ALA B 1011 -4.53 -4.51 24.08
N GLN B 1012 -4.01 -5.40 23.23
CA GLN B 1012 -4.47 -5.45 21.83
C GLN B 1012 -5.89 -5.98 21.75
N TYR B 1013 -6.22 -6.95 22.57
CA TYR B 1013 -7.56 -7.52 22.65
C TYR B 1013 -8.59 -6.45 22.94
N TYR B 1014 -8.26 -5.53 23.83
CA TYR B 1014 -9.14 -4.45 24.24
C TYR B 1014 -9.43 -3.50 23.09
N ASN B 1015 -8.60 -3.53 22.06
CA ASN B 1015 -8.73 -2.65 20.90
C ASN B 1015 -9.36 -3.38 19.72
N GLY B 1016 -9.93 -4.55 19.97
CA GLY B 1016 -10.62 -5.30 18.94
C GLY B 1016 -9.70 -6.20 18.13
N ILE B 1017 -8.49 -6.45 18.59
CA ILE B 1017 -7.57 -7.29 17.85
C ILE B 1017 -7.44 -8.67 18.49
N MET B 1018 -7.94 -9.68 17.79
CA MET B 1018 -7.90 -11.04 18.30
C MET B 1018 -6.99 -11.90 17.45
N VAL B 1019 -6.08 -12.62 18.08
CA VAL B 1019 -5.21 -13.51 17.35
C VAL B 1019 -5.80 -14.90 17.45
N LEU B 1020 -6.09 -15.51 16.31
CA LEU B 1020 -6.80 -16.77 16.33
C LEU B 1020 -5.83 -17.88 16.72
N PRO B 1021 -6.29 -18.95 17.38
CA PRO B 1021 -5.48 -20.06 17.84
C PRO B 1021 -4.62 -20.64 16.73
N GLY B 1022 -3.33 -20.76 17.00
CA GLY B 1022 -2.39 -21.36 16.07
C GLY B 1022 -1.66 -22.52 16.72
N VAL B 1023 -2.02 -22.81 17.96
CA VAL B 1023 -1.35 -23.89 18.69
C VAL B 1023 -1.69 -25.21 18.03
N ALA B 1024 -2.94 -25.38 17.66
CA ALA B 1024 -3.35 -26.61 17.04
C ALA B 1024 -2.54 -26.88 15.78
N ASN B 1025 -2.21 -25.84 15.02
CA ASN B 1025 -1.45 -26.06 13.79
C ASN B 1025 -0.03 -26.50 14.11
N ASP B 1026 0.48 -26.04 15.25
CA ASP B 1026 1.80 -26.44 15.70
C ASP B 1026 1.79 -27.90 16.15
N ASP B 1027 0.74 -28.29 16.86
CA ASP B 1027 0.62 -29.67 17.32
C ASP B 1027 0.37 -30.62 16.16
N LYS B 1028 -0.43 -30.18 15.19
CA LYS B 1028 -0.71 -31.01 14.04
C LYS B 1028 0.55 -31.22 13.23
N MET B 1029 1.36 -30.18 13.07
CA MET B 1029 2.58 -30.26 12.31
C MET B 1029 3.57 -31.21 12.96
N THR B 1030 3.62 -31.21 14.28
CA THR B 1030 4.51 -32.11 14.98
C THR B 1030 4.12 -33.56 14.74
N MET B 1031 2.82 -33.87 14.84
CA MET B 1031 2.35 -35.23 14.59
C MET B 1031 2.51 -35.63 13.14
N TYR B 1032 2.31 -34.68 12.24
CA TYR B 1032 2.43 -34.90 10.81
C TYR B 1032 3.82 -35.33 10.45
N THR B 1033 4.81 -34.56 10.87
CA THR B 1033 6.18 -34.88 10.52
C THR B 1033 6.64 -36.15 11.22
N ALA B 1034 6.17 -36.39 12.45
CA ALA B 1034 6.55 -37.59 13.17
C ALA B 1034 6.03 -38.83 12.47
N SER B 1035 4.78 -38.77 12.01
CA SER B 1035 4.18 -39.90 11.31
C SER B 1035 4.93 -40.21 10.03
N LEU B 1036 5.32 -39.16 9.30
CA LEU B 1036 6.03 -39.38 8.05
C LEU B 1036 7.35 -40.10 8.30
N ALA B 1037 8.07 -39.73 9.36
CA ALA B 1037 9.32 -40.39 9.70
C ALA B 1037 9.12 -41.81 10.18
N GLY B 1038 8.09 -42.04 10.99
CA GLY B 1038 7.83 -43.36 11.54
C GLY B 1038 7.50 -44.37 10.46
N GLY B 1039 6.79 -43.92 9.43
CA GLY B 1039 6.36 -44.77 8.34
C GLY B 1039 7.50 -45.35 7.53
N ILE B 1040 8.70 -44.78 7.63
CA ILE B 1040 9.84 -45.28 6.88
C ILE B 1040 10.14 -46.71 7.28
N THR B 1041 9.97 -47.02 8.56
CA THR B 1041 10.29 -48.32 9.09
C THR B 1041 9.07 -49.17 9.36
N LEU B 1042 7.91 -48.82 8.81
CA LEU B 1042 6.72 -49.60 9.04
C LEU B 1042 6.58 -50.67 7.97
N GLY B 1043 6.60 -51.92 8.40
CA GLY B 1043 6.61 -53.08 7.52
C GLY B 1043 5.36 -53.31 6.68
N ALA B 1044 4.18 -52.99 7.20
CA ALA B 1044 2.96 -53.32 6.47
C ALA B 1044 1.79 -52.42 6.86
N LEU B 1045 0.81 -52.29 5.97
CA LEU B 1045 -0.32 -51.36 6.24
C LEU B 1045 -1.54 -52.13 6.71
N GLY B 1046 -1.39 -53.41 7.02
CA GLY B 1046 -2.57 -54.23 7.39
C GLY B 1046 -3.10 -53.91 8.77
N GLY B 1047 -2.21 -53.71 9.74
CA GLY B 1047 -2.62 -53.49 11.14
C GLY B 1047 -1.58 -54.08 12.04
N GLY B 1048 -1.01 -53.27 12.93
CA GLY B 1048 0.11 -53.74 13.77
C GLY B 1048 1.35 -52.91 13.48
N ALA B 1049 1.82 -52.17 14.48
CA ALA B 1049 2.99 -51.33 14.30
C ALA B 1049 4.22 -52.21 14.25
N VAL B 1050 4.34 -52.95 13.16
CA VAL B 1050 5.45 -53.89 12.99
C VAL B 1050 6.55 -53.23 12.22
N ALA B 1051 7.71 -53.15 12.81
CA ALA B 1051 8.81 -52.40 12.24
C ALA B 1051 9.87 -53.25 11.55
N ILE B 1052 10.60 -52.59 10.65
CA ILE B 1052 11.80 -53.12 10.03
C ILE B 1052 12.92 -52.19 10.50
N PRO B 1053 14.20 -52.57 10.45
CA PRO B 1053 15.34 -51.73 10.76
C PRO B 1053 15.44 -50.51 9.87
N PHE B 1054 16.00 -49.41 10.38
CA PHE B 1054 16.18 -48.22 9.57
C PHE B 1054 17.19 -48.51 8.47
N ALA B 1055 18.25 -49.24 8.81
CA ALA B 1055 19.29 -49.56 7.84
C ALA B 1055 18.70 -50.34 6.65
N VAL B 1056 17.70 -51.18 6.91
CA VAL B 1056 17.05 -51.93 5.86
C VAL B 1056 16.27 -50.99 4.96
N ALA B 1057 15.57 -50.04 5.57
CA ALA B 1057 14.85 -49.03 4.81
C ALA B 1057 15.81 -48.19 3.95
N VAL B 1058 16.98 -47.88 4.50
CA VAL B 1058 17.98 -47.11 3.78
C VAL B 1058 18.51 -47.90 2.59
N GLN B 1059 18.76 -49.19 2.77
CA GLN B 1059 19.26 -50.01 1.68
C GLN B 1059 18.26 -50.00 0.53
N ALA B 1060 16.98 -50.01 0.84
CA ALA B 1060 15.97 -49.97 -0.21
C ALA B 1060 16.11 -48.68 -1.02
N ARG B 1061 16.42 -47.58 -0.35
CA ARG B 1061 16.58 -46.30 -1.02
C ARG B 1061 17.84 -46.29 -1.88
N LEU B 1062 18.89 -46.97 -1.43
CA LEU B 1062 20.11 -47.06 -2.21
C LEU B 1062 19.88 -47.80 -3.52
N ASN B 1063 19.01 -48.82 -3.49
CA ASN B 1063 18.70 -49.57 -4.71
C ASN B 1063 17.95 -48.74 -5.73
N TYR B 1064 17.19 -47.75 -5.27
CA TYR B 1064 16.53 -46.84 -6.19
C TYR B 1064 17.52 -45.90 -6.85
N VAL B 1065 18.58 -45.55 -6.14
CA VAL B 1065 19.61 -44.71 -6.72
C VAL B 1065 20.38 -45.50 -7.76
N ALA B 1066 20.81 -46.70 -7.39
CA ALA B 1066 21.50 -47.61 -8.29
C ALA B 1066 21.36 -49.03 -7.74
N LEU B 1067 21.16 -50.01 -8.62
CA LEU B 1067 21.06 -51.37 -8.10
C LEU B 1067 22.37 -51.71 -7.41
N GLN B 1068 22.30 -52.16 -6.16
CA GLN B 1068 23.51 -52.45 -5.41
C GLN B 1068 23.96 -53.88 -5.67
N THR B 1069 25.22 -54.05 -6.03
CA THR B 1069 25.74 -55.38 -6.32
C THR B 1069 26.74 -55.86 -5.29
N ASP B 1070 27.34 -54.95 -4.54
CA ASP B 1070 28.34 -55.31 -3.55
C ASP B 1070 27.69 -55.66 -2.24
N VAL B 1071 26.93 -56.73 -2.26
CA VAL B 1071 26.15 -57.18 -1.11
C VAL B 1071 27.04 -57.65 0.04
N LEU B 1072 28.28 -57.98 -0.30
CA LEU B 1072 29.26 -58.42 0.69
C LEU B 1072 30.10 -57.26 1.21
N ASN B 1073 29.84 -56.06 0.73
CA ASN B 1073 30.57 -54.87 1.14
C ASN B 1073 29.75 -54.06 2.12
N LYS B 1074 30.03 -54.20 3.40
CA LYS B 1074 29.22 -53.54 4.41
C LYS B 1074 29.61 -52.07 4.58
N ASN B 1075 29.21 -51.27 3.61
CA ASN B 1075 29.54 -49.84 3.51
C ASN B 1075 28.54 -48.98 4.29
N GLN B 1076 27.55 -49.63 4.87
CA GLN B 1076 26.47 -48.97 5.59
C GLN B 1076 26.94 -48.26 6.85
N GLN B 1077 27.92 -48.82 7.55
CA GLN B 1077 28.37 -48.22 8.80
C GLN B 1077 28.97 -46.86 8.53
N ILE B 1078 29.63 -46.73 7.39
CA ILE B 1078 30.26 -45.47 7.03
C ILE B 1078 29.21 -44.42 6.79
N LEU B 1079 28.17 -44.77 6.06
CA LEU B 1079 27.13 -43.78 5.79
C LEU B 1079 26.44 -43.39 7.07
N ALA B 1080 26.18 -44.36 7.95
CA ALA B 1080 25.52 -44.07 9.21
C ALA B 1080 26.35 -43.15 10.09
N ASN B 1081 27.67 -43.35 10.09
CA ASN B 1081 28.53 -42.52 10.93
C ASN B 1081 28.54 -41.09 10.43
N ALA B 1082 28.62 -40.92 9.11
CA ALA B 1082 28.64 -39.59 8.53
C ALA B 1082 27.34 -38.86 8.82
N PHE B 1083 26.23 -39.59 8.81
CA PHE B 1083 24.93 -39.02 9.12
C PHE B 1083 24.88 -38.54 10.55
N ASN B 1084 25.31 -39.40 11.48
CA ASN B 1084 25.25 -39.06 12.88
C ASN B 1084 26.08 -37.83 13.20
N GLN B 1085 27.23 -37.72 12.55
CA GLN B 1085 28.08 -36.57 12.77
C GLN B 1085 27.45 -35.30 12.20
N ALA B 1086 26.84 -35.40 11.02
CA ALA B 1086 26.19 -34.26 10.41
C ALA B 1086 25.07 -33.73 11.26
N ILE B 1087 24.26 -34.63 11.84
CA ILE B 1087 23.17 -34.18 12.67
C ILE B 1087 23.74 -33.56 13.94
N GLY B 1088 24.78 -34.16 14.49
CA GLY B 1088 25.44 -33.61 15.66
C GLY B 1088 25.80 -32.13 15.47
N ASN B 1089 26.46 -31.79 14.34
CA ASN B 1089 26.88 -30.42 14.02
C ASN B 1089 25.69 -29.48 13.79
N ILE B 1090 24.58 -29.98 13.22
CA ILE B 1090 23.35 -29.22 12.99
C ILE B 1090 22.66 -28.91 14.31
N THR B 1091 22.56 -29.89 15.18
CA THR B 1091 21.91 -29.69 16.46
C THR B 1091 22.70 -28.66 17.26
N GLN B 1092 24.03 -28.80 17.26
CA GLN B 1092 24.90 -27.87 17.94
C GLN B 1092 24.77 -26.45 17.37
N ALA B 1093 24.70 -26.35 16.04
CA ALA B 1093 24.57 -25.06 15.36
C ALA B 1093 23.28 -24.36 15.73
N PHE B 1094 22.18 -25.11 15.83
CA PHE B 1094 20.91 -24.51 16.23
C PHE B 1094 20.95 -24.05 17.70
N GLY B 1095 21.54 -24.86 18.59
CA GLY B 1095 21.68 -24.55 20.00
C GLY B 1095 22.91 -23.69 20.25
N LEU B 1108 27.53 -25.74 7.42
CA LEU B 1108 26.46 -25.25 8.31
C LEU B 1108 25.85 -23.92 7.85
N ALA B 1109 26.13 -23.51 6.59
CA ALA B 1109 25.57 -22.32 5.95
C ALA B 1109 24.05 -22.41 5.88
N THR B 1110 23.58 -23.65 5.77
CA THR B 1110 22.16 -23.95 5.72
C THR B 1110 21.48 -23.66 7.04
N VAL B 1111 22.22 -23.78 8.15
CA VAL B 1111 21.60 -23.52 9.45
C VAL B 1111 21.45 -22.02 9.61
N ALA B 1112 22.48 -21.29 9.20
CA ALA B 1112 22.43 -19.83 9.28
C ALA B 1112 21.26 -19.29 8.46
N LYS B 1113 21.03 -19.88 7.30
CA LYS B 1113 19.93 -19.46 6.44
C LYS B 1113 18.59 -19.75 7.10
N VAL B 1114 18.46 -20.94 7.70
CA VAL B 1114 17.22 -21.27 8.38
C VAL B 1114 16.93 -20.33 9.53
N LEU B 1115 17.93 -20.04 10.34
CA LEU B 1115 17.67 -19.18 11.47
C LEU B 1115 17.30 -17.77 11.03
N ALA B 1116 17.94 -17.27 9.98
CA ALA B 1116 17.59 -15.96 9.48
C ALA B 1116 16.17 -15.91 8.95
N LYS B 1117 15.76 -16.93 8.21
CA LYS B 1117 14.42 -16.91 7.63
C LYS B 1117 13.35 -17.06 8.70
N VAL B 1118 13.60 -17.94 9.68
CA VAL B 1118 12.60 -18.19 10.70
C VAL B 1118 12.38 -16.93 11.55
N GLN B 1119 13.44 -16.22 11.93
CA GLN B 1119 13.23 -15.03 12.74
C GLN B 1119 12.62 -13.90 11.92
N ASP B 1120 12.85 -13.88 10.61
CA ASP B 1120 12.27 -12.84 9.77
C ASP B 1120 10.76 -13.02 9.71
N VAL B 1121 10.30 -14.27 9.68
CA VAL B 1121 8.88 -14.55 9.64
C VAL B 1121 8.17 -14.06 10.89
N VAL B 1122 8.76 -14.32 12.05
CA VAL B 1122 8.15 -13.95 13.36
C VAL B 1122 8.24 -12.42 13.55
N ASN B 1123 9.33 -11.81 13.09
CA ASN B 1123 9.50 -10.36 13.24
C ASN B 1123 8.51 -9.61 12.37
N THR B 1124 8.30 -10.09 11.15
CA THR B 1124 7.37 -9.44 10.22
C THR B 1124 5.96 -9.44 10.76
N GLN B 1125 5.51 -10.58 11.28
CA GLN B 1125 4.15 -10.66 11.79
C GLN B 1125 3.97 -9.79 13.04
N GLY B 1126 4.99 -9.76 13.88
CA GLY B 1126 4.95 -8.97 15.09
C GLY B 1126 4.82 -7.49 14.78
N GLN B 1127 5.70 -6.99 13.91
CA GLN B 1127 5.75 -5.60 13.55
C GLN B 1127 4.50 -5.16 12.80
N ALA B 1128 3.98 -6.03 11.94
CA ALA B 1128 2.81 -5.68 11.17
C ALA B 1128 1.62 -5.39 12.08
N LEU B 1129 1.50 -6.11 13.16
CA LEU B 1129 0.35 -5.92 14.03
C LEU B 1129 0.60 -4.86 15.08
N SER B 1130 1.86 -4.68 15.53
CA SER B 1130 2.13 -3.64 16.50
C SER B 1130 1.97 -2.27 15.86
N HIS B 1131 2.23 -2.20 14.56
CA HIS B 1131 2.07 -1.00 13.76
C HIS B 1131 0.61 -0.53 13.71
N LEU B 1132 -0.29 -1.50 13.78
CA LEU B 1132 -1.72 -1.21 13.77
C LEU B 1132 -2.15 -0.52 15.04
N THR B 1133 -1.55 -0.91 16.16
CA THR B 1133 -1.92 -0.41 17.48
C THR B 1133 -1.39 1.00 17.66
N VAL B 1134 -0.16 1.28 17.18
CA VAL B 1134 0.42 2.61 17.38
C VAL B 1134 -0.45 3.67 16.71
N GLN B 1135 -1.11 3.32 15.58
CA GLN B 1135 -1.98 4.26 14.89
C GLN B 1135 -3.17 4.76 15.71
N LEU B 1136 -3.50 4.10 16.81
CA LEU B 1136 -4.59 4.55 17.63
C LEU B 1136 -4.22 5.75 18.50
N GLN B 1137 -2.93 6.11 18.50
CA GLN B 1137 -2.46 7.31 19.18
C GLN B 1137 -2.50 8.51 18.26
N ASN B 1138 -2.90 8.29 17.02
CA ASN B 1138 -2.88 9.31 16.01
C ASN B 1138 -4.12 10.19 16.05
N ASN B 1139 -3.92 11.46 16.32
CA ASN B 1139 -5.00 12.42 16.32
C ASN B 1139 -5.00 13.05 14.96
N PHE B 1140 -5.88 12.58 14.09
CA PHE B 1140 -5.83 12.97 12.70
C PHE B 1140 -6.31 14.41 12.52
N GLN B 1141 -5.45 15.34 12.93
CA GLN B 1141 -5.71 16.76 12.96
C GLN B 1141 -6.95 17.03 13.80
N ALA B 1142 -7.03 16.31 14.92
CA ALA B 1142 -8.12 16.40 15.88
C ALA B 1142 -7.58 16.90 17.20
N ILE B 1143 -8.45 17.38 18.06
CA ILE B 1143 -8.00 17.88 19.36
C ILE B 1143 -7.45 16.75 20.24
N SER B 1144 -7.86 15.53 19.96
CA SER B 1144 -7.39 14.37 20.72
C SER B 1144 -7.54 13.07 19.95
N SER B 1145 -6.72 12.10 20.33
CA SER B 1145 -6.81 10.75 19.79
C SER B 1145 -7.84 9.92 20.55
N SER B 1146 -8.34 10.47 21.66
CA SER B 1146 -9.31 9.77 22.49
C SER B 1146 -10.71 10.28 22.30
N ILE B 1147 -11.58 9.40 21.86
CA ILE B 1147 -12.97 9.72 21.61
C ILE B 1147 -13.65 10.13 22.90
N SER B 1148 -13.35 9.43 23.99
CA SER B 1148 -13.96 9.74 25.27
C SER B 1148 -13.56 11.12 25.74
N ASP B 1149 -12.31 11.51 25.50
CA ASP B 1149 -11.85 12.82 25.93
C ASP B 1149 -12.53 13.90 25.09
N ILE B 1150 -12.78 13.63 23.82
CA ILE B 1150 -13.47 14.59 22.96
C ILE B 1150 -14.89 14.83 23.44
N TYR B 1151 -15.61 13.77 23.75
CA TYR B 1151 -16.99 13.91 24.18
C TYR B 1151 -17.13 14.54 25.56
N ASN B 1152 -16.10 14.46 26.39
CA ASN B 1152 -16.15 15.12 27.69
C ASN B 1152 -15.71 16.59 27.63
N ARG B 1153 -15.30 17.04 26.44
CA ARG B 1153 -14.85 18.41 26.28
C ARG B 1153 -15.78 19.23 25.41
N LEU B 1154 -16.33 18.62 24.36
CA LEU B 1154 -17.19 19.32 23.41
C LEU B 1154 -18.63 18.82 23.39
N ASP B 1155 -19.57 19.72 23.12
CA ASP B 1155 -20.96 19.35 22.88
C ASP B 1155 -21.03 18.62 21.55
N PRO B 1156 -21.99 17.69 21.35
CA PRO B 1156 -22.16 16.88 20.16
C PRO B 1156 -22.01 17.59 18.78
N PRO B 1157 -22.57 18.78 18.52
CA PRO B 1157 -22.40 19.49 17.28
C PRO B 1157 -20.93 19.66 16.86
N SER B 1158 -20.03 19.77 17.84
CA SER B 1158 -18.62 19.94 17.53
C SER B 1158 -17.85 18.65 17.79
N ALA B 1159 -18.30 17.89 18.78
CA ALA B 1159 -17.62 16.66 19.17
C ALA B 1159 -17.66 15.66 18.03
N ASP B 1160 -18.78 15.61 17.34
CA ASP B 1160 -18.95 14.66 16.25
C ASP B 1160 -18.05 15.00 15.09
N ALA B 1161 -17.79 16.28 14.88
CA ALA B 1161 -16.91 16.71 13.80
C ALA B 1161 -15.49 16.25 14.06
N GLN B 1162 -15.09 16.21 15.33
CA GLN B 1162 -13.74 15.77 15.70
C GLN B 1162 -13.62 14.26 15.62
N VAL B 1163 -14.66 13.55 16.06
CA VAL B 1163 -14.67 12.11 16.03
C VAL B 1163 -14.67 11.62 14.59
N ASP B 1164 -15.38 12.32 13.72
CA ASP B 1164 -15.43 11.97 12.32
C ASP B 1164 -14.02 11.94 11.70
N ARG B 1165 -13.14 12.83 12.15
CA ARG B 1165 -11.78 12.86 11.61
C ARG B 1165 -11.07 11.57 12.02
N LEU B 1166 -11.29 11.16 13.27
CA LEU B 1166 -10.67 9.94 13.77
C LEU B 1166 -11.23 8.71 13.06
N ILE B 1167 -12.54 8.72 12.77
CA ILE B 1167 -13.13 7.58 12.10
C ILE B 1167 -12.55 7.35 10.72
N THR B 1168 -12.42 8.40 9.93
CA THR B 1168 -11.89 8.19 8.59
C THR B 1168 -10.41 7.85 8.62
N GLY B 1169 -9.68 8.41 9.56
CA GLY B 1169 -8.25 8.13 9.68
C GLY B 1169 -8.01 6.68 10.07
N ARG B 1170 -8.81 6.17 11.01
CA ARG B 1170 -8.66 4.81 11.49
C ARG B 1170 -9.13 3.79 10.48
N LEU B 1171 -10.20 4.09 9.72
CA LEU B 1171 -10.62 3.16 8.70
C LEU B 1171 -9.55 3.05 7.62
N THR B 1172 -8.89 4.15 7.30
CA THR B 1172 -7.82 4.13 6.30
C THR B 1172 -6.66 3.25 6.77
N ALA B 1173 -6.25 3.42 8.03
CA ALA B 1173 -5.17 2.61 8.58
C ALA B 1173 -5.53 1.13 8.60
N LEU B 1174 -6.79 0.86 8.89
CA LEU B 1174 -7.27 -0.49 8.98
C LEU B 1174 -7.32 -1.14 7.59
N ASN B 1175 -7.68 -0.37 6.57
CA ASN B 1175 -7.66 -0.89 5.20
C ASN B 1175 -6.24 -1.21 4.74
N ALA B 1176 -5.27 -0.41 5.16
CA ALA B 1176 -3.88 -0.68 4.81
C ALA B 1176 -3.42 -2.00 5.40
N PHE B 1177 -3.82 -2.26 6.64
CA PHE B 1177 -3.49 -3.50 7.31
C PHE B 1177 -4.02 -4.70 6.56
N VAL B 1178 -5.29 -4.62 6.16
CA VAL B 1178 -5.92 -5.74 5.47
C VAL B 1178 -5.22 -6.04 4.15
N SER B 1179 -4.85 -5.01 3.40
CA SER B 1179 -4.18 -5.23 2.14
C SER B 1179 -2.84 -5.95 2.32
N GLN B 1180 -2.09 -5.56 3.34
CA GLN B 1180 -0.80 -6.18 3.61
C GLN B 1180 -0.97 -7.62 4.05
N THR B 1181 -2.01 -7.89 4.84
CA THR B 1181 -2.31 -9.22 5.32
C THR B 1181 -2.66 -10.16 4.18
N LEU B 1182 -3.50 -9.70 3.26
CA LEU B 1182 -3.90 -10.52 2.14
C LEU B 1182 -2.73 -10.81 1.21
N THR B 1183 -1.84 -9.83 1.03
CA THR B 1183 -0.66 -10.02 0.19
C THR B 1183 0.23 -11.11 0.77
N ARG B 1184 0.46 -11.09 2.08
CA ARG B 1184 1.26 -12.13 2.71
C ARG B 1184 0.62 -13.51 2.65
N GLN B 1185 -0.70 -13.57 2.74
CA GLN B 1185 -1.34 -14.87 2.65
C GLN B 1185 -1.14 -15.49 1.27
N ALA B 1186 -1.15 -14.67 0.22
CA ALA B 1186 -0.90 -15.17 -1.13
C ALA B 1186 0.53 -15.69 -1.25
N GLU B 1187 1.47 -14.98 -0.64
CA GLU B 1187 2.87 -15.37 -0.63
C GLU B 1187 3.07 -16.73 0.01
N VAL B 1188 2.43 -16.91 1.16
CA VAL B 1188 2.53 -18.16 1.89
C VAL B 1188 1.83 -19.28 1.17
N ARG B 1189 0.70 -19.01 0.54
CA ARG B 1189 0.05 -20.06 -0.22
C ARG B 1189 1.02 -20.67 -1.23
N ALA B 1190 1.79 -19.82 -1.92
CA ALA B 1190 2.77 -20.33 -2.87
C ALA B 1190 3.86 -21.16 -2.19
N SER B 1191 4.32 -20.74 -1.01
CA SER B 1191 5.34 -21.50 -0.30
C SER B 1191 4.76 -22.78 0.32
N ARG B 1192 3.46 -22.80 0.57
CA ARG B 1192 2.81 -24.00 1.06
C ARG B 1192 2.82 -25.06 -0.02
N GLN B 1193 2.56 -24.67 -1.26
CA GLN B 1193 2.58 -25.62 -2.36
C GLN B 1193 3.96 -26.24 -2.48
N LEU B 1194 5.00 -25.43 -2.25
CA LEU B 1194 6.35 -25.94 -2.31
C LEU B 1194 6.61 -26.92 -1.16
N ALA B 1195 6.16 -26.60 0.05
CA ALA B 1195 6.32 -27.49 1.18
C ALA B 1195 5.62 -28.81 0.95
N LYS B 1196 4.45 -28.74 0.34
CA LYS B 1196 3.66 -29.92 0.05
C LYS B 1196 4.34 -30.78 -1.00
N ASP B 1197 4.90 -30.16 -2.02
CA ASP B 1197 5.61 -30.89 -3.06
C ASP B 1197 6.86 -31.53 -2.49
N LYS B 1198 7.54 -30.85 -1.57
CA LYS B 1198 8.74 -31.40 -0.96
C LYS B 1198 8.40 -32.61 -0.10
N VAL B 1199 7.30 -32.56 0.63
CA VAL B 1199 6.95 -33.74 1.40
C VAL B 1199 6.59 -34.90 0.49
N ASN B 1200 5.75 -34.65 -0.49
CA ASN B 1200 5.29 -35.72 -1.35
C ASN B 1200 6.39 -36.31 -2.21
N GLU B 1201 7.34 -35.51 -2.65
CA GLU B 1201 8.39 -36.01 -3.53
C GLU B 1201 9.73 -36.35 -2.88
N CYS B 1202 10.09 -35.79 -1.71
CA CYS B 1202 11.34 -36.01 -1.03
C CYS B 1202 11.19 -36.97 0.18
N VAL B 1203 10.01 -36.89 0.83
CA VAL B 1203 9.82 -37.65 2.06
C VAL B 1203 8.99 -38.91 1.84
N ARG B 1204 7.88 -38.79 1.11
CA ARG B 1204 6.96 -39.90 0.91
C ARG B 1204 7.27 -40.75 -0.32
N SER B 1205 8.26 -40.34 -1.10
CA SER B 1205 8.61 -41.05 -2.33
C SER B 1205 10.04 -40.76 -2.75
N GLN B 1206 10.48 -41.46 -3.79
CA GLN B 1206 11.81 -41.25 -4.35
C GLN B 1206 11.71 -40.48 -5.66
N SER B 1207 12.03 -39.19 -5.61
CA SER B 1207 11.89 -38.29 -6.74
C SER B 1207 12.91 -38.54 -7.84
N GLN B 1208 12.49 -38.34 -9.07
CA GLN B 1208 13.38 -38.43 -10.24
C GLN B 1208 13.74 -37.04 -10.75
N ARG B 1209 13.45 -36.02 -9.97
CA ARG B 1209 13.74 -34.64 -10.36
C ARG B 1209 15.10 -34.22 -9.86
N PHE B 1210 16.03 -34.08 -10.79
CA PHE B 1210 17.40 -33.77 -10.45
C PHE B 1210 17.50 -32.44 -9.73
N GLY B 1211 18.19 -32.44 -8.61
CA GLY B 1211 18.48 -31.22 -7.87
C GLY B 1211 17.32 -30.71 -7.02
N PHE B 1212 16.19 -31.40 -7.04
CA PHE B 1212 15.04 -30.91 -6.28
C PHE B 1212 15.19 -31.05 -4.77
N CYS B 1213 15.54 -32.25 -4.29
CA CYS B 1213 15.63 -32.56 -2.87
C CYS B 1213 17.05 -32.33 -2.34
N GLY B 1214 17.51 -31.10 -2.50
CA GLY B 1214 18.84 -30.72 -2.04
C GLY B 1214 19.89 -30.91 -3.13
N ASN B 1215 21.12 -30.49 -2.84
CA ASN B 1215 22.27 -30.51 -3.73
C ASN B 1215 23.11 -31.78 -3.50
N GLY B 1216 23.05 -32.73 -4.45
CA GLY B 1216 23.73 -34.02 -4.35
C GLY B 1216 22.79 -35.10 -4.81
N THR B 1217 23.13 -36.35 -4.54
CA THR B 1217 22.24 -37.43 -4.94
C THR B 1217 21.36 -37.79 -3.77
N HIS B 1218 20.07 -37.58 -3.91
CA HIS B 1218 19.16 -37.74 -2.80
C HIS B 1218 19.04 -39.18 -2.35
N LEU B 1219 19.04 -39.38 -1.02
CA LEU B 1219 18.85 -40.71 -0.46
C LEU B 1219 17.52 -40.76 0.29
N PHE B 1220 17.35 -39.87 1.27
CA PHE B 1220 16.09 -39.79 2.01
C PHE B 1220 15.91 -38.43 2.66
N SER B 1221 14.67 -38.13 3.07
CA SER B 1221 14.40 -36.90 3.80
C SER B 1221 13.54 -37.13 5.03
N LEU B 1222 13.87 -36.39 6.07
CA LEU B 1222 13.12 -36.35 7.32
C LEU B 1222 12.62 -34.94 7.53
N ALA B 1223 11.66 -34.75 8.41
CA ALA B 1223 11.17 -33.40 8.64
C ALA B 1223 10.83 -33.14 10.10
N ASN B 1224 10.89 -31.88 10.48
CA ASN B 1224 10.53 -31.38 11.82
C ASN B 1224 9.61 -30.17 11.72
N ALA B 1225 8.92 -29.86 12.80
CA ALA B 1225 8.11 -28.66 12.85
C ALA B 1225 8.97 -27.43 13.13
N ALA B 1226 8.51 -26.27 12.70
CA ALA B 1226 9.17 -24.99 12.97
C ALA B 1226 8.10 -23.94 13.12
N PRO B 1227 8.38 -22.79 13.74
CA PRO B 1227 7.44 -21.72 13.84
C PRO B 1227 6.91 -21.38 12.45
N ASN B 1228 5.60 -21.40 12.29
CA ASN B 1228 4.90 -21.10 11.04
C ASN B 1228 5.23 -22.01 9.84
N GLY B 1229 5.89 -23.14 10.08
CA GLY B 1229 6.23 -24.01 8.96
C GLY B 1229 6.95 -25.27 9.38
N MET B 1230 7.86 -25.73 8.52
CA MET B 1230 8.59 -26.96 8.79
C MET B 1230 10.03 -26.94 8.29
N ILE B 1231 10.83 -27.82 8.85
CA ILE B 1231 12.24 -28.01 8.48
C ILE B 1231 12.45 -29.33 7.78
N PHE B 1232 13.12 -29.28 6.66
CA PHE B 1232 13.45 -30.51 5.95
C PHE B 1232 14.91 -30.85 6.12
N PHE B 1233 15.18 -32.11 6.39
CA PHE B 1233 16.55 -32.60 6.50
C PHE B 1233 16.84 -33.48 5.31
N HIS B 1234 17.57 -32.97 4.36
CA HIS B 1234 17.82 -33.71 3.14
C HIS B 1234 19.11 -34.45 3.25
N THR B 1235 19.03 -35.77 3.23
CA THR B 1235 20.22 -36.57 3.35
C THR B 1235 20.62 -36.99 1.96
N VAL B 1236 21.80 -36.58 1.54
CA VAL B 1236 22.26 -36.86 0.19
C VAL B 1236 23.59 -37.58 0.22
N LEU B 1237 23.89 -38.25 -0.88
CA LEU B 1237 25.16 -38.92 -1.07
C LEU B 1237 26.15 -37.95 -1.69
N LEU B 1238 27.33 -37.90 -1.12
CA LEU B 1238 28.38 -37.03 -1.58
C LEU B 1238 29.61 -37.85 -1.97
N PRO B 1239 30.00 -37.89 -3.25
CA PRO B 1239 31.13 -38.63 -3.74
C PRO B 1239 32.40 -37.94 -3.30
N THR B 1240 33.43 -38.72 -3.00
CA THR B 1240 34.72 -38.17 -2.62
C THR B 1240 35.76 -38.49 -3.68
N ALA B 1241 35.48 -39.50 -4.50
CA ALA B 1241 36.39 -39.93 -5.54
C ALA B 1241 35.63 -40.63 -6.65
N TYR B 1242 36.21 -40.60 -7.86
CA TYR B 1242 35.59 -41.20 -9.04
C TYR B 1242 36.39 -42.37 -9.59
N GLN B 1243 35.69 -43.33 -10.17
CA GLN B 1243 36.29 -44.48 -10.83
C GLN B 1243 36.32 -44.28 -12.32
N THR B 1244 37.47 -44.47 -12.95
CA THR B 1244 37.54 -44.35 -14.39
C THR B 1244 37.36 -45.71 -15.07
N VAL B 1245 36.51 -45.75 -16.09
CA VAL B 1245 36.32 -46.95 -16.89
C VAL B 1245 36.48 -46.57 -18.35
N THR B 1246 36.69 -47.57 -19.21
CA THR B 1246 36.73 -47.31 -20.66
C THR B 1246 35.44 -47.79 -21.28
N ALA B 1247 34.63 -46.84 -21.68
CA ALA B 1247 33.29 -47.08 -22.18
C ALA B 1247 33.26 -47.40 -23.67
N CYS B 1248 32.21 -48.11 -24.06
CA CYS B 1248 31.93 -48.42 -25.43
C CYS B 1248 30.56 -47.88 -25.83
N SER B 1249 30.47 -47.27 -27.00
CA SER B 1249 29.21 -46.72 -27.46
C SER B 1249 28.27 -47.81 -27.94
N GLY B 1250 28.83 -48.97 -28.20
CA GLY B 1250 28.08 -50.11 -28.69
C GLY B 1250 29.04 -51.20 -29.13
N ILE B 1251 28.48 -52.35 -29.48
CA ILE B 1251 29.22 -53.51 -29.91
C ILE B 1251 28.90 -53.87 -31.36
N CYS B 1252 29.90 -54.09 -32.21
CA CYS B 1252 29.74 -54.51 -33.58
C CYS B 1252 29.96 -56.01 -33.69
N ALA B 1253 28.97 -56.76 -34.08
CA ALA B 1253 29.02 -58.22 -34.10
C ALA B 1253 28.75 -58.78 -35.50
N SER B 1254 29.17 -60.02 -35.72
CA SER B 1254 28.95 -60.63 -37.02
C SER B 1254 28.70 -62.14 -36.90
N ASP B 1255 27.83 -62.62 -37.78
CA ASP B 1255 27.53 -64.08 -37.87
C ASP B 1255 27.55 -64.43 -39.35
N GLY B 1256 28.56 -65.16 -39.81
CA GLY B 1256 28.70 -65.43 -41.23
C GLY B 1256 28.95 -64.12 -41.95
N ASP B 1257 28.14 -63.85 -42.97
CA ASP B 1257 28.30 -62.64 -43.77
C ASP B 1257 27.39 -61.49 -43.30
N ARG B 1258 26.67 -61.72 -42.20
CA ARG B 1258 25.76 -60.72 -41.67
C ARG B 1258 26.39 -59.90 -40.54
N THR B 1259 26.50 -58.59 -40.74
CA THR B 1259 27.05 -57.71 -39.73
C THR B 1259 25.93 -56.86 -39.15
N PHE B 1260 25.97 -56.66 -37.84
CA PHE B 1260 24.96 -55.88 -37.14
C PHE B 1260 25.51 -55.28 -35.85
N GLY B 1261 24.78 -54.34 -35.28
CA GLY B 1261 25.24 -53.72 -34.04
C GLY B 1261 24.36 -54.08 -32.85
N LEU B 1262 24.95 -54.03 -31.67
CA LEU B 1262 24.24 -54.20 -30.42
C LEU B 1262 24.41 -52.97 -29.56
N VAL B 1263 23.32 -52.40 -29.09
CA VAL B 1263 23.41 -51.22 -28.24
C VAL B 1263 22.73 -51.50 -26.93
N VAL B 1264 23.04 -50.74 -25.90
CA VAL B 1264 22.43 -51.00 -24.61
C VAL B 1264 20.98 -50.51 -24.59
N LYS B 1265 20.09 -51.40 -24.20
CA LYS B 1265 18.65 -51.12 -24.15
C LYS B 1265 18.31 -50.01 -23.16
N ASP B 1266 18.99 -50.02 -22.01
CA ASP B 1266 18.77 -49.03 -20.97
C ASP B 1266 19.76 -47.88 -21.10
N VAL B 1267 19.26 -46.75 -21.55
CA VAL B 1267 20.07 -45.57 -21.86
C VAL B 1267 20.79 -44.99 -20.65
N GLN B 1268 20.38 -45.39 -19.45
CA GLN B 1268 20.99 -44.86 -18.24
C GLN B 1268 22.24 -45.63 -17.81
N LEU B 1269 22.57 -46.70 -18.53
CA LEU B 1269 23.75 -47.48 -18.18
C LEU B 1269 24.91 -47.24 -19.12
N THR B 1270 26.10 -47.28 -18.54
CA THR B 1270 27.34 -47.23 -19.29
C THR B 1270 27.88 -48.62 -19.53
N LEU B 1271 28.19 -48.91 -20.78
CA LEU B 1271 28.81 -50.17 -21.15
C LEU B 1271 30.30 -49.99 -21.15
N PHE B 1272 31.01 -50.88 -20.48
CA PHE B 1272 32.45 -50.78 -20.45
C PHE B 1272 33.06 -52.16 -20.45
N ARG B 1273 34.33 -52.24 -20.77
CA ARG B 1273 34.96 -53.55 -20.82
C ARG B 1273 35.96 -53.70 -19.68
N ASN B 1274 35.87 -54.83 -18.99
CA ASN B 1274 36.70 -55.09 -17.81
C ASN B 1274 38.08 -55.61 -18.19
N LEU B 1275 38.89 -55.87 -17.16
CA LEU B 1275 40.24 -56.38 -17.32
C LEU B 1275 40.25 -57.82 -17.82
N ASP B 1276 39.12 -58.49 -17.66
CA ASP B 1276 38.95 -59.86 -18.10
C ASP B 1276 38.43 -59.88 -19.54
N ASP B 1277 38.32 -58.70 -20.13
CA ASP B 1277 37.82 -58.48 -21.49
C ASP B 1277 36.32 -58.75 -21.59
N LYS B 1278 35.67 -58.90 -20.43
CA LYS B 1278 34.23 -59.12 -20.37
C LYS B 1278 33.47 -57.80 -20.35
N PHE B 1279 32.23 -57.84 -20.84
CA PHE B 1279 31.39 -56.65 -20.83
C PHE B 1279 30.56 -56.50 -19.57
N TYR B 1280 30.60 -55.29 -19.02
CA TYR B 1280 29.89 -54.87 -17.83
C TYR B 1280 29.04 -53.64 -18.06
N LEU B 1281 27.99 -53.53 -17.28
CA LEU B 1281 27.14 -52.35 -17.31
C LEU B 1281 27.15 -51.69 -15.95
N THR B 1282 27.21 -50.36 -15.93
CA THR B 1282 27.12 -49.68 -14.64
C THR B 1282 26.27 -48.42 -14.77
N PRO B 1283 25.45 -48.09 -13.78
CA PRO B 1283 24.68 -46.88 -13.72
C PRO B 1283 25.64 -45.73 -13.54
N ARG B 1284 25.28 -44.54 -13.98
CA ARG B 1284 26.19 -43.43 -13.91
C ARG B 1284 26.20 -42.69 -12.58
N THR B 1285 25.26 -43.01 -11.71
CA THR B 1285 25.17 -42.30 -10.44
C THR B 1285 26.08 -42.91 -9.38
N MET B 1286 26.36 -44.20 -9.49
CA MET B 1286 27.23 -44.88 -8.55
C MET B 1286 27.98 -45.99 -9.28
N TYR B 1287 29.22 -46.23 -8.92
CA TYR B 1287 29.92 -47.32 -9.57
C TYR B 1287 29.51 -48.67 -8.99
N GLN B 1288 28.47 -49.22 -9.58
CA GLN B 1288 27.85 -50.48 -9.19
C GLN B 1288 27.68 -51.42 -10.38
N PRO B 1289 28.77 -51.96 -10.94
CA PRO B 1289 28.80 -52.74 -12.14
C PRO B 1289 28.23 -54.13 -12.00
N ARG B 1290 27.64 -54.62 -13.08
CA ARG B 1290 27.17 -55.97 -13.18
C ARG B 1290 27.54 -56.52 -14.56
N ALA B 1291 27.72 -57.82 -14.66
CA ALA B 1291 28.04 -58.37 -15.97
C ALA B 1291 26.87 -58.17 -16.91
N ALA B 1292 27.17 -57.81 -18.16
CA ALA B 1292 26.16 -57.62 -19.19
C ALA B 1292 25.64 -58.96 -19.66
N THR B 1293 24.36 -59.03 -20.01
CA THR B 1293 23.85 -60.23 -20.63
C THR B 1293 23.06 -59.92 -21.89
N SER B 1294 22.60 -60.96 -22.57
CA SER B 1294 21.92 -60.80 -23.85
C SER B 1294 20.64 -59.99 -23.81
N SER B 1295 19.95 -60.00 -22.69
CA SER B 1295 18.67 -59.30 -22.59
C SER B 1295 18.87 -57.81 -22.36
N ASP B 1296 20.11 -57.39 -22.22
CA ASP B 1296 20.40 -55.98 -22.00
C ASP B 1296 20.71 -55.26 -23.30
N PHE B 1297 20.71 -55.99 -24.41
CA PHE B 1297 21.10 -55.38 -25.68
C PHE B 1297 19.98 -55.38 -26.71
N VAL B 1298 20.06 -54.39 -27.58
CA VAL B 1298 19.18 -54.24 -28.72
C VAL B 1298 19.96 -54.39 -30.00
N GLN B 1299 19.46 -55.25 -30.88
CA GLN B 1299 20.11 -55.48 -32.15
C GLN B 1299 19.59 -54.54 -33.21
N ILE B 1300 20.50 -53.82 -33.86
CA ILE B 1300 20.19 -52.83 -34.88
C ILE B 1300 20.93 -53.17 -36.18
N GLU B 1301 20.50 -52.58 -37.28
CA GLU B 1301 21.04 -52.93 -38.60
C GLU B 1301 22.53 -52.64 -38.83
N GLY B 1302 23.06 -51.55 -38.29
CA GLY B 1302 24.45 -51.22 -38.59
C GLY B 1302 25.32 -51.00 -37.36
N CYS B 1303 26.58 -50.60 -37.60
CA CYS B 1303 27.60 -50.31 -36.59
C CYS B 1303 28.13 -48.89 -36.79
N ASP B 1304 28.39 -48.17 -35.70
CA ASP B 1304 29.01 -46.86 -35.82
C ASP B 1304 30.53 -46.98 -35.76
N VAL B 1305 31.22 -45.87 -35.88
CA VAL B 1305 32.68 -45.86 -35.90
C VAL B 1305 33.27 -46.00 -34.50
N LEU B 1306 32.44 -45.80 -33.50
CA LEU B 1306 32.88 -45.87 -32.11
C LEU B 1306 32.53 -47.22 -31.47
N PHE B 1307 32.04 -48.16 -32.27
CA PHE B 1307 31.67 -49.47 -31.75
C PHE B 1307 32.90 -50.36 -31.60
N VAL B 1308 32.86 -51.25 -30.64
CA VAL B 1308 33.94 -52.20 -30.45
C VAL B 1308 33.59 -53.52 -31.12
N ASN B 1309 34.52 -54.13 -31.85
CA ASN B 1309 34.37 -55.41 -32.51
C ASN B 1309 34.29 -56.57 -31.54
N ALA B 1310 33.25 -57.36 -31.53
CA ALA B 1310 33.08 -58.54 -30.69
C ALA B 1310 33.82 -59.73 -31.28
N THR B 1311 34.20 -60.64 -30.41
CA THR B 1311 34.85 -61.88 -30.82
C THR B 1311 34.01 -63.07 -30.37
N GLU B 1312 34.36 -64.25 -30.88
CA GLU B 1312 33.63 -65.47 -30.58
C GLU B 1312 33.53 -65.73 -29.07
N ILE B 1313 34.54 -65.31 -28.33
CA ILE B 1313 34.55 -65.46 -26.88
C ILE B 1313 33.43 -64.68 -26.18
N ASP B 1314 33.08 -63.49 -26.70
CA ASP B 1314 32.06 -62.67 -26.05
C ASP B 1314 30.67 -63.04 -26.52
N LEU B 1315 30.54 -63.43 -27.77
CA LEU B 1315 29.24 -63.54 -28.39
C LEU B 1315 28.20 -64.34 -27.58
N PRO B 1316 28.48 -65.52 -27.00
CA PRO B 1316 27.50 -66.33 -26.29
C PRO B 1316 26.91 -65.61 -25.07
N SER B 1317 27.59 -64.59 -24.56
CA SER B 1317 27.12 -63.88 -23.38
C SER B 1317 26.37 -62.59 -23.70
N ILE B 1318 26.43 -62.15 -24.95
CA ILE B 1318 25.80 -60.90 -25.34
C ILE B 1318 24.67 -61.06 -26.40
N ILE B 1319 24.60 -62.25 -27.04
CA ILE B 1319 23.52 -62.61 -27.98
C ILE B 1319 22.80 -63.83 -27.38
N ASN C 50 -73.93 -16.27 -4.28
CA ASN C 50 -74.68 -15.24 -4.98
C ASN C 50 -75.16 -14.15 -4.03
N LEU C 51 -75.24 -14.46 -2.73
CA LEU C 51 -75.65 -13.49 -1.72
C LEU C 51 -74.58 -12.41 -1.60
N ILE C 52 -73.32 -12.82 -1.74
CA ILE C 52 -72.19 -11.92 -1.65
C ILE C 52 -72.14 -11.10 -2.93
N GLU C 53 -72.41 -11.75 -4.05
CA GLU C 53 -72.44 -11.04 -5.32
C GLU C 53 -73.48 -9.94 -5.28
N ASN C 54 -74.68 -10.26 -4.78
CA ASN C 54 -75.75 -9.27 -4.71
C ASN C 54 -75.34 -8.11 -3.81
N PHE C 55 -74.64 -8.41 -2.72
CA PHE C 55 -74.18 -7.36 -1.83
C PHE C 55 -73.31 -6.38 -2.60
N LEU C 56 -72.36 -6.90 -3.36
CA LEU C 56 -71.46 -6.07 -4.16
C LEU C 56 -72.21 -5.29 -5.25
N LEU C 57 -73.23 -5.91 -5.84
CA LEU C 57 -74.04 -5.22 -6.84
C LEU C 57 -74.72 -3.97 -6.28
N ASN C 58 -75.21 -4.01 -5.02
CA ASN C 58 -75.83 -2.86 -4.37
C ASN C 58 -74.77 -1.85 -3.92
N TYR C 59 -73.66 -2.33 -3.35
CA TYR C 59 -72.55 -1.52 -2.84
C TYR C 59 -71.94 -0.62 -3.93
N SER C 60 -71.77 -1.20 -5.12
CA SER C 60 -71.15 -0.54 -6.27
C SER C 60 -72.07 0.43 -7.02
N ILE C 61 -73.32 0.59 -6.60
CA ILE C 61 -74.24 1.50 -7.32
C ILE C 61 -73.71 2.93 -7.40
N ARG C 62 -72.98 3.34 -6.38
CA ARG C 62 -72.43 4.69 -6.28
C ARG C 62 -71.34 5.02 -7.32
N LEU C 63 -70.81 4.02 -8.02
CA LEU C 63 -69.72 4.25 -8.97
C LEU C 63 -70.16 5.01 -10.23
N PRO C 64 -69.24 5.73 -10.90
CA PRO C 64 -69.41 6.38 -12.19
C PRO C 64 -69.83 5.39 -13.27
N PRO C 65 -70.51 5.86 -14.33
CA PRO C 65 -71.01 5.10 -15.47
C PRO C 65 -69.92 4.49 -16.33
N ASN C 66 -68.70 5.00 -16.23
CA ASN C 66 -67.61 4.49 -17.03
C ASN C 66 -66.38 4.29 -16.17
N SER C 67 -66.33 3.18 -15.43
CA SER C 67 -65.21 2.94 -14.55
C SER C 67 -64.93 1.46 -14.34
N ASP C 68 -63.66 1.18 -14.04
CA ASP C 68 -63.16 -0.14 -13.66
C ASP C 68 -62.36 0.03 -12.40
N VAL C 69 -62.89 -0.44 -11.30
CA VAL C 69 -62.27 -0.18 -10.00
C VAL C 69 -62.10 -1.43 -9.17
N VAL C 70 -61.24 -1.35 -8.17
CA VAL C 70 -61.15 -2.42 -7.20
C VAL C 70 -61.59 -1.87 -5.86
N LEU C 71 -62.61 -2.48 -5.30
CA LEU C 71 -63.18 -2.02 -4.06
C LEU C 71 -62.67 -2.85 -2.91
N GLY C 72 -62.26 -2.18 -1.83
CA GLY C 72 -61.76 -2.87 -0.66
C GLY C 72 -62.49 -2.41 0.58
N ASP C 73 -63.10 -3.34 1.29
CA ASP C 73 -63.86 -3.06 2.50
C ASP C 73 -63.98 -4.33 3.34
N TYR C 74 -64.64 -4.20 4.49
CA TYR C 74 -64.90 -5.36 5.33
C TYR C 74 -66.15 -6.06 4.82
N PHE C 75 -66.02 -6.61 3.62
CA PHE C 75 -67.09 -7.27 2.89
C PHE C 75 -67.34 -8.63 3.50
N PRO C 76 -68.56 -9.17 3.38
CA PRO C 76 -68.90 -10.49 3.82
C PRO C 76 -67.99 -11.43 3.07
N THR C 77 -67.51 -12.46 3.74
CA THR C 77 -66.57 -13.37 3.11
C THR C 77 -67.16 -14.75 2.92
N VAL C 78 -66.34 -15.68 2.46
CA VAL C 78 -66.84 -16.99 2.08
C VAL C 78 -66.50 -18.15 3.00
N GLN C 79 -65.50 -18.01 3.86
CA GLN C 79 -65.14 -19.16 4.70
C GLN C 79 -65.88 -19.31 6.04
N PRO C 80 -65.77 -18.38 7.00
CA PRO C 80 -66.22 -18.51 8.38
C PRO C 80 -67.72 -18.30 8.59
N GLN C 194 -71.36 -2.46 9.76
CA GLN C 194 -69.94 -2.11 9.82
C GLN C 194 -69.79 -0.93 10.75
N TRP C 195 -69.02 -1.12 11.82
CA TRP C 195 -68.88 -0.08 12.82
C TRP C 195 -67.54 0.66 12.77
N PHE C 196 -67.58 1.90 12.32
CA PHE C 196 -66.39 2.71 12.20
C PHE C 196 -66.45 3.80 13.26
N THR C 197 -65.31 4.35 13.64
CA THR C 197 -65.29 5.39 14.66
C THR C 197 -66.17 6.58 14.30
N ASP C 198 -66.14 6.97 13.03
CA ASP C 198 -66.89 8.13 12.55
C ASP C 198 -68.39 7.83 12.34
N GLU C 199 -68.71 6.65 11.83
CA GLU C 199 -70.10 6.31 11.51
C GLU C 199 -70.40 4.82 11.52
N VAL C 200 -71.67 4.49 11.66
CA VAL C 200 -72.16 3.13 11.53
C VAL C 200 -73.00 2.97 10.29
N VAL C 201 -72.69 1.96 9.49
CA VAL C 201 -73.51 1.74 8.30
C VAL C 201 -74.22 0.40 8.42
N ALA C 202 -75.53 0.46 8.35
CA ALA C 202 -76.36 -0.72 8.46
C ALA C 202 -76.86 -1.13 7.09
N ILE C 208 -78.56 1.05 2.31
CA ILE C 208 -77.65 1.42 3.39
C ILE C 208 -78.15 2.59 4.20
N TYR C 209 -78.06 2.43 5.51
CA TYR C 209 -78.43 3.48 6.44
C TYR C 209 -77.16 3.94 7.13
N ARG C 210 -76.84 5.22 7.04
CA ARG C 210 -75.60 5.69 7.64
C ARG C 210 -75.89 6.63 8.80
N ILE C 211 -75.41 6.25 9.98
CA ILE C 211 -75.67 7.00 11.19
C ILE C 211 -74.35 7.54 11.74
N SER C 212 -74.16 8.85 11.65
CA SER C 212 -72.88 9.47 12.03
C SER C 212 -72.84 9.92 13.48
N PHE C 213 -71.75 9.57 14.16
CA PHE C 213 -71.50 9.93 15.55
C PHE C 213 -70.15 9.39 16.00
N GLU C 214 -69.41 10.16 16.79
CA GLU C 214 -68.13 9.73 17.31
C GLU C 214 -68.30 8.67 18.39
N ASN C 215 -67.62 7.53 18.24
CA ASN C 215 -67.73 6.46 19.23
C ASN C 215 -66.50 5.57 19.28
N LYS C 216 -66.16 5.09 20.47
CA LYS C 216 -65.11 4.09 20.57
C LYS C 216 -65.76 2.72 20.52
N TRP C 217 -65.43 1.95 19.49
CA TRP C 217 -66.05 0.65 19.34
C TRP C 217 -65.20 -0.43 19.96
N PHE C 218 -65.85 -1.45 20.51
CA PHE C 218 -65.15 -2.59 21.02
C PHE C 218 -65.34 -3.70 20.01
N GLY C 219 -64.42 -4.65 19.96
CA GLY C 219 -64.55 -5.72 18.98
C GLY C 219 -65.46 -6.84 19.47
N VAL C 246 -66.44 -10.63 10.33
CA VAL C 246 -65.45 -10.11 9.40
C VAL C 246 -64.34 -9.38 10.15
N TYR C 247 -63.10 -9.79 9.87
CA TYR C 247 -61.94 -9.27 10.57
C TYR C 247 -61.04 -8.37 9.72
N ASP C 248 -61.10 -8.52 8.40
CA ASP C 248 -60.18 -7.82 7.53
C ASP C 248 -60.79 -7.38 6.20
N VAL C 249 -59.96 -6.79 5.35
CA VAL C 249 -60.39 -6.24 4.07
C VAL C 249 -60.23 -7.20 2.90
N THR C 250 -61.32 -7.34 2.14
CA THR C 250 -61.36 -8.19 0.96
C THR C 250 -61.53 -7.32 -0.28
N TYR C 251 -60.86 -7.70 -1.36
CA TYR C 251 -60.91 -6.91 -2.58
C TYR C 251 -61.70 -7.58 -3.72
N TYR C 252 -62.53 -6.78 -4.38
CA TYR C 252 -63.31 -7.22 -5.53
C TYR C 252 -63.15 -6.24 -6.69
N ARG C 253 -63.11 -6.75 -7.91
CA ARG C 253 -63.02 -5.90 -9.08
C ARG C 253 -64.39 -5.69 -9.70
N VAL C 254 -64.72 -4.43 -9.95
CA VAL C 254 -66.02 -4.09 -10.53
C VAL C 254 -65.88 -3.39 -11.87
N ASN C 255 -66.42 -4.02 -12.90
CA ASN C 255 -66.36 -3.53 -14.28
C ASN C 255 -67.71 -2.98 -14.72
N ASN C 256 -67.83 -1.67 -14.88
CA ASN C 256 -69.12 -1.09 -15.24
C ASN C 256 -69.19 -0.64 -16.72
N LYS C 257 -68.23 -1.08 -17.53
CA LYS C 257 -68.17 -0.69 -18.95
C LYS C 257 -69.25 -1.35 -19.83
N ASN C 258 -69.57 -2.63 -19.54
CA ASN C 258 -70.48 -3.49 -20.32
C ASN C 258 -71.92 -2.94 -20.40
N THR C 261 -73.07 -4.18 -14.43
CA THR C 261 -71.87 -4.25 -13.65
C THR C 261 -71.47 -5.71 -13.41
N ILE C 262 -70.20 -6.01 -13.62
CA ILE C 262 -69.67 -7.34 -13.41
C ILE C 262 -68.73 -7.37 -12.22
N VAL C 263 -69.03 -8.23 -11.26
CA VAL C 263 -68.22 -8.33 -10.06
C VAL C 263 -67.39 -9.60 -10.07
N SER C 264 -66.10 -9.46 -9.83
CA SER C 264 -65.21 -10.62 -9.84
C SER C 264 -64.23 -10.57 -8.67
N ASN C 265 -63.66 -11.73 -8.30
CA ASN C 265 -62.68 -11.87 -7.23
C ASN C 265 -61.32 -11.30 -7.66
N CYS C 266 -60.62 -10.61 -6.73
CA CYS C 266 -59.23 -10.20 -6.95
C CYS C 266 -58.34 -10.82 -5.87
N THR C 267 -57.76 -11.99 -6.18
CA THR C 267 -57.07 -12.75 -5.14
C THR C 267 -55.59 -13.07 -5.37
N ASP C 268 -55.07 -12.96 -6.59
CA ASP C 268 -53.68 -13.35 -6.80
C ASP C 268 -52.80 -12.27 -7.44
N GLN C 269 -52.66 -12.27 -8.77
CA GLN C 269 -51.73 -11.32 -9.38
C GLN C 269 -52.19 -9.86 -9.27
N CYS C 270 -53.51 -9.61 -9.39
CA CYS C 270 -54.07 -8.27 -9.25
C CYS C 270 -54.09 -7.88 -7.77
N ALA C 271 -54.23 -8.87 -6.88
CA ALA C 271 -54.16 -8.54 -5.44
C ALA C 271 -52.79 -7.95 -5.12
N SER C 272 -51.81 -8.12 -6.01
CA SER C 272 -50.42 -7.65 -5.72
C SER C 272 -50.20 -6.24 -6.28
N TYR C 273 -51.25 -5.59 -6.79
CA TYR C 273 -51.11 -4.25 -7.27
C TYR C 273 -51.90 -3.24 -6.43
N VAL C 274 -52.98 -3.69 -5.79
CA VAL C 274 -53.82 -2.77 -5.04
C VAL C 274 -53.86 -3.06 -3.54
N ASP C 275 -53.43 -4.24 -3.12
CA ASP C 275 -53.45 -4.52 -1.70
C ASP C 275 -52.29 -3.79 -1.02
N ASN C 276 -52.65 -2.76 -0.27
CA ASN C 276 -51.70 -1.90 0.38
C ASN C 276 -51.94 -1.84 1.88
N VAL C 277 -52.62 -2.85 2.41
CA VAL C 277 -52.99 -2.88 3.82
C VAL C 277 -52.47 -4.15 4.48
N PHE C 278 -52.08 -4.04 5.74
CA PHE C 278 -51.53 -5.16 6.45
C PHE C 278 -51.84 -5.16 7.92
N THR C 279 -51.69 -6.31 8.54
CA THR C 279 -51.83 -6.41 9.98
C THR C 279 -50.48 -6.02 10.57
N THR C 280 -50.49 -5.12 11.52
CA THR C 280 -49.25 -4.69 12.16
C THR C 280 -48.83 -5.73 13.17
N GLN C 281 -47.55 -6.09 13.15
CA GLN C 281 -47.06 -7.09 14.09
C GLN C 281 -46.64 -6.41 15.38
N PRO C 282 -46.63 -7.11 16.53
CA PRO C 282 -46.21 -6.58 17.81
C PRO C 282 -44.85 -5.93 17.64
N GLY C 283 -44.70 -4.74 18.21
CA GLY C 283 -43.47 -3.99 18.06
C GLY C 283 -43.62 -2.95 16.96
N GLY C 284 -44.73 -3.01 16.23
CA GLY C 284 -44.99 -2.07 15.16
C GLY C 284 -44.25 -2.44 13.89
N LEU C 285 -44.11 -3.73 13.65
CA LEU C 285 -43.33 -4.15 12.50
C LEU C 285 -44.21 -4.49 11.30
N ILE C 286 -43.71 -4.15 10.12
CA ILE C 286 -44.39 -4.44 8.87
C ILE C 286 -44.05 -5.87 8.44
N PRO C 287 -45.03 -6.72 8.13
CA PRO C 287 -44.86 -8.09 7.68
C PRO C 287 -43.91 -8.18 6.50
N SER C 288 -43.14 -9.26 6.46
CA SER C 288 -42.14 -9.49 5.43
C SER C 288 -42.71 -9.69 4.03
N ASP C 289 -44.01 -9.96 3.94
CA ASP C 289 -44.65 -10.17 2.66
C ASP C 289 -45.41 -8.94 2.15
N PHE C 290 -45.21 -7.79 2.80
CA PHE C 290 -45.87 -6.56 2.38
C PHE C 290 -45.27 -6.02 1.09
N SER C 291 -46.14 -5.56 0.19
CA SER C 291 -45.73 -5.06 -1.13
C SER C 291 -45.12 -3.65 -1.15
N PHE C 292 -45.43 -2.81 -0.18
CA PHE C 292 -44.92 -1.43 -0.15
C PHE C 292 -45.27 -0.64 -1.42
N ASN C 293 -46.43 -0.88 -2.02
CA ASN C 293 -46.76 -0.22 -3.28
C ASN C 293 -46.75 1.29 -3.26
N ASN C 294 -47.22 1.88 -2.17
CA ASN C 294 -47.23 3.34 -2.01
C ASN C 294 -46.27 3.80 -0.92
N TRP C 295 -45.25 2.99 -0.64
CA TRP C 295 -44.27 3.36 0.37
C TRP C 295 -42.93 3.66 -0.26
N PHE C 296 -42.28 4.70 0.23
CA PHE C 296 -40.99 5.12 -0.30
C PHE C 296 -40.01 5.43 0.81
N LEU C 297 -38.72 5.35 0.50
CA LEU C 297 -37.69 5.82 1.42
C LEU C 297 -37.68 7.34 1.40
N LEU C 298 -37.40 7.95 2.54
CA LEU C 298 -37.33 9.38 2.63
C LEU C 298 -35.91 9.87 2.52
N THR C 299 -35.71 10.86 1.66
CA THR C 299 -34.41 11.44 1.51
C THR C 299 -34.47 12.95 1.39
N ASN C 300 -33.36 13.60 1.80
CA ASN C 300 -33.14 15.03 1.67
C ASN C 300 -32.47 15.44 0.38
N SER C 301 -31.82 14.50 -0.34
CA SER C 301 -31.09 14.79 -1.58
C SER C 301 -31.36 13.77 -2.67
N SER C 302 -30.32 13.04 -3.07
CA SER C 302 -30.43 12.10 -4.19
C SER C 302 -31.18 10.84 -3.80
N THR C 303 -31.72 10.16 -4.81
CA THR C 303 -32.48 8.94 -4.60
C THR C 303 -31.77 7.68 -5.07
N VAL C 304 -31.85 6.64 -4.24
CA VAL C 304 -31.26 5.36 -4.56
C VAL C 304 -32.14 4.62 -5.55
N VAL C 305 -31.55 4.20 -6.65
CA VAL C 305 -32.31 3.46 -7.64
C VAL C 305 -32.32 1.99 -7.29
N SER C 306 -31.17 1.47 -6.89
CA SER C 306 -31.09 0.07 -6.49
C SER C 306 -29.97 -0.15 -5.50
N GLY C 307 -30.08 -1.21 -4.71
CA GLY C 307 -29.01 -1.58 -3.79
C GLY C 307 -29.51 -1.71 -2.36
N LYS C 308 -28.64 -2.19 -1.48
CA LYS C 308 -29.00 -2.36 -0.07
C LYS C 308 -28.33 -1.30 0.78
N LEU C 309 -29.11 -0.70 1.67
CA LEU C 309 -28.57 0.32 2.55
C LEU C 309 -29.13 0.23 3.96
N VAL C 310 -28.30 0.56 4.94
CA VAL C 310 -28.79 0.64 6.31
C VAL C 310 -29.12 2.10 6.58
N THR C 311 -30.37 2.34 6.87
CA THR C 311 -30.88 3.69 7.00
C THR C 311 -31.90 3.86 8.10
N ARG C 312 -32.00 5.08 8.61
CA ARG C 312 -32.99 5.43 9.63
C ARG C 312 -34.22 5.97 8.95
N GLN C 313 -35.29 5.19 9.01
CA GLN C 313 -36.52 5.49 8.29
C GLN C 313 -37.73 5.29 9.20
N PRO C 314 -38.83 5.99 8.95
CA PRO C 314 -40.08 5.88 9.69
C PRO C 314 -40.85 4.63 9.28
N LEU C 315 -40.24 3.48 9.54
CA LEU C 315 -40.81 2.19 9.17
C LEU C 315 -41.42 1.42 10.33
N VAL C 316 -41.49 2.04 11.51
CA VAL C 316 -42.18 1.42 12.63
C VAL C 316 -43.59 1.93 12.61
N VAL C 317 -44.56 1.05 12.61
CA VAL C 317 -45.93 1.49 12.52
C VAL C 317 -46.60 1.45 13.88
N ASN C 318 -46.92 2.61 14.40
CA ASN C 318 -47.60 2.69 15.69
C ASN C 318 -49.08 2.31 15.54
N CYS C 319 -49.68 2.73 14.42
CA CYS C 319 -51.07 2.51 14.07
C CYS C 319 -51.25 2.58 12.55
N LEU C 320 -52.05 1.67 12.03
CA LEU C 320 -52.41 1.72 10.62
C LEU C 320 -53.91 1.93 10.49
N TRP C 321 -54.30 3.02 9.84
CA TRP C 321 -55.70 3.36 9.64
C TRP C 321 -56.12 3.21 8.18
N PRO C 322 -56.74 2.09 7.80
CA PRO C 322 -57.18 1.83 6.45
C PRO C 322 -58.40 2.68 6.16
N VAL C 323 -58.56 3.12 4.92
CA VAL C 323 -59.71 3.90 4.53
C VAL C 323 -60.49 3.15 3.44
N PRO C 324 -61.77 2.80 3.70
CA PRO C 324 -62.70 2.13 2.80
C PRO C 324 -62.93 2.92 1.53
N SER C 325 -63.46 2.24 0.52
CA SER C 325 -63.69 2.83 -0.80
C SER C 325 -64.56 4.08 -0.76
N PHE C 326 -65.53 4.13 0.16
CA PHE C 326 -66.38 5.29 0.23
C PHE C 326 -66.45 5.83 1.65
N LYS C 327 -65.35 6.38 2.14
CA LYS C 327 -65.29 6.94 3.47
C LYS C 327 -64.48 8.22 3.46
N GLU C 328 -64.82 9.14 4.36
CA GLU C 328 -64.09 10.38 4.50
C GLU C 328 -63.06 10.27 5.62
N ALA C 329 -61.79 10.42 5.27
CA ALA C 329 -60.74 10.34 6.26
C ALA C 329 -60.56 11.69 6.90
N ALA C 330 -61.51 12.05 7.72
CA ALA C 330 -61.51 13.35 8.36
C ALA C 330 -61.23 13.22 9.83
N SER C 331 -60.20 13.92 10.29
CA SER C 331 -59.80 13.85 11.68
C SER C 331 -58.83 14.95 12.04
N THR C 332 -58.45 14.96 13.31
CA THR C 332 -57.43 15.86 13.79
C THR C 332 -56.35 15.03 14.45
N PHE C 333 -55.13 15.19 13.98
CA PHE C 333 -54.01 14.43 14.50
C PHE C 333 -52.98 15.27 15.23
N CYS C 334 -52.49 14.80 16.39
CA CYS C 334 -51.42 15.42 17.13
C CYS C 334 -50.29 14.42 17.35
N PHE C 335 -49.06 14.90 17.19
CA PHE C 335 -47.91 14.01 17.30
C PHE C 335 -47.63 13.64 18.75
N GLU C 336 -47.72 14.64 19.63
CA GLU C 336 -47.41 14.46 21.04
C GLU C 336 -48.61 13.90 21.80
N GLY C 337 -48.95 12.66 21.47
CA GLY C 337 -50.08 11.97 22.05
C GLY C 337 -51.21 11.83 21.04
N ALA C 338 -51.10 10.85 20.17
CA ALA C 338 -52.11 10.57 19.16
C ALA C 338 -53.26 9.78 19.78
N GLY C 339 -54.45 9.93 19.20
CA GLY C 339 -55.61 9.19 19.66
C GLY C 339 -55.52 7.68 19.44
N PHE C 340 -55.11 7.29 18.23
CA PHE C 340 -55.04 5.88 17.83
C PHE C 340 -56.37 5.15 17.91
N ASP C 341 -57.45 5.82 17.58
CA ASP C 341 -58.75 5.14 17.62
C ASP C 341 -59.07 4.34 16.36
N GLN C 342 -58.46 4.68 15.22
CA GLN C 342 -58.76 3.94 13.99
C GLN C 342 -57.59 3.06 13.58
N CYS C 343 -57.41 1.89 14.23
CA CYS C 343 -56.26 1.02 13.98
C CYS C 343 -56.71 -0.34 13.48
N ASN C 344 -56.04 -0.80 12.44
CA ASN C 344 -56.32 -2.09 11.84
C ASN C 344 -55.97 -3.20 12.85
N ALA C 346 -52.59 -4.77 16.42
CA ALA C 346 -51.47 -4.29 17.20
C ALA C 346 -51.37 -2.76 17.11
N VAL C 347 -51.34 -2.10 18.27
CA VAL C 347 -51.16 -0.66 18.42
C VAL C 347 -50.04 -0.39 19.40
N LEU C 348 -49.07 0.38 18.98
CA LEU C 348 -47.96 0.72 19.84
C LEU C 348 -48.17 2.14 20.32
N ASN C 349 -48.41 2.31 21.60
CA ASN C 349 -48.73 3.63 22.12
C ASN C 349 -47.47 4.42 22.40
N ASN C 350 -47.14 5.34 21.51
CA ASN C 350 -45.93 6.11 21.65
C ASN C 350 -46.07 7.44 20.91
N THR C 351 -45.02 8.25 20.96
CA THR C 351 -45.02 9.52 20.25
C THR C 351 -44.87 9.23 18.77
N VAL C 352 -45.67 9.88 17.93
CA VAL C 352 -45.59 9.68 16.49
C VAL C 352 -44.57 10.65 15.90
N ASP C 353 -43.69 10.17 15.03
CA ASP C 353 -42.71 11.06 14.41
C ASP C 353 -43.19 11.55 13.05
N VAL C 354 -43.83 10.65 12.29
CA VAL C 354 -44.31 10.94 10.94
C VAL C 354 -45.72 10.43 10.68
N ILE C 355 -46.53 11.23 10.01
CA ILE C 355 -47.82 10.75 9.53
C ILE C 355 -47.76 10.57 8.02
N ARG C 356 -48.10 9.37 7.55
CA ARG C 356 -48.00 9.04 6.14
C ARG C 356 -49.36 8.86 5.50
N PHE C 357 -49.60 9.58 4.42
CA PHE C 357 -50.83 9.47 3.65
C PHE C 357 -50.52 8.69 2.38
N ASN C 358 -50.92 7.43 2.35
CA ASN C 358 -50.57 6.56 1.25
C ASN C 358 -51.72 6.40 0.26
N LEU C 359 -51.90 7.39 -0.61
CA LEU C 359 -53.00 7.38 -1.54
C LEU C 359 -52.60 7.94 -2.90
N ASN C 360 -53.32 7.48 -3.97
CA ASN C 360 -53.09 8.03 -5.29
C ASN C 360 -53.85 9.37 -5.41
N PHE C 361 -53.08 10.43 -5.14
CA PHE C 361 -53.65 11.80 -5.18
C PHE C 361 -53.95 12.12 -6.64
N THR C 362 -54.92 11.41 -7.22
CA THR C 362 -55.33 11.66 -8.62
C THR C 362 -56.32 12.83 -8.62
N ALA C 363 -56.95 13.11 -9.76
CA ALA C 363 -57.86 14.27 -9.87
C ALA C 363 -59.17 13.97 -9.14
N ASP C 364 -59.20 12.87 -8.38
CA ASP C 364 -60.43 12.47 -7.66
C ASP C 364 -60.33 12.85 -6.18
N VAL C 365 -59.13 13.13 -5.69
CA VAL C 365 -59.01 13.41 -4.27
C VAL C 365 -59.39 14.84 -3.97
N GLN C 366 -60.43 14.99 -3.17
CA GLN C 366 -61.00 16.26 -2.81
C GLN C 366 -60.93 16.49 -1.32
N SER C 367 -60.99 17.75 -0.91
CA SER C 367 -60.94 18.06 0.50
C SER C 367 -62.22 18.70 1.01
N GLY C 368 -62.57 18.37 2.24
CA GLY C 368 -63.75 18.93 2.89
C GLY C 368 -63.53 20.38 3.31
N MET C 369 -62.29 20.81 3.20
CA MET C 369 -61.89 22.17 3.54
C MET C 369 -61.70 22.99 2.26
N GLY C 370 -62.17 22.45 1.13
CA GLY C 370 -62.08 23.13 -0.14
C GLY C 370 -60.65 23.25 -0.62
N ALA C 371 -60.18 24.49 -0.80
CA ALA C 371 -58.84 24.71 -1.28
C ALA C 371 -57.81 24.11 -0.33
N THR C 372 -58.10 24.13 0.97
CA THR C 372 -57.12 23.66 1.93
C THR C 372 -57.06 22.15 1.94
N VAL C 373 -55.85 21.61 1.84
CA VAL C 373 -55.63 20.18 1.90
C VAL C 373 -55.28 19.83 3.34
N PHE C 374 -54.36 20.60 3.90
CA PHE C 374 -53.92 20.42 5.28
C PHE C 374 -53.95 21.73 6.04
N SER C 375 -54.20 21.66 7.34
CA SER C 375 -54.12 22.82 8.22
C SER C 375 -53.20 22.49 9.38
N LEU C 376 -52.12 23.25 9.45
CA LEU C 376 -51.02 22.96 10.36
C LEU C 376 -50.94 23.89 11.55
N ASN C 377 -51.04 23.34 12.75
CA ASN C 377 -50.90 24.07 14.01
C ASN C 377 -49.48 23.91 14.54
N THR C 378 -48.69 25.00 14.49
CA THR C 378 -47.27 25.03 14.83
C THR C 378 -47.05 25.59 16.25
N THR C 379 -45.80 25.60 16.70
CA THR C 379 -45.45 25.87 18.10
C THR C 379 -45.69 27.31 18.60
N GLY C 380 -45.90 28.24 17.70
CA GLY C 380 -46.13 29.61 18.09
C GLY C 380 -47.63 29.89 18.23
N GLY C 381 -48.46 28.86 18.08
CA GLY C 381 -49.91 29.04 18.12
C GLY C 381 -50.39 29.45 16.74
N VAL C 382 -49.45 29.49 15.82
CA VAL C 382 -49.61 29.87 14.43
C VAL C 382 -50.24 28.79 13.59
N ILE C 383 -51.21 29.17 12.76
CA ILE C 383 -51.84 28.23 11.85
C ILE C 383 -51.40 28.51 10.43
N LEU C 384 -50.79 27.51 9.80
CA LEU C 384 -50.42 27.60 8.40
C LEU C 384 -51.33 26.69 7.60
N GLU C 385 -51.57 27.03 6.35
CA GLU C 385 -52.40 26.19 5.50
C GLU C 385 -51.72 25.81 4.20
N ILE C 386 -51.92 24.57 3.79
CA ILE C 386 -51.44 24.10 2.50
C ILE C 386 -52.65 23.98 1.60
N SER C 387 -52.72 24.79 0.55
CA SER C 387 -53.94 24.81 -0.28
C SER C 387 -53.65 24.82 -1.77
N CYS C 388 -54.50 24.11 -2.58
CA CYS C 388 -54.43 24.10 -4.04
C CYS C 388 -55.60 24.88 -4.66
N TYR C 389 -55.25 25.63 -5.71
CA TYR C 389 -56.19 26.43 -6.47
C TYR C 389 -56.12 26.08 -7.95
N ASN C 390 -57.16 26.42 -8.70
CA ASN C 390 -57.16 26.16 -10.14
C ASN C 390 -56.81 27.39 -10.99
N ASP C 391 -55.89 28.22 -10.47
CA ASP C 391 -55.40 29.45 -11.11
C ASP C 391 -54.14 29.94 -10.36
N PRO C 412 -54.98 21.67 -13.71
CA PRO C 412 -53.84 21.90 -12.83
C PRO C 412 -54.40 22.51 -11.54
N ARG C 413 -53.84 22.07 -10.40
CA ARG C 413 -54.15 22.57 -9.06
C ARG C 413 -52.81 23.02 -8.44
N TYR C 414 -52.70 24.32 -8.20
CA TYR C 414 -51.45 24.95 -7.83
C TYR C 414 -51.43 25.12 -6.31
N CYS C 415 -50.48 24.46 -5.61
CA CYS C 415 -50.40 24.55 -4.14
C CYS C 415 -49.44 25.62 -3.63
N TYR C 416 -49.94 26.29 -2.60
CA TYR C 416 -49.28 27.38 -1.89
C TYR C 416 -49.33 27.19 -0.39
N VAL C 417 -48.38 27.81 0.30
CA VAL C 417 -48.41 27.88 1.76
C VAL C 417 -48.94 29.25 2.15
N LEU C 418 -50.00 29.25 2.96
CA LEU C 418 -50.67 30.47 3.36
C LEU C 418 -50.66 30.65 4.87
N TYR C 419 -50.79 31.91 5.33
CA TYR C 419 -50.81 32.18 6.77
C TYR C 419 -52.11 32.84 7.26
N ASN C 420 -52.31 34.15 7.02
CA ASN C 420 -53.53 34.88 7.42
C ASN C 420 -54.57 34.89 6.30
N GLY C 421 -54.17 34.64 5.06
CA GLY C 421 -55.03 34.65 3.90
C GLY C 421 -54.14 34.94 2.70
N THR C 422 -52.94 35.44 3.01
CA THR C 422 -51.98 35.70 1.96
C THR C 422 -51.11 34.47 1.81
N THR C 423 -50.44 34.38 0.68
CA THR C 423 -49.53 33.29 0.41
C THR C 423 -48.08 33.56 0.76
N LEU C 424 -47.52 32.71 1.61
CA LEU C 424 -46.11 32.75 1.93
C LEU C 424 -45.05 32.16 0.90
N LYS C 425 -45.41 30.98 0.41
CA LYS C 425 -44.66 30.33 -0.67
C LYS C 425 -45.49 29.64 -1.73
N TYR C 426 -44.92 29.52 -2.91
CA TYR C 426 -45.51 28.76 -4.00
C TYR C 426 -44.77 27.45 -4.08
N LEU C 427 -45.49 26.36 -3.97
CA LEU C 427 -44.85 25.07 -3.92
C LEU C 427 -44.76 24.45 -5.30
N GLY C 428 -45.75 24.73 -6.12
CA GLY C 428 -45.81 24.17 -7.44
C GLY C 428 -47.11 23.44 -7.61
N THR C 429 -47.36 22.93 -8.80
CA THR C 429 -48.58 22.19 -9.00
C THR C 429 -48.38 20.79 -8.50
N LEU C 430 -49.48 20.10 -8.24
CA LEU C 430 -49.38 18.70 -7.89
C LEU C 430 -49.13 17.92 -9.17
N PRO C 431 -48.14 17.04 -9.20
CA PRO C 431 -47.88 16.12 -10.28
C PRO C 431 -49.10 15.24 -10.41
N PRO C 432 -49.34 14.63 -11.57
CA PRO C 432 -50.39 13.68 -11.86
C PRO C 432 -49.99 12.30 -11.32
N SER C 433 -48.84 12.23 -10.67
CA SER C 433 -48.31 10.99 -10.15
C SER C 433 -47.79 11.10 -8.73
N VAL C 434 -48.69 11.36 -7.80
CA VAL C 434 -48.36 11.46 -6.39
C VAL C 434 -48.94 10.30 -5.61
N LYS C 435 -48.06 9.47 -5.06
CA LYS C 435 -48.52 8.28 -4.37
C LYS C 435 -48.31 8.29 -2.87
N GLU C 436 -47.56 9.26 -2.37
CA GLU C 436 -47.26 9.30 -0.95
C GLU C 436 -46.94 10.69 -0.45
N ILE C 437 -47.58 11.07 0.64
CA ILE C 437 -47.28 12.32 1.33
C ILE C 437 -46.96 12.05 2.80
N ALA C 438 -45.79 12.45 3.26
CA ALA C 438 -45.45 12.23 4.65
C ALA C 438 -45.07 13.52 5.33
N ILE C 439 -45.69 13.78 6.48
CA ILE C 439 -45.42 15.00 7.21
C ILE C 439 -44.77 14.68 8.54
N SER C 440 -43.54 15.10 8.73
CA SER C 440 -42.86 14.84 9.98
C SER C 440 -43.24 15.94 10.97
N LYS C 441 -43.03 15.70 12.25
CA LYS C 441 -43.37 16.72 13.24
C LYS C 441 -42.43 17.91 13.24
N TRP C 442 -41.36 17.82 12.49
CA TRP C 442 -40.41 18.91 12.44
C TRP C 442 -40.69 19.80 11.24
N GLY C 443 -41.82 19.58 10.58
CA GLY C 443 -42.27 20.44 9.49
C GLY C 443 -41.81 20.03 8.10
N HIS C 444 -41.20 18.86 7.97
CA HIS C 444 -40.73 18.45 6.65
C HIS C 444 -41.78 17.66 5.89
N PHE C 445 -42.06 18.10 4.66
CA PHE C 445 -43.03 17.47 3.78
C PHE C 445 -42.36 16.70 2.67
N TYR C 446 -42.61 15.39 2.69
CA TYR C 446 -42.04 14.48 1.73
C TYR C 446 -43.09 14.02 0.73
N ILE C 447 -42.82 14.20 -0.55
CA ILE C 447 -43.72 13.74 -1.60
C ILE C 447 -42.98 12.74 -2.46
N ASN C 448 -43.50 11.51 -2.53
CA ASN C 448 -42.85 10.43 -3.26
C ASN C 448 -41.41 10.27 -2.81
N GLY C 449 -41.20 10.35 -1.50
CA GLY C 449 -39.89 10.18 -0.88
C GLY C 449 -38.98 11.43 -0.84
N TYR C 450 -39.34 12.52 -1.51
CA TYR C 450 -38.42 13.66 -1.53
C TYR C 450 -38.88 14.85 -0.70
N ASN C 451 -37.95 15.42 0.06
CA ASN C 451 -38.28 16.57 0.88
C ASN C 451 -38.38 17.84 0.05
N PHE C 452 -39.56 18.09 -0.51
CA PHE C 452 -39.75 19.24 -1.36
C PHE C 452 -39.86 20.54 -0.61
N PHE C 453 -40.47 20.54 0.57
CA PHE C 453 -40.59 21.80 1.29
C PHE C 453 -40.74 21.60 2.78
N SER C 454 -40.58 22.68 3.53
CA SER C 454 -40.73 22.59 4.98
C SER C 454 -41.37 23.83 5.60
N THR C 455 -41.92 23.62 6.80
CA THR C 455 -42.57 24.63 7.61
C THR C 455 -41.98 24.64 9.01
N PHE C 456 -42.55 25.45 9.89
CA PHE C 456 -42.16 25.47 11.27
C PHE C 456 -42.60 24.12 11.86
N PRO C 457 -42.03 23.66 12.99
CA PRO C 457 -42.40 22.44 13.66
C PRO C 457 -43.89 22.39 13.87
N ILE C 458 -44.46 21.21 13.76
CA ILE C 458 -45.91 21.06 13.79
C ILE C 458 -46.36 20.26 15.00
N ASP C 459 -47.30 20.82 15.75
CA ASP C 459 -47.85 20.08 16.89
C ASP C 459 -49.04 19.22 16.48
N CYS C 460 -49.97 19.79 15.67
CA CYS C 460 -51.20 19.11 15.23
C CYS C 460 -51.52 19.41 13.75
N ILE C 461 -52.02 18.40 13.05
CA ILE C 461 -52.41 18.49 11.65
C ILE C 461 -53.89 18.15 11.48
N SER C 462 -54.64 19.08 10.91
CA SER C 462 -56.04 18.80 10.63
C SER C 462 -56.19 18.42 9.17
N PHE C 463 -57.02 17.43 8.90
CA PHE C 463 -57.25 17.05 7.51
C PHE C 463 -58.65 16.45 7.30
N ASN C 464 -59.12 16.51 6.04
CA ASN C 464 -60.42 15.98 5.62
C ASN C 464 -60.32 15.55 4.15
N LEU C 465 -59.84 14.30 3.91
CA LEU C 465 -59.52 13.83 2.56
C LEU C 465 -60.42 12.68 2.12
N THR C 466 -60.87 12.75 0.87
CA THR C 466 -61.66 11.65 0.32
C THR C 466 -61.46 11.48 -1.17
N THR C 467 -61.63 10.24 -1.62
CA THR C 467 -61.57 9.90 -3.04
C THR C 467 -62.96 9.99 -3.68
N GLY C 468 -63.96 10.15 -2.83
CA GLY C 468 -65.33 10.26 -3.26
C GLY C 468 -65.85 9.06 -4.03
N ALA C 469 -66.51 9.34 -5.14
CA ALA C 469 -67.18 8.35 -5.98
C ALA C 469 -66.23 7.44 -6.72
N SER C 470 -64.94 7.73 -6.72
CA SER C 470 -64.03 6.90 -7.47
C SER C 470 -64.01 5.47 -6.93
N GLY C 471 -64.36 5.31 -5.65
CA GLY C 471 -64.37 3.98 -5.04
C GLY C 471 -62.96 3.43 -4.77
N ALA C 472 -62.01 4.33 -4.55
CA ALA C 472 -60.62 3.94 -4.33
C ALA C 472 -60.33 3.86 -2.84
N PHE C 473 -59.44 2.97 -2.45
CA PHE C 473 -59.07 2.89 -1.06
C PHE C 473 -57.61 3.25 -0.83
N TRP C 474 -57.30 3.60 0.40
CA TRP C 474 -55.98 4.03 0.78
C TRP C 474 -55.74 3.91 2.28
N THR C 475 -54.54 4.21 2.74
CA THR C 475 -54.28 4.10 4.18
C THR C 475 -53.56 5.31 4.76
N ILE C 476 -53.72 5.51 6.06
CA ILE C 476 -52.96 6.49 6.81
C ILE C 476 -52.13 5.77 7.87
N ALA C 477 -50.83 5.98 7.86
CA ALA C 477 -50.00 5.29 8.83
C ALA C 477 -49.34 6.27 9.79
N TYR C 478 -49.31 5.90 11.04
CA TYR C 478 -48.66 6.68 12.07
C TYR C 478 -47.39 5.94 12.41
N THR C 479 -46.24 6.55 12.10
CA THR C 479 -44.98 5.84 12.21
C THR C 479 -43.93 6.51 13.08
N SER C 480 -42.91 5.72 13.42
CA SER C 480 -41.75 6.18 14.17
C SER C 480 -40.46 5.75 13.47
N TYR C 481 -39.38 6.48 13.73
CA TYR C 481 -38.08 6.16 13.13
C TYR C 481 -37.33 5.01 13.80
N THR C 482 -36.70 4.18 12.95
CA THR C 482 -35.84 3.10 13.43
C THR C 482 -34.79 2.76 12.39
N GLU C 483 -33.71 2.11 12.83
CA GLU C 483 -32.70 1.64 11.90
C GLU C 483 -33.14 0.33 11.25
N ALA C 484 -32.99 0.27 9.93
CA ALA C 484 -33.36 -0.93 9.20
C ALA C 484 -32.49 -1.11 7.97
N LEU C 485 -32.36 -2.35 7.52
CA LEU C 485 -31.68 -2.67 6.29
C LEU C 485 -32.71 -2.80 5.20
N VAL C 486 -32.61 -1.94 4.20
CA VAL C 486 -33.63 -1.93 3.16
C VAL C 486 -33.07 -2.23 1.78
N GLN C 487 -33.72 -3.17 1.10
CA GLN C 487 -33.38 -3.52 -0.26
C GLN C 487 -34.23 -2.72 -1.22
N VAL C 488 -33.58 -1.98 -2.10
CA VAL C 488 -34.21 -1.12 -3.07
C VAL C 488 -34.00 -1.60 -4.49
N GLU C 489 -35.05 -1.49 -5.31
CA GLU C 489 -34.95 -1.77 -6.74
C GLU C 489 -35.87 -0.86 -7.52
N ASN C 490 -35.30 -0.17 -8.52
CA ASN C 490 -36.07 0.79 -9.31
C ASN C 490 -36.78 1.82 -8.45
N THR C 491 -36.03 2.39 -7.51
CA THR C 491 -36.49 3.39 -6.56
C THR C 491 -37.78 2.95 -5.87
N ALA C 492 -37.76 1.74 -5.32
CA ALA C 492 -38.90 1.17 -4.62
C ALA C 492 -38.42 0.22 -3.55
N ILE C 493 -39.17 0.11 -2.47
CA ILE C 493 -38.82 -0.81 -1.40
C ILE C 493 -39.26 -2.22 -1.72
N LYS C 494 -38.33 -3.17 -1.66
CA LYS C 494 -38.68 -4.55 -1.89
C LYS C 494 -38.61 -5.38 -0.63
N LYS C 495 -37.68 -5.06 0.26
CA LYS C 495 -37.54 -5.84 1.49
C LYS C 495 -36.99 -5.05 2.66
N VAL C 496 -37.65 -5.15 3.81
CA VAL C 496 -37.18 -4.46 5.01
C VAL C 496 -36.86 -5.40 6.16
N THR C 497 -35.64 -5.31 6.66
CA THR C 497 -35.20 -6.05 7.84
C THR C 497 -34.90 -5.07 8.96
N TYR C 498 -35.54 -5.24 10.10
CA TYR C 498 -35.36 -4.31 11.21
C TYR C 498 -34.16 -4.70 12.05
N CYS C 499 -33.36 -3.70 12.51
CA CYS C 499 -32.19 -3.96 13.32
C CYS C 499 -32.57 -4.04 14.80
N ASN C 500 -33.41 -5.02 15.12
CA ASN C 500 -34.04 -5.11 16.43
C ASN C 500 -33.83 -6.42 17.20
N SER C 501 -32.76 -7.13 16.92
CA SER C 501 -32.49 -8.40 17.60
C SER C 501 -31.02 -8.76 17.45
N HIS C 502 -30.58 -9.78 18.17
CA HIS C 502 -29.17 -10.14 18.13
C HIS C 502 -28.76 -10.67 16.76
N ILE C 503 -29.64 -11.41 16.12
CA ILE C 503 -29.35 -11.92 14.78
C ILE C 503 -29.54 -10.83 13.72
N ASN C 504 -30.55 -9.98 13.91
CA ASN C 504 -30.83 -8.94 12.92
C ASN C 504 -29.76 -7.86 12.95
N ASN C 505 -29.10 -7.68 14.08
CA ASN C 505 -28.03 -6.71 14.17
C ASN C 505 -26.84 -7.18 13.34
N ILE C 506 -26.68 -8.51 13.22
CA ILE C 506 -25.59 -9.04 12.41
C ILE C 506 -25.96 -8.82 10.96
N LYS C 507 -27.22 -9.12 10.60
CA LYS C 507 -27.69 -8.91 9.24
C LYS C 507 -27.47 -7.47 8.76
N CYS C 508 -27.79 -6.47 9.63
CA CYS C 508 -27.62 -5.06 9.31
C CYS C 508 -26.13 -4.72 9.15
N SER C 509 -25.30 -5.24 10.04
CA SER C 509 -23.87 -4.97 9.98
C SER C 509 -23.23 -5.54 8.72
N GLN C 510 -23.73 -6.69 8.28
CA GLN C 510 -23.20 -7.37 7.11
C GLN C 510 -23.91 -6.99 5.81
N LEU C 511 -24.91 -6.12 5.90
CA LEU C 511 -25.71 -5.74 4.74
C LEU C 511 -26.25 -6.98 4.04
N THR C 512 -26.58 -8.00 4.82
CA THR C 512 -27.02 -9.28 4.28
C THR C 512 -28.29 -9.77 4.96
N ALA C 513 -29.35 -9.99 4.20
CA ALA C 513 -30.61 -10.43 4.80
C ALA C 513 -30.62 -11.94 5.02
N ASN C 514 -29.64 -12.63 4.42
CA ASN C 514 -29.51 -14.07 4.47
C ASN C 514 -28.07 -14.45 4.75
N LEU C 515 -27.73 -14.68 6.01
CA LEU C 515 -26.35 -14.91 6.40
C LEU C 515 -25.87 -16.30 6.03
N GLN C 516 -24.63 -16.40 5.53
CA GLN C 516 -24.02 -17.69 5.27
C GLN C 516 -23.52 -18.25 6.60
N ASN C 517 -23.40 -19.56 6.70
CA ASN C 517 -22.91 -20.14 7.93
C ASN C 517 -21.47 -19.71 8.21
N GLY C 518 -21.20 -19.33 9.46
CA GLY C 518 -19.85 -18.91 9.83
C GLY C 518 -19.79 -18.20 11.17
N PHE C 519 -18.66 -17.58 11.45
CA PHE C 519 -18.45 -16.86 12.70
C PHE C 519 -18.44 -15.36 12.43
N TYR C 520 -19.10 -14.59 13.30
CA TYR C 520 -19.17 -13.15 13.14
C TYR C 520 -18.80 -12.39 14.41
N PRO C 521 -17.88 -11.41 14.35
CA PRO C 521 -17.55 -10.55 15.47
C PRO C 521 -18.76 -9.75 15.92
N VAL C 522 -19.02 -9.78 17.21
CA VAL C 522 -20.09 -9.03 17.84
C VAL C 522 -19.59 -8.39 19.12
N ALA C 523 -20.33 -7.43 19.66
CA ALA C 523 -20.00 -6.97 21.00
C ALA C 523 -20.62 -7.93 21.98
N SER C 524 -19.91 -8.26 23.06
CA SER C 524 -20.47 -9.16 24.06
C SER C 524 -21.60 -8.51 24.85
N SER C 525 -21.63 -7.18 24.87
CA SER C 525 -22.64 -6.43 25.60
C SER C 525 -22.68 -4.97 25.19
N GLU C 526 -23.72 -4.28 25.66
CA GLU C 526 -23.84 -2.84 25.52
C GLU C 526 -23.87 -2.20 26.90
N VAL C 527 -23.51 -0.93 26.97
CA VAL C 527 -23.55 -0.20 28.23
C VAL C 527 -24.37 1.06 28.10
N GLY C 528 -24.75 1.62 29.25
CA GLY C 528 -25.45 2.90 29.32
C GLY C 528 -26.07 3.05 30.69
N LEU C 529 -25.93 4.25 31.26
CA LEU C 529 -26.39 4.60 32.61
C LEU C 529 -25.41 3.98 33.61
N VAL C 530 -24.40 4.78 33.97
CA VAL C 530 -23.35 4.34 34.89
C VAL C 530 -23.07 5.40 35.96
N ASN C 531 -22.42 5.01 37.06
CA ASN C 531 -21.86 5.92 38.06
C ASN C 531 -20.65 6.61 37.46
N LYS C 532 -20.33 7.84 37.88
CA LYS C 532 -19.08 8.52 37.50
C LYS C 532 -18.03 8.42 38.60
N SER C 533 -16.80 8.13 38.18
CA SER C 533 -15.66 8.02 39.10
C SER C 533 -14.59 9.03 38.78
N VAL C 534 -14.24 9.84 39.76
CA VAL C 534 -13.24 10.88 39.54
C VAL C 534 -12.08 10.78 40.51
N VAL C 535 -10.88 10.69 39.97
CA VAL C 535 -9.68 10.62 40.79
C VAL C 535 -8.72 11.74 40.39
N LEU C 536 -8.42 12.59 41.36
CA LEU C 536 -7.53 13.71 41.16
C LEU C 536 -6.53 13.78 42.29
N LEU C 537 -5.36 14.33 42.02
CA LEU C 537 -4.37 14.51 43.07
C LEU C 537 -4.93 15.51 44.07
N PRO C 538 -4.61 15.38 45.37
CA PRO C 538 -5.08 16.22 46.45
C PRO C 538 -4.59 17.65 46.34
N SER C 539 -5.41 18.57 46.83
CA SER C 539 -5.12 20.00 46.85
C SER C 539 -5.98 20.69 47.88
N PHE C 540 -5.78 21.99 48.05
CA PHE C 540 -6.63 22.76 48.94
C PHE C 540 -7.98 23.01 48.32
N PHE C 541 -9.02 22.98 49.12
CA PHE C 541 -10.31 23.39 48.62
C PHE C 541 -10.41 24.90 48.58
N ALA C 542 -10.64 25.43 47.40
CA ALA C 542 -10.72 26.85 47.16
C ALA C 542 -11.60 27.08 45.94
N HIS C 543 -12.89 27.25 46.17
CA HIS C 543 -13.88 27.26 45.09
C HIS C 543 -14.50 28.62 44.77
N THR C 544 -14.51 28.95 43.48
CA THR C 544 -15.09 30.19 42.97
C THR C 544 -16.26 30.01 42.03
N THR C 545 -17.32 30.76 42.30
CA THR C 545 -18.48 30.81 41.42
C THR C 545 -18.34 31.99 40.47
N VAL C 546 -18.46 31.72 39.18
CA VAL C 546 -18.30 32.72 38.14
C VAL C 546 -19.64 32.97 37.44
N ASN C 547 -20.30 34.09 37.76
CA ASN C 547 -21.62 34.46 37.24
C ASN C 547 -21.52 35.44 36.08
N ILE C 548 -21.72 34.95 34.84
CA ILE C 548 -21.67 35.75 33.62
C ILE C 548 -23.07 36.22 33.30
N THR C 549 -23.26 37.53 33.21
CA THR C 549 -24.57 38.05 32.93
C THR C 549 -24.62 38.61 31.52
N ILE C 550 -25.57 38.12 30.74
CA ILE C 550 -25.70 38.58 29.37
C ILE C 550 -27.03 39.27 29.17
N ASP C 551 -26.95 40.53 28.74
CA ASP C 551 -28.11 41.36 28.53
C ASP C 551 -28.40 41.47 27.04
N LEU C 552 -29.45 40.79 26.60
CA LEU C 552 -29.79 40.71 25.19
C LEU C 552 -30.74 41.81 24.78
N GLY C 553 -30.43 42.45 23.67
CA GLY C 553 -31.30 43.48 23.11
C GLY C 553 -32.10 42.94 21.94
N MET C 554 -33.42 42.89 22.08
CA MET C 554 -34.23 42.34 21.00
C MET C 554 -35.17 43.37 20.36
N LYS C 555 -35.24 43.33 19.04
CA LYS C 555 -36.11 44.20 18.26
C LYS C 555 -36.73 43.39 17.14
N ARG C 556 -37.87 43.85 16.62
CA ARG C 556 -38.50 43.16 15.46
C ARG C 556 -37.94 43.76 14.17
N SER C 557 -38.03 43.02 13.07
CA SER C 557 -37.59 43.58 11.76
C SER C 557 -38.91 43.78 11.05
N GLY C 558 -38.89 44.34 9.83
CA GLY C 558 -40.10 44.56 9.03
C GLY C 558 -41.00 43.37 8.76
N TYR C 559 -40.42 42.16 8.67
CA TYR C 559 -41.21 40.96 8.31
C TYR C 559 -41.84 40.55 9.66
N GLY C 560 -41.25 41.01 10.77
CA GLY C 560 -41.82 40.71 12.11
C GLY C 560 -40.99 39.70 12.87
N GLN C 561 -40.09 38.99 12.18
CA GLN C 561 -39.19 38.03 12.86
C GLN C 561 -38.27 38.80 13.81
N PRO C 562 -37.76 38.19 14.91
CA PRO C 562 -36.86 38.90 15.80
C PRO C 562 -35.46 39.10 15.21
N ILE C 563 -34.82 40.21 15.60
CA ILE C 563 -33.41 40.46 15.34
C ILE C 563 -32.69 40.72 16.66
N ALA C 564 -31.56 40.06 16.86
CA ALA C 564 -30.81 40.27 18.08
C ALA C 564 -29.77 41.36 17.85
N SER C 565 -29.75 42.34 18.74
CA SER C 565 -28.88 43.49 18.64
C SER C 565 -27.40 43.20 18.95
N PRO C 566 -26.46 43.78 18.19
CA PRO C 566 -25.02 43.72 18.38
C PRO C 566 -24.60 44.56 19.59
N LEU C 567 -25.57 45.27 20.17
CA LEU C 567 -25.34 46.13 21.31
C LEU C 567 -25.55 45.38 22.62
N SER C 568 -25.84 44.08 22.53
CA SER C 568 -26.05 43.30 23.74
C SER C 568 -24.75 43.36 24.55
N ASN C 569 -24.87 43.33 25.89
CA ASN C 569 -23.73 43.51 26.82
C ASN C 569 -23.39 42.20 27.55
N ILE C 570 -22.08 42.02 27.83
CA ILE C 570 -21.56 40.91 28.63
C ILE C 570 -20.90 41.47 29.88
N THR C 571 -21.34 41.03 31.03
CA THR C 571 -20.74 41.46 32.28
C THR C 571 -20.10 40.27 32.98
N LEU C 572 -18.81 40.39 33.27
CA LEU C 572 -18.07 39.34 33.92
C LEU C 572 -18.14 39.62 35.42
N PRO C 573 -17.85 38.64 36.31
CA PRO C 573 -17.75 38.96 37.72
C PRO C 573 -16.67 40.04 37.82
N MET C 574 -16.72 40.88 38.86
CA MET C 574 -15.75 42.00 38.99
C MET C 574 -14.41 41.49 39.56
N GLN C 575 -13.29 41.90 38.96
CA GLN C 575 -11.95 41.47 39.45
C GLN C 575 -10.93 42.61 39.31
N ASP C 576 -10.24 42.97 40.39
CA ASP C 576 -9.19 44.03 40.35
C ASP C 576 -9.80 45.34 39.85
N ASN C 577 -10.92 45.77 40.45
CA ASN C 577 -11.56 47.06 40.07
C ASN C 577 -12.16 46.96 38.66
N ASN C 578 -11.32 46.73 37.65
CA ASN C 578 -11.81 46.62 36.25
C ASN C 578 -12.68 45.36 36.12
N THR C 579 -13.47 45.27 35.05
CA THR C 579 -14.34 44.09 34.84
C THR C 579 -14.01 43.46 33.48
N ASP C 580 -13.76 44.30 32.46
CA ASP C 580 -13.41 43.82 31.10
C ASP C 580 -12.82 42.41 31.17
N VAL C 581 -11.85 42.19 32.04
CA VAL C 581 -11.18 40.89 32.16
C VAL C 581 -11.54 40.16 33.46
N TYR C 582 -11.66 38.83 33.41
CA TYR C 582 -11.85 37.99 34.62
C TYR C 582 -10.98 36.73 34.52
N CYS C 583 -10.33 36.33 35.64
CA CYS C 583 -9.47 35.12 35.65
C CYS C 583 -9.81 34.22 36.85
N ILE C 584 -9.57 32.92 36.65
CA ILE C 584 -9.72 32.00 37.76
C ILE C 584 -8.45 32.06 38.60
N ARG C 585 -8.60 32.39 39.88
CA ARG C 585 -7.48 32.51 40.80
C ARG C 585 -7.79 31.70 42.04
N SER C 586 -8.33 30.54 41.80
CA SER C 586 -8.79 29.61 42.80
C SER C 586 -8.37 28.23 42.31
N ASN C 587 -8.66 27.19 43.08
CA ASN C 587 -8.26 25.87 42.63
C ASN C 587 -9.40 25.20 41.90
N GLN C 588 -10.62 25.55 42.29
CA GLN C 588 -11.80 24.96 41.70
C GLN C 588 -12.75 26.06 41.28
N PHE C 589 -13.51 25.84 40.24
CA PHE C 589 -14.51 26.85 39.89
C PHE C 589 -15.69 26.28 39.15
N SER C 590 -16.77 27.05 39.12
CA SER C 590 -17.96 26.71 38.34
C SER C 590 -18.46 27.92 37.57
N ILE C 591 -18.84 27.75 36.30
CA ILE C 591 -19.29 28.90 35.52
C ILE C 591 -20.73 28.78 35.08
N TYR C 592 -21.49 29.85 35.30
CA TYR C 592 -22.89 29.89 34.94
C TYR C 592 -23.24 31.09 34.08
N VAL C 593 -24.23 30.93 33.22
CA VAL C 593 -24.72 32.03 32.40
C VAL C 593 -26.13 32.41 32.78
N HIS C 594 -26.29 33.66 33.15
CA HIS C 594 -27.56 34.21 33.56
C HIS C 594 -28.12 35.07 32.44
N SER C 595 -29.25 34.64 31.90
CA SER C 595 -29.82 35.29 30.73
C SER C 595 -30.86 36.34 31.04
N THR C 596 -30.60 37.58 30.60
CA THR C 596 -31.53 38.69 30.76
C THR C 596 -31.94 39.26 29.40
N CYS C 597 -33.26 39.43 29.12
CA CYS C 597 -33.79 39.92 27.89
C CYS C 597 -34.45 41.28 28.02
N LYS C 598 -34.14 42.24 27.22
CA LYS C 598 -34.87 43.50 27.15
C LYS C 598 -35.13 43.89 25.69
N SER C 599 -36.30 44.48 25.42
CA SER C 599 -36.63 44.89 24.05
C SER C 599 -36.63 46.39 23.81
N SER C 600 -36.60 46.79 22.53
CA SER C 600 -36.61 48.23 22.18
C SER C 600 -37.19 49.32 21.29
N LEU C 601 -37.75 48.94 20.13
CA LEU C 601 -38.41 49.94 19.25
C LEU C 601 -37.35 49.84 18.15
N TRP C 602 -36.89 50.96 17.62
CA TRP C 602 -35.79 50.95 16.63
C TRP C 602 -34.81 52.07 16.97
N ASP C 603 -35.03 52.72 18.12
CA ASP C 603 -34.12 53.80 18.58
C ASP C 603 -33.08 53.20 19.53
N ASN C 604 -33.03 51.86 19.60
CA ASN C 604 -32.07 51.16 20.50
C ASN C 604 -32.34 51.60 21.95
N VAL C 605 -33.61 51.62 22.35
CA VAL C 605 -33.96 51.97 23.76
C VAL C 605 -34.40 50.70 24.47
N PHE C 606 -33.45 50.00 25.12
CA PHE C 606 -33.79 48.72 25.73
C PHE C 606 -34.40 48.91 27.11
N ASN C 607 -35.62 49.41 27.12
CA ASN C 607 -36.37 49.67 28.34
C ASN C 607 -37.73 48.98 28.37
N GLN C 608 -37.93 48.02 27.47
CA GLN C 608 -39.18 47.28 27.40
C GLN C 608 -38.96 45.82 27.77
N ASP C 609 -40.01 45.14 28.20
CA ASP C 609 -39.89 43.71 28.45
C ASP C 609 -39.99 42.93 27.14
N CYS C 610 -39.39 41.72 27.11
CA CYS C 610 -39.52 40.80 25.97
C CYS C 610 -40.77 39.98 26.21
N THR C 611 -41.49 39.71 25.12
CA THR C 611 -42.73 38.90 25.17
C THR C 611 -42.98 38.34 23.77
N ASP C 612 -44.07 37.61 23.57
CA ASP C 612 -44.42 37.13 22.20
C ASP C 612 -43.23 36.41 21.57
N VAL C 613 -42.52 37.09 20.67
CA VAL C 613 -41.41 36.43 19.92
C VAL C 613 -40.06 36.97 20.40
N LEU C 614 -40.00 38.24 20.82
CA LEU C 614 -38.69 38.84 21.19
C LEU C 614 -38.16 38.17 22.47
N GLU C 615 -38.69 37.00 22.83
CA GLU C 615 -38.19 36.26 23.97
C GLU C 615 -36.90 35.56 23.58
N ALA C 616 -35.83 35.75 24.35
CA ALA C 616 -34.57 35.13 23.99
C ALA C 616 -33.77 34.69 25.20
N THR C 617 -33.07 33.59 25.05
CA THR C 617 -32.19 33.06 26.08
C THR C 617 -30.73 33.18 25.67
N ALA C 618 -29.92 33.75 26.54
CA ALA C 618 -28.51 33.89 26.24
C ALA C 618 -27.81 32.55 26.41
N VAL C 619 -27.13 32.11 25.37
CA VAL C 619 -26.41 30.85 25.41
C VAL C 619 -25.01 31.04 24.88
N ILE C 620 -24.07 30.21 25.33
CA ILE C 620 -22.72 30.30 24.82
C ILE C 620 -22.36 29.05 24.06
N LYS C 621 -21.82 29.25 22.85
CA LYS C 621 -21.44 28.13 21.95
C LYS C 621 -19.91 27.94 21.98
N THR C 622 -19.39 26.95 21.25
CA THR C 622 -17.93 26.64 21.27
C THR C 622 -17.11 27.66 20.46
N GLY C 623 -17.57 28.02 19.25
CA GLY C 623 -16.76 28.90 18.40
C GLY C 623 -15.46 28.25 17.97
N THR C 624 -14.31 28.79 18.40
CA THR C 624 -13.01 28.28 17.99
C THR C 624 -12.21 27.56 19.09
N CYS C 625 -12.81 27.35 20.27
CA CYS C 625 -12.18 26.72 21.43
C CYS C 625 -12.24 25.19 21.32
N PRO C 626 -11.22 24.48 21.80
CA PRO C 626 -11.15 23.03 21.90
C PRO C 626 -11.86 22.50 23.14
N PHE C 627 -12.92 23.21 23.52
CA PHE C 627 -13.79 22.87 24.63
C PHE C 627 -15.07 23.65 24.51
N SER C 628 -16.14 23.10 25.03
CA SER C 628 -17.41 23.77 25.06
C SER C 628 -17.63 24.44 26.36
N PHE C 629 -18.29 25.58 26.32
CA PHE C 629 -18.56 26.34 27.51
C PHE C 629 -19.27 25.53 28.58
N ASP C 630 -20.29 24.78 28.18
CA ASP C 630 -21.08 24.00 29.13
C ASP C 630 -20.33 22.82 29.73
N LYS C 631 -19.20 22.43 29.14
CA LYS C 631 -18.43 21.29 29.62
C LYS C 631 -17.35 21.73 30.61
N LEU C 632 -17.25 23.04 30.85
CA LEU C 632 -16.23 23.56 31.75
C LEU C 632 -16.60 23.22 33.19
N ASN C 633 -17.80 22.72 33.40
CA ASN C 633 -18.29 22.34 34.70
C ASN C 633 -18.14 20.83 34.93
N ASN C 634 -17.34 20.19 34.09
CA ASN C 634 -16.98 18.80 34.26
C ASN C 634 -15.70 18.83 35.07
N HIS C 635 -14.66 18.14 34.63
CA HIS C 635 -13.41 18.17 35.35
C HIS C 635 -12.27 18.49 34.42
N LEU C 636 -12.48 19.51 33.60
CA LEU C 636 -11.45 19.99 32.70
C LEU C 636 -10.45 20.74 33.53
N THR C 637 -9.18 20.58 33.22
CA THR C 637 -8.19 21.29 33.99
C THR C 637 -7.32 22.20 33.14
N PHE C 638 -6.84 23.24 33.81
CA PHE C 638 -6.01 24.28 33.22
C PHE C 638 -4.92 24.74 34.17
N ASN C 639 -3.85 25.33 33.65
CA ASN C 639 -2.95 26.06 34.53
C ASN C 639 -3.41 27.50 34.62
N LYS C 640 -4.00 27.96 33.53
CA LYS C 640 -4.57 29.30 33.42
C LYS C 640 -5.89 29.28 32.66
N PHE C 641 -6.82 30.12 33.09
CA PHE C 641 -8.08 30.29 32.37
C PHE C 641 -8.68 31.66 32.69
N CYS C 642 -8.79 32.53 31.66
CA CYS C 642 -9.31 33.90 31.76
C CYS C 642 -10.34 34.17 30.65
N LEU C 643 -11.34 34.95 31.00
CA LEU C 643 -12.32 35.43 30.04
C LEU C 643 -12.06 36.92 29.78
N SER C 644 -12.28 37.35 28.55
CA SER C 644 -12.04 38.74 28.21
C SER C 644 -13.02 39.29 27.18
N LEU C 645 -13.23 40.59 27.24
CA LEU C 645 -14.08 41.25 26.27
C LEU C 645 -13.25 41.96 25.19
N SER C 646 -11.94 41.69 25.17
CA SER C 646 -11.02 42.31 24.22
C SER C 646 -9.97 41.30 23.71
N PRO C 647 -9.92 41.04 22.37
CA PRO C 647 -9.05 40.01 21.81
C PRO C 647 -7.56 40.34 21.82
N VAL C 648 -6.95 40.46 23.00
CA VAL C 648 -5.49 40.71 23.09
C VAL C 648 -4.90 39.57 23.91
N GLY C 649 -4.21 38.64 23.24
CA GLY C 649 -3.68 37.46 23.94
C GLY C 649 -4.64 36.29 23.86
N ALA C 650 -5.91 36.56 23.51
CA ALA C 650 -6.84 35.46 23.34
C ALA C 650 -6.24 34.29 22.59
N ASN C 651 -6.58 33.09 23.05
CA ASN C 651 -6.20 31.85 22.38
C ASN C 651 -7.32 31.31 21.49
N CYS C 652 -8.59 31.52 21.92
CA CYS C 652 -9.78 31.11 21.23
C CYS C 652 -10.94 32.00 21.67
N LYS C 653 -12.07 31.89 20.99
CA LYS C 653 -13.25 32.65 21.41
C LYS C 653 -14.52 31.79 21.39
N PHE C 654 -15.45 32.14 22.27
CA PHE C 654 -16.78 31.56 22.32
C PHE C 654 -17.78 32.47 21.61
N ASP C 655 -18.81 31.88 21.03
CA ASP C 655 -19.86 32.65 20.36
C ASP C 655 -21.09 32.83 21.25
N VAL C 656 -21.41 34.07 21.57
CA VAL C 656 -22.55 34.36 22.43
C VAL C 656 -23.76 34.67 21.58
N ALA C 657 -24.83 33.91 21.77
CA ALA C 657 -26.00 34.04 20.92
C ALA C 657 -27.31 34.16 21.67
N ALA C 658 -28.28 34.76 20.98
CA ALA C 658 -29.65 34.89 21.45
C ALA C 658 -30.49 33.78 20.87
N ARG C 659 -30.86 32.81 21.70
CA ARG C 659 -31.65 31.68 21.25
C ARG C 659 -33.13 31.95 21.42
N THR C 660 -33.88 31.92 20.34
CA THR C 660 -35.31 32.20 20.39
C THR C 660 -36.08 30.92 20.08
N ARG C 661 -37.39 31.03 19.91
CA ARG C 661 -38.22 29.86 19.68
C ARG C 661 -37.73 28.99 18.52
N THR C 662 -37.16 29.63 17.49
CA THR C 662 -36.67 28.94 16.31
C THR C 662 -35.18 29.22 16.08
N ASN C 663 -34.89 30.38 15.50
CA ASN C 663 -33.56 30.83 15.11
C ASN C 663 -32.65 31.19 16.30
N GLU C 664 -31.37 30.84 16.18
CA GLU C 664 -30.36 31.22 17.16
C GLU C 664 -29.32 32.10 16.47
N GLN C 665 -29.14 33.32 16.98
CA GLN C 665 -28.24 34.28 16.32
C GLN C 665 -27.19 34.91 17.23
N VAL C 666 -25.97 35.07 16.71
CA VAL C 666 -24.84 35.60 17.49
C VAL C 666 -24.89 37.10 17.67
N VAL C 667 -24.69 37.53 18.91
CA VAL C 667 -24.68 38.95 19.25
C VAL C 667 -23.31 39.45 19.66
N ARG C 668 -22.53 38.60 20.34
CA ARG C 668 -21.23 39.00 20.87
C ARG C 668 -20.25 37.85 20.88
N SER C 669 -18.96 38.18 20.96
CA SER C 669 -17.95 37.15 21.14
C SER C 669 -17.26 37.32 22.49
N LEU C 670 -16.98 36.21 23.14
CA LEU C 670 -16.29 36.19 24.43
C LEU C 670 -14.92 35.55 24.28
N TYR C 671 -13.88 36.26 24.64
CA TYR C 671 -12.54 35.77 24.37
C TYR C 671 -11.97 34.95 25.50
N VAL C 672 -11.27 33.89 25.15
CA VAL C 672 -10.72 32.99 26.15
C VAL C 672 -9.20 32.88 26.05
N ILE C 673 -8.55 33.06 27.18
CA ILE C 673 -7.12 32.93 27.32
C ILE C 673 -6.84 31.75 28.23
N TYR C 674 -6.07 30.78 27.77
CA TYR C 674 -5.87 29.61 28.61
C TYR C 674 -4.55 28.92 28.35
N GLU C 675 -4.12 28.15 29.32
CA GLU C 675 -2.97 27.29 29.18
C GLU C 675 -3.31 25.92 29.72
N GLU C 676 -3.14 24.89 28.90
CA GLU C 676 -3.49 23.54 29.33
C GLU C 676 -2.58 23.13 30.49
N GLY C 677 -3.14 22.40 31.45
CA GLY C 677 -2.40 22.01 32.63
C GLY C 677 -3.30 21.39 33.68
N ASP C 678 -2.90 21.47 34.95
CA ASP C 678 -3.67 20.82 36.00
C ASP C 678 -3.84 21.57 37.32
N ASN C 679 -3.44 22.83 37.41
CA ASN C 679 -3.56 23.56 38.67
C ASN C 679 -5.01 23.89 39.04
N ILE C 680 -5.82 24.14 38.03
CA ILE C 680 -7.21 24.57 38.16
C ILE C 680 -8.16 23.53 37.61
N VAL C 681 -9.17 23.15 38.38
CA VAL C 681 -10.15 22.18 37.88
C VAL C 681 -11.57 22.73 37.94
N GLY C 682 -12.33 22.58 36.85
CA GLY C 682 -13.71 22.98 36.90
C GLY C 682 -14.46 21.92 37.68
N VAL C 683 -15.52 22.29 38.36
CA VAL C 683 -16.33 21.29 39.06
C VAL C 683 -17.81 21.53 38.81
N PRO C 684 -18.65 20.49 38.86
CA PRO C 684 -20.10 20.60 38.75
C PRO C 684 -20.80 21.36 39.89
N SER C 685 -20.16 21.41 41.07
CA SER C 685 -20.67 22.12 42.25
C SER C 685 -19.56 23.00 42.85
N LEU C 693 -12.41 16.41 43.79
CA LEU C 693 -13.08 15.26 44.47
C LEU C 693 -12.41 13.95 44.03
N SER C 694 -12.59 12.88 44.80
CA SER C 694 -12.02 11.56 44.43
C SER C 694 -13.02 10.46 44.79
N VAL C 695 -14.11 10.36 44.03
CA VAL C 695 -15.11 9.27 44.25
C VAL C 695 -14.77 8.13 43.28
N LEU C 696 -14.38 6.97 43.82
CA LEU C 696 -14.08 5.82 42.96
C LEU C 696 -15.01 4.65 43.20
N HIS C 697 -15.67 4.19 42.13
CA HIS C 697 -16.60 3.08 42.20
C HIS C 697 -15.98 1.79 41.67
N LEU C 698 -15.78 0.82 42.56
CA LEU C 698 -15.08 -0.42 42.20
C LEU C 698 -16.00 -1.58 41.89
N ASP C 699 -15.47 -2.52 41.10
CA ASP C 699 -16.14 -3.77 40.74
C ASP C 699 -17.48 -3.57 40.06
N SER C 700 -17.56 -2.54 39.24
CA SER C 700 -18.73 -2.21 38.47
C SER C 700 -18.30 -1.38 37.27
N CYS C 701 -19.18 -1.25 36.26
CA CYS C 701 -18.87 -0.45 35.07
C CYS C 701 -19.12 1.03 35.38
N THR C 702 -18.08 1.84 35.13
CA THR C 702 -18.13 3.25 35.45
C THR C 702 -17.55 4.15 34.37
N ASP C 703 -18.01 5.40 34.36
CA ASP C 703 -17.49 6.45 33.50
C ASP C 703 -16.45 7.20 34.30
N TYR C 704 -15.18 6.98 34.01
CA TYR C 704 -14.14 7.53 34.85
C TYR C 704 -13.36 8.68 34.25
N ASN C 705 -12.78 9.48 35.14
CA ASN C 705 -11.82 10.53 34.84
C ASN C 705 -10.71 10.43 35.86
N ILE C 706 -9.62 9.78 35.47
CA ILE C 706 -8.52 9.49 36.37
C ILE C 706 -7.25 10.22 35.97
N TYR C 707 -6.88 11.21 36.76
CA TYR C 707 -5.73 12.04 36.49
C TYR C 707 -5.76 12.59 35.07
N GLY C 708 -6.93 12.98 34.60
CA GLY C 708 -7.10 13.57 33.27
C GLY C 708 -7.45 12.57 32.16
N ARG C 709 -7.38 11.28 32.44
CA ARG C 709 -7.68 10.26 31.44
C ARG C 709 -9.12 9.79 31.55
N THR C 710 -9.93 9.94 30.48
CA THR C 710 -11.31 9.51 30.66
C THR C 710 -11.66 8.29 29.81
N GLY C 711 -12.75 7.62 30.19
CA GLY C 711 -13.24 6.46 29.45
C GLY C 711 -14.20 5.63 30.29
N VAL C 712 -14.62 4.49 29.75
CA VAL C 712 -15.56 3.61 30.44
C VAL C 712 -14.95 2.25 30.68
N GLY C 713 -15.06 1.75 31.90
CA GLY C 713 -14.48 0.46 32.22
C GLY C 713 -14.76 0.04 33.64
N VAL C 714 -14.18 -1.08 34.02
CA VAL C 714 -14.35 -1.63 35.34
C VAL C 714 -13.05 -1.50 36.08
N ILE C 715 -13.09 -0.89 37.25
CA ILE C 715 -11.88 -0.65 38.00
C ILE C 715 -11.83 -1.57 39.21
N ARG C 716 -10.73 -2.30 39.34
CA ARG C 716 -10.60 -3.25 40.43
C ARG C 716 -9.30 -3.08 41.19
N GLN C 717 -9.31 -3.39 42.46
CA GLN C 717 -8.08 -3.34 43.23
C GLN C 717 -7.25 -4.57 42.95
N THR C 718 -5.96 -4.38 42.73
CA THR C 718 -5.08 -5.53 42.51
C THR C 718 -4.16 -5.69 43.72
N ASN C 719 -3.45 -6.83 43.78
CA ASN C 719 -2.44 -7.12 44.81
C ASN C 719 -1.02 -6.98 44.27
N SER C 720 -0.86 -6.35 43.08
CA SER C 720 0.41 -6.12 42.41
C SER C 720 1.18 -4.98 43.04
N THR C 721 2.47 -4.92 42.78
CA THR C 721 3.27 -3.78 43.24
C THR C 721 4.10 -3.20 42.12
N LEU C 722 4.00 -1.88 41.94
CA LEU C 722 4.83 -1.15 41.02
C LEU C 722 5.34 0.07 41.76
N LEU C 723 6.64 0.18 41.91
CA LEU C 723 7.19 1.23 42.74
C LEU C 723 7.12 2.60 42.10
N SER C 724 7.36 2.66 40.82
CA SER C 724 7.42 3.93 40.11
C SER C 724 6.13 4.29 39.41
N GLY C 725 5.92 5.59 39.27
CA GLY C 725 4.83 6.10 38.46
C GLY C 725 3.54 6.37 39.20
N LEU C 726 2.63 7.05 38.51
CA LEU C 726 1.32 7.35 39.03
C LEU C 726 0.25 6.57 38.28
N TYR C 727 0.44 6.42 36.98
CA TYR C 727 -0.51 5.66 36.17
C TYR C 727 0.17 4.99 35.00
N TYR C 728 -0.47 3.95 34.47
CA TYR C 728 0.12 3.12 33.44
C TYR C 728 -0.85 3.00 32.26
N THR C 729 -0.32 3.12 31.04
CA THR C 729 -1.12 3.05 29.83
C THR C 729 -0.59 2.03 28.85
N SER C 730 -1.41 1.73 27.86
CA SER C 730 -1.10 0.83 26.75
C SER C 730 -0.52 1.54 25.55
N LEU C 731 -0.07 0.73 24.59
CA LEU C 731 0.45 1.19 23.31
C LEU C 731 -0.57 2.01 22.52
N SER C 732 -1.85 1.75 22.71
CA SER C 732 -2.91 2.50 22.05
C SER C 732 -3.24 3.80 22.76
N GLY C 733 -2.65 4.02 23.94
CA GLY C 733 -2.90 5.22 24.74
C GLY C 733 -3.97 5.06 25.83
N ASP C 734 -4.58 3.89 25.88
CA ASP C 734 -5.62 3.59 26.86
C ASP C 734 -5.08 3.38 28.25
N LEU C 735 -5.89 3.69 29.27
CA LEU C 735 -5.49 3.50 30.65
C LEU C 735 -5.60 2.04 31.06
N LEU C 736 -4.52 1.49 31.61
CA LEU C 736 -4.54 0.09 32.05
C LEU C 736 -4.55 -0.05 33.55
N GLY C 737 -4.10 0.97 34.26
CA GLY C 737 -4.09 0.92 35.71
C GLY C 737 -3.56 2.22 36.31
N PHE C 738 -3.72 2.37 37.62
CA PHE C 738 -3.25 3.56 38.30
C PHE C 738 -2.94 3.31 39.76
N LYS C 739 -2.16 4.21 40.35
CA LYS C 739 -1.82 4.11 41.75
C LYS C 739 -2.62 5.09 42.62
N ASN C 740 -3.03 4.66 43.82
CA ASN C 740 -3.58 5.51 44.85
C ASN C 740 -2.43 6.10 45.67
N VAL C 741 -2.14 7.39 45.50
CA VAL C 741 -1.00 8.07 46.12
C VAL C 741 -1.01 8.08 47.65
N SER C 742 -2.15 7.75 48.24
CA SER C 742 -2.24 7.75 49.69
C SER C 742 -1.71 6.47 50.34
N ASP C 743 -1.65 5.36 49.59
CA ASP C 743 -1.19 4.12 50.20
C ASP C 743 -0.44 3.15 49.29
N GLY C 744 -0.27 3.50 48.02
CA GLY C 744 0.50 2.68 47.09
C GLY C 744 -0.31 1.57 46.40
N VAL C 745 -1.61 1.53 46.62
CA VAL C 745 -2.43 0.50 46.01
C VAL C 745 -2.58 0.69 44.51
N ILE C 746 -2.41 -0.40 43.77
CA ILE C 746 -2.54 -0.40 42.32
C ILE C 746 -3.92 -0.88 41.92
N TYR C 747 -4.56 -0.13 41.04
CA TYR C 747 -5.86 -0.48 40.49
C TYR C 747 -5.72 -0.83 39.03
N SER C 748 -6.49 -1.81 38.56
CA SER C 748 -6.48 -2.13 37.14
C SER C 748 -7.76 -1.65 36.50
N VAL C 749 -7.68 -1.31 35.22
CA VAL C 749 -8.85 -0.84 34.51
C VAL C 749 -9.06 -1.70 33.26
N THR C 750 -10.24 -2.29 33.12
CA THR C 750 -10.52 -3.12 31.95
C THR C 750 -11.81 -2.63 31.28
N PRO C 751 -12.05 -2.92 30.00
CA PRO C 751 -13.29 -2.65 29.29
C PRO C 751 -14.48 -3.34 29.94
N CYS C 752 -15.67 -2.72 29.86
CA CYS C 752 -16.93 -3.29 30.39
C CYS C 752 -17.46 -4.34 29.42
N ASP C 753 -17.02 -4.23 28.18
CA ASP C 753 -17.45 -5.05 27.07
C ASP C 753 -16.28 -5.45 26.20
N VAL C 754 -16.34 -6.67 25.67
CA VAL C 754 -15.28 -7.17 24.83
C VAL C 754 -15.82 -7.72 23.53
N SER C 755 -14.94 -7.97 22.57
CA SER C 755 -15.32 -8.60 21.33
C SER C 755 -15.69 -10.05 21.57
N ALA C 756 -16.57 -10.59 20.75
CA ALA C 756 -16.94 -12.00 20.85
C ALA C 756 -17.23 -12.55 19.46
N GLN C 757 -17.08 -13.86 19.30
CA GLN C 757 -17.37 -14.49 18.00
C GLN C 757 -18.69 -15.24 18.04
N ALA C 758 -19.68 -14.76 17.31
CA ALA C 758 -20.97 -15.41 17.29
C ALA C 758 -20.96 -16.53 16.27
N ALA C 759 -21.42 -17.71 16.68
CA ALA C 759 -21.50 -18.86 15.79
C ALA C 759 -22.88 -18.89 15.18
N VAL C 760 -22.95 -18.64 13.87
CA VAL C 760 -24.24 -18.56 13.20
C VAL C 760 -24.44 -19.71 12.21
N ILE C 761 -25.48 -20.49 12.45
CA ILE C 761 -25.82 -21.62 11.60
C ILE C 761 -27.26 -21.55 11.15
N ASP C 762 -27.47 -21.55 9.84
CA ASP C 762 -28.77 -21.50 9.21
C ASP C 762 -29.64 -20.34 9.69
N GLY C 763 -29.00 -19.17 9.82
CA GLY C 763 -29.70 -17.94 10.17
C GLY C 763 -29.99 -17.75 11.66
N ALA C 764 -29.24 -18.40 12.53
CA ALA C 764 -29.49 -18.25 13.95
C ALA C 764 -28.20 -18.33 14.74
N ILE C 765 -28.17 -17.69 15.90
CA ILE C 765 -27.01 -17.78 16.77
C ILE C 765 -27.17 -19.02 17.62
N VAL C 766 -26.19 -19.90 17.57
CA VAL C 766 -26.27 -21.15 18.31
C VAL C 766 -25.25 -21.20 19.43
N GLY C 767 -24.42 -20.17 19.49
CA GLY C 767 -23.40 -20.06 20.52
C GLY C 767 -22.45 -18.93 20.23
N ALA C 768 -21.55 -18.66 21.18
CA ALA C 768 -20.56 -17.61 21.01
C ALA C 768 -19.31 -17.84 21.85
N MET C 769 -18.19 -17.33 21.35
CA MET C 769 -16.89 -17.42 22.00
C MET C 769 -16.62 -16.11 22.72
N THR C 770 -16.43 -16.15 24.04
CA THR C 770 -16.20 -14.92 24.79
C THR C 770 -15.16 -15.06 25.88
N SER C 771 -14.57 -13.94 26.30
CA SER C 771 -13.62 -13.95 27.40
C SER C 771 -14.28 -13.68 28.75
N ILE C 772 -15.50 -13.16 28.73
CA ILE C 772 -16.20 -12.83 29.97
C ILE C 772 -17.21 -13.90 30.28
N ASN C 773 -17.20 -14.39 31.51
CA ASN C 773 -18.15 -15.41 31.90
C ASN C 773 -19.50 -14.78 32.23
N SER C 774 -20.18 -14.30 31.20
CA SER C 774 -21.47 -13.62 31.32
C SER C 774 -22.36 -13.89 30.13
N GLU C 775 -23.66 -13.99 30.37
CA GLU C 775 -24.61 -14.26 29.32
C GLU C 775 -24.58 -13.19 28.24
N LEU C 776 -24.57 -13.63 26.98
CA LEU C 776 -24.54 -12.72 25.84
C LEU C 776 -25.41 -13.26 24.71
N LEU C 777 -26.03 -12.37 23.94
CA LEU C 777 -26.76 -12.74 22.74
C LEU C 777 -27.96 -13.65 23.00
N GLY C 778 -28.45 -13.69 24.23
CA GLY C 778 -29.61 -14.50 24.57
C GLY C 778 -29.23 -15.94 24.89
N LEU C 779 -27.94 -16.22 24.92
CA LEU C 779 -27.42 -17.54 25.21
C LEU C 779 -27.24 -17.68 26.71
N THR C 780 -27.82 -18.73 27.28
CA THR C 780 -27.76 -18.91 28.74
C THR C 780 -26.95 -20.11 29.19
N HIS C 781 -26.65 -21.05 28.31
CA HIS C 781 -25.95 -22.25 28.74
C HIS C 781 -24.49 -22.07 28.42
N TRP C 782 -23.61 -22.68 29.19
CA TRP C 782 -22.20 -22.53 28.85
C TRP C 782 -21.30 -23.61 29.40
N THR C 783 -20.12 -23.68 28.79
CA THR C 783 -19.05 -24.55 29.20
C THR C 783 -17.74 -23.80 29.13
N THR C 784 -16.74 -24.27 29.84
CA THR C 784 -15.44 -23.62 29.81
C THR C 784 -14.46 -24.50 29.09
N THR C 785 -13.78 -23.89 28.13
CA THR C 785 -12.72 -24.57 27.34
C THR C 785 -11.39 -23.91 27.76
N PRO C 786 -10.24 -24.34 27.21
CA PRO C 786 -8.92 -23.81 27.64
C PRO C 786 -8.58 -22.33 27.35
N ASN C 787 -9.12 -21.72 26.29
CA ASN C 787 -8.71 -20.35 25.91
C ASN C 787 -9.91 -19.40 25.86
N PHE C 788 -11.10 -19.87 26.23
CA PHE C 788 -12.34 -19.08 26.13
C PHE C 788 -13.54 -19.71 26.83
N TYR C 789 -14.56 -18.90 27.05
CA TYR C 789 -15.83 -19.43 27.52
C TYR C 789 -16.74 -19.62 26.33
N TYR C 790 -17.52 -20.69 26.34
CA TYR C 790 -18.43 -20.89 25.23
C TYR C 790 -19.87 -20.91 25.69
N TYR C 791 -20.64 -19.99 25.14
CA TYR C 791 -22.06 -19.87 25.43
C TYR C 791 -22.86 -20.51 24.33
N SER C 792 -23.98 -21.11 24.68
CA SER C 792 -24.75 -21.83 23.69
C SER C 792 -26.23 -21.98 23.97
N ILE C 793 -26.88 -22.62 23.01
CA ILE C 793 -28.27 -23.01 23.09
C ILE C 793 -28.36 -24.47 23.52
N TYR C 794 -27.21 -25.15 23.45
CA TYR C 794 -27.06 -26.55 23.84
C TYR C 794 -27.15 -26.61 25.37
N ASN C 795 -27.80 -27.69 25.87
CA ASN C 795 -28.02 -27.79 27.34
C ASN C 795 -26.74 -28.27 28.06
N TYR C 796 -25.91 -27.28 28.43
CA TYR C 796 -24.68 -27.46 29.22
C TYR C 796 -25.00 -27.32 30.71
N THR C 797 -24.27 -28.06 31.56
CA THR C 797 -24.44 -28.05 33.00
C THR C 797 -23.39 -27.12 33.66
N VAL C 811 -19.83 -34.94 22.95
CA VAL C 811 -21.18 -34.88 22.40
C VAL C 811 -21.34 -35.84 21.19
N ASP C 812 -20.25 -36.03 20.41
CA ASP C 812 -20.20 -36.87 19.20
C ASP C 812 -21.20 -36.48 18.10
N CYS C 813 -21.23 -35.17 17.78
CA CYS C 813 -22.06 -34.58 16.73
C CYS C 813 -21.17 -34.06 15.59
N GLU C 814 -21.76 -33.93 14.41
CA GLU C 814 -21.03 -33.40 13.26
C GLU C 814 -21.04 -31.87 13.23
N PRO C 815 -19.89 -31.21 13.12
CA PRO C 815 -19.74 -29.77 13.07
C PRO C 815 -20.24 -29.27 11.73
N ILE C 816 -20.78 -28.06 11.72
CA ILE C 816 -21.21 -27.42 10.49
C ILE C 816 -20.16 -26.41 10.08
N ILE C 817 -19.70 -25.62 11.05
CA ILE C 817 -18.70 -24.61 10.80
C ILE C 817 -17.49 -24.91 11.67
N THR C 818 -16.29 -24.71 11.13
CA THR C 818 -15.05 -25.03 11.85
C THR C 818 -13.92 -24.06 11.55
N TYR C 819 -13.07 -23.84 12.55
CA TYR C 819 -11.79 -23.15 12.39
C TYR C 819 -10.78 -23.86 13.27
N SER C 820 -9.59 -24.12 12.76
CA SER C 820 -8.60 -24.83 13.55
C SER C 820 -9.17 -26.15 14.02
N ASN C 821 -9.05 -26.44 15.31
CA ASN C 821 -9.58 -27.67 15.84
C ASN C 821 -10.89 -27.46 16.60
N ILE C 822 -11.54 -26.33 16.36
CA ILE C 822 -12.79 -25.99 17.03
C ILE C 822 -13.97 -26.02 16.07
N GLY C 823 -14.93 -26.90 16.33
CA GLY C 823 -16.09 -26.98 15.46
C GLY C 823 -17.41 -26.77 16.21
N VAL C 824 -18.39 -26.22 15.51
CA VAL C 824 -19.70 -26.00 16.11
C VAL C 824 -20.78 -26.76 15.34
N CYS C 825 -21.54 -27.60 16.06
CA CYS C 825 -22.60 -28.45 15.54
C CYS C 825 -23.91 -27.70 15.35
N LYS C 826 -24.83 -28.30 14.62
CA LYS C 826 -26.12 -27.70 14.35
C LYS C 826 -26.90 -27.36 15.62
N ASN C 827 -26.75 -28.18 16.64
CA ASN C 827 -27.47 -27.99 17.89
C ASN C 827 -26.72 -27.09 18.87
N GLY C 828 -25.64 -26.46 18.42
CA GLY C 828 -24.89 -25.52 19.23
C GLY C 828 -23.76 -26.15 20.01
N ALA C 829 -23.70 -27.47 20.03
CA ALA C 829 -22.66 -28.15 20.76
C ALA C 829 -21.30 -27.82 20.21
N LEU C 830 -20.33 -27.71 21.09
CA LEU C 830 -18.96 -27.47 20.68
C LEU C 830 -18.22 -28.80 20.67
N VAL C 831 -17.46 -29.04 19.62
CA VAL C 831 -16.64 -30.23 19.55
C VAL C 831 -15.22 -29.91 19.15
N PHE C 832 -14.29 -30.79 19.52
CA PHE C 832 -12.93 -30.60 19.09
C PHE C 832 -12.56 -31.60 18.01
N ILE C 833 -11.82 -31.11 17.04
CA ILE C 833 -11.50 -31.84 15.82
C ILE C 833 -10.06 -32.36 15.76
N ASN C 834 -9.91 -33.66 15.46
CA ASN C 834 -8.63 -34.36 15.35
C ASN C 834 -8.10 -34.03 13.93
N VAL C 835 -7.02 -34.73 13.54
CA VAL C 835 -6.36 -34.60 12.24
C VAL C 835 -6.61 -35.86 11.47
N THR C 836 -6.79 -35.74 10.18
CA THR C 836 -7.11 -36.91 9.39
C THR C 836 -6.19 -38.10 9.53
N HIS C 837 -6.78 -39.27 9.69
CA HIS C 837 -6.01 -40.50 9.79
C HIS C 837 -6.06 -41.25 8.47
N SER C 838 -5.00 -41.98 8.19
CA SER C 838 -4.95 -42.83 7.01
C SER C 838 -4.21 -44.11 7.33
N ASP C 839 -4.22 -45.07 6.43
CA ASP C 839 -3.54 -46.32 6.70
C ASP C 839 -2.03 -46.12 6.69
N GLY C 840 -1.57 -45.28 5.78
CA GLY C 840 -0.15 -45.00 5.63
C GLY C 840 0.30 -45.28 4.21
N ASP C 841 1.51 -44.84 3.87
CA ASP C 841 2.05 -45.04 2.54
C ASP C 841 2.63 -46.43 2.39
N VAL C 842 2.56 -46.97 1.18
CA VAL C 842 3.19 -48.25 0.87
C VAL C 842 4.69 -48.04 0.70
N GLN C 843 5.50 -48.80 1.44
CA GLN C 843 6.94 -48.62 1.38
C GLN C 843 7.58 -49.65 0.46
N PRO C 844 8.76 -49.36 -0.12
CA PRO C 844 9.53 -50.23 -1.00
C PRO C 844 10.25 -51.33 -0.24
N ILE C 845 9.47 -52.17 0.40
CA ILE C 845 9.95 -53.27 1.19
C ILE C 845 9.72 -54.59 0.47
N SER C 846 10.77 -55.40 0.36
CA SER C 846 10.67 -56.70 -0.28
C SER C 846 11.38 -57.74 0.57
N THR C 847 11.22 -57.64 1.88
CA THR C 847 11.98 -58.47 2.80
C THR C 847 11.22 -59.46 3.68
N GLY C 848 9.90 -59.35 3.77
CA GLY C 848 9.12 -60.22 4.65
C GLY C 848 7.67 -60.15 4.19
N ASN C 849 6.69 -60.26 5.14
CA ASN C 849 5.29 -60.08 4.74
C ASN C 849 5.10 -58.56 4.45
N VAL C 850 4.39 -58.34 3.30
CA VAL C 850 4.12 -56.98 2.80
C VAL C 850 2.72 -56.88 2.24
N THR C 851 2.16 -55.67 2.25
CA THR C 851 0.84 -55.45 1.70
C THR C 851 0.84 -54.64 0.42
N ILE C 852 0.14 -55.15 -0.58
CA ILE C 852 0.02 -54.52 -1.88
C ILE C 852 -1.45 -54.14 -2.11
N PRO C 853 -1.77 -52.89 -2.43
CA PRO C 853 -3.12 -52.43 -2.68
C PRO C 853 -3.74 -53.34 -3.74
N THR C 854 -4.95 -53.84 -3.49
CA THR C 854 -5.53 -54.82 -4.43
C THR C 854 -6.91 -54.48 -5.00
N ASN C 855 -7.91 -54.24 -4.14
CA ASN C 855 -9.29 -53.97 -4.51
C ASN C 855 -9.49 -52.46 -4.63
N PHE C 856 -9.72 -51.95 -5.85
CA PHE C 856 -9.80 -50.50 -6.13
C PHE C 856 -11.16 -49.97 -6.55
N THR C 857 -11.42 -48.72 -6.19
CA THR C 857 -12.58 -47.96 -6.64
C THR C 857 -12.13 -46.59 -7.12
N ILE C 858 -13.09 -45.73 -7.48
CA ILE C 858 -12.78 -44.39 -7.98
C ILE C 858 -13.19 -43.26 -7.05
N SER C 859 -12.28 -42.33 -6.90
CA SER C 859 -12.49 -41.10 -6.15
C SER C 859 -12.20 -39.91 -7.06
N VAL C 860 -13.08 -38.92 -7.05
CA VAL C 860 -12.85 -37.75 -7.88
C VAL C 860 -12.68 -36.49 -7.04
N GLN C 861 -11.53 -35.86 -7.21
CA GLN C 861 -11.18 -34.66 -6.45
C GLN C 861 -11.23 -33.45 -7.35
N VAL C 862 -11.72 -32.34 -6.83
CA VAL C 862 -11.90 -31.16 -7.68
C VAL C 862 -11.16 -29.95 -7.14
N GLU C 863 -10.41 -29.28 -8.01
CA GLU C 863 -9.73 -28.05 -7.57
C GLU C 863 -9.79 -26.93 -8.60
N TYR C 864 -9.73 -25.70 -8.09
CA TYR C 864 -9.74 -24.50 -8.90
C TYR C 864 -8.43 -23.76 -8.87
N ILE C 865 -7.94 -23.41 -10.05
CA ILE C 865 -6.73 -22.61 -10.17
C ILE C 865 -7.01 -21.38 -11.01
N GLN C 866 -6.63 -20.20 -10.51
CA GLN C 866 -6.83 -18.97 -11.26
C GLN C 866 -5.77 -18.82 -12.33
N VAL C 867 -6.20 -18.48 -13.53
CA VAL C 867 -5.32 -18.34 -14.68
C VAL C 867 -5.10 -16.88 -15.05
N TYR C 868 -6.16 -16.09 -14.98
CA TYR C 868 -6.06 -14.70 -15.41
C TYR C 868 -6.91 -13.77 -14.57
N THR C 869 -6.54 -12.49 -14.57
CA THR C 869 -7.29 -11.43 -13.91
C THR C 869 -8.13 -10.72 -14.94
N THR C 870 -9.00 -9.82 -14.50
CA THR C 870 -9.78 -8.98 -15.42
C THR C 870 -9.15 -7.58 -15.48
N PRO C 871 -8.35 -7.25 -16.52
CA PRO C 871 -7.60 -6.02 -16.65
C PRO C 871 -8.48 -4.79 -16.78
N VAL C 872 -8.00 -3.70 -16.23
CA VAL C 872 -8.69 -2.43 -16.29
C VAL C 872 -7.79 -1.36 -16.88
N SER C 873 -8.29 -0.64 -17.85
CA SER C 873 -7.59 0.46 -18.47
C SER C 873 -8.13 1.76 -17.92
N ILE C 874 -7.27 2.58 -17.37
CA ILE C 874 -7.77 3.82 -16.79
C ILE C 874 -7.25 5.04 -17.50
N ASP C 875 -8.18 5.93 -17.83
CA ASP C 875 -7.89 7.22 -18.41
C ASP C 875 -7.58 8.18 -17.27
N CYS C 876 -6.28 8.45 -17.02
CA CYS C 876 -5.84 9.22 -15.84
C CYS C 876 -6.43 10.61 -15.89
N ALA C 877 -6.37 11.29 -17.01
CA ALA C 877 -6.84 12.64 -17.07
C ALA C 877 -8.32 12.71 -16.75
N ARG C 878 -9.11 11.78 -17.28
CA ARG C 878 -10.55 11.80 -17.03
C ARG C 878 -10.92 11.43 -15.60
N TYR C 879 -10.21 10.48 -15.02
CA TYR C 879 -10.48 10.10 -13.64
C TYR C 879 -10.25 11.27 -12.70
N VAL C 880 -9.10 11.93 -12.84
CA VAL C 880 -8.74 13.03 -11.96
C VAL C 880 -9.53 14.31 -12.26
N CYS C 881 -9.59 14.74 -13.49
CA CYS C 881 -10.21 15.90 -14.10
C CYS C 881 -11.42 15.54 -14.86
N ASN C 882 -12.61 15.58 -14.43
CA ASN C 882 -13.75 14.99 -15.11
C ASN C 882 -14.24 15.79 -16.31
N GLY C 883 -13.41 15.83 -17.36
CA GLY C 883 -13.73 16.51 -18.61
C GLY C 883 -13.71 18.03 -18.47
N ASN C 884 -12.87 18.54 -17.57
CA ASN C 884 -12.83 19.98 -17.34
C ASN C 884 -11.53 20.58 -17.90
N PRO C 885 -11.58 21.35 -18.99
CA PRO C 885 -10.45 21.95 -19.69
C PRO C 885 -9.55 22.78 -18.80
N ARG C 886 -10.07 23.30 -17.70
CA ARG C 886 -9.25 24.13 -16.82
C ARG C 886 -8.41 23.28 -15.84
N CYS C 887 -8.99 22.17 -15.36
CA CYS C 887 -8.34 21.19 -14.49
C CYS C 887 -7.26 20.48 -15.30
N ASN C 888 -7.59 20.20 -16.56
CA ASN C 888 -6.67 19.51 -17.44
C ASN C 888 -5.39 20.29 -17.64
N LYS C 889 -5.47 21.62 -17.59
CA LYS C 889 -4.27 22.44 -17.72
C LYS C 889 -3.44 22.35 -16.46
N LEU C 890 -4.08 22.38 -15.29
CA LEU C 890 -3.34 22.28 -14.03
C LEU C 890 -2.63 20.93 -13.96
N LEU C 891 -3.28 19.92 -14.49
CA LEU C 891 -2.79 18.56 -14.44
C LEU C 891 -1.55 18.32 -15.29
N THR C 892 -1.17 19.25 -16.18
CA THR C 892 0.00 19.01 -17.01
C THR C 892 1.25 19.10 -16.15
N GLN C 893 1.13 19.65 -14.95
CA GLN C 893 2.25 19.75 -14.04
C GLN C 893 2.55 18.38 -13.45
N TYR C 894 1.59 17.48 -13.65
CA TYR C 894 1.65 16.12 -13.18
C TYR C 894 1.65 15.18 -14.39
N VAL C 895 2.07 15.67 -15.55
CA VAL C 895 2.06 14.85 -16.75
C VAL C 895 2.86 13.57 -16.58
N SER C 896 3.94 13.63 -15.81
CA SER C 896 4.73 12.43 -15.55
C SER C 896 4.01 11.46 -14.62
N ALA C 897 3.08 11.97 -13.79
CA ALA C 897 2.35 11.10 -12.88
C ALA C 897 1.36 10.22 -13.66
N CYS C 898 0.63 10.83 -14.62
CA CYS C 898 -0.30 10.11 -15.47
C CYS C 898 0.43 9.17 -16.41
N GLN C 899 1.59 9.59 -16.90
CA GLN C 899 2.37 8.74 -17.78
C GLN C 899 2.74 7.44 -17.06
N THR C 900 3.19 7.55 -15.81
CA THR C 900 3.58 6.38 -15.03
C THR C 900 2.39 5.46 -14.75
N ILE C 901 1.26 6.04 -14.36
CA ILE C 901 0.08 5.25 -14.04
C ILE C 901 -0.45 4.48 -15.23
N GLU C 902 -0.57 5.15 -16.36
CA GLU C 902 -1.09 4.52 -17.54
C GLU C 902 -0.13 3.49 -18.12
N GLN C 903 1.17 3.79 -18.08
CA GLN C 903 2.16 2.88 -18.60
C GLN C 903 2.20 1.59 -17.78
N ALA C 904 2.12 1.72 -16.46
CA ALA C 904 2.19 0.56 -15.60
C ALA C 904 1.01 -0.38 -15.83
N LEU C 905 -0.19 0.17 -15.99
CA LEU C 905 -1.34 -0.69 -16.22
C LEU C 905 -1.32 -1.30 -17.62
N ALA C 906 -0.92 -0.51 -18.60
CA ALA C 906 -0.89 -0.99 -19.97
C ALA C 906 0.13 -2.11 -20.14
N MET C 907 1.27 -2.00 -19.46
CA MET C 907 2.29 -3.01 -19.57
C MET C 907 1.89 -4.28 -18.86
N GLY C 908 1.23 -4.15 -17.72
CA GLY C 908 0.77 -5.31 -16.99
C GLY C 908 -0.19 -6.12 -17.86
N ALA C 909 -1.17 -5.43 -18.44
CA ALA C 909 -2.17 -6.09 -19.29
C ALA C 909 -1.53 -6.72 -20.52
N ARG C 910 -0.53 -6.06 -21.10
CA ARG C 910 0.14 -6.62 -22.27
C ARG C 910 0.87 -7.90 -21.95
N LEU C 911 1.60 -7.93 -20.85
CA LEU C 911 2.35 -9.12 -20.49
C LEU C 911 1.43 -10.28 -20.17
N GLU C 912 0.34 -10.01 -19.46
CA GLU C 912 -0.61 -11.07 -19.14
C GLU C 912 -1.24 -11.64 -20.40
N ASN C 913 -1.58 -10.77 -21.33
CA ASN C 913 -2.19 -11.17 -22.58
C ASN C 913 -1.30 -12.16 -23.31
N MET C 914 -0.01 -11.83 -23.44
CA MET C 914 0.92 -12.71 -24.13
C MET C 914 1.07 -14.06 -23.45
N GLU C 915 1.10 -14.06 -22.12
CA GLU C 915 1.26 -15.29 -21.36
C GLU C 915 0.09 -16.24 -21.55
N VAL C 916 -1.13 -15.70 -21.62
CA VAL C 916 -2.31 -16.53 -21.84
C VAL C 916 -2.38 -17.03 -23.28
N ASP C 917 -2.09 -16.16 -24.26
CA ASP C 917 -2.14 -16.59 -25.65
C ASP C 917 -1.18 -17.73 -25.96
N SER C 918 -0.06 -17.79 -25.26
CA SER C 918 0.93 -18.84 -25.48
C SER C 918 0.56 -20.15 -24.77
N MET C 919 -0.47 -20.10 -23.92
CA MET C 919 -0.90 -21.26 -23.14
C MET C 919 -2.04 -22.01 -23.80
N LEU C 920 -3.04 -21.26 -24.28
CA LEU C 920 -4.25 -21.89 -24.79
C LEU C 920 -4.14 -22.23 -26.27
N PHE C 921 -4.53 -23.45 -26.61
CA PHE C 921 -4.53 -23.95 -27.99
C PHE C 921 -5.57 -25.05 -28.12
N VAL C 922 -5.99 -25.35 -29.35
CA VAL C 922 -6.90 -26.46 -29.57
C VAL C 922 -6.42 -27.37 -30.68
N SER C 923 -6.97 -28.57 -30.71
CA SER C 923 -6.78 -29.49 -31.83
C SER C 923 -8.10 -29.64 -32.55
N GLU C 924 -8.11 -29.41 -33.84
CA GLU C 924 -9.36 -29.43 -34.59
C GLU C 924 -10.11 -30.76 -34.49
N ASN C 925 -9.39 -31.88 -34.54
CA ASN C 925 -10.06 -33.18 -34.51
C ASN C 925 -10.56 -33.51 -33.10
N ALA C 926 -9.79 -33.11 -32.10
CA ALA C 926 -10.19 -33.36 -30.73
C ALA C 926 -11.43 -32.57 -30.41
N LEU C 927 -11.50 -31.36 -30.93
CA LEU C 927 -12.60 -30.46 -30.66
C LEU C 927 -13.89 -30.99 -31.29
N LYS C 928 -13.77 -31.69 -32.42
CA LYS C 928 -14.92 -32.32 -33.06
C LYS C 928 -15.51 -33.43 -32.20
N LEU C 929 -14.64 -34.19 -31.54
CA LEU C 929 -15.05 -35.30 -30.69
C LEU C 929 -15.50 -34.84 -29.31
N ALA C 930 -15.03 -33.68 -28.87
CA ALA C 930 -15.26 -33.21 -27.51
C ALA C 930 -16.64 -32.62 -27.29
N SER C 931 -17.64 -33.47 -27.32
CA SER C 931 -19.01 -33.08 -27.03
C SER C 931 -19.80 -34.28 -26.54
N VAL C 932 -20.87 -34.01 -25.81
CA VAL C 932 -21.70 -35.11 -25.32
C VAL C 932 -22.33 -35.85 -26.48
N GLU C 933 -22.83 -35.12 -27.47
CA GLU C 933 -23.47 -35.73 -28.61
C GLU C 933 -22.51 -36.59 -29.40
N ALA C 934 -21.25 -36.16 -29.52
CA ALA C 934 -20.27 -36.96 -30.24
C ALA C 934 -19.98 -38.25 -29.49
N PHE C 935 -19.84 -38.16 -28.17
CA PHE C 935 -19.57 -39.34 -27.36
C PHE C 935 -20.70 -40.36 -27.37
N ASN C 936 -21.96 -39.88 -27.35
CA ASN C 936 -23.15 -40.74 -27.34
C ASN C 936 -23.46 -41.37 -28.72
N SER C 937 -22.72 -41.01 -29.79
CA SER C 937 -22.95 -41.52 -31.16
C SER C 937 -21.98 -42.66 -31.48
N THR C 938 -22.27 -43.37 -32.56
CA THR C 938 -21.39 -44.45 -33.03
C THR C 938 -20.62 -44.06 -34.28
N GLU C 939 -21.07 -43.03 -34.97
CA GLU C 939 -20.52 -42.67 -36.27
C GLU C 939 -19.05 -42.27 -36.27
N ASN C 940 -18.54 -41.83 -35.13
CA ASN C 940 -17.14 -41.33 -35.12
C ASN C 940 -16.20 -42.44 -34.63
N LEU C 941 -16.75 -43.63 -34.36
CA LEU C 941 -15.96 -44.71 -33.81
C LEU C 941 -15.25 -45.54 -34.88
N ASP C 942 -13.98 -45.86 -34.64
CA ASP C 942 -13.22 -46.74 -35.52
C ASP C 942 -13.87 -48.15 -35.57
N PRO C 943 -14.07 -48.74 -36.76
CA PRO C 943 -14.69 -50.04 -37.01
C PRO C 943 -14.18 -51.23 -36.18
N ILE C 944 -12.93 -51.20 -35.71
CA ILE C 944 -12.47 -52.36 -34.94
C ILE C 944 -13.13 -52.42 -33.57
N TYR C 945 -13.84 -51.36 -33.22
CA TYR C 945 -14.55 -51.27 -31.97
C TYR C 945 -16.04 -51.42 -32.18
N LYS C 946 -16.42 -52.11 -33.26
CA LYS C 946 -17.83 -52.33 -33.56
C LYS C 946 -18.61 -53.03 -32.44
N GLU C 947 -17.89 -53.65 -31.51
CA GLU C 947 -18.48 -54.35 -30.37
C GLU C 947 -18.83 -53.39 -29.21
N TRP C 948 -18.46 -52.11 -29.36
CA TRP C 948 -18.75 -51.07 -28.38
C TRP C 948 -19.82 -50.14 -28.99
N PRO C 949 -20.92 -49.87 -28.29
CA PRO C 949 -22.06 -49.10 -28.79
C PRO C 949 -21.76 -47.63 -29.07
N ASN C 950 -20.79 -47.06 -28.38
CA ASN C 950 -20.46 -45.65 -28.53
C ASN C 950 -19.12 -45.37 -27.84
N ILE C 951 -18.77 -44.09 -27.67
CA ILE C 951 -17.52 -43.78 -27.03
C ILE C 951 -17.74 -43.55 -25.55
N GLY C 952 -17.29 -44.47 -24.73
CA GLY C 952 -17.43 -44.32 -23.29
C GLY C 952 -18.84 -44.56 -22.78
N GLY C 953 -19.59 -45.45 -23.40
CA GLY C 953 -20.95 -45.71 -22.96
C GLY C 953 -21.00 -45.87 -21.45
N SER C 954 -20.17 -46.76 -20.92
CA SER C 954 -20.13 -47.04 -19.49
C SER C 954 -19.78 -45.79 -18.66
N TRP C 955 -18.90 -44.96 -19.19
CA TRP C 955 -18.39 -43.77 -18.50
C TRP C 955 -19.22 -42.52 -18.80
N LEU C 956 -20.18 -42.61 -19.72
CA LEU C 956 -20.96 -41.46 -20.16
C LEU C 956 -21.80 -40.87 -19.04
N GLY C 957 -22.22 -41.69 -18.10
CA GLY C 957 -23.03 -41.21 -17.00
C GLY C 957 -22.31 -40.14 -16.17
N GLY C 958 -21.00 -40.07 -16.29
CA GLY C 958 -20.20 -39.07 -15.59
C GLY C 958 -19.76 -38.00 -16.58
N LEU C 959 -19.29 -38.44 -17.74
CA LEU C 959 -18.75 -37.53 -18.74
C LEU C 959 -19.80 -36.55 -19.24
N LYS C 960 -21.06 -36.94 -19.26
CA LYS C 960 -22.10 -36.05 -19.75
C LYS C 960 -22.16 -34.70 -19.02
N ASP C 961 -21.65 -34.63 -17.78
CA ASP C 961 -21.71 -33.39 -17.02
C ASP C 961 -20.38 -32.61 -17.08
N ILE C 962 -19.40 -33.18 -17.76
CA ILE C 962 -18.08 -32.59 -17.93
C ILE C 962 -17.89 -32.10 -19.36
N LEU C 963 -18.35 -32.89 -20.32
CA LEU C 963 -18.23 -32.54 -21.73
C LEU C 963 -19.22 -31.42 -22.10
N PRO C 964 -18.90 -30.57 -23.07
CA PRO C 964 -19.76 -29.57 -23.66
C PRO C 964 -21.00 -30.17 -24.29
N SER C 965 -22.10 -29.44 -24.23
CA SER C 965 -23.33 -29.89 -24.85
C SER C 965 -23.96 -28.77 -25.65
N HIS C 966 -24.64 -29.12 -26.74
CA HIS C 966 -25.30 -28.10 -27.54
C HIS C 966 -26.64 -27.70 -26.94
N ASN C 967 -27.26 -28.63 -26.22
CA ASN C 967 -28.53 -28.35 -25.56
C ASN C 967 -28.25 -27.77 -24.17
N SER C 968 -27.71 -26.56 -24.15
CA SER C 968 -27.26 -25.92 -22.92
C SER C 968 -27.43 -24.41 -23.01
N LYS C 969 -27.06 -23.72 -21.93
CA LYS C 969 -27.15 -22.27 -21.86
C LYS C 969 -25.98 -21.67 -22.60
N ARG C 970 -26.13 -20.42 -23.04
CA ARG C 970 -25.05 -19.76 -23.76
C ARG C 970 -24.67 -20.69 -24.92
N LYS C 971 -23.39 -21.05 -25.04
CA LYS C 971 -22.98 -21.92 -26.12
C LYS C 971 -21.86 -22.87 -25.73
N TYR C 972 -22.02 -24.13 -26.08
CA TYR C 972 -20.95 -25.11 -25.98
C TYR C 972 -20.31 -25.20 -24.60
N ARG C 973 -21.12 -25.32 -23.54
CA ARG C 973 -20.56 -25.50 -22.21
C ARG C 973 -21.12 -26.75 -21.55
N SER C 974 -20.40 -27.24 -20.55
CA SER C 974 -20.80 -28.42 -19.80
C SER C 974 -21.78 -28.05 -18.69
N ALA C 975 -22.42 -29.06 -18.10
CA ALA C 975 -23.36 -28.79 -17.01
C ALA C 975 -22.67 -28.14 -15.82
N ILE C 976 -21.49 -28.63 -15.47
CA ILE C 976 -20.78 -28.05 -14.33
C ILE C 976 -20.37 -26.61 -14.60
N GLU C 977 -19.91 -26.31 -15.80
CA GLU C 977 -19.53 -24.94 -16.11
C GLU C 977 -20.72 -24.01 -15.98
N ASP C 978 -21.89 -24.43 -16.47
CA ASP C 978 -23.06 -23.58 -16.32
C ASP C 978 -23.37 -23.29 -14.86
N LEU C 979 -23.20 -24.30 -14.00
CA LEU C 979 -23.48 -24.08 -12.59
C LEU C 979 -22.53 -23.08 -11.96
N LEU C 980 -21.25 -23.17 -12.28
CA LEU C 980 -20.27 -22.25 -11.70
C LEU C 980 -20.47 -20.81 -12.17
N PHE C 981 -20.76 -20.66 -13.44
CA PHE C 981 -20.93 -19.33 -13.99
C PHE C 981 -22.26 -18.71 -13.56
N ASP C 982 -23.30 -19.53 -13.36
CA ASP C 982 -24.56 -19.01 -12.88
C ASP C 982 -24.46 -18.53 -11.45
N LYS C 983 -23.71 -19.25 -10.62
CA LYS C 983 -23.54 -18.83 -9.23
C LYS C 983 -22.79 -17.49 -9.12
N VAL C 984 -21.78 -17.29 -9.98
CA VAL C 984 -21.00 -16.05 -10.07
C VAL C 984 -21.69 -15.12 -11.06
N GLU C 994 -17.77 -6.67 -22.01
CA GLU C 994 -19.07 -6.03 -21.90
C GLU C 994 -19.14 -4.81 -22.81
N ASP C 995 -20.35 -4.54 -23.35
CA ASP C 995 -20.64 -3.48 -24.32
C ASP C 995 -20.60 -2.05 -23.78
N TYR C 996 -19.88 -1.16 -24.48
CA TYR C 996 -19.87 0.24 -24.12
C TYR C 996 -20.69 1.13 -25.06
N LYS C 997 -21.21 0.57 -26.16
CA LYS C 997 -21.96 1.37 -27.14
C LYS C 997 -23.21 1.95 -26.48
N ARG C 998 -23.82 1.14 -25.65
CA ARG C 998 -25.05 1.53 -24.96
C ARG C 998 -24.89 2.71 -23.97
N CYS C 999 -23.68 2.98 -23.49
CA CYS C 999 -23.38 3.98 -22.46
C CYS C 999 -23.55 5.38 -22.98
N THR C 1000 -23.66 5.57 -24.27
CA THR C 1000 -23.81 6.89 -24.81
C THR C 1000 -25.15 7.02 -25.53
N GLY C 1001 -26.02 6.05 -25.29
CA GLY C 1001 -27.35 6.02 -25.87
C GLY C 1001 -28.27 7.09 -25.29
N GLY C 1002 -28.29 7.20 -23.96
CA GLY C 1002 -29.18 8.14 -23.29
C GLY C 1002 -30.63 7.69 -23.32
N TYR C 1003 -30.84 6.38 -23.24
CA TYR C 1003 -32.19 5.84 -23.29
C TYR C 1003 -32.77 5.64 -21.89
N ASP C 1004 -31.90 5.53 -20.89
CA ASP C 1004 -32.27 5.31 -19.51
C ASP C 1004 -31.15 5.82 -18.61
N ILE C 1005 -31.33 5.72 -17.31
CA ILE C 1005 -30.29 6.10 -16.37
C ILE C 1005 -29.23 5.01 -16.27
N ALA C 1006 -27.97 5.42 -16.39
CA ALA C 1006 -26.83 4.52 -16.40
C ALA C 1006 -26.71 3.67 -15.16
N ASP C 1007 -26.24 2.44 -15.35
CA ASP C 1007 -25.99 1.51 -14.27
C ASP C 1007 -24.56 1.68 -13.78
N LEU C 1008 -24.11 0.77 -12.93
CA LEU C 1008 -22.79 0.83 -12.33
C LEU C 1008 -21.69 0.83 -13.40
N VAL C 1009 -21.80 -0.03 -14.41
CA VAL C 1009 -20.71 -0.15 -15.36
C VAL C 1009 -20.49 1.10 -16.21
N CYS C 1010 -21.58 1.68 -16.75
CA CYS C 1010 -21.48 2.92 -17.55
C CYS C 1010 -21.07 4.08 -16.65
N ALA C 1011 -21.54 4.08 -15.40
CA ALA C 1011 -21.16 5.13 -14.49
C ALA C 1011 -19.65 5.10 -14.24
N GLN C 1012 -19.05 3.91 -14.18
CA GLN C 1012 -17.59 3.81 -14.05
C GLN C 1012 -16.89 4.25 -15.33
N TYR C 1013 -17.47 3.90 -16.46
CA TYR C 1013 -16.95 4.30 -17.77
C TYR C 1013 -16.82 5.81 -17.88
N TYR C 1014 -17.83 6.52 -17.36
CA TYR C 1014 -17.87 7.97 -17.41
C TYR C 1014 -16.74 8.59 -16.59
N ASN C 1015 -16.15 7.82 -15.69
CA ASN C 1015 -15.08 8.29 -14.82
C ASN C 1015 -13.72 7.83 -15.31
N GLY C 1016 -13.66 7.34 -16.54
CA GLY C 1016 -12.40 6.94 -17.13
C GLY C 1016 -12.00 5.51 -16.82
N ILE C 1017 -12.93 4.70 -16.31
CA ILE C 1017 -12.60 3.33 -15.98
C ILE C 1017 -13.17 2.35 -17.00
N MET C 1018 -12.29 1.72 -17.76
CA MET C 1018 -12.70 0.78 -18.79
C MET C 1018 -12.27 -0.63 -18.43
N VAL C 1019 -13.19 -1.57 -18.50
CA VAL C 1019 -12.84 -2.95 -18.24
C VAL C 1019 -12.63 -3.62 -19.57
N LEU C 1020 -11.46 -4.19 -19.76
CA LEU C 1020 -11.12 -4.72 -21.07
C LEU C 1020 -11.83 -6.05 -21.26
N PRO C 1021 -12.19 -6.43 -22.50
CA PRO C 1021 -12.89 -7.65 -22.81
C PRO C 1021 -12.22 -8.88 -22.23
N GLY C 1022 -13.00 -9.68 -21.53
CA GLY C 1022 -12.52 -10.93 -20.95
C GLY C 1022 -13.37 -12.10 -21.44
N VAL C 1023 -14.34 -11.81 -22.30
CA VAL C 1023 -15.22 -12.85 -22.79
C VAL C 1023 -14.43 -13.81 -23.63
N ALA C 1024 -13.55 -13.27 -24.47
CA ALA C 1024 -12.77 -14.12 -25.34
C ALA C 1024 -11.95 -15.11 -24.53
N ASN C 1025 -11.44 -14.70 -23.36
CA ASN C 1025 -10.64 -15.62 -22.59
C ASN C 1025 -11.50 -16.73 -22.01
N ASP C 1026 -12.77 -16.42 -21.75
CA ASP C 1026 -13.70 -17.41 -21.26
C ASP C 1026 -14.04 -18.41 -22.37
N ASP C 1027 -14.23 -17.90 -23.59
CA ASP C 1027 -14.54 -18.76 -24.72
C ASP C 1027 -13.34 -19.61 -25.10
N LYS C 1028 -12.15 -19.03 -25.02
CA LYS C 1028 -10.96 -19.77 -25.36
C LYS C 1028 -10.73 -20.89 -24.36
N MET C 1029 -10.98 -20.61 -23.08
CA MET C 1029 -10.79 -21.60 -22.04
C MET C 1029 -11.74 -22.76 -22.21
N THR C 1030 -12.97 -22.47 -22.63
CA THR C 1030 -13.93 -23.53 -22.85
C THR C 1030 -13.48 -24.46 -23.97
N MET C 1031 -13.03 -23.88 -25.09
CA MET C 1031 -12.55 -24.70 -26.20
C MET C 1031 -11.27 -25.44 -25.85
N TYR C 1032 -10.42 -24.81 -25.06
CA TYR C 1032 -9.15 -25.39 -24.64
C TYR C 1032 -9.38 -26.65 -23.84
N THR C 1033 -10.22 -26.56 -22.81
CA THR C 1033 -10.45 -27.71 -21.97
C THR C 1033 -11.23 -28.79 -22.72
N ALA C 1034 -12.15 -28.40 -23.61
CA ALA C 1034 -12.90 -29.36 -24.38
C ALA C 1034 -11.99 -30.16 -25.31
N SER C 1035 -11.06 -29.47 -25.96
CA SER C 1035 -10.12 -30.14 -26.85
C SER C 1035 -9.25 -31.13 -26.10
N LEU C 1036 -8.80 -30.75 -24.91
CA LEU C 1036 -7.96 -31.64 -24.14
C LEU C 1036 -8.69 -32.92 -23.79
N ALA C 1037 -9.97 -32.82 -23.43
CA ALA C 1037 -10.78 -34.00 -23.12
C ALA C 1037 -11.07 -34.84 -24.35
N GLY C 1038 -11.37 -34.20 -25.47
CA GLY C 1038 -11.69 -34.92 -26.69
C GLY C 1038 -10.53 -35.74 -27.20
N GLY C 1039 -9.33 -35.22 -27.03
CA GLY C 1039 -8.12 -35.86 -27.50
C GLY C 1039 -7.84 -37.20 -26.83
N ILE C 1040 -8.45 -37.45 -25.67
CA ILE C 1040 -8.22 -38.70 -24.96
C ILE C 1040 -8.64 -39.88 -25.83
N THR C 1041 -9.71 -39.71 -26.58
CA THR C 1041 -10.28 -40.76 -27.39
C THR C 1041 -9.98 -40.61 -28.87
N LEU C 1042 -9.02 -39.78 -29.23
CA LEU C 1042 -8.69 -39.59 -30.63
C LEU C 1042 -7.61 -40.57 -31.05
N GLY C 1043 -7.96 -41.44 -31.99
CA GLY C 1043 -7.11 -42.54 -32.43
C GLY C 1043 -5.82 -42.17 -33.14
N ALA C 1044 -5.81 -41.08 -33.92
CA ALA C 1044 -4.62 -40.77 -34.71
C ALA C 1044 -4.54 -39.29 -35.05
N LEU C 1045 -3.33 -38.81 -35.33
CA LEU C 1045 -3.13 -37.36 -35.58
C LEU C 1045 -3.02 -37.10 -37.08
N GLY C 1046 -3.30 -38.08 -37.92
CA GLY C 1046 -3.11 -37.90 -39.37
C GLY C 1046 -4.17 -37.01 -40.01
N GLY C 1047 -5.42 -37.16 -39.60
CA GLY C 1047 -6.53 -36.41 -40.22
C GLY C 1047 -7.76 -37.28 -40.20
N GLY C 1048 -8.85 -36.79 -39.59
CA GLY C 1048 -10.05 -37.63 -39.43
C GLY C 1048 -10.34 -37.81 -37.96
N ALA C 1049 -11.47 -37.28 -37.50
CA ALA C 1049 -11.84 -37.40 -36.09
C ALA C 1049 -12.26 -38.82 -35.82
N VAL C 1050 -11.29 -39.72 -35.83
CA VAL C 1050 -11.55 -41.14 -35.63
C VAL C 1050 -11.34 -41.49 -34.18
N ALA C 1051 -12.37 -41.98 -33.54
CA ALA C 1051 -12.34 -42.22 -32.11
C ALA C 1051 -12.12 -43.67 -31.71
N ILE C 1052 -11.64 -43.82 -30.49
CA ILE C 1052 -11.55 -45.10 -29.80
C ILE C 1052 -12.49 -44.95 -28.59
N PRO C 1053 -12.95 -46.02 -27.95
CA PRO C 1053 -13.76 -46.00 -26.73
C PRO C 1053 -13.04 -45.34 -25.57
N PHE C 1054 -13.79 -44.73 -24.65
CA PHE C 1054 -13.17 -44.12 -23.48
C PHE C 1054 -12.59 -45.21 -22.61
N ALA C 1055 -13.30 -46.33 -22.47
CA ALA C 1055 -12.84 -47.43 -21.64
C ALA C 1055 -11.48 -47.95 -22.14
N VAL C 1056 -11.27 -47.93 -23.45
CA VAL C 1056 -10.00 -48.36 -24.02
C VAL C 1056 -8.91 -47.39 -23.62
N ALA C 1057 -9.21 -46.10 -23.70
CA ALA C 1057 -8.26 -45.08 -23.28
C ALA C 1057 -7.93 -45.22 -21.79
N VAL C 1058 -8.93 -45.56 -20.98
CA VAL C 1058 -8.72 -45.76 -19.55
C VAL C 1058 -7.83 -46.96 -19.29
N GLN C 1059 -8.04 -48.04 -20.02
CA GLN C 1059 -7.22 -49.23 -19.83
C GLN C 1059 -5.76 -48.90 -20.11
N ALA C 1060 -5.51 -48.06 -21.09
CA ALA C 1060 -4.13 -47.67 -21.39
C ALA C 1060 -3.52 -46.97 -20.19
N ARG C 1061 -4.30 -46.16 -19.50
CA ARG C 1061 -3.82 -45.44 -18.32
C ARG C 1061 -3.56 -46.40 -17.17
N LEU C 1062 -4.38 -47.44 -17.05
CA LEU C 1062 -4.17 -48.43 -16.00
C LEU C 1062 -2.86 -49.17 -16.19
N ASN C 1063 -2.47 -49.41 -17.46
CA ASN C 1063 -1.21 -50.09 -17.73
C ASN C 1063 0.00 -49.25 -17.36
N TYR C 1064 -0.15 -47.93 -17.40
CA TYR C 1064 0.92 -47.06 -16.94
C TYR C 1064 1.07 -47.10 -15.43
N VAL C 1065 -0.03 -47.31 -14.72
CA VAL C 1065 0.03 -47.43 -13.27
C VAL C 1065 0.68 -48.75 -12.90
N ALA C 1066 0.22 -49.83 -13.52
CA ALA C 1066 0.78 -51.16 -13.33
C ALA C 1066 0.42 -52.02 -14.52
N LEU C 1067 1.33 -52.86 -15.00
CA LEU C 1067 0.97 -53.70 -16.12
C LEU C 1067 -0.18 -54.58 -15.70
N GLN C 1068 -1.27 -54.58 -16.46
CA GLN C 1068 -2.44 -55.35 -16.09
C GLN C 1068 -2.34 -56.78 -16.62
N THR C 1069 -2.53 -57.75 -15.75
CA THR C 1069 -2.42 -59.14 -16.15
C THR C 1069 -3.75 -59.87 -16.14
N ASP C 1070 -4.72 -59.36 -15.40
CA ASP C 1070 -6.02 -60.00 -15.29
C ASP C 1070 -6.92 -59.55 -16.42
N VAL C 1071 -6.54 -59.91 -17.63
CA VAL C 1071 -7.24 -59.51 -18.84
C VAL C 1071 -8.63 -60.13 -18.92
N LEU C 1072 -8.84 -61.21 -18.18
CA LEU C 1072 -10.11 -61.90 -18.14
C LEU C 1072 -11.00 -61.40 -17.00
N ASN C 1073 -10.50 -60.44 -16.22
CA ASN C 1073 -11.23 -59.87 -15.11
C ASN C 1073 -11.81 -58.53 -15.48
N LYS C 1074 -13.09 -58.50 -15.82
CA LYS C 1074 -13.70 -57.27 -16.28
C LYS C 1074 -14.08 -56.35 -15.13
N ASN C 1075 -13.06 -55.73 -14.54
CA ASN C 1075 -13.18 -54.87 -13.36
C ASN C 1075 -13.50 -53.42 -13.75
N GLN C 1076 -13.59 -53.18 -15.05
CA GLN C 1076 -13.82 -51.86 -15.60
C GLN C 1076 -15.20 -51.29 -15.26
N GLN C 1077 -16.21 -52.14 -15.19
CA GLN C 1077 -17.56 -51.66 -14.93
C GLN C 1077 -17.62 -51.05 -13.54
N ILE C 1078 -16.87 -51.62 -12.62
CA ILE C 1078 -16.87 -51.12 -11.26
C ILE C 1078 -16.25 -49.75 -11.20
N LEU C 1079 -15.14 -49.56 -11.89
CA LEU C 1079 -14.50 -48.25 -11.86
C LEU C 1079 -15.40 -47.23 -12.53
N ALA C 1080 -16.06 -47.61 -13.62
CA ALA C 1080 -16.92 -46.68 -14.32
C ALA C 1080 -18.11 -46.27 -13.45
N ASN C 1081 -18.66 -47.22 -12.70
CA ASN C 1081 -19.81 -46.90 -11.86
C ASN C 1081 -19.42 -45.95 -10.75
N ALA C 1082 -18.27 -46.17 -10.14
CA ALA C 1082 -17.80 -45.32 -9.06
C ALA C 1082 -17.56 -43.91 -9.57
N PHE C 1083 -17.05 -43.80 -10.79
CA PHE C 1083 -16.82 -42.50 -11.42
C PHE C 1083 -18.12 -41.77 -11.64
N ASN C 1084 -19.11 -42.46 -12.21
CA ASN C 1084 -20.37 -41.83 -12.53
C ASN C 1084 -21.05 -41.32 -11.28
N GLN C 1085 -20.96 -42.08 -10.19
CA GLN C 1085 -21.56 -41.67 -8.94
C GLN C 1085 -20.84 -40.45 -8.37
N ALA C 1086 -19.50 -40.45 -8.44
CA ALA C 1086 -18.73 -39.34 -7.93
C ALA C 1086 -19.06 -38.05 -8.64
N ILE C 1087 -19.20 -38.11 -9.96
CA ILE C 1087 -19.53 -36.91 -10.70
C ILE C 1087 -20.94 -36.48 -10.35
N GLY C 1088 -21.85 -37.43 -10.22
CA GLY C 1088 -23.21 -37.13 -9.82
C GLY C 1088 -23.26 -36.26 -8.55
N ASN C 1089 -22.52 -36.68 -7.49
CA ASN C 1089 -22.46 -35.97 -6.21
C ASN C 1089 -21.81 -34.59 -6.33
N ILE C 1090 -20.80 -34.43 -7.22
CA ILE C 1090 -20.11 -33.17 -7.48
C ILE C 1090 -21.02 -32.20 -8.20
N THR C 1091 -21.73 -32.68 -9.21
CA THR C 1091 -22.65 -31.83 -9.96
C THR C 1091 -23.75 -31.32 -9.03
N GLN C 1092 -24.28 -32.23 -8.21
CA GLN C 1092 -25.30 -31.88 -7.25
C GLN C 1092 -24.80 -30.87 -6.22
N ALA C 1093 -23.56 -31.07 -5.74
CA ALA C 1093 -22.95 -30.18 -4.77
C ALA C 1093 -22.77 -28.77 -5.33
N PHE C 1094 -22.38 -28.66 -6.59
CA PHE C 1094 -22.25 -27.34 -7.20
C PHE C 1094 -23.61 -26.66 -7.38
N GLY C 1095 -24.64 -27.42 -7.81
CA GLY C 1095 -25.98 -26.93 -8.00
C GLY C 1095 -26.76 -26.95 -6.69
N LEU C 1108 -16.95 -34.38 -0.47
CA LEU C 1108 -17.34 -33.15 -1.18
C LEU C 1108 -16.72 -31.87 -0.58
N ALA C 1109 -15.71 -32.04 0.31
CA ALA C 1109 -14.95 -30.94 0.92
C ALA C 1109 -14.25 -30.11 -0.15
N THR C 1110 -13.89 -30.80 -1.23
CA THR C 1110 -13.24 -30.19 -2.37
C THR C 1110 -14.18 -29.24 -3.11
N VAL C 1111 -15.49 -29.50 -3.07
CA VAL C 1111 -16.42 -28.63 -3.75
C VAL C 1111 -16.57 -27.36 -2.94
N ALA C 1112 -16.66 -27.52 -1.63
CA ALA C 1112 -16.78 -26.36 -0.75
C ALA C 1112 -15.57 -25.44 -0.91
N LYS C 1113 -14.39 -26.03 -1.05
CA LYS C 1113 -13.17 -25.26 -1.23
C LYS C 1113 -13.19 -24.51 -2.56
N VAL C 1114 -13.63 -25.19 -3.63
CA VAL C 1114 -13.71 -24.52 -4.92
C VAL C 1114 -14.68 -23.36 -4.90
N LEU C 1115 -15.86 -23.55 -4.32
CA LEU C 1115 -16.81 -22.48 -4.32
C LEU C 1115 -16.31 -21.28 -3.51
N ALA C 1116 -15.65 -21.54 -2.39
CA ALA C 1116 -15.11 -20.45 -1.61
C ALA C 1116 -14.03 -19.68 -2.36
N LYS C 1117 -13.14 -20.38 -3.04
CA LYS C 1117 -12.07 -19.71 -3.74
C LYS C 1117 -12.59 -18.92 -4.93
N VAL C 1118 -13.53 -19.50 -5.67
CA VAL C 1118 -14.04 -18.84 -6.86
C VAL C 1118 -14.77 -17.54 -6.49
N GLN C 1119 -15.59 -17.56 -5.44
CA GLN C 1119 -16.28 -16.33 -5.09
C GLN C 1119 -15.34 -15.30 -4.48
N ASP C 1120 -14.24 -15.74 -3.86
CA ASP C 1120 -13.29 -14.80 -3.30
C ASP C 1120 -12.60 -14.04 -4.42
N VAL C 1121 -12.32 -14.72 -5.53
CA VAL C 1121 -11.67 -14.08 -6.67
C VAL C 1121 -12.54 -12.98 -7.26
N VAL C 1122 -13.84 -13.26 -7.44
CA VAL C 1122 -14.77 -12.29 -8.05
C VAL C 1122 -15.06 -11.14 -7.07
N ASN C 1123 -15.12 -11.44 -5.77
CA ASN C 1123 -15.38 -10.41 -4.78
C ASN C 1123 -14.22 -9.45 -4.66
N THR C 1124 -13.00 -9.98 -4.69
CA THR C 1124 -11.81 -9.16 -4.59
C THR C 1124 -11.71 -8.17 -5.74
N GLN C 1125 -11.94 -8.64 -6.96
CA GLN C 1125 -11.84 -7.76 -8.11
C GLN C 1125 -12.93 -6.69 -8.10
N GLY C 1126 -14.12 -7.08 -7.67
CA GLY C 1126 -15.24 -6.16 -7.60
C GLY C 1126 -14.96 -5.03 -6.63
N GLN C 1127 -14.57 -5.40 -5.40
CA GLN C 1127 -14.32 -4.45 -4.34
C GLN C 1127 -13.13 -3.54 -4.65
N ALA C 1128 -12.10 -4.10 -5.28
CA ALA C 1128 -10.93 -3.31 -5.58
C ALA C 1128 -11.27 -2.16 -6.51
N LEU C 1129 -12.17 -2.37 -7.43
CA LEU C 1129 -12.49 -1.33 -8.39
C LEU C 1129 -13.60 -0.42 -7.90
N SER C 1130 -14.54 -0.93 -7.08
CA SER C 1130 -15.58 -0.07 -6.56
C SER C 1130 -14.99 0.92 -5.56
N HIS C 1131 -13.91 0.50 -4.89
CA HIS C 1131 -13.18 1.32 -3.95
C HIS C 1131 -12.55 2.54 -4.61
N LEU C 1132 -12.19 2.37 -5.88
CA LEU C 1132 -11.59 3.44 -6.66
C LEU C 1132 -12.60 4.54 -6.94
N THR C 1133 -13.85 4.14 -7.17
CA THR C 1133 -14.91 5.07 -7.56
C THR C 1133 -15.36 5.86 -6.34
N VAL C 1134 -15.45 5.22 -5.15
CA VAL C 1134 -15.94 5.93 -3.97
C VAL C 1134 -15.01 7.10 -3.64
N GLN C 1135 -13.71 6.96 -3.94
CA GLN C 1135 -12.75 8.03 -3.67
C GLN C 1135 -13.02 9.32 -4.45
N LEU C 1136 -13.85 9.28 -5.47
CA LEU C 1136 -14.17 10.49 -6.21
C LEU C 1136 -15.16 11.39 -5.48
N GLN C 1137 -15.72 10.88 -4.37
CA GLN C 1137 -16.58 11.68 -3.51
C GLN C 1137 -15.78 12.39 -2.43
N ASN C 1138 -14.48 12.16 -2.43
CA ASN C 1138 -13.61 12.68 -1.41
C ASN C 1138 -13.17 14.11 -1.70
N ASN C 1139 -13.57 15.02 -0.83
CA ASN C 1139 -13.14 16.41 -0.95
C ASN C 1139 -11.94 16.56 -0.07
N PHE C 1140 -10.76 16.53 -0.67
CA PHE C 1140 -9.54 16.46 0.09
C PHE C 1140 -9.24 17.80 0.76
N GLN C 1141 -10.01 18.08 1.81
CA GLN C 1141 -9.99 19.33 2.54
C GLN C 1141 -10.25 20.49 1.58
N ALA C 1142 -11.20 20.26 0.68
CA ALA C 1142 -11.62 21.20 -0.33
C ALA C 1142 -13.07 21.58 -0.09
N ILE C 1143 -13.52 22.68 -0.67
CA ILE C 1143 -14.90 23.10 -0.50
C ILE C 1143 -15.88 22.12 -1.15
N SER C 1144 -15.40 21.37 -2.13
CA SER C 1144 -16.23 20.39 -2.82
C SER C 1144 -15.42 19.30 -3.49
N SER C 1145 -16.05 18.16 -3.69
CA SER C 1145 -15.46 17.06 -4.45
C SER C 1145 -15.70 17.24 -5.95
N SER C 1146 -16.51 18.21 -6.31
CA SER C 1146 -16.83 18.47 -7.71
C SER C 1146 -16.10 19.66 -8.26
N ILE C 1147 -15.29 19.40 -9.27
CA ILE C 1147 -14.51 20.42 -9.93
C ILE C 1147 -15.41 21.46 -10.58
N SER C 1148 -16.50 21.00 -11.20
CA SER C 1148 -17.43 21.91 -11.86
C SER C 1148 -18.07 22.84 -10.84
N ASP C 1149 -18.40 22.32 -9.66
CA ASP C 1149 -19.03 23.14 -8.64
C ASP C 1149 -18.04 24.17 -8.12
N ILE C 1150 -16.76 23.81 -8.03
CA ILE C 1150 -15.74 24.76 -7.58
C ILE C 1150 -15.60 25.91 -8.55
N TYR C 1151 -15.52 25.61 -9.84
CA TYR C 1151 -15.35 26.66 -10.84
C TYR C 1151 -16.58 27.55 -11.00
N ASN C 1152 -17.76 27.07 -10.63
CA ASN C 1152 -18.94 27.91 -10.68
C ASN C 1152 -19.14 28.74 -9.41
N ARG C 1153 -18.24 28.56 -8.44
CA ARG C 1153 -18.35 29.29 -7.19
C ARG C 1153 -17.20 30.27 -6.99
N LEU C 1154 -16.00 29.89 -7.40
CA LEU C 1154 -14.81 30.71 -7.21
C LEU C 1154 -14.17 31.19 -8.50
N ASP C 1155 -13.57 32.38 -8.47
CA ASP C 1155 -12.76 32.87 -9.56
C ASP C 1155 -11.48 32.05 -9.63
N PRO C 1156 -10.86 31.87 -10.81
CA PRO C 1156 -9.68 31.07 -11.04
C PRO C 1156 -8.51 31.19 -10.02
N PRO C 1157 -8.10 32.37 -9.53
CA PRO C 1157 -7.07 32.51 -8.52
C PRO C 1157 -7.32 31.65 -7.28
N SER C 1158 -8.59 31.43 -6.93
CA SER C 1158 -8.90 30.63 -5.75
C SER C 1158 -9.40 29.25 -6.16
N ALA C 1159 -10.08 29.18 -7.29
CA ALA C 1159 -10.66 27.92 -7.75
C ALA C 1159 -9.57 26.92 -8.05
N ASP C 1160 -8.46 27.39 -8.60
CA ASP C 1160 -7.37 26.51 -8.96
C ASP C 1160 -6.70 25.94 -7.73
N ALA C 1161 -6.68 26.71 -6.64
CA ALA C 1161 -6.09 26.25 -5.40
C ALA C 1161 -6.90 25.10 -4.82
N GLN C 1162 -8.22 25.14 -5.01
CA GLN C 1162 -9.09 24.08 -4.51
C GLN C 1162 -8.99 22.83 -5.37
N VAL C 1163 -8.93 23.03 -6.69
CA VAL C 1163 -8.84 21.93 -7.62
C VAL C 1163 -7.51 21.22 -7.45
N ASP C 1164 -6.45 21.97 -7.17
CA ASP C 1164 -5.15 21.38 -6.95
C ASP C 1164 -5.17 20.38 -5.80
N ARG C 1165 -5.99 20.62 -4.78
CA ARG C 1165 -6.07 19.70 -3.65
C ARG C 1165 -6.68 18.39 -4.13
N LEU C 1166 -7.70 18.50 -4.98
CA LEU C 1166 -8.36 17.32 -5.53
C LEU C 1166 -7.43 16.56 -6.46
N ILE C 1167 -6.63 17.28 -7.24
CA ILE C 1167 -5.71 16.61 -8.15
C ILE C 1167 -4.70 15.76 -7.44
N THR C 1168 -4.07 16.29 -6.40
CA THR C 1168 -3.06 15.49 -5.71
C THR C 1168 -3.70 14.34 -4.94
N GLY C 1169 -4.88 14.55 -4.39
CA GLY C 1169 -5.57 13.51 -3.65
C GLY C 1169 -5.96 12.35 -4.56
N ARG C 1170 -6.47 12.67 -5.74
CA ARG C 1170 -6.90 11.66 -6.70
C ARG C 1170 -5.74 10.93 -7.33
N LEU C 1171 -4.63 11.62 -7.60
CA LEU C 1171 -3.47 10.93 -8.14
C LEU C 1171 -2.93 9.94 -7.11
N THR C 1172 -2.96 10.30 -5.83
CA THR C 1172 -2.51 9.40 -4.79
C THR C 1172 -3.38 8.14 -4.72
N ALA C 1173 -4.71 8.32 -4.77
CA ALA C 1173 -5.62 7.18 -4.74
C ALA C 1173 -5.42 6.28 -5.96
N LEU C 1174 -5.15 6.91 -7.10
CA LEU C 1174 -4.97 6.19 -8.33
C LEU C 1174 -3.67 5.39 -8.30
N ASN C 1175 -2.61 5.95 -7.69
CA ASN C 1175 -1.35 5.22 -7.55
C ASN C 1175 -1.52 4.01 -6.64
N ALA C 1176 -2.33 4.13 -5.60
CA ALA C 1176 -2.58 3.01 -4.71
C ALA C 1176 -3.26 1.86 -5.46
N PHE C 1177 -4.21 2.21 -6.32
CA PHE C 1177 -4.90 1.22 -7.13
C PHE C 1177 -3.93 0.45 -8.00
N VAL C 1178 -3.04 1.18 -8.67
CA VAL C 1178 -2.12 0.54 -9.60
C VAL C 1178 -1.20 -0.43 -8.86
N SER C 1179 -0.72 -0.04 -7.69
CA SER C 1179 0.16 -0.93 -6.94
C SER C 1179 -0.52 -2.23 -6.55
N GLN C 1180 -1.78 -2.15 -6.15
CA GLN C 1180 -2.54 -3.33 -5.76
C GLN C 1180 -2.82 -4.22 -6.96
N THR C 1181 -3.07 -3.60 -8.11
CA THR C 1181 -3.33 -4.32 -9.35
C THR C 1181 -2.11 -5.09 -9.80
N LEU C 1182 -0.94 -4.46 -9.75
CA LEU C 1182 0.28 -5.11 -10.17
C LEU C 1182 0.65 -6.26 -9.23
N THR C 1183 0.39 -6.10 -7.94
CA THR C 1183 0.68 -7.15 -6.98
C THR C 1183 -0.17 -8.38 -7.28
N ARG C 1184 -1.46 -8.19 -7.55
CA ARG C 1184 -2.32 -9.32 -7.89
C ARG C 1184 -1.94 -9.99 -9.21
N GLN C 1185 -1.46 -9.22 -10.18
CA GLN C 1185 -1.05 -9.85 -11.42
C GLN C 1185 0.14 -10.77 -11.21
N ALA C 1186 1.06 -10.39 -10.33
CA ALA C 1186 2.19 -11.25 -10.02
C ALA C 1186 1.73 -12.54 -9.34
N GLU C 1187 0.76 -12.41 -8.45
CA GLU C 1187 0.19 -13.55 -7.75
C GLU C 1187 -0.41 -14.55 -8.73
N VAL C 1188 -1.19 -14.03 -9.67
CA VAL C 1188 -1.84 -14.86 -10.66
C VAL C 1188 -0.84 -15.46 -11.62
N ARG C 1189 0.19 -14.72 -11.99
CA ARG C 1189 1.20 -15.32 -12.85
C ARG C 1189 1.73 -16.61 -12.24
N ALA C 1190 1.99 -16.60 -10.94
CA ALA C 1190 2.47 -17.80 -10.26
C ALA C 1190 1.44 -18.92 -10.31
N SER C 1191 0.17 -18.60 -10.11
CA SER C 1191 -0.87 -19.62 -10.16
C SER C 1191 -1.13 -20.10 -11.59
N ARG C 1192 -0.83 -19.28 -12.58
CA ARG C 1192 -0.94 -19.68 -13.97
C ARG C 1192 0.08 -20.75 -14.27
N GLN C 1193 1.30 -20.59 -13.76
CA GLN C 1193 2.32 -21.59 -14.00
C GLN C 1193 1.88 -22.92 -13.42
N LEU C 1194 1.21 -22.87 -12.26
CA LEU C 1194 0.72 -24.10 -11.66
C LEU C 1194 -0.39 -24.73 -12.50
N ALA C 1195 -1.30 -23.91 -13.02
CA ALA C 1195 -2.37 -24.42 -13.87
C ALA C 1195 -1.80 -25.05 -15.13
N LYS C 1196 -0.76 -24.44 -15.67
CA LYS C 1196 -0.11 -24.93 -16.88
C LYS C 1196 0.59 -26.25 -16.62
N ASP C 1197 1.25 -26.36 -15.47
CA ASP C 1197 1.93 -27.59 -15.11
C ASP C 1197 0.92 -28.70 -14.87
N LYS C 1198 -0.23 -28.37 -14.28
CA LYS C 1198 -1.26 -29.36 -14.04
C LYS C 1198 -1.84 -29.87 -15.35
N VAL C 1199 -2.04 -28.99 -16.32
CA VAL C 1199 -2.55 -29.50 -17.58
C VAL C 1199 -1.52 -30.38 -18.26
N ASN C 1200 -0.29 -29.92 -18.33
CA ASN C 1200 0.72 -30.66 -19.04
C ASN C 1200 1.08 -31.98 -18.38
N GLU C 1201 1.04 -32.05 -17.06
CA GLU C 1201 1.44 -33.27 -16.37
C GLU C 1201 0.28 -34.19 -15.90
N CYS C 1202 -0.95 -33.70 -15.70
CA CYS C 1202 -2.08 -34.45 -15.24
C CYS C 1202 -3.07 -34.80 -16.36
N VAL C 1203 -3.18 -33.88 -17.34
CA VAL C 1203 -4.17 -34.05 -18.38
C VAL C 1203 -3.57 -34.56 -19.69
N ARG C 1204 -2.46 -33.97 -20.11
CA ARG C 1204 -1.84 -34.31 -21.39
C ARG C 1204 -0.80 -35.44 -21.30
N SER C 1205 -0.53 -35.91 -20.09
CA SER C 1205 0.47 -36.96 -19.89
C SER C 1205 0.24 -37.70 -18.59
N GLN C 1206 1.02 -38.75 -18.38
CA GLN C 1206 0.97 -39.52 -17.15
C GLN C 1206 2.17 -39.20 -16.27
N SER C 1207 1.93 -38.39 -15.25
CA SER C 1207 2.99 -37.89 -14.35
C SER C 1207 3.55 -38.97 -13.46
N GLN C 1208 4.85 -38.86 -13.17
CA GLN C 1208 5.54 -39.74 -12.24
C GLN C 1208 5.79 -39.03 -10.91
N ARG C 1209 5.16 -37.88 -10.72
CA ARG C 1209 5.34 -37.10 -9.50
C ARG C 1209 4.30 -37.48 -8.47
N PHE C 1210 4.75 -38.15 -7.43
CA PHE C 1210 3.85 -38.66 -6.42
C PHE C 1210 3.10 -37.54 -5.74
N GLY C 1211 1.79 -37.69 -5.63
CA GLY C 1211 0.94 -36.75 -4.92
C GLY C 1211 0.64 -35.47 -5.66
N PHE C 1212 1.15 -35.31 -6.88
CA PHE C 1212 0.94 -34.07 -7.60
C PHE C 1212 -0.51 -33.90 -8.11
N CYS C 1213 -1.03 -34.91 -8.81
CA CYS C 1213 -2.34 -34.86 -9.45
C CYS C 1213 -3.42 -35.41 -8.51
N GLY C 1214 -3.54 -34.79 -7.35
CA GLY C 1214 -4.52 -35.20 -6.35
C GLY C 1214 -3.96 -36.24 -5.38
N ASN C 1215 -4.75 -36.59 -4.37
CA ASN C 1215 -4.42 -37.51 -3.30
C ASN C 1215 -4.92 -38.93 -3.63
N GLY C 1216 -4.00 -39.84 -3.96
CA GLY C 1216 -4.32 -41.21 -4.37
C GLY C 1216 -3.46 -41.58 -5.55
N THR C 1217 -3.79 -42.67 -6.22
CA THR C 1217 -3.01 -43.05 -7.38
C THR C 1217 -3.70 -42.51 -8.62
N HIS C 1218 -3.04 -41.61 -9.30
CA HIS C 1218 -3.65 -40.92 -10.42
C HIS C 1218 -3.96 -41.83 -11.59
N LEU C 1219 -5.14 -41.66 -12.17
CA LEU C 1219 -5.51 -42.42 -13.35
C LEU C 1219 -5.64 -41.48 -14.55
N PHE C 1220 -6.50 -40.46 -14.43
CA PHE C 1220 -6.64 -39.46 -15.49
C PHE C 1220 -7.22 -38.16 -14.96
N SER C 1221 -7.09 -37.09 -15.74
CA SER C 1221 -7.70 -35.82 -15.38
C SER C 1221 -8.45 -35.19 -16.53
N LEU C 1222 -9.55 -34.56 -16.19
CA LEU C 1222 -10.38 -33.79 -17.10
C LEU C 1222 -10.42 -32.36 -16.60
N ALA C 1223 -10.83 -31.42 -17.44
CA ALA C 1223 -10.90 -30.05 -16.97
C ALA C 1223 -12.09 -29.30 -17.54
N ASN C 1224 -12.52 -28.28 -16.81
CA ASN C 1224 -13.60 -27.36 -17.19
C ASN C 1224 -13.19 -25.92 -16.99
N ALA C 1225 -13.88 -25.00 -17.64
CA ALA C 1225 -13.65 -23.58 -17.44
C ALA C 1225 -14.32 -23.11 -16.14
N ALA C 1226 -13.79 -22.04 -15.57
CA ALA C 1226 -14.36 -21.40 -14.39
C ALA C 1226 -14.10 -19.92 -14.47
N PRO C 1227 -14.83 -19.07 -13.76
CA PRO C 1227 -14.57 -17.66 -13.73
C PRO C 1227 -13.11 -17.43 -13.40
N ASN C 1228 -12.42 -16.68 -14.25
CA ASN C 1228 -11.00 -16.33 -14.10
C ASN C 1228 -10.02 -17.51 -14.05
N GLY C 1229 -10.45 -18.71 -14.41
CA GLY C 1229 -9.54 -19.85 -14.35
C GLY C 1229 -10.17 -21.14 -14.83
N MET C 1230 -9.74 -22.24 -14.22
CA MET C 1230 -10.24 -23.56 -14.62
C MET C 1230 -10.38 -24.53 -13.44
N ILE C 1231 -11.20 -25.55 -13.66
CA ILE C 1231 -11.45 -26.63 -12.71
C ILE C 1231 -10.83 -27.92 -13.18
N PHE C 1232 -10.09 -28.57 -12.30
CA PHE C 1232 -9.53 -29.87 -12.63
C PHE C 1232 -10.27 -30.97 -11.91
N PHE C 1233 -10.59 -32.03 -12.63
CA PHE C 1233 -11.23 -33.20 -12.06
C PHE C 1233 -10.24 -34.33 -12.03
N HIS C 1234 -9.70 -34.61 -10.86
CA HIS C 1234 -8.66 -35.61 -10.77
C HIS C 1234 -9.27 -36.93 -10.40
N THR C 1235 -9.16 -37.89 -11.30
CA THR C 1235 -9.73 -39.19 -11.06
C THR C 1235 -8.61 -40.08 -10.58
N VAL C 1236 -8.75 -40.58 -9.35
CA VAL C 1236 -7.70 -41.39 -8.77
C VAL C 1236 -8.25 -42.74 -8.33
N LEU C 1237 -7.35 -43.70 -8.19
CA LEU C 1237 -7.68 -45.02 -7.69
C LEU C 1237 -7.56 -45.03 -6.18
N LEU C 1238 -8.59 -45.55 -5.55
CA LEU C 1238 -8.64 -45.64 -4.10
C LEU C 1238 -8.76 -47.10 -3.67
N PRO C 1239 -7.76 -47.67 -2.99
CA PRO C 1239 -7.75 -49.03 -2.52
C PRO C 1239 -8.71 -49.18 -1.36
N THR C 1240 -9.38 -50.31 -1.28
CA THR C 1240 -10.28 -50.58 -0.17
C THR C 1240 -9.75 -51.70 0.69
N ALA C 1241 -8.84 -52.50 0.12
CA ALA C 1241 -8.25 -53.63 0.83
C ALA C 1241 -6.89 -53.96 0.25
N TYR C 1242 -6.04 -54.58 1.07
CA TYR C 1242 -4.69 -54.95 0.65
C TYR C 1242 -4.47 -56.46 0.63
N GLN C 1243 -3.60 -56.90 -0.26
CA GLN C 1243 -3.20 -58.30 -0.37
C GLN C 1243 -1.87 -58.52 0.29
N THR C 1244 -1.78 -59.51 1.16
CA THR C 1244 -0.49 -59.80 1.79
C THR C 1244 0.24 -60.89 1.03
N VAL C 1245 1.53 -60.66 0.76
CA VAL C 1245 2.39 -61.65 0.14
C VAL C 1245 3.64 -61.81 0.99
N THR C 1246 4.38 -62.90 0.79
CA THR C 1246 5.65 -63.08 1.48
C THR C 1246 6.79 -62.82 0.50
N ALA C 1247 7.45 -61.69 0.70
CA ALA C 1247 8.47 -61.19 -0.20
C ALA C 1247 9.84 -61.77 0.10
N CYS C 1248 10.66 -61.77 -0.94
CA CYS C 1248 12.04 -62.17 -0.87
C CYS C 1248 12.95 -61.03 -1.31
N SER C 1249 14.02 -60.79 -0.57
CA SER C 1249 14.95 -59.72 -0.92
C SER C 1249 15.82 -60.10 -2.10
N GLY C 1250 15.88 -61.38 -2.38
CA GLY C 1250 16.68 -61.92 -3.46
C GLY C 1250 16.73 -63.43 -3.37
N ILE C 1251 17.33 -64.05 -4.37
CA ILE C 1251 17.46 -65.48 -4.46
C ILE C 1251 18.92 -65.91 -4.42
N CYS C 1252 19.29 -66.88 -3.59
CA CYS C 1252 20.62 -67.43 -3.50
C CYS C 1252 20.70 -68.74 -4.29
N ALA C 1253 21.50 -68.81 -5.31
CA ALA C 1253 21.56 -69.95 -6.21
C ALA C 1253 22.96 -70.55 -6.27
N SER C 1254 23.05 -71.80 -6.71
CA SER C 1254 24.34 -72.44 -6.82
C SER C 1254 24.41 -73.41 -8.00
N ASP C 1255 25.59 -73.47 -8.60
CA ASP C 1255 25.85 -74.41 -9.73
C ASP C 1255 27.21 -75.04 -9.43
N GLY C 1256 27.24 -76.32 -9.06
CA GLY C 1256 28.47 -76.96 -8.65
C GLY C 1256 28.98 -76.28 -7.38
N ASP C 1257 30.23 -75.83 -7.41
CA ASP C 1257 30.83 -75.20 -6.24
C ASP C 1257 30.73 -73.67 -6.28
N ARG C 1258 30.05 -73.14 -7.28
CA ARG C 1258 29.90 -71.70 -7.44
C ARG C 1258 28.58 -71.19 -6.87
N THR C 1259 28.66 -70.30 -5.88
CA THR C 1259 27.47 -69.73 -5.28
C THR C 1259 27.37 -68.27 -5.69
N PHE C 1260 26.15 -67.82 -5.99
CA PHE C 1260 25.90 -66.45 -6.42
C PHE C 1260 24.48 -66.02 -6.09
N GLY C 1261 24.22 -64.73 -6.18
CA GLY C 1261 22.88 -64.24 -5.89
C GLY C 1261 22.18 -63.69 -7.13
N LEU C 1262 20.86 -63.73 -7.10
CA LEU C 1262 20.02 -63.14 -8.13
C LEU C 1262 19.12 -62.09 -7.50
N VAL C 1263 19.12 -60.88 -8.05
CA VAL C 1263 18.27 -59.84 -7.51
C VAL C 1263 17.37 -59.33 -8.61
N VAL C 1264 16.28 -58.69 -8.25
CA VAL C 1264 15.37 -58.21 -9.28
C VAL C 1264 15.93 -56.96 -9.95
N LYS C 1265 15.99 -57.00 -11.27
CA LYS C 1265 16.54 -55.91 -12.08
C LYS C 1265 15.73 -54.62 -11.94
N ASP C 1266 14.41 -54.76 -11.87
CA ASP C 1266 13.50 -53.63 -11.75
C ASP C 1266 13.15 -53.38 -10.29
N VAL C 1267 13.73 -52.33 -9.74
CA VAL C 1267 13.63 -51.99 -8.32
C VAL C 1267 12.19 -51.70 -7.87
N GLN C 1268 11.29 -51.47 -8.82
CA GLN C 1268 9.92 -51.14 -8.48
C GLN C 1268 9.04 -52.38 -8.27
N LEU C 1269 9.60 -53.56 -8.48
CA LEU C 1269 8.82 -54.78 -8.32
C LEU C 1269 9.18 -55.53 -7.05
N THR C 1270 8.16 -56.13 -6.46
CA THR C 1270 8.32 -57.02 -5.33
C THR C 1270 8.38 -58.46 -5.78
N LEU C 1271 9.40 -59.17 -5.32
CA LEU C 1271 9.54 -60.59 -5.59
C LEU C 1271 8.90 -61.35 -4.47
N PHE C 1272 8.04 -62.30 -4.79
CA PHE C 1272 7.41 -63.08 -3.75
C PHE C 1272 7.21 -64.50 -4.24
N ARG C 1273 6.98 -65.41 -3.30
CA ARG C 1273 6.82 -66.79 -3.71
C ARG C 1273 5.38 -67.24 -3.53
N ASN C 1274 4.83 -67.88 -4.54
CA ASN C 1274 3.43 -68.29 -4.55
C ASN C 1274 3.21 -69.61 -3.84
N LEU C 1275 1.95 -70.05 -3.80
CA LEU C 1275 1.56 -71.29 -3.15
C LEU C 1275 2.08 -72.51 -3.92
N ASP C 1276 2.43 -72.30 -5.17
CA ASP C 1276 2.96 -73.35 -6.02
C ASP C 1276 4.48 -73.40 -5.89
N ASP C 1277 5.02 -72.57 -5.00
CA ASP C 1277 6.44 -72.43 -4.73
C ASP C 1277 7.18 -71.75 -5.90
N LYS C 1278 6.41 -71.20 -6.83
CA LYS C 1278 6.96 -70.48 -7.97
C LYS C 1278 7.20 -69.01 -7.65
N PHE C 1279 8.16 -68.42 -8.34
CA PHE C 1279 8.45 -67.00 -8.15
C PHE C 1279 7.64 -66.09 -9.04
N TYR C 1280 7.08 -65.05 -8.42
CA TYR C 1280 6.28 -64.03 -9.05
C TYR C 1280 6.78 -62.63 -8.75
N LEU C 1281 6.52 -61.72 -9.66
CA LEU C 1281 6.84 -60.32 -9.47
C LEU C 1281 5.57 -59.50 -9.49
N THR C 1282 5.47 -58.52 -8.61
CA THR C 1282 4.31 -57.64 -8.66
C THR C 1282 4.73 -56.20 -8.38
N PRO C 1283 4.15 -55.22 -9.07
CA PRO C 1283 4.37 -53.82 -8.82
C PRO C 1283 3.74 -53.48 -7.48
N ARG C 1284 4.25 -52.46 -6.82
CA ARG C 1284 3.76 -52.15 -5.50
C ARG C 1284 2.52 -51.27 -5.47
N THR C 1285 2.13 -50.74 -6.62
CA THR C 1285 0.98 -49.84 -6.67
C THR C 1285 -0.34 -50.60 -6.79
N MET C 1286 -0.29 -51.77 -7.40
CA MET C 1286 -1.49 -52.60 -7.58
C MET C 1286 -1.09 -54.06 -7.54
N TYR C 1287 -1.91 -54.91 -6.96
CA TYR C 1287 -1.57 -56.32 -6.97
C TYR C 1287 -1.87 -56.96 -8.32
N GLN C 1288 -0.88 -56.89 -9.19
CA GLN C 1288 -0.91 -57.38 -10.56
C GLN C 1288 0.28 -58.28 -10.87
N PRO C 1289 0.35 -59.48 -10.29
CA PRO C 1289 1.47 -60.38 -10.36
C PRO C 1289 1.65 -61.06 -11.70
N ARG C 1290 2.89 -61.33 -12.04
CA ARG C 1290 3.25 -62.11 -13.20
C ARG C 1290 4.36 -63.08 -12.84
N ALA C 1291 4.44 -64.20 -13.52
CA ALA C 1291 5.52 -65.12 -13.21
C ALA C 1291 6.85 -64.49 -13.55
N ALA C 1292 7.84 -64.70 -12.68
CA ALA C 1292 9.18 -64.20 -12.89
C ALA C 1292 9.89 -65.02 -13.95
N THR C 1293 10.74 -64.38 -14.74
CA THR C 1293 11.57 -65.13 -15.65
C THR C 1293 13.04 -64.72 -15.57
N SER C 1294 13.89 -65.39 -16.33
CA SER C 1294 15.32 -65.18 -16.23
C SER C 1294 15.79 -63.77 -16.60
N SER C 1295 15.06 -63.10 -17.46
CA SER C 1295 15.47 -61.77 -17.90
C SER C 1295 15.11 -60.70 -16.89
N ASP C 1296 14.45 -61.10 -15.81
CA ASP C 1296 14.07 -60.15 -14.79
C ASP C 1296 15.08 -60.10 -13.66
N PHE C 1297 16.13 -60.92 -13.75
CA PHE C 1297 17.09 -60.99 -12.66
C PHE C 1297 18.49 -60.57 -13.06
N VAL C 1298 19.20 -60.07 -12.07
CA VAL C 1298 20.60 -59.70 -12.16
C VAL C 1298 21.44 -60.59 -11.31
N GLN C 1299 22.49 -61.15 -11.89
CA GLN C 1299 23.38 -62.02 -11.16
C GLN C 1299 24.53 -61.25 -10.54
N ILE C 1300 24.69 -61.42 -9.23
CA ILE C 1300 25.71 -60.72 -8.46
C ILE C 1300 26.59 -61.73 -7.73
N GLU C 1301 27.75 -61.29 -7.25
CA GLU C 1301 28.73 -62.20 -6.67
C GLU C 1301 28.32 -62.93 -5.39
N GLY C 1302 27.56 -62.29 -4.51
CA GLY C 1302 27.23 -62.95 -3.24
C GLY C 1302 25.74 -63.01 -2.93
N CYS C 1303 25.42 -63.52 -1.73
CA CYS C 1303 24.06 -63.68 -1.20
C CYS C 1303 23.96 -62.97 0.16
N ASP C 1304 22.83 -62.31 0.41
CA ASP C 1304 22.62 -61.72 1.73
C ASP C 1304 21.94 -62.71 2.66
N VAL C 1305 21.71 -62.31 3.89
CA VAL C 1305 21.11 -63.18 4.90
C VAL C 1305 19.61 -63.32 4.74
N LEU C 1306 19.03 -62.43 3.95
CA LEU C 1306 17.60 -62.41 3.72
C LEU C 1306 17.22 -63.06 2.40
N PHE C 1307 18.19 -63.68 1.72
CA PHE C 1307 17.93 -64.34 0.46
C PHE C 1307 17.33 -65.71 0.67
N VAL C 1308 16.51 -66.13 -0.28
CA VAL C 1308 15.92 -67.46 -0.22
C VAL C 1308 16.73 -68.42 -1.09
N ASN C 1309 17.03 -69.62 -0.60
CA ASN C 1309 17.76 -70.65 -1.30
C ASN C 1309 16.96 -71.26 -2.43
N ALA C 1310 17.42 -71.23 -3.66
CA ALA C 1310 16.79 -71.82 -4.83
C ALA C 1310 17.06 -73.31 -4.89
N THR C 1311 16.15 -74.03 -5.52
CA THR C 1311 16.31 -75.46 -5.75
C THR C 1311 16.31 -75.76 -7.24
N GLU C 1312 16.67 -76.99 -7.58
CA GLU C 1312 16.76 -77.41 -8.98
C GLU C 1312 15.44 -77.18 -9.73
N ILE C 1313 14.33 -77.29 -9.03
CA ILE C 1313 13.01 -77.06 -9.62
C ILE C 1313 12.82 -75.63 -10.12
N ASP C 1314 13.38 -74.63 -9.40
CA ASP C 1314 13.18 -73.24 -9.79
C ASP C 1314 14.19 -72.79 -10.81
N LEU C 1315 15.40 -73.31 -10.72
CA LEU C 1315 16.52 -72.76 -11.48
C LEU C 1315 16.25 -72.54 -12.97
N PRO C 1316 15.66 -73.48 -13.74
CA PRO C 1316 15.45 -73.33 -15.18
C PRO C 1316 14.57 -72.13 -15.54
N SER C 1317 13.78 -71.65 -14.58
CA SER C 1317 12.86 -70.55 -14.85
C SER C 1317 13.41 -69.18 -14.42
N ILE C 1318 14.49 -69.18 -13.66
CA ILE C 1318 15.06 -67.94 -13.15
C ILE C 1318 16.50 -67.64 -13.66
N ILE C 1319 17.17 -68.66 -14.26
CA ILE C 1319 18.48 -68.51 -14.90
C ILE C 1319 18.29 -68.86 -16.38
#